data_7LGQ
#
_entry.id   7LGQ
#
loop_
_entity.id
_entity.type
_entity.pdbx_description
1 polymer 'Cyanophycin synthase'
2 polymer 8x(Asp-Arg)-Asn
3 non-polymer "ADENOSINE-5'-TRIPHOSPHATE"
4 non-polymer 'MAGNESIUM ION'
#
loop_
_entity_poly.entity_id
_entity_poly.type
_entity_poly.pdbx_seq_one_letter_code
_entity_poly.pdbx_strand_id
1 'polypeptide(L)'
;MKILKTLTLRGPNYWSIRRKKLIVMRLDLEDLAERPSNSIPGFYEGLIKVLPSLVEHFCSPGYQGGFLERVKEGTYMGHI
VEHVALELQELVGMTAGFGRTRETSTPGVYNVVYEYVDEQAGRYAGRAAVRLCRSLVDTGDYPRLELEKDLEDLRDLGAN
SALGPSTETIVTEAEARKIPWMLLSARAMVQLGYGVYQQRIQATLSSHSGILGVELACDKEGTKTILQDAGIPVPRGTTI
QYFDDLEEAINDVGGYPVVIKPLDGNHGRGITINVRHWQEAIAAYDLAAEESKSRAIIVERYYEGSDHRVLVVNGKLVAV
AERIPAHVTGDGSSTISELIEKTNQDPNRGDGHDNILTKIVVNKTAIDVMERQGYNLDSVLPKDEVVYLRATANLSTGGI
AIDRTDDIHPENIWLMERVAKVIGLDIAGIDVVTSDISKPLRETNGVIVEVNAAPGFRMHVAPSQGLPRNVAAPVLDMLF
PPGTPSRIPILAVTGTNGKTTTTRLLAHIYRQTGKTVGYTSTDAIYINEYCVEKGDNTGPQSAGVILRDPTVEVAVLETA
RGGILRAGLAFDSCDVGVVLNVAADHLGLGDIDTIEQMAKVKSVIAEVVDPSGYAVLNADDPLVAAMADKVKAKVAYFSM
NPDNPIIQAHVRRNGIAAVYESGYLSILEGSWTLRVEQAKLIPMTMGGMAPFMIANALAACLAAFVNGLDVEVIRQGVRT
FTTSAEQTPGRMNLFNLGQHHALVDYAHNPAGYRAVGDFVKNWQGQRFGVVGGPGDRRDSDLIELGQIAAQVFDRIIVKE
DDDKRGRSEGETADLIVKGILQENPGASYEVILDETIALNKALDQVEEKGLVVVFPESVTRAIDLIKVRNPIGENLYFQ
;
A,B,C,D
2 'polypeptide(L)' (7ID)(7ID)(7ID)(7ID)(7ID)(7ID)(7ID)(7ID)N E,F,G,H,I,J,K,L
#
loop_
_chem_comp.id
_chem_comp.type
_chem_comp.name
_chem_comp.formula
ATP non-polymer ADENOSINE-5'-TRIPHOSPHATE 'C10 H16 N5 O13 P3'
MG non-polymer 'MAGNESIUM ION' 'Mg 2'
#
# COMPACT_ATOMS: atom_id res chain seq x y z
N MET A 1 -63.16 8.84 -25.16
CA MET A 1 -62.05 8.99 -24.22
C MET A 1 -60.86 9.61 -24.91
N LYS A 2 -60.40 10.74 -24.38
CA LYS A 2 -59.26 11.44 -24.95
C LYS A 2 -58.04 11.41 -24.05
N ILE A 3 -56.85 11.32 -24.61
CA ILE A 3 -55.66 11.38 -23.79
C ILE A 3 -55.08 12.76 -23.89
N LEU A 4 -54.91 13.42 -22.75
CA LEU A 4 -54.46 14.79 -22.72
C LEU A 4 -52.96 14.90 -22.53
N LYS A 5 -52.41 14.03 -21.69
CA LYS A 5 -50.99 14.10 -21.36
C LYS A 5 -50.38 12.75 -21.00
N THR A 6 -49.15 12.48 -21.44
CA THR A 6 -48.48 11.24 -21.02
C THR A 6 -47.10 11.49 -20.45
N LEU A 7 -46.83 10.91 -19.28
CA LEU A 7 -45.51 10.98 -18.65
C LEU A 7 -44.87 9.61 -18.49
N THR A 8 -43.58 9.54 -18.71
CA THR A 8 -42.87 8.28 -18.49
C THR A 8 -41.92 8.48 -17.33
N LEU A 9 -42.05 7.65 -16.31
CA LEU A 9 -41.20 7.79 -15.13
C LEU A 9 -40.15 6.72 -15.12
N ARG A 10 -38.92 7.11 -14.81
CA ARG A 10 -37.79 6.18 -14.74
C ARG A 10 -36.95 6.36 -13.50
N GLY A 11 -37.42 5.83 -12.39
CA GLY A 11 -36.71 6.00 -11.11
C GLY A 11 -37.74 6.20 -10.02
N PRO A 12 -37.34 6.23 -8.73
CA PRO A 12 -38.21 6.38 -7.59
C PRO A 12 -39.04 7.61 -7.79
N ASN A 13 -40.29 7.51 -7.44
CA ASN A 13 -41.21 8.58 -7.70
C ASN A 13 -42.34 8.66 -6.72
N TYR A 14 -43.21 9.62 -6.97
CA TYR A 14 -44.39 9.88 -6.19
C TYR A 14 -45.33 8.68 -6.02
N TRP A 15 -45.54 7.92 -7.09
CA TRP A 15 -46.49 6.81 -7.05
C TRP A 15 -45.93 5.59 -6.35
N SER A 16 -44.64 5.36 -6.53
CA SER A 16 -43.95 4.25 -5.91
C SER A 16 -42.44 4.42 -5.85
N ILE A 17 -41.83 3.95 -4.77
CA ILE A 17 -40.37 3.98 -4.67
C ILE A 17 -39.75 2.82 -5.43
N ARG A 18 -40.33 1.63 -5.28
CA ARG A 18 -39.83 0.42 -5.94
C ARG A 18 -40.27 0.30 -7.40
N ARG A 19 -41.45 0.79 -7.74
CA ARG A 19 -41.89 0.63 -9.12
C ARG A 19 -41.35 1.81 -9.90
N LYS A 20 -40.13 1.62 -10.34
CA LYS A 20 -39.35 2.61 -11.03
C LYS A 20 -39.86 2.90 -12.43
N LYS A 21 -40.39 1.90 -13.12
CA LYS A 21 -40.87 2.04 -14.49
C LYS A 21 -42.37 2.15 -14.64
N LEU A 22 -42.86 3.39 -14.72
CA LEU A 22 -44.30 3.63 -14.77
C LEU A 22 -44.71 4.62 -15.86
N ILE A 23 -45.89 4.43 -16.41
CA ILE A 23 -46.47 5.39 -17.33
C ILE A 23 -47.70 6.00 -16.72
N VAL A 24 -47.74 7.31 -16.71
CA VAL A 24 -48.86 8.03 -16.15
C VAL A 24 -49.60 8.73 -17.25
N MET A 25 -50.83 8.35 -17.43
CA MET A 25 -51.65 8.90 -18.49
C MET A 25 -52.77 9.76 -17.93
N ARG A 26 -52.92 10.96 -18.47
CA ARG A 26 -54.00 11.85 -18.05
C ARG A 26 -55.12 11.68 -19.05
N LEU A 27 -56.14 10.95 -18.61
CA LEU A 27 -57.26 10.51 -19.45
C LEU A 27 -58.53 11.31 -19.17
N ASP A 28 -59.10 11.88 -20.22
CA ASP A 28 -60.29 12.71 -20.16
C ASP A 28 -61.58 11.96 -20.56
N LEU A 29 -62.38 11.60 -19.57
CA LEU A 29 -63.56 10.81 -19.87
C LEU A 29 -64.73 11.72 -20.21
N GLU A 30 -64.73 12.18 -21.46
CA GLU A 30 -65.75 13.10 -21.96
C GLU A 30 -67.14 12.44 -21.86
N ASP A 31 -67.16 11.15 -22.18
CA ASP A 31 -68.29 10.24 -22.07
C ASP A 31 -67.91 9.29 -20.95
N LEU A 32 -68.76 8.35 -20.62
CA LEU A 32 -68.46 7.25 -19.69
C LEU A 32 -68.32 7.64 -18.22
N ALA A 33 -67.85 8.85 -17.93
CA ALA A 33 -67.71 9.37 -16.56
C ALA A 33 -69.08 9.46 -15.90
N GLU A 34 -70.10 9.52 -16.72
CA GLU A 34 -71.49 9.59 -16.33
C GLU A 34 -72.22 8.23 -16.46
N ARG A 35 -71.50 7.19 -16.90
CA ARG A 35 -72.10 5.89 -17.18
C ARG A 35 -71.33 4.70 -16.58
N PRO A 36 -71.55 4.34 -15.31
CA PRO A 36 -70.80 3.32 -14.60
C PRO A 36 -71.18 1.89 -14.98
N SER A 37 -70.91 1.54 -16.24
CA SER A 37 -71.10 0.19 -16.84
C SER A 37 -72.51 -0.33 -16.98
N ASN A 38 -73.30 -0.23 -15.94
CA ASN A 38 -74.69 -0.70 -15.94
C ASN A 38 -75.51 0.09 -16.97
N SER A 39 -75.00 1.27 -17.27
CA SER A 39 -75.50 2.24 -18.20
C SER A 39 -74.92 2.06 -19.61
N ILE A 40 -74.11 1.01 -19.78
CA ILE A 40 -73.49 0.68 -21.05
C ILE A 40 -73.80 -0.78 -21.40
N PRO A 41 -74.96 -1.10 -21.96
CA PRO A 41 -75.39 -2.46 -22.22
C PRO A 41 -74.38 -3.18 -23.09
N GLY A 42 -74.09 -4.42 -22.73
CA GLY A 42 -73.14 -5.26 -23.47
C GLY A 42 -71.70 -5.14 -22.97
N PHE A 43 -71.41 -4.16 -22.10
CA PHE A 43 -70.04 -3.97 -21.63
C PHE A 43 -69.66 -4.79 -20.42
N TYR A 44 -69.70 -6.08 -20.62
CA TYR A 44 -69.28 -7.08 -19.66
C TYR A 44 -68.95 -8.27 -20.50
N GLU A 45 -69.93 -8.68 -21.31
CA GLU A 45 -69.80 -9.80 -22.20
C GLU A 45 -68.82 -9.49 -23.31
N GLY A 46 -68.87 -8.29 -23.88
CA GLY A 46 -67.93 -7.96 -24.93
C GLY A 46 -66.51 -7.94 -24.37
N LEU A 47 -66.34 -7.41 -23.17
CA LEU A 47 -65.00 -7.31 -22.64
C LEU A 47 -64.42 -8.68 -22.34
N ILE A 48 -65.21 -9.56 -21.75
CA ILE A 48 -64.69 -10.88 -21.43
C ILE A 48 -64.48 -11.75 -22.67
N LYS A 49 -65.24 -11.58 -23.74
CA LYS A 49 -64.98 -12.42 -24.89
C LYS A 49 -63.76 -11.92 -25.68
N VAL A 50 -63.52 -10.60 -25.68
CA VAL A 50 -62.37 -10.05 -26.40
C VAL A 50 -61.09 -10.38 -25.64
N LEU A 51 -61.11 -10.18 -24.31
CA LEU A 51 -59.95 -10.43 -23.48
C LEU A 51 -60.27 -11.40 -22.33
N PRO A 52 -60.46 -12.71 -22.60
CA PRO A 52 -60.92 -13.76 -21.69
C PRO A 52 -60.00 -14.03 -20.51
N SER A 53 -58.77 -13.57 -20.63
CA SER A 53 -57.76 -13.73 -19.60
C SER A 53 -57.95 -12.79 -18.42
N LEU A 54 -58.85 -11.79 -18.53
CA LEU A 54 -59.03 -10.80 -17.46
C LEU A 54 -59.84 -11.32 -16.29
N VAL A 55 -59.36 -12.40 -15.69
CA VAL A 55 -59.92 -13.04 -14.52
C VAL A 55 -58.77 -13.07 -13.55
N GLU A 56 -57.59 -12.83 -14.09
CA GLU A 56 -56.38 -12.90 -13.28
C GLU A 56 -56.10 -11.57 -12.61
N HIS A 57 -57.01 -10.63 -12.82
CA HIS A 57 -56.94 -9.29 -12.29
C HIS A 57 -57.79 -9.19 -11.03
N PHE A 58 -57.14 -8.65 -10.02
CA PHE A 58 -57.62 -8.42 -8.68
C PHE A 58 -57.76 -6.92 -8.50
N CYS A 59 -58.67 -6.50 -7.64
CA CYS A 59 -58.76 -5.06 -7.41
C CYS A 59 -58.82 -4.89 -5.93
N SER A 60 -59.83 -4.19 -5.42
CA SER A 60 -60.00 -4.18 -3.99
C SER A 60 -60.30 -5.60 -3.50
N PRO A 61 -61.20 -6.40 -4.16
CA PRO A 61 -61.43 -7.76 -3.77
C PRO A 61 -60.16 -8.57 -4.01
N GLY A 62 -59.75 -9.33 -3.00
CA GLY A 62 -58.55 -10.16 -3.09
C GLY A 62 -58.85 -11.53 -3.68
N TYR A 63 -59.47 -11.54 -4.85
CA TYR A 63 -59.93 -12.77 -5.46
C TYR A 63 -59.59 -12.90 -6.92
N GLN A 64 -59.44 -14.14 -7.37
CA GLN A 64 -59.32 -14.39 -8.79
C GLN A 64 -60.69 -13.98 -9.30
N GLY A 65 -60.73 -13.18 -10.34
CA GLY A 65 -61.98 -12.68 -10.85
C GLY A 65 -62.46 -11.45 -10.09
N GLY A 66 -61.64 -10.93 -9.15
CA GLY A 66 -62.02 -9.77 -8.35
C GLY A 66 -62.33 -8.58 -9.24
N PHE A 67 -61.61 -8.46 -10.35
CA PHE A 67 -61.90 -7.41 -11.32
C PHE A 67 -63.30 -7.63 -11.88
N LEU A 68 -63.57 -8.85 -12.31
CA LEU A 68 -64.83 -9.22 -12.95
C LEU A 68 -66.01 -9.30 -11.99
N GLU A 69 -65.73 -9.25 -10.69
CA GLU A 69 -66.80 -9.16 -9.70
C GLU A 69 -67.45 -7.78 -9.82
N ARG A 70 -66.71 -6.85 -10.41
CA ARG A 70 -67.15 -5.51 -10.69
C ARG A 70 -67.34 -5.46 -12.19
N VAL A 71 -66.88 -4.40 -12.85
CA VAL A 71 -67.06 -4.16 -14.28
C VAL A 71 -68.55 -3.90 -14.56
N LYS A 72 -69.45 -4.84 -14.24
CA LYS A 72 -70.92 -4.69 -14.40
C LYS A 72 -71.47 -3.61 -13.46
N GLU A 73 -70.73 -3.39 -12.39
CA GLU A 73 -70.94 -2.34 -11.41
C GLU A 73 -69.74 -1.49 -11.72
N GLY A 74 -69.93 -0.43 -12.48
CA GLY A 74 -68.77 0.19 -13.04
C GLY A 74 -67.90 0.98 -12.13
N THR A 75 -66.74 1.24 -12.69
CA THR A 75 -65.65 1.97 -12.14
C THR A 75 -65.39 3.24 -12.95
N TYR A 76 -66.32 3.56 -13.85
CA TYR A 76 -66.21 4.73 -14.72
C TYR A 76 -64.94 4.71 -15.53
N MET A 77 -64.58 3.53 -16.03
CA MET A 77 -63.42 3.24 -16.85
C MET A 77 -62.07 3.35 -16.12
N GLY A 78 -62.08 3.59 -14.80
CA GLY A 78 -60.85 3.49 -14.07
C GLY A 78 -60.79 2.01 -13.98
N HIS A 79 -59.69 1.39 -13.63
CA HIS A 79 -59.63 -0.07 -13.61
C HIS A 79 -59.74 -0.72 -15.00
N ILE A 80 -60.73 -0.41 -15.80
CA ILE A 80 -60.83 -1.07 -17.06
C ILE A 80 -59.74 -0.60 -18.02
N VAL A 81 -59.50 0.70 -18.18
CA VAL A 81 -58.44 1.06 -19.11
C VAL A 81 -57.11 0.56 -18.55
N GLU A 82 -56.91 0.73 -17.25
CA GLU A 82 -55.74 0.28 -16.53
C GLU A 82 -55.46 -1.22 -16.67
N HIS A 83 -56.48 -2.06 -16.48
CA HIS A 83 -56.31 -3.50 -16.53
C HIS A 83 -56.14 -3.97 -17.96
N VAL A 84 -56.79 -3.30 -18.91
CA VAL A 84 -56.60 -3.68 -20.27
C VAL A 84 -55.17 -3.37 -20.70
N ALA A 85 -54.62 -2.20 -20.37
CA ALA A 85 -53.26 -1.91 -20.79
C ALA A 85 -52.29 -2.93 -20.19
N LEU A 86 -52.52 -3.31 -18.93
CA LEU A 86 -51.61 -4.29 -18.35
C LEU A 86 -51.73 -5.66 -19.02
N GLU A 87 -52.96 -6.07 -19.35
CA GLU A 87 -53.16 -7.37 -19.98
C GLU A 87 -52.61 -7.40 -21.40
N LEU A 88 -52.74 -6.31 -22.14
CA LEU A 88 -52.22 -6.34 -23.50
C LEU A 88 -50.72 -6.56 -23.48
N GLN A 89 -50.01 -6.05 -22.45
CA GLN A 89 -48.57 -6.30 -22.37
C GLN A 89 -48.30 -7.76 -21.96
N GLU A 90 -49.10 -8.32 -21.06
CA GLU A 90 -48.91 -9.71 -20.62
C GLU A 90 -49.11 -10.70 -21.77
N LEU A 91 -50.05 -10.41 -22.66
CA LEU A 91 -50.37 -11.29 -23.79
C LEU A 91 -49.23 -11.45 -24.77
N VAL A 92 -48.23 -10.56 -24.73
CA VAL A 92 -47.11 -10.64 -25.63
C VAL A 92 -45.82 -10.95 -24.88
N GLY A 93 -45.93 -11.39 -23.63
CA GLY A 93 -44.78 -11.80 -22.85
C GLY A 93 -44.09 -10.75 -21.96
N MET A 94 -44.64 -9.56 -21.82
CA MET A 94 -44.01 -8.57 -20.97
C MET A 94 -44.74 -8.56 -19.67
N THR A 95 -44.06 -8.82 -18.57
CA THR A 95 -44.76 -8.89 -17.31
C THR A 95 -44.77 -7.63 -16.47
N ALA A 96 -45.98 -7.08 -16.31
CA ALA A 96 -46.15 -5.86 -15.50
C ALA A 96 -47.57 -5.88 -14.90
N GLY A 97 -47.71 -5.74 -13.58
CA GLY A 97 -49.03 -5.66 -12.99
C GLY A 97 -49.41 -4.57 -12.01
N PHE A 98 -48.49 -3.71 -11.69
CA PHE A 98 -48.82 -2.60 -10.83
C PHE A 98 -49.65 -1.58 -11.57
N GLY A 99 -50.65 -1.04 -10.89
CA GLY A 99 -51.39 0.07 -11.44
C GLY A 99 -52.36 0.68 -10.44
N ARG A 100 -52.70 1.94 -10.72
CA ARG A 100 -53.59 2.77 -9.91
C ARG A 100 -54.39 3.78 -10.73
N THR A 101 -55.60 4.09 -10.29
CA THR A 101 -56.35 5.19 -10.91
C THR A 101 -56.81 6.19 -9.84
N ARG A 102 -56.60 7.48 -10.10
CA ARG A 102 -57.04 8.56 -9.21
C ARG A 102 -57.68 9.70 -9.97
N GLU A 103 -58.80 10.22 -9.47
CA GLU A 103 -59.43 11.34 -10.16
C GLU A 103 -58.74 12.64 -9.80
N THR A 104 -58.56 13.51 -10.78
CA THR A 104 -57.96 14.82 -10.61
C THR A 104 -58.76 15.93 -11.22
N SER A 105 -58.27 17.16 -11.07
CA SER A 105 -58.86 18.34 -11.70
C SER A 105 -60.36 18.44 -11.55
N THR A 106 -61.01 18.75 -12.66
CA THR A 106 -62.44 18.81 -12.74
C THR A 106 -62.92 17.37 -12.92
N PRO A 107 -64.20 17.07 -12.65
CA PRO A 107 -64.73 15.74 -12.77
C PRO A 107 -64.51 15.21 -14.17
N GLY A 108 -64.16 13.94 -14.23
CA GLY A 108 -63.92 13.27 -15.50
C GLY A 108 -62.45 13.14 -15.90
N VAL A 109 -61.53 13.88 -15.27
CA VAL A 109 -60.14 13.71 -15.67
C VAL A 109 -59.41 12.81 -14.69
N TYR A 110 -58.83 11.73 -15.18
CA TYR A 110 -58.16 10.77 -14.32
C TYR A 110 -56.72 10.52 -14.62
N ASN A 111 -55.98 10.23 -13.59
CA ASN A 111 -54.61 9.78 -13.74
C ASN A 111 -54.56 8.29 -13.68
N VAL A 112 -54.19 7.70 -14.81
CA VAL A 112 -54.11 6.27 -14.95
C VAL A 112 -52.66 5.86 -14.92
N VAL A 113 -52.27 5.07 -13.95
CA VAL A 113 -50.89 4.72 -13.80
C VAL A 113 -50.69 3.25 -13.98
N TYR A 114 -49.79 2.86 -14.88
CA TYR A 114 -49.51 1.45 -15.04
C TYR A 114 -48.04 1.19 -15.28
N GLU A 115 -47.63 0.00 -14.90
CA GLU A 115 -46.27 -0.50 -15.06
C GLU A 115 -45.90 -0.91 -16.47
N TYR A 116 -44.65 -0.65 -16.87
CA TYR A 116 -44.15 -1.04 -18.18
C TYR A 116 -42.82 -1.78 -18.10
N VAL A 117 -42.51 -2.54 -19.14
CA VAL A 117 -41.21 -3.21 -19.24
C VAL A 117 -40.35 -2.47 -20.26
N ASP A 118 -40.87 -2.30 -21.46
CA ASP A 118 -40.26 -1.51 -22.52
C ASP A 118 -41.02 -0.23 -22.66
N GLU A 119 -40.31 0.87 -22.75
CA GLU A 119 -40.91 2.18 -22.83
C GLU A 119 -41.87 2.43 -23.98
N GLN A 120 -41.56 1.94 -25.19
CA GLN A 120 -42.44 2.26 -26.30
C GLN A 120 -43.58 1.29 -26.34
N ALA A 121 -43.30 0.06 -25.93
CA ALA A 121 -44.35 -0.93 -25.89
C ALA A 121 -45.38 -0.55 -24.84
N GLY A 122 -44.91 0.04 -23.73
CA GLY A 122 -45.76 0.48 -22.65
C GLY A 122 -46.70 1.57 -23.12
N ARG A 123 -46.17 2.60 -23.78
CA ARG A 123 -47.03 3.66 -24.24
C ARG A 123 -48.02 3.16 -25.28
N TYR A 124 -47.59 2.24 -26.14
CA TYR A 124 -48.45 1.68 -27.18
C TYR A 124 -49.65 0.98 -26.55
N ALA A 125 -49.40 0.14 -25.54
CA ALA A 125 -50.45 -0.62 -24.86
C ALA A 125 -51.48 0.30 -24.25
N GLY A 126 -51.05 1.44 -23.74
CA GLY A 126 -51.96 2.41 -23.16
C GLY A 126 -52.94 2.92 -24.20
N ARG A 127 -52.40 3.35 -25.34
CA ARG A 127 -53.25 3.88 -26.41
C ARG A 127 -54.19 2.80 -26.95
N ALA A 128 -53.66 1.57 -27.08
CA ALA A 128 -54.46 0.47 -27.57
C ALA A 128 -55.59 0.13 -26.60
N ALA A 129 -55.33 0.19 -25.29
CA ALA A 129 -56.36 -0.09 -24.32
C ALA A 129 -57.49 0.90 -24.43
N VAL A 130 -57.17 2.15 -24.70
CA VAL A 130 -58.22 3.14 -24.84
C VAL A 130 -59.08 2.85 -26.06
N ARG A 131 -58.46 2.49 -27.20
CA ARG A 131 -59.28 2.19 -28.39
C ARG A 131 -60.17 0.97 -28.18
N LEU A 132 -59.64 -0.06 -27.54
CA LEU A 132 -60.40 -1.28 -27.33
C LEU A 132 -61.58 -1.00 -26.42
N CYS A 133 -61.29 -0.31 -25.33
CA CYS A 133 -62.29 0.01 -24.34
C CYS A 133 -63.35 0.93 -24.91
N ARG A 134 -63.00 1.87 -25.79
CA ARG A 134 -64.01 2.76 -26.40
C ARG A 134 -64.82 2.06 -27.46
N SER A 135 -64.29 1.04 -28.16
CA SER A 135 -65.14 0.32 -29.09
C SER A 135 -66.20 -0.49 -28.35
N LEU A 136 -65.85 -1.06 -27.22
CA LEU A 136 -66.79 -1.89 -26.48
C LEU A 136 -67.87 -1.12 -25.70
N VAL A 137 -67.84 0.20 -25.72
CA VAL A 137 -68.88 0.98 -25.04
C VAL A 137 -69.72 1.69 -26.11
N ASP A 138 -69.42 1.35 -27.36
CA ASP A 138 -70.10 1.83 -28.55
C ASP A 138 -70.90 0.66 -29.13
N THR A 139 -70.18 -0.46 -29.33
CA THR A 139 -70.73 -1.72 -29.81
C THR A 139 -70.47 -2.79 -28.77
N GLY A 140 -70.86 -4.02 -29.06
CA GLY A 140 -70.71 -5.11 -28.08
C GLY A 140 -69.49 -6.02 -28.27
N ASP A 141 -68.61 -5.68 -29.20
CA ASP A 141 -67.48 -6.54 -29.53
C ASP A 141 -66.30 -5.74 -30.08
N TYR A 142 -65.23 -6.44 -30.40
CA TYR A 142 -64.03 -5.84 -30.97
C TYR A 142 -63.49 -6.86 -31.98
N PRO A 143 -63.33 -6.51 -33.26
CA PRO A 143 -62.95 -7.43 -34.30
C PRO A 143 -61.60 -8.01 -33.98
N ARG A 144 -61.45 -9.32 -34.17
CA ARG A 144 -60.21 -10.01 -33.85
C ARG A 144 -59.02 -9.48 -34.64
N LEU A 145 -59.24 -9.06 -35.87
CA LEU A 145 -58.13 -8.58 -36.67
C LEU A 145 -57.49 -7.32 -36.09
N GLU A 146 -58.28 -6.52 -35.35
CA GLU A 146 -57.77 -5.28 -34.79
C GLU A 146 -57.13 -5.54 -33.42
N LEU A 147 -57.17 -6.80 -32.97
CA LEU A 147 -56.54 -7.16 -31.73
C LEU A 147 -55.24 -7.81 -32.07
N GLU A 148 -55.25 -8.67 -33.10
CA GLU A 148 -54.03 -9.38 -33.45
C GLU A 148 -52.98 -8.46 -34.01
N LYS A 149 -53.37 -7.44 -34.78
CA LYS A 149 -52.32 -6.56 -35.29
C LYS A 149 -51.67 -5.75 -34.16
N ASP A 150 -52.41 -5.47 -33.08
CA ASP A 150 -51.85 -4.68 -32.00
C ASP A 150 -50.90 -5.53 -31.22
N LEU A 151 -51.25 -6.80 -31.06
CA LEU A 151 -50.36 -7.69 -30.34
C LEU A 151 -49.07 -7.85 -31.15
N GLU A 152 -49.18 -7.88 -32.49
CA GLU A 152 -47.97 -7.98 -33.32
C GLU A 152 -47.09 -6.75 -33.15
N ASP A 153 -47.68 -5.55 -33.07
CA ASP A 153 -46.85 -4.37 -32.89
C ASP A 153 -46.16 -4.37 -31.54
N LEU A 154 -46.85 -4.84 -30.49
CA LEU A 154 -46.19 -4.88 -29.20
C LEU A 154 -45.04 -5.87 -29.20
N ARG A 155 -45.19 -7.00 -29.88
CA ARG A 155 -44.09 -7.96 -29.93
C ARG A 155 -42.88 -7.36 -30.65
N ASP A 156 -43.09 -6.60 -31.72
CA ASP A 156 -41.95 -6.01 -32.39
C ASP A 156 -41.32 -4.88 -31.57
N LEU A 157 -42.12 -4.05 -30.91
CA LEU A 157 -41.55 -2.95 -30.15
C LEU A 157 -40.67 -3.47 -29.04
N GLY A 158 -41.08 -4.56 -28.41
CA GLY A 158 -40.31 -5.11 -27.32
C GLY A 158 -39.13 -5.96 -27.78
N ALA A 159 -39.01 -6.19 -29.08
CA ALA A 159 -37.92 -7.01 -29.60
C ALA A 159 -36.78 -6.12 -29.98
N ASN A 160 -37.12 -4.97 -30.55
CA ASN A 160 -36.13 -4.06 -31.08
C ASN A 160 -35.24 -3.44 -30.01
N SER A 161 -35.76 -3.30 -28.80
CA SER A 161 -35.03 -2.71 -27.71
C SER A 161 -34.30 -3.71 -26.82
N ALA A 162 -34.38 -4.99 -27.14
CA ALA A 162 -33.76 -6.00 -26.32
C ALA A 162 -32.23 -5.96 -26.37
N LEU A 163 -31.60 -6.29 -25.25
CA LEU A 163 -30.15 -6.43 -25.17
C LEU A 163 -29.79 -7.81 -25.66
N GLY A 164 -28.63 -7.98 -26.27
CA GLY A 164 -28.28 -9.34 -26.66
C GLY A 164 -27.98 -10.13 -25.40
N PRO A 165 -27.98 -11.47 -25.47
CA PRO A 165 -27.80 -12.39 -24.36
C PRO A 165 -26.47 -12.30 -23.63
N SER A 166 -25.42 -11.80 -24.28
CA SER A 166 -24.17 -11.69 -23.57
C SER A 166 -24.18 -10.45 -22.68
N THR A 167 -25.02 -9.47 -23.01
CA THR A 167 -25.08 -8.27 -22.22
C THR A 167 -26.10 -8.49 -21.13
N GLU A 168 -27.11 -9.31 -21.40
CA GLU A 168 -28.09 -9.60 -20.38
C GLU A 168 -27.43 -10.35 -19.24
N THR A 169 -26.50 -11.23 -19.59
CA THR A 169 -25.77 -12.04 -18.64
C THR A 169 -24.94 -11.16 -17.70
N ILE A 170 -24.21 -10.18 -18.25
CA ILE A 170 -23.38 -9.32 -17.40
C ILE A 170 -24.25 -8.39 -16.57
N VAL A 171 -25.26 -7.81 -17.17
CA VAL A 171 -26.13 -6.89 -16.46
C VAL A 171 -26.87 -7.54 -15.31
N THR A 172 -27.37 -8.75 -15.49
CA THR A 172 -28.10 -9.42 -14.43
C THR A 172 -27.20 -9.64 -13.21
N GLU A 173 -25.96 -10.06 -13.41
CA GLU A 173 -25.07 -10.24 -12.29
C GLU A 173 -24.72 -8.88 -11.66
N ALA A 174 -24.57 -7.83 -12.47
CA ALA A 174 -24.27 -6.52 -11.93
C ALA A 174 -25.37 -6.06 -10.99
N GLU A 175 -26.63 -6.34 -11.34
CA GLU A 175 -27.72 -5.95 -10.45
C GLU A 175 -27.69 -6.71 -9.14
N ALA A 176 -27.35 -7.99 -9.19
CA ALA A 176 -27.26 -8.83 -7.98
C ALA A 176 -26.25 -8.27 -6.98
N ARG A 177 -25.18 -7.67 -7.51
CA ARG A 177 -24.08 -7.06 -6.78
C ARG A 177 -24.26 -5.59 -6.44
N LYS A 178 -25.41 -5.03 -6.78
CA LYS A 178 -25.76 -3.63 -6.58
C LYS A 178 -24.87 -2.65 -7.33
N ILE A 179 -24.50 -2.98 -8.56
CA ILE A 179 -23.71 -2.07 -9.38
C ILE A 179 -24.68 -1.35 -10.32
N PRO A 180 -24.79 -0.03 -10.30
CA PRO A 180 -25.73 0.71 -11.11
C PRO A 180 -25.34 0.63 -12.56
N TRP A 181 -26.30 0.66 -13.47
CA TRP A 181 -25.93 0.65 -14.87
C TRP A 181 -26.81 1.56 -15.71
N MET A 182 -26.27 2.01 -16.82
CA MET A 182 -26.90 2.92 -17.77
C MET A 182 -26.61 2.59 -19.21
N LEU A 183 -27.54 2.87 -20.12
CA LEU A 183 -27.18 2.73 -21.52
C LEU A 183 -26.60 4.04 -21.98
N LEU A 184 -25.65 3.99 -22.90
CA LEU A 184 -25.08 5.19 -23.47
C LEU A 184 -25.68 5.48 -24.83
N SER A 185 -25.56 6.72 -25.24
CA SER A 185 -26.07 7.25 -26.49
C SER A 185 -25.35 6.82 -27.77
N ALA A 186 -24.22 6.13 -27.68
CA ALA A 186 -23.54 5.71 -28.89
C ALA A 186 -22.99 4.30 -28.79
N ARG A 187 -22.96 3.65 -29.97
CA ARG A 187 -22.36 2.34 -30.27
C ARG A 187 -22.78 1.20 -29.38
N ALA A 188 -24.02 1.20 -28.92
CA ALA A 188 -24.55 0.14 -28.07
C ALA A 188 -23.70 -0.15 -26.82
N MET A 189 -23.12 0.88 -26.20
CA MET A 189 -22.34 0.67 -25.00
C MET A 189 -23.16 0.80 -23.73
N VAL A 190 -22.73 0.09 -22.69
CA VAL A 190 -23.35 0.12 -21.38
C VAL A 190 -22.35 0.57 -20.32
N GLN A 191 -22.74 1.53 -19.49
CA GLN A 191 -21.89 2.02 -18.42
C GLN A 191 -22.23 1.37 -17.10
N LEU A 192 -21.21 0.93 -16.38
CA LEU A 192 -21.36 0.33 -15.07
C LEU A 192 -20.66 1.16 -14.01
N GLY A 193 -21.37 1.59 -12.98
CA GLY A 193 -20.78 2.41 -11.91
C GLY A 193 -20.87 3.93 -12.18
N TYR A 194 -20.60 4.73 -11.14
CA TYR A 194 -20.67 6.22 -11.23
C TYR A 194 -19.34 6.95 -11.09
N GLY A 195 -19.25 8.12 -11.73
CA GLY A 195 -18.12 9.03 -11.59
C GLY A 195 -16.81 8.40 -11.96
N VAL A 196 -15.83 8.60 -11.10
CA VAL A 196 -14.49 8.02 -11.27
C VAL A 196 -14.40 6.50 -11.23
N TYR A 197 -15.47 5.80 -10.87
CA TYR A 197 -15.39 4.35 -10.82
C TYR A 197 -16.07 3.68 -11.98
N GLN A 198 -16.52 4.45 -12.95
CA GLN A 198 -17.21 3.87 -14.07
C GLN A 198 -16.36 3.02 -14.98
N GLN A 199 -17.01 1.98 -15.52
CA GLN A 199 -16.47 1.08 -16.52
C GLN A 199 -17.43 1.00 -17.69
N ARG A 200 -16.96 0.65 -18.86
CA ARG A 200 -17.86 0.46 -19.99
C ARG A 200 -17.69 -0.91 -20.58
N ILE A 201 -18.80 -1.46 -21.05
CA ILE A 201 -18.79 -2.72 -21.78
C ILE A 201 -19.57 -2.61 -23.07
N GLN A 202 -19.30 -3.51 -23.97
CA GLN A 202 -20.07 -3.66 -25.18
C GLN A 202 -20.06 -5.12 -25.50
N ALA A 203 -21.20 -5.79 -25.39
CA ALA A 203 -21.20 -7.22 -25.58
C ALA A 203 -20.11 -7.85 -24.70
N THR A 204 -19.13 -8.50 -25.32
CA THR A 204 -18.05 -9.21 -24.67
C THR A 204 -16.70 -8.49 -24.67
N LEU A 205 -16.68 -7.22 -25.08
CA LEU A 205 -15.52 -6.34 -25.02
C LEU A 205 -15.68 -5.41 -23.85
N SER A 206 -14.59 -5.00 -23.24
CA SER A 206 -14.70 -4.09 -22.12
C SER A 206 -13.61 -3.06 -22.18
N SER A 207 -13.66 -2.15 -21.22
CA SER A 207 -12.69 -1.08 -21.04
C SER A 207 -11.27 -1.60 -20.75
N HIS A 208 -11.14 -2.89 -20.41
CA HIS A 208 -9.84 -3.52 -20.15
C HIS A 208 -9.29 -4.29 -21.35
N SER A 209 -10.01 -4.31 -22.46
CA SER A 209 -9.56 -5.03 -23.62
C SER A 209 -8.77 -4.10 -24.50
N GLY A 210 -7.49 -4.43 -24.72
CA GLY A 210 -6.59 -3.59 -25.48
C GLY A 210 -6.75 -3.80 -26.95
N ILE A 211 -6.43 -2.78 -27.71
CA ILE A 211 -6.53 -2.87 -29.15
C ILE A 211 -5.45 -3.70 -29.80
N LEU A 212 -4.23 -3.69 -29.28
CA LEU A 212 -3.20 -4.45 -29.96
C LEU A 212 -3.50 -5.93 -29.87
N GLY A 213 -4.02 -6.36 -28.72
CA GLY A 213 -4.39 -7.74 -28.45
C GLY A 213 -5.53 -8.18 -29.34
N VAL A 214 -6.57 -7.37 -29.43
CA VAL A 214 -7.72 -7.73 -30.23
C VAL A 214 -7.36 -7.79 -31.70
N GLU A 215 -6.58 -6.84 -32.22
CA GLU A 215 -6.21 -6.93 -33.62
C GLU A 215 -5.32 -8.13 -33.91
N LEU A 216 -4.39 -8.48 -33.02
CA LEU A 216 -3.53 -9.62 -33.28
C LEU A 216 -4.34 -10.89 -33.34
N ALA A 217 -5.33 -11.03 -32.47
CA ALA A 217 -6.18 -12.20 -32.41
C ALA A 217 -7.02 -12.39 -33.68
N CYS A 218 -7.16 -11.35 -34.51
CA CYS A 218 -7.98 -11.45 -35.70
C CYS A 218 -7.14 -11.77 -36.93
N ASP A 219 -5.82 -11.80 -36.75
CA ASP A 219 -4.83 -12.04 -37.77
C ASP A 219 -4.33 -13.46 -37.66
N LYS A 220 -4.84 -14.37 -38.48
CA LYS A 220 -4.49 -15.78 -38.31
C LYS A 220 -3.02 -16.11 -38.51
N GLU A 221 -2.37 -15.47 -39.46
CA GLU A 221 -0.96 -15.71 -39.71
C GLU A 221 -0.13 -15.14 -38.58
N GLY A 222 -0.54 -13.94 -38.11
CA GLY A 222 0.14 -13.26 -37.03
C GLY A 222 0.04 -14.06 -35.76
N THR A 223 -1.14 -14.58 -35.47
CA THR A 223 -1.36 -15.35 -34.26
C THR A 223 -0.51 -16.59 -34.27
N LYS A 224 -0.49 -17.31 -35.38
CA LYS A 224 0.30 -18.52 -35.45
C LYS A 224 1.77 -18.24 -35.23
N THR A 225 2.28 -17.19 -35.84
CA THR A 225 3.68 -16.83 -35.71
C THR A 225 4.06 -16.51 -34.27
N ILE A 226 3.24 -15.71 -33.60
CA ILE A 226 3.51 -15.36 -32.22
C ILE A 226 3.46 -16.56 -31.31
N LEU A 227 2.49 -17.44 -31.49
CA LEU A 227 2.41 -18.60 -30.62
C LEU A 227 3.50 -19.63 -30.87
N GLN A 228 3.90 -19.87 -32.11
CA GLN A 228 4.92 -20.90 -32.27
C GLN A 228 6.28 -20.41 -31.78
N ASP A 229 6.49 -19.09 -31.72
CA ASP A 229 7.73 -18.51 -31.21
C ASP A 229 7.76 -18.50 -29.67
N ALA A 230 6.67 -18.95 -29.05
CA ALA A 230 6.54 -19.05 -27.62
C ALA A 230 6.57 -20.52 -27.16
N GLY A 231 6.76 -21.45 -28.11
CA GLY A 231 6.75 -22.86 -27.78
C GLY A 231 5.35 -23.48 -27.60
N ILE A 232 4.33 -22.91 -28.23
CA ILE A 232 2.95 -23.38 -28.10
C ILE A 232 2.56 -24.22 -29.34
N PRO A 233 2.00 -25.45 -29.20
CA PRO A 233 1.62 -26.31 -30.33
C PRO A 233 0.48 -25.77 -31.19
N VAL A 234 0.74 -25.65 -32.48
CA VAL A 234 -0.19 -25.15 -33.46
C VAL A 234 -0.13 -26.08 -34.66
N PRO A 235 -1.10 -26.10 -35.59
CA PRO A 235 -1.08 -26.88 -36.80
C PRO A 235 0.04 -26.55 -37.76
N ARG A 236 0.55 -27.56 -38.44
CA ARG A 236 1.57 -27.39 -39.49
C ARG A 236 0.90 -27.03 -40.82
N GLY A 237 1.40 -26.02 -41.55
CA GLY A 237 0.76 -25.65 -42.81
C GLY A 237 1.52 -24.60 -43.63
N THR A 238 0.93 -24.18 -44.76
CA THR A 238 1.58 -23.24 -45.69
C THR A 238 0.66 -22.25 -46.44
N THR A 239 1.22 -21.64 -47.51
CA THR A 239 0.53 -20.64 -48.33
C THR A 239 0.62 -20.91 -49.84
N ILE A 240 -0.51 -20.77 -50.53
CA ILE A 240 -0.61 -20.84 -51.99
C ILE A 240 -1.42 -19.65 -52.49
N GLN A 241 -0.87 -18.71 -53.28
CA GLN A 241 -1.75 -17.59 -53.69
C GLN A 241 -2.54 -17.84 -54.97
N TYR A 242 -3.43 -18.79 -54.86
CA TYR A 242 -4.31 -19.31 -55.90
C TYR A 242 -3.63 -19.73 -57.19
N PHE A 243 -2.58 -20.50 -57.04
CA PHE A 243 -1.85 -21.14 -58.11
C PHE A 243 -2.10 -22.61 -57.89
N ASP A 244 -2.07 -23.44 -58.92
CA ASP A 244 -2.32 -24.85 -58.64
C ASP A 244 -1.04 -25.54 -58.17
N ASP A 245 -0.69 -25.22 -56.91
CA ASP A 245 0.48 -25.70 -56.19
C ASP A 245 0.05 -26.61 -55.05
N LEU A 246 -1.17 -27.12 -55.09
CA LEU A 246 -1.71 -27.89 -53.97
C LEU A 246 -0.90 -29.14 -53.78
N GLU A 247 -0.49 -29.72 -54.89
CA GLU A 247 0.28 -30.93 -54.93
C GLU A 247 1.70 -30.74 -54.42
N GLU A 248 2.16 -29.50 -54.37
CA GLU A 248 3.49 -29.26 -53.86
C GLU A 248 3.40 -29.02 -52.37
N ALA A 249 2.37 -28.31 -51.94
CA ALA A 249 2.21 -27.96 -50.54
C ALA A 249 2.13 -29.18 -49.65
N ILE A 250 1.49 -30.23 -50.15
CA ILE A 250 1.38 -31.43 -49.33
C ILE A 250 2.74 -32.07 -49.03
N ASN A 251 3.78 -31.70 -49.78
CA ASN A 251 5.10 -32.25 -49.55
C ASN A 251 5.71 -31.70 -48.27
N ASP A 252 5.33 -30.48 -47.88
CA ASP A 252 5.89 -29.88 -46.69
C ASP A 252 5.04 -30.18 -45.49
N VAL A 253 3.74 -30.31 -45.74
CA VAL A 253 2.74 -30.51 -44.72
C VAL A 253 2.65 -31.94 -44.20
N GLY A 254 2.72 -32.95 -45.07
CA GLY A 254 2.62 -34.33 -44.61
C GLY A 254 1.69 -35.25 -45.41
N GLY A 255 1.51 -34.97 -46.69
CA GLY A 255 0.68 -35.82 -47.53
C GLY A 255 -0.75 -35.34 -47.65
N TYR A 256 -1.64 -36.26 -48.03
CA TYR A 256 -3.01 -35.94 -48.35
C TYR A 256 -4.04 -35.56 -47.28
N PRO A 257 -3.97 -36.00 -46.00
CA PRO A 257 -4.97 -35.72 -44.99
C PRO A 257 -4.83 -34.29 -44.53
N VAL A 258 -5.35 -33.37 -45.35
CA VAL A 258 -5.17 -31.93 -45.12
C VAL A 258 -6.43 -31.10 -45.10
N VAL A 259 -6.29 -29.89 -44.60
CA VAL A 259 -7.37 -28.93 -44.52
C VAL A 259 -7.16 -27.77 -45.51
N ILE A 260 -8.18 -27.49 -46.32
CA ILE A 260 -8.12 -26.38 -47.28
C ILE A 260 -9.17 -25.33 -46.96
N LYS A 261 -8.70 -24.12 -46.76
CA LYS A 261 -9.51 -22.98 -46.38
C LYS A 261 -9.38 -21.84 -47.38
N PRO A 262 -10.36 -20.91 -47.44
CA PRO A 262 -10.33 -19.72 -48.24
C PRO A 262 -9.18 -19.04 -47.68
N LEU A 263 -8.43 -18.33 -48.46
CA LEU A 263 -7.33 -17.71 -47.81
C LEU A 263 -7.78 -16.64 -46.82
N ASP A 264 -8.81 -15.87 -47.13
CA ASP A 264 -9.24 -14.85 -46.17
C ASP A 264 -10.29 -15.38 -45.21
N GLY A 265 -10.71 -14.53 -44.29
CA GLY A 265 -11.73 -14.90 -43.31
C GLY A 265 -13.09 -14.30 -43.60
N ASN A 266 -13.99 -15.08 -44.18
CA ASN A 266 -15.32 -14.60 -44.48
C ASN A 266 -16.36 -15.62 -44.08
N HIS A 267 -16.51 -15.79 -42.77
CA HIS A 267 -17.39 -16.80 -42.18
C HIS A 267 -16.91 -18.19 -42.56
N GLY A 268 -17.65 -19.21 -42.13
CA GLY A 268 -17.27 -20.59 -42.41
C GLY A 268 -17.60 -21.01 -43.83
N ARG A 269 -16.89 -20.43 -44.79
CA ARG A 269 -17.23 -20.65 -46.18
C ARG A 269 -16.07 -21.09 -47.06
N GLY A 270 -16.33 -22.11 -47.88
CA GLY A 270 -15.32 -22.63 -48.81
C GLY A 270 -14.28 -23.50 -48.13
N ILE A 271 -14.67 -24.16 -47.04
CA ILE A 271 -13.74 -24.97 -46.27
C ILE A 271 -13.96 -26.47 -46.32
N THR A 272 -12.90 -27.19 -46.65
CA THR A 272 -12.93 -28.65 -46.61
C THR A 272 -12.00 -29.11 -45.49
N ILE A 273 -12.55 -29.80 -44.52
CA ILE A 273 -11.77 -30.24 -43.37
C ILE A 273 -10.93 -31.47 -43.62
N ASN A 274 -11.45 -32.48 -44.27
CA ASN A 274 -10.59 -33.65 -44.42
C ASN A 274 -10.51 -34.04 -45.88
N VAL A 275 -9.46 -33.55 -46.53
CA VAL A 275 -9.18 -33.83 -47.91
C VAL A 275 -8.43 -35.13 -47.95
N ARG A 276 -8.91 -36.06 -48.77
CA ARG A 276 -8.31 -37.35 -48.89
C ARG A 276 -7.67 -37.59 -50.27
N HIS A 277 -8.15 -36.88 -51.29
CA HIS A 277 -7.66 -37.10 -52.66
C HIS A 277 -7.31 -35.81 -53.43
N TRP A 278 -6.48 -35.95 -54.46
CA TRP A 278 -6.05 -34.80 -55.27
C TRP A 278 -7.22 -34.00 -55.85
N GLN A 279 -8.20 -34.68 -56.40
CA GLN A 279 -9.33 -34.01 -57.01
C GLN A 279 -10.22 -33.32 -55.99
N GLU A 280 -10.12 -33.72 -54.73
CA GLU A 280 -10.92 -33.12 -53.69
C GLU A 280 -10.26 -31.82 -53.35
N ALA A 281 -8.92 -31.83 -53.38
CA ALA A 281 -8.17 -30.64 -53.10
C ALA A 281 -8.52 -29.59 -54.12
N ILE A 282 -8.72 -30.01 -55.36
CA ILE A 282 -9.07 -29.07 -56.38
C ILE A 282 -10.47 -28.54 -56.15
N ALA A 283 -11.43 -29.39 -55.83
CA ALA A 283 -12.74 -28.82 -55.58
C ALA A 283 -12.71 -27.84 -54.40
N ALA A 284 -11.94 -28.18 -53.34
CA ALA A 284 -11.85 -27.31 -52.18
C ALA A 284 -11.23 -26.00 -52.58
N TYR A 285 -10.22 -26.07 -53.43
CA TYR A 285 -9.48 -24.96 -53.97
C TYR A 285 -10.38 -24.03 -54.74
N ASP A 286 -11.21 -24.60 -55.62
CA ASP A 286 -12.12 -23.79 -56.41
C ASP A 286 -13.06 -22.98 -55.51
N LEU A 287 -13.45 -23.52 -54.35
CA LEU A 287 -14.29 -22.75 -53.45
C LEU A 287 -13.42 -21.77 -52.64
N ALA A 288 -12.22 -22.19 -52.27
CA ALA A 288 -11.33 -21.34 -51.49
C ALA A 288 -11.04 -20.06 -52.27
N ALA A 289 -10.93 -20.22 -53.58
CA ALA A 289 -10.60 -19.22 -54.59
C ALA A 289 -11.58 -18.06 -54.63
N GLU A 290 -12.74 -18.23 -54.03
CA GLU A 290 -13.74 -17.18 -53.99
C GLU A 290 -13.28 -15.97 -53.15
N GLU A 291 -12.45 -16.18 -52.11
CA GLU A 291 -12.03 -15.06 -51.24
C GLU A 291 -10.63 -14.51 -51.59
N SER A 292 -10.20 -13.42 -50.93
CA SER A 292 -8.90 -12.79 -51.19
C SER A 292 -7.69 -13.71 -50.93
N ILE A 297 -3.11 -19.87 -45.01
CA ILE A 297 -3.83 -20.97 -44.31
C ILE A 297 -4.60 -21.75 -45.39
N ILE A 298 -3.91 -22.53 -46.22
CA ILE A 298 -4.61 -23.18 -47.37
C ILE A 298 -4.34 -24.69 -47.43
N VAL A 299 -3.29 -25.20 -46.79
CA VAL A 299 -3.05 -26.67 -46.74
C VAL A 299 -2.49 -26.90 -45.34
N GLU A 300 -3.27 -27.52 -44.44
CA GLU A 300 -2.78 -27.61 -43.08
C GLU A 300 -2.87 -29.07 -42.82
N ARG A 301 -2.04 -29.59 -41.98
CA ARG A 301 -2.19 -30.97 -41.63
C ARG A 301 -3.50 -31.11 -40.88
N TYR A 302 -4.23 -32.19 -41.14
CA TYR A 302 -5.45 -32.51 -40.42
C TYR A 302 -5.12 -33.27 -39.15
N TYR A 303 -5.68 -32.83 -38.02
CA TYR A 303 -5.47 -33.50 -36.74
C TYR A 303 -6.77 -34.11 -36.29
N GLU A 304 -6.73 -35.26 -35.65
CA GLU A 304 -7.95 -35.87 -35.18
C GLU A 304 -8.27 -35.52 -33.75
N GLY A 305 -9.55 -35.42 -33.44
CA GLY A 305 -9.99 -35.14 -32.08
C GLY A 305 -11.29 -34.36 -32.07
N SER A 306 -11.73 -33.98 -30.89
CA SER A 306 -12.97 -33.25 -30.71
C SER A 306 -12.65 -31.78 -30.65
N ASP A 307 -13.64 -30.96 -30.91
CA ASP A 307 -13.51 -29.52 -30.85
C ASP A 307 -13.89 -28.94 -29.48
N HIS A 308 -12.91 -28.50 -28.71
CA HIS A 308 -13.14 -27.99 -27.37
C HIS A 308 -12.96 -26.49 -27.27
N ARG A 309 -13.84 -25.83 -26.55
CA ARG A 309 -13.74 -24.40 -26.31
C ARG A 309 -13.38 -24.08 -24.89
N VAL A 310 -12.31 -23.33 -24.73
CA VAL A 310 -11.83 -22.95 -23.42
C VAL A 310 -12.00 -21.46 -23.17
N LEU A 311 -12.66 -21.08 -22.10
CA LEU A 311 -12.86 -19.68 -21.76
C LEU A 311 -11.95 -19.23 -20.63
N VAL A 312 -11.15 -18.21 -20.91
CA VAL A 312 -10.19 -17.62 -19.98
C VAL A 312 -10.59 -16.15 -19.77
N VAL A 313 -10.71 -15.68 -18.53
CA VAL A 313 -11.15 -14.28 -18.29
C VAL A 313 -10.12 -13.27 -17.82
N ASN A 314 -9.29 -13.59 -16.87
CA ASN A 314 -8.32 -12.59 -16.44
C ASN A 314 -6.98 -13.25 -16.28
N GLY A 315 -6.59 -14.00 -17.29
CA GLY A 315 -5.37 -14.78 -17.21
C GLY A 315 -5.61 -16.02 -16.35
N LYS A 316 -6.88 -16.35 -16.18
CA LYS A 316 -7.35 -17.45 -15.37
C LYS A 316 -8.51 -18.19 -16.03
N LEU A 317 -8.43 -19.53 -16.05
CA LEU A 317 -9.48 -20.36 -16.64
C LEU A 317 -10.83 -20.34 -15.93
N VAL A 318 -11.90 -20.14 -16.71
CA VAL A 318 -13.26 -20.13 -16.20
C VAL A 318 -14.10 -21.34 -16.59
N ALA A 319 -14.10 -21.72 -17.87
CA ALA A 319 -14.96 -22.84 -18.29
C ALA A 319 -14.45 -23.59 -19.51
N VAL A 320 -14.78 -24.87 -19.61
CA VAL A 320 -14.44 -25.68 -20.79
C VAL A 320 -15.64 -26.44 -21.31
N ALA A 321 -15.90 -26.41 -22.62
CA ALA A 321 -17.02 -27.19 -23.17
C ALA A 321 -16.67 -27.85 -24.48
N GLU A 322 -17.16 -29.06 -24.65
CA GLU A 322 -16.95 -29.84 -25.87
C GLU A 322 -18.07 -29.67 -26.84
N ARG A 323 -17.75 -29.32 -28.08
CA ARG A 323 -18.78 -29.10 -29.07
C ARG A 323 -18.84 -30.17 -30.13
N ILE A 324 -20.06 -30.62 -30.41
CA ILE A 324 -20.35 -31.65 -31.40
C ILE A 324 -21.41 -31.15 -32.40
N PRO A 325 -21.23 -31.32 -33.73
CA PRO A 325 -22.15 -30.93 -34.78
C PRO A 325 -23.41 -31.77 -34.79
N ALA A 326 -24.48 -31.22 -35.39
CA ALA A 326 -25.76 -31.91 -35.48
C ALA A 326 -25.56 -33.27 -36.09
N HIS A 327 -26.20 -34.27 -35.49
CA HIS A 327 -26.06 -35.64 -35.94
C HIS A 327 -27.21 -36.52 -35.52
N VAL A 328 -27.29 -37.68 -36.17
CA VAL A 328 -28.23 -38.73 -35.80
C VAL A 328 -27.47 -40.04 -35.66
N THR A 329 -28.04 -40.97 -34.91
CA THR A 329 -27.38 -42.27 -34.77
C THR A 329 -28.27 -43.44 -35.06
N GLY A 330 -27.64 -44.60 -35.23
CA GLY A 330 -28.28 -45.87 -35.50
C GLY A 330 -29.04 -46.42 -34.30
N ASP A 331 -30.09 -45.69 -33.92
CA ASP A 331 -30.98 -46.00 -32.83
C ASP A 331 -32.03 -46.95 -33.36
N GLY A 332 -31.57 -48.16 -33.65
CA GLY A 332 -32.37 -49.21 -34.26
C GLY A 332 -32.22 -49.11 -35.77
N SER A 333 -32.80 -50.08 -36.49
CA SER A 333 -32.65 -50.14 -37.95
C SER A 333 -33.63 -49.23 -38.68
N SER A 334 -33.46 -47.93 -38.48
CA SER A 334 -34.29 -46.87 -39.05
C SER A 334 -33.49 -46.08 -40.08
N THR A 335 -34.18 -45.34 -40.95
CA THR A 335 -33.48 -44.55 -41.94
C THR A 335 -33.07 -43.21 -41.39
N ILE A 336 -32.21 -42.51 -42.10
CA ILE A 336 -31.82 -41.18 -41.64
C ILE A 336 -32.99 -40.21 -41.62
N SER A 337 -33.83 -40.16 -42.65
CA SER A 337 -34.93 -39.21 -42.54
C SER A 337 -35.85 -39.55 -41.37
N GLU A 338 -35.97 -40.83 -41.01
CA GLU A 338 -36.79 -41.22 -39.87
C GLU A 338 -36.13 -40.82 -38.56
N LEU A 339 -34.81 -40.98 -38.47
CA LEU A 339 -34.06 -40.64 -37.27
C LEU A 339 -34.10 -39.15 -37.03
N ILE A 340 -34.07 -38.35 -38.10
CA ILE A 340 -34.13 -36.93 -37.91
C ILE A 340 -35.49 -36.57 -37.37
N GLU A 341 -36.57 -37.12 -37.91
CA GLU A 341 -37.85 -36.76 -37.36
C GLU A 341 -38.01 -37.23 -35.92
N LYS A 342 -37.45 -38.39 -35.58
CA LYS A 342 -37.54 -38.92 -34.23
C LYS A 342 -36.87 -38.01 -33.19
N THR A 343 -35.68 -37.48 -33.49
CA THR A 343 -34.96 -36.67 -32.51
C THR A 343 -35.29 -35.19 -32.60
N ASN A 344 -35.86 -34.73 -33.70
CA ASN A 344 -36.13 -33.32 -33.87
C ASN A 344 -37.42 -32.92 -33.14
N GLN A 345 -38.05 -33.90 -32.49
CA GLN A 345 -39.25 -33.73 -31.67
C GLN A 345 -38.91 -33.56 -30.19
N ASP A 346 -37.63 -33.65 -29.84
CA ASP A 346 -37.17 -33.51 -28.47
C ASP A 346 -37.62 -32.14 -27.93
N PRO A 347 -38.27 -32.07 -26.75
CA PRO A 347 -38.82 -30.86 -26.14
C PRO A 347 -37.80 -29.79 -25.80
N ASN A 348 -36.51 -30.14 -25.84
CA ASN A 348 -35.48 -29.17 -25.53
C ASN A 348 -35.00 -28.46 -26.78
N ARG A 349 -35.62 -28.77 -27.93
CA ARG A 349 -35.28 -28.17 -29.21
C ARG A 349 -36.33 -27.22 -29.74
N GLY A 350 -35.88 -26.04 -30.16
CA GLY A 350 -36.77 -25.05 -30.74
C GLY A 350 -36.03 -23.82 -31.25
N ASP A 351 -36.78 -22.80 -31.65
CA ASP A 351 -36.17 -21.61 -32.25
C ASP A 351 -35.53 -20.65 -31.24
N GLY A 352 -34.64 -19.81 -31.76
CA GLY A 352 -34.02 -18.72 -31.03
C GLY A 352 -33.22 -19.15 -29.82
N HIS A 353 -33.61 -18.54 -28.71
CA HIS A 353 -33.05 -18.73 -27.39
C HIS A 353 -34.16 -19.12 -26.41
N ASP A 354 -35.21 -19.77 -26.91
CA ASP A 354 -36.33 -20.17 -26.07
C ASP A 354 -36.19 -21.62 -25.64
N ASN A 355 -35.06 -22.20 -25.99
CA ASN A 355 -34.75 -23.59 -25.80
C ASN A 355 -33.27 -23.75 -25.54
N ILE A 356 -32.81 -24.98 -25.34
CA ILE A 356 -31.39 -25.19 -25.13
C ILE A 356 -30.75 -25.49 -26.47
N LEU A 357 -31.39 -26.36 -27.20
CA LEU A 357 -31.01 -26.86 -28.50
C LEU A 357 -31.92 -26.32 -29.57
N THR A 358 -31.53 -26.45 -30.82
CA THR A 358 -32.45 -26.04 -31.86
C THR A 358 -32.73 -27.18 -32.83
N LYS A 359 -33.52 -26.88 -33.83
CA LYS A 359 -33.96 -27.86 -34.81
C LYS A 359 -32.91 -28.21 -35.85
N ILE A 360 -32.98 -29.47 -36.28
CA ILE A 360 -32.15 -29.97 -37.35
C ILE A 360 -32.83 -29.72 -38.67
N VAL A 361 -32.13 -29.06 -39.56
CA VAL A 361 -32.68 -28.74 -40.85
C VAL A 361 -31.95 -29.41 -41.98
N VAL A 362 -32.72 -30.14 -42.78
CA VAL A 362 -32.16 -30.80 -43.94
C VAL A 362 -32.22 -29.82 -45.10
N ASN A 363 -31.09 -29.64 -45.71
CA ASN A 363 -30.86 -28.72 -46.81
C ASN A 363 -29.80 -29.33 -47.69
N LYS A 364 -29.44 -28.64 -48.76
CA LYS A 364 -28.43 -29.14 -49.69
C LYS A 364 -27.08 -29.36 -49.03
N THR A 365 -26.82 -28.66 -47.92
CA THR A 365 -25.57 -28.78 -47.23
C THR A 365 -25.55 -30.03 -46.35
N ALA A 366 -26.74 -30.51 -45.95
CA ALA A 366 -26.81 -31.72 -45.16
C ALA A 366 -26.59 -32.87 -46.08
N ILE A 367 -27.07 -32.69 -47.30
CA ILE A 367 -26.96 -33.75 -48.28
C ILE A 367 -25.51 -33.88 -48.66
N ASP A 368 -24.82 -32.76 -48.87
CA ASP A 368 -23.41 -32.80 -49.25
C ASP A 368 -22.56 -33.44 -48.12
N VAL A 369 -22.86 -33.10 -46.86
CA VAL A 369 -22.10 -33.68 -45.75
C VAL A 369 -22.35 -35.18 -45.67
N MET A 370 -23.61 -35.62 -45.84
CA MET A 370 -23.90 -37.05 -45.81
C MET A 370 -23.28 -37.82 -46.98
N GLU A 371 -23.22 -37.22 -48.17
CA GLU A 371 -22.64 -37.94 -49.31
C GLU A 371 -21.19 -38.31 -49.06
N ARG A 372 -20.42 -37.45 -48.41
CA ARG A 372 -19.02 -37.73 -48.12
C ARG A 372 -18.81 -38.89 -47.15
N GLN A 373 -19.87 -39.24 -46.41
CA GLN A 373 -19.84 -40.29 -45.42
C GLN A 373 -20.41 -41.59 -46.00
N GLY A 374 -20.89 -41.54 -47.25
CA GLY A 374 -21.51 -42.70 -47.89
C GLY A 374 -23.00 -42.90 -47.54
N TYR A 375 -23.71 -41.86 -47.11
CA TYR A 375 -25.12 -42.00 -46.72
C TYR A 375 -26.03 -40.98 -47.37
N ASN A 376 -27.33 -41.30 -47.40
CA ASN A 376 -28.35 -40.35 -47.84
C ASN A 376 -29.60 -40.56 -46.98
N LEU A 377 -30.65 -39.79 -47.22
CA LEU A 377 -31.84 -39.80 -46.36
C LEU A 377 -32.57 -41.13 -46.24
N ASP A 378 -32.54 -41.98 -47.25
CA ASP A 378 -33.26 -43.24 -47.12
C ASP A 378 -32.38 -44.39 -46.65
N SER A 379 -31.12 -44.09 -46.33
CA SER A 379 -30.19 -45.11 -45.88
C SER A 379 -30.55 -45.56 -44.48
N VAL A 380 -30.36 -46.84 -44.20
CA VAL A 380 -30.56 -47.38 -42.86
C VAL A 380 -29.23 -47.50 -42.17
N LEU A 381 -29.14 -46.99 -40.95
CA LEU A 381 -27.86 -47.06 -40.28
C LEU A 381 -27.69 -48.35 -39.47
N PRO A 382 -26.47 -48.92 -39.41
CA PRO A 382 -26.07 -49.99 -38.53
C PRO A 382 -26.22 -49.52 -37.10
N LYS A 383 -26.52 -50.42 -36.18
CA LYS A 383 -26.69 -49.99 -34.81
C LYS A 383 -25.48 -49.22 -34.30
N ASP A 384 -25.79 -48.07 -33.70
CA ASP A 384 -24.88 -47.10 -33.09
C ASP A 384 -23.92 -46.37 -34.03
N GLU A 385 -24.18 -46.45 -35.33
CA GLU A 385 -23.45 -45.69 -36.33
C GLU A 385 -23.83 -44.23 -36.21
N VAL A 386 -22.88 -43.31 -36.35
CA VAL A 386 -23.25 -41.89 -36.29
C VAL A 386 -23.01 -41.19 -37.60
N VAL A 387 -24.00 -40.44 -38.03
CA VAL A 387 -23.95 -39.64 -39.23
C VAL A 387 -24.11 -38.18 -38.91
N TYR A 388 -23.18 -37.39 -39.43
CA TYR A 388 -23.18 -35.97 -39.18
C TYR A 388 -23.94 -35.26 -40.27
N LEU A 389 -24.70 -34.26 -39.89
CA LEU A 389 -25.47 -33.48 -40.85
C LEU A 389 -24.86 -32.11 -41.16
N ARG A 390 -23.78 -31.79 -40.46
CA ARG A 390 -23.06 -30.52 -40.57
C ARG A 390 -21.57 -30.71 -40.43
N ALA A 391 -20.80 -29.89 -41.13
CA ALA A 391 -19.35 -29.92 -41.06
C ALA A 391 -18.75 -29.42 -39.75
N THR A 392 -19.37 -28.43 -39.11
CA THR A 392 -18.82 -27.86 -37.89
C THR A 392 -19.86 -27.79 -36.78
N ALA A 393 -19.40 -27.70 -35.54
CA ALA A 393 -20.30 -27.60 -34.42
C ALA A 393 -20.81 -26.22 -34.17
N ASN A 394 -22.07 -26.12 -33.78
CA ASN A 394 -22.68 -24.87 -33.40
C ASN A 394 -24.03 -25.15 -32.77
N LEU A 395 -24.30 -24.59 -31.60
CA LEU A 395 -25.61 -24.82 -30.98
C LEU A 395 -26.74 -24.27 -31.82
N SER A 396 -26.49 -23.18 -32.54
CA SER A 396 -27.50 -22.53 -33.35
C SER A 396 -27.89 -23.33 -34.59
N THR A 397 -27.15 -24.39 -34.92
CA THR A 397 -27.46 -25.19 -36.08
C THR A 397 -27.93 -26.57 -35.65
N GLY A 398 -28.16 -26.78 -34.36
CA GLY A 398 -28.64 -28.06 -33.88
C GLY A 398 -27.60 -28.98 -33.24
N GLY A 399 -26.40 -28.49 -32.96
CA GLY A 399 -25.38 -29.32 -32.33
C GLY A 399 -25.57 -29.32 -30.82
N ILE A 400 -24.60 -29.87 -30.11
CA ILE A 400 -24.67 -29.96 -28.66
C ILE A 400 -23.40 -29.43 -28.00
N ALA A 401 -23.49 -29.13 -26.70
CA ALA A 401 -22.33 -28.67 -25.94
C ALA A 401 -22.32 -29.33 -24.58
N ILE A 402 -21.19 -29.93 -24.26
CA ILE A 402 -21.02 -30.68 -23.02
C ILE A 402 -20.02 -30.03 -22.09
N ASP A 403 -20.42 -29.73 -20.86
CA ASP A 403 -19.47 -29.14 -19.91
C ASP A 403 -18.41 -30.15 -19.48
N ARG A 404 -17.14 -29.79 -19.65
CA ARG A 404 -16.01 -30.64 -19.30
C ARG A 404 -15.05 -29.85 -18.41
N THR A 405 -15.58 -28.90 -17.66
CA THR A 405 -14.71 -28.00 -16.91
C THR A 405 -13.90 -28.67 -15.84
N ASP A 406 -14.44 -29.69 -15.22
CA ASP A 406 -13.74 -30.33 -14.13
C ASP A 406 -12.87 -31.49 -14.58
N ASP A 407 -12.79 -31.76 -15.89
CA ASP A 407 -12.00 -32.88 -16.39
C ASP A 407 -10.69 -32.47 -17.05
N ILE A 408 -10.34 -31.21 -16.97
CA ILE A 408 -9.14 -30.72 -17.67
C ILE A 408 -7.89 -30.86 -16.82
N HIS A 409 -6.87 -31.45 -17.42
CA HIS A 409 -5.58 -31.71 -16.78
C HIS A 409 -4.84 -30.41 -16.37
N PRO A 410 -4.21 -30.32 -15.18
CA PRO A 410 -3.43 -29.19 -14.69
C PRO A 410 -2.39 -28.62 -15.65
N GLU A 411 -1.80 -29.45 -16.51
CA GLU A 411 -0.84 -28.91 -17.42
C GLU A 411 -1.54 -28.19 -18.55
N ASN A 412 -2.72 -28.67 -18.93
CA ASN A 412 -3.44 -28.06 -20.00
C ASN A 412 -4.00 -26.74 -19.49
N ILE A 413 -4.30 -26.67 -18.19
CA ILE A 413 -4.81 -25.41 -17.66
C ILE A 413 -3.71 -24.37 -17.76
N TRP A 414 -2.50 -24.74 -17.38
CA TRP A 414 -1.37 -23.85 -17.45
C TRP A 414 -1.10 -23.36 -18.85
N LEU A 415 -1.14 -24.25 -19.83
CA LEU A 415 -0.91 -23.83 -21.19
C LEU A 415 -1.96 -22.87 -21.70
N MET A 416 -3.24 -23.10 -21.41
CA MET A 416 -4.28 -22.22 -21.92
C MET A 416 -4.17 -20.82 -21.37
N GLU A 417 -3.80 -20.70 -20.11
CA GLU A 417 -3.65 -19.39 -19.52
C GLU A 417 -2.46 -18.66 -20.13
N ARG A 418 -1.38 -19.39 -20.43
CA ARG A 418 -0.20 -18.81 -21.04
C ARG A 418 -0.54 -18.28 -22.45
N VAL A 419 -1.40 -18.99 -23.19
CA VAL A 419 -1.79 -18.54 -24.54
C VAL A 419 -2.49 -17.19 -24.50
N ALA A 420 -3.44 -17.02 -23.60
CA ALA A 420 -4.14 -15.75 -23.52
C ALA A 420 -3.21 -14.59 -23.22
N LYS A 421 -2.22 -14.82 -22.34
CA LYS A 421 -1.25 -13.80 -21.96
C LYS A 421 -0.29 -13.44 -23.08
N VAL A 422 0.13 -14.42 -23.87
CA VAL A 422 1.02 -14.18 -25.00
C VAL A 422 0.35 -13.32 -26.07
N ILE A 423 -0.92 -13.59 -26.38
CA ILE A 423 -1.66 -12.78 -27.35
C ILE A 423 -2.28 -11.52 -26.77
N GLY A 424 -2.08 -11.25 -25.49
CA GLY A 424 -2.63 -10.04 -24.93
C GLY A 424 -4.10 -9.70 -24.78
N LEU A 425 -4.92 -10.74 -24.58
CA LEU A 425 -6.39 -10.55 -24.46
C LEU A 425 -6.92 -10.96 -23.10
N ASP A 426 -7.71 -10.09 -22.45
CA ASP A 426 -8.35 -10.52 -21.22
C ASP A 426 -9.43 -11.58 -21.32
N ILE A 427 -10.48 -11.32 -22.09
CA ILE A 427 -11.50 -12.32 -22.24
C ILE A 427 -11.30 -12.98 -23.57
N ALA A 428 -11.01 -14.27 -23.53
CA ALA A 428 -10.68 -15.01 -24.72
C ALA A 428 -11.25 -16.39 -24.80
N GLY A 429 -11.60 -16.78 -26.01
CA GLY A 429 -12.03 -18.13 -26.29
C GLY A 429 -10.95 -18.86 -27.06
N ILE A 430 -10.51 -19.99 -26.57
CA ILE A 430 -9.47 -20.71 -27.26
C ILE A 430 -10.01 -22.02 -27.81
N ASP A 431 -9.84 -22.23 -29.11
CA ASP A 431 -10.29 -23.45 -29.80
C ASP A 431 -9.20 -24.48 -29.86
N VAL A 432 -9.44 -25.61 -29.21
CA VAL A 432 -8.50 -26.71 -29.07
C VAL A 432 -8.99 -28.00 -29.70
N VAL A 433 -8.14 -28.66 -30.47
CA VAL A 433 -8.51 -29.95 -31.04
C VAL A 433 -7.73 -31.04 -30.36
N THR A 434 -8.46 -31.93 -29.72
CA THR A 434 -7.83 -33.03 -28.98
C THR A 434 -8.75 -34.19 -28.80
N SER A 435 -8.19 -35.36 -28.71
CA SER A 435 -8.97 -36.55 -28.45
C SER A 435 -9.29 -36.73 -26.97
N ASP A 436 -8.50 -36.12 -26.09
CA ASP A 436 -8.72 -36.30 -24.65
C ASP A 436 -8.25 -35.09 -23.84
N ILE A 437 -9.18 -34.29 -23.34
CA ILE A 437 -8.86 -33.07 -22.59
C ILE A 437 -8.25 -33.36 -21.21
N SER A 438 -8.34 -34.62 -20.77
CA SER A 438 -7.84 -35.03 -19.47
C SER A 438 -6.39 -35.47 -19.51
N LYS A 439 -5.78 -35.45 -20.69
CA LYS A 439 -4.38 -35.80 -20.85
C LYS A 439 -3.67 -34.58 -21.42
N PRO A 440 -2.37 -34.39 -21.22
CA PRO A 440 -1.61 -33.31 -21.80
C PRO A 440 -1.70 -33.28 -23.32
N LEU A 441 -1.76 -32.08 -23.90
CA LEU A 441 -1.87 -31.99 -25.35
C LEU A 441 -0.67 -32.57 -26.05
N ARG A 442 0.51 -32.56 -25.43
CA ARG A 442 1.68 -33.11 -26.11
C ARG A 442 1.63 -34.64 -26.23
N GLU A 443 0.81 -35.30 -25.42
CA GLU A 443 0.75 -36.76 -25.43
C GLU A 443 -0.32 -37.28 -26.34
N THR A 444 -1.37 -36.49 -26.52
CA THR A 444 -2.49 -36.84 -27.36
C THR A 444 -2.33 -36.30 -28.76
N ASN A 445 -1.24 -35.58 -28.99
CA ASN A 445 -0.93 -34.88 -30.23
C ASN A 445 -2.00 -33.87 -30.61
N GLY A 446 -2.47 -33.09 -29.63
CA GLY A 446 -3.49 -32.08 -29.89
C GLY A 446 -2.87 -30.76 -30.30
N VAL A 447 -3.70 -29.88 -30.84
CA VAL A 447 -3.26 -28.55 -31.25
C VAL A 447 -4.18 -27.41 -30.85
N ILE A 448 -3.64 -26.21 -30.83
CA ILE A 448 -4.45 -25.04 -30.61
C ILE A 448 -4.70 -24.43 -31.96
N VAL A 449 -5.95 -24.34 -32.34
CA VAL A 449 -6.33 -23.92 -33.66
C VAL A 449 -6.61 -22.44 -33.78
N GLU A 450 -7.34 -21.88 -32.83
CA GLU A 450 -7.71 -20.46 -32.95
C GLU A 450 -7.84 -19.75 -31.63
N VAL A 451 -7.50 -18.46 -31.59
CA VAL A 451 -7.74 -17.66 -30.41
C VAL A 451 -8.73 -16.56 -30.78
N ASN A 452 -9.88 -16.53 -30.11
CA ASN A 452 -10.94 -15.58 -30.40
C ASN A 452 -11.17 -14.50 -29.36
N ALA A 453 -11.01 -13.26 -29.77
CA ALA A 453 -11.26 -12.18 -28.86
C ALA A 453 -12.75 -12.03 -28.71
N ALA A 454 -13.22 -11.66 -27.53
CA ALA A 454 -14.64 -11.37 -27.31
C ALA A 454 -15.63 -12.50 -27.69
N PRO A 455 -15.51 -13.71 -27.12
CA PRO A 455 -16.30 -14.91 -27.38
C PRO A 455 -17.70 -14.80 -26.83
N GLY A 456 -18.64 -15.60 -27.33
CA GLY A 456 -19.98 -15.60 -26.74
C GLY A 456 -20.09 -16.55 -25.55
N PHE A 457 -21.24 -16.54 -24.86
CA PHE A 457 -21.40 -17.38 -23.67
C PHE A 457 -22.47 -18.48 -23.60
N ARG A 458 -23.42 -18.54 -24.55
CA ARG A 458 -24.55 -19.50 -24.48
C ARG A 458 -24.08 -20.93 -24.14
N MET A 459 -22.95 -21.39 -24.70
CA MET A 459 -22.50 -22.75 -24.54
C MET A 459 -21.98 -23.05 -23.15
N HIS A 460 -21.71 -22.01 -22.36
CA HIS A 460 -21.18 -22.18 -21.01
C HIS A 460 -22.25 -21.89 -19.96
N VAL A 461 -23.24 -21.05 -20.30
CA VAL A 461 -24.27 -20.73 -19.33
C VAL A 461 -25.55 -21.53 -19.57
N ALA A 462 -25.67 -22.16 -20.74
CA ALA A 462 -26.79 -23.00 -21.08
C ALA A 462 -26.35 -24.20 -21.92
N PRO A 463 -25.52 -25.11 -21.39
CA PRO A 463 -24.98 -26.29 -22.03
C PRO A 463 -26.10 -27.29 -22.17
N SER A 464 -25.98 -28.24 -23.08
CA SER A 464 -27.01 -29.26 -23.18
C SER A 464 -26.75 -30.42 -22.24
N GLN A 465 -25.50 -30.61 -21.87
CA GLN A 465 -25.16 -31.63 -20.89
C GLN A 465 -24.21 -31.03 -19.88
N GLY A 466 -24.34 -31.44 -18.64
CA GLY A 466 -23.45 -30.92 -17.62
C GLY A 466 -24.10 -29.76 -16.89
N LEU A 467 -23.37 -29.12 -15.99
CA LEU A 467 -23.94 -28.08 -15.16
C LEU A 467 -23.60 -26.68 -15.73
N PRO A 468 -24.54 -25.71 -15.75
CA PRO A 468 -24.34 -24.30 -16.13
C PRO A 468 -23.33 -23.55 -15.27
N ARG A 469 -22.55 -22.64 -15.86
CA ARG A 469 -21.57 -21.88 -15.08
C ARG A 469 -21.84 -20.39 -15.02
N ASN A 470 -21.56 -19.77 -13.88
CA ASN A 470 -21.75 -18.34 -13.81
C ASN A 470 -20.52 -17.64 -14.33
N VAL A 471 -20.56 -17.39 -15.61
CA VAL A 471 -19.51 -16.76 -16.38
C VAL A 471 -19.34 -15.29 -16.06
N ALA A 472 -20.43 -14.56 -15.84
CA ALA A 472 -20.36 -13.14 -15.54
C ALA A 472 -19.63 -12.81 -14.25
N ALA A 473 -19.76 -13.64 -13.23
CA ALA A 473 -19.14 -13.28 -11.96
C ALA A 473 -17.62 -13.00 -12.08
N PRO A 474 -16.77 -13.82 -12.75
CA PRO A 474 -15.38 -13.54 -13.02
C PRO A 474 -15.11 -12.30 -13.84
N VAL A 475 -16.10 -11.78 -14.56
CA VAL A 475 -15.90 -10.61 -15.37
C VAL A 475 -16.07 -9.41 -14.47
N LEU A 476 -17.13 -9.41 -13.68
CA LEU A 476 -17.36 -8.28 -12.80
C LEU A 476 -16.30 -8.18 -11.74
N ASP A 477 -15.71 -9.30 -11.34
CA ASP A 477 -14.62 -9.28 -10.38
C ASP A 477 -13.35 -8.64 -10.94
N MET A 478 -13.16 -8.56 -12.28
CA MET A 478 -11.94 -7.92 -12.73
C MET A 478 -12.22 -6.44 -12.89
N LEU A 479 -13.46 -6.10 -13.27
CA LEU A 479 -13.84 -4.72 -13.50
C LEU A 479 -13.98 -3.95 -12.20
N PHE A 480 -14.53 -4.60 -11.19
CA PHE A 480 -14.75 -4.04 -9.88
C PHE A 480 -14.19 -4.97 -8.82
N PRO A 481 -12.86 -4.99 -8.60
CA PRO A 481 -12.18 -5.92 -7.75
C PRO A 481 -12.77 -5.89 -6.36
N PRO A 482 -12.70 -6.99 -5.59
CA PRO A 482 -13.22 -7.09 -4.27
C PRO A 482 -12.66 -6.01 -3.40
N GLY A 483 -13.52 -5.41 -2.60
CA GLY A 483 -13.10 -4.34 -1.70
C GLY A 483 -13.15 -2.95 -2.31
N THR A 484 -13.45 -2.83 -3.61
CA THR A 484 -13.46 -1.49 -4.17
C THR A 484 -14.91 -1.04 -4.40
N PRO A 485 -15.20 0.27 -4.36
CA PRO A 485 -16.46 0.89 -4.65
C PRO A 485 -16.79 0.95 -6.13
N SER A 486 -18.08 0.98 -6.44
CA SER A 486 -18.59 1.19 -7.77
C SER A 486 -19.39 2.50 -7.87
N ARG A 487 -19.51 3.17 -6.74
CA ARG A 487 -20.27 4.41 -6.58
C ARG A 487 -19.48 5.50 -5.91
N ILE A 488 -19.90 6.72 -6.16
CA ILE A 488 -19.33 7.88 -5.50
C ILE A 488 -20.41 8.39 -4.56
N PRO A 489 -20.10 9.10 -3.47
CA PRO A 489 -21.08 9.66 -2.56
C PRO A 489 -22.05 10.61 -3.24
N ILE A 490 -23.31 10.47 -2.88
CA ILE A 490 -24.36 11.35 -3.38
C ILE A 490 -25.07 12.02 -2.23
N LEU A 491 -25.12 13.34 -2.28
CA LEU A 491 -25.79 14.13 -1.27
C LEU A 491 -26.92 14.89 -1.96
N ALA A 492 -28.15 14.51 -1.66
CA ALA A 492 -29.31 15.08 -2.33
C ALA A 492 -30.04 16.05 -1.43
N VAL A 493 -30.28 17.26 -1.92
CA VAL A 493 -30.90 18.30 -1.10
C VAL A 493 -32.26 18.74 -1.62
N THR A 494 -33.30 18.65 -0.80
CA THR A 494 -34.59 19.13 -1.26
C THR A 494 -35.32 19.96 -0.19
N GLY A 495 -36.50 20.44 -0.52
CA GLY A 495 -37.32 21.26 0.37
C GLY A 495 -37.86 22.45 -0.40
N THR A 496 -38.89 23.11 0.12
CA THR A 496 -39.46 24.23 -0.59
C THR A 496 -38.53 25.43 -0.73
N ASN A 497 -37.87 25.86 0.36
CA ASN A 497 -36.97 27.01 0.30
C ASN A 497 -35.59 26.72 0.84
N GLY A 498 -34.55 27.31 0.24
CA GLY A 498 -33.18 27.21 0.73
C GLY A 498 -32.25 26.21 0.04
N LYS A 499 -32.76 25.43 -0.90
CA LYS A 499 -31.96 24.44 -1.60
C LYS A 499 -30.69 24.94 -2.26
N THR A 500 -30.77 25.99 -3.08
CA THR A 500 -29.59 26.45 -3.79
C THR A 500 -28.50 26.94 -2.86
N THR A 501 -28.88 27.66 -1.82
CA THR A 501 -27.92 28.18 -0.87
C THR A 501 -27.21 27.06 -0.12
N THR A 502 -27.97 26.06 0.31
CA THR A 502 -27.46 24.93 1.06
C THR A 502 -26.53 24.10 0.18
N THR A 503 -26.90 23.93 -1.09
CA THR A 503 -26.15 23.16 -2.08
C THR A 503 -24.80 23.78 -2.35
N ARG A 504 -24.73 25.10 -2.54
CA ARG A 504 -23.45 25.74 -2.79
C ARG A 504 -22.53 25.68 -1.59
N LEU A 505 -23.07 25.81 -0.37
CA LEU A 505 -22.24 25.72 0.82
C LEU A 505 -21.72 24.33 1.05
N LEU A 506 -22.55 23.32 0.85
CA LEU A 506 -22.13 21.97 1.10
C LEU A 506 -21.06 21.57 0.10
N ALA A 507 -21.21 21.96 -1.17
CA ALA A 507 -20.20 21.66 -2.17
C ALA A 507 -18.87 22.34 -1.82
N HIS A 508 -18.93 23.57 -1.31
CA HIS A 508 -17.76 24.34 -0.89
C HIS A 508 -17.00 23.65 0.23
N ILE A 509 -17.73 23.07 1.19
CA ILE A 509 -17.09 22.38 2.30
C ILE A 509 -16.36 21.14 1.81
N TYR A 510 -16.97 20.33 0.94
CA TYR A 510 -16.28 19.12 0.46
C TYR A 510 -15.07 19.42 -0.34
N ARG A 511 -15.11 20.51 -1.06
CA ARG A 511 -14.04 20.97 -1.90
C ARG A 511 -12.77 21.29 -1.10
N GLN A 512 -12.87 21.51 0.21
CA GLN A 512 -11.72 21.88 1.01
C GLN A 512 -10.87 20.67 1.30
N THR A 513 -11.35 19.48 0.90
CA THR A 513 -10.60 18.26 1.11
C THR A 513 -9.77 17.93 -0.13
N GLY A 514 -9.88 18.76 -1.19
CA GLY A 514 -9.10 18.55 -2.41
C GLY A 514 -9.69 17.62 -3.46
N LYS A 515 -10.92 17.20 -3.26
CA LYS A 515 -11.60 16.30 -4.19
C LYS A 515 -12.32 17.02 -5.30
N THR A 516 -12.60 16.32 -6.39
CA THR A 516 -13.39 16.93 -7.44
C THR A 516 -14.85 16.80 -7.09
N VAL A 517 -15.48 17.96 -7.00
CA VAL A 517 -16.86 18.03 -6.60
C VAL A 517 -17.71 18.59 -7.69
N GLY A 518 -18.73 17.84 -8.06
CA GLY A 518 -19.63 18.30 -9.08
C GLY A 518 -20.97 18.61 -8.45
N TYR A 519 -21.66 19.59 -8.97
CA TYR A 519 -22.97 19.88 -8.43
C TYR A 519 -23.91 20.54 -9.41
N THR A 520 -25.18 20.39 -9.14
CA THR A 520 -26.18 21.02 -9.99
C THR A 520 -27.05 21.93 -9.20
N SER A 521 -27.41 23.04 -9.81
CA SER A 521 -28.29 24.01 -9.22
C SER A 521 -29.22 24.61 -10.26
N THR A 522 -30.05 25.52 -9.82
CA THR A 522 -30.92 26.24 -10.76
C THR A 522 -30.19 27.30 -11.57
N ASP A 523 -28.92 27.57 -11.27
CA ASP A 523 -28.22 28.55 -12.06
C ASP A 523 -27.36 27.91 -13.15
N ALA A 524 -26.69 26.80 -12.81
CA ALA A 524 -25.73 26.12 -13.68
C ALA A 524 -25.27 24.76 -13.15
N ILE A 525 -24.55 24.02 -13.98
CA ILE A 525 -23.87 22.79 -13.59
C ILE A 525 -22.39 23.09 -13.49
N TYR A 526 -21.79 22.80 -12.34
CA TYR A 526 -20.36 23.07 -12.12
C TYR A 526 -19.53 21.89 -11.70
N ILE A 527 -18.27 21.91 -12.11
CA ILE A 527 -17.28 20.97 -11.60
C ILE A 527 -16.07 21.74 -11.12
N ASN A 528 -15.76 21.71 -9.83
CA ASN A 528 -14.59 22.44 -9.28
C ASN A 528 -14.51 23.87 -9.72
N GLU A 529 -15.61 24.58 -9.65
CA GLU A 529 -15.74 26.00 -10.04
C GLU A 529 -15.66 26.32 -11.54
N TYR A 530 -15.69 25.33 -12.40
CA TYR A 530 -15.80 25.60 -13.82
C TYR A 530 -17.22 25.34 -14.22
N CYS A 531 -17.76 26.17 -15.06
CA CYS A 531 -19.15 25.96 -15.44
C CYS A 531 -19.26 25.09 -16.67
N VAL A 532 -20.03 24.02 -16.56
CA VAL A 532 -20.22 23.08 -17.64
C VAL A 532 -21.40 23.51 -18.49
N GLU A 533 -22.53 23.81 -17.86
CA GLU A 533 -23.74 24.26 -18.55
C GLU A 533 -24.43 25.35 -17.76
N LYS A 534 -25.14 26.25 -18.42
CA LYS A 534 -25.91 27.29 -17.71
C LYS A 534 -27.41 27.11 -17.88
N GLY A 535 -28.18 27.65 -16.94
CA GLY A 535 -29.64 27.57 -16.99
C GLY A 535 -30.17 26.71 -15.86
N ASP A 536 -31.47 26.45 -15.84
CA ASP A 536 -32.03 25.67 -14.75
C ASP A 536 -31.63 24.26 -14.97
N ASN A 537 -30.74 23.78 -14.13
CA ASN A 537 -30.19 22.48 -14.29
C ASN A 537 -30.60 21.53 -13.21
N THR A 538 -31.73 21.76 -12.62
CA THR A 538 -32.22 20.80 -11.67
C THR A 538 -32.92 19.70 -12.46
N GLY A 539 -33.19 18.57 -11.84
CA GLY A 539 -33.90 17.49 -12.51
C GLY A 539 -32.93 16.38 -12.95
N PRO A 540 -33.48 15.21 -13.31
CA PRO A 540 -32.79 13.99 -13.65
C PRO A 540 -31.90 14.00 -14.87
N GLN A 541 -32.13 14.93 -15.79
CA GLN A 541 -31.29 14.96 -16.95
C GLN A 541 -29.96 15.60 -16.62
N SER A 542 -29.94 16.47 -15.61
CA SER A 542 -28.72 17.15 -15.25
C SER A 542 -27.93 16.32 -14.28
N ALA A 543 -28.65 15.59 -13.42
CA ALA A 543 -27.98 14.74 -12.45
C ALA A 543 -27.16 13.71 -13.20
N GLY A 544 -27.68 13.28 -14.35
CA GLY A 544 -27.01 12.34 -15.21
C GLY A 544 -25.70 12.87 -15.78
N VAL A 545 -25.55 14.17 -15.99
CA VAL A 545 -24.33 14.72 -16.55
C VAL A 545 -23.22 14.56 -15.56
N ILE A 546 -23.52 14.84 -14.29
CA ILE A 546 -22.53 14.68 -13.24
C ILE A 546 -22.21 13.21 -12.97
N LEU A 547 -23.20 12.35 -12.89
CA LEU A 547 -22.93 10.96 -12.58
C LEU A 547 -22.15 10.24 -13.68
N ARG A 548 -22.33 10.62 -14.94
CA ARG A 548 -21.59 10.02 -16.04
C ARG A 548 -20.17 10.58 -16.20
N ASP A 549 -19.83 11.65 -15.49
CA ASP A 549 -18.57 12.34 -15.66
C ASP A 549 -17.40 11.59 -15.01
N PRO A 550 -16.37 11.16 -15.75
CA PRO A 550 -15.26 10.34 -15.34
C PRO A 550 -14.32 10.97 -14.33
N THR A 551 -14.46 12.27 -14.06
CA THR A 551 -13.57 12.92 -13.12
C THR A 551 -14.19 13.17 -11.74
N VAL A 552 -15.51 13.02 -11.59
CA VAL A 552 -16.17 13.41 -10.35
C VAL A 552 -16.06 12.42 -9.21
N GLU A 553 -15.67 12.93 -8.03
CA GLU A 553 -15.52 12.12 -6.83
C GLU A 553 -16.66 12.26 -5.84
N VAL A 554 -17.28 13.45 -5.78
CA VAL A 554 -18.43 13.72 -4.90
C VAL A 554 -19.55 14.42 -5.68
N ALA A 555 -20.80 13.97 -5.55
CA ALA A 555 -21.92 14.66 -6.22
C ALA A 555 -22.90 15.30 -5.24
N VAL A 556 -23.14 16.59 -5.40
CA VAL A 556 -24.10 17.30 -4.55
C VAL A 556 -25.23 17.83 -5.46
N LEU A 557 -26.45 17.37 -5.27
CA LEU A 557 -27.51 17.69 -6.23
C LEU A 557 -28.75 18.40 -5.67
N GLU A 558 -29.10 19.63 -6.12
CA GLU A 558 -30.36 20.16 -5.55
C GLU A 558 -31.47 19.47 -6.30
N THR A 559 -32.51 19.03 -5.61
CA THR A 559 -33.63 18.33 -6.24
C THR A 559 -34.96 19.03 -6.09
N ALA A 560 -35.58 19.29 -7.23
CA ALA A 560 -36.84 19.98 -7.34
C ALA A 560 -38.00 19.03 -7.62
N ARG A 561 -39.19 19.48 -7.22
CA ARG A 561 -40.42 18.67 -7.42
C ARG A 561 -40.80 18.59 -8.90
N GLY A 562 -40.34 19.52 -9.78
CA GLY A 562 -40.68 19.41 -11.17
C GLY A 562 -40.08 18.15 -11.73
N GLY A 563 -38.81 17.93 -11.43
CA GLY A 563 -38.13 16.76 -11.92
C GLY A 563 -38.71 15.49 -11.35
N ILE A 564 -39.07 15.49 -10.07
CA ILE A 564 -39.59 14.25 -9.50
C ILE A 564 -40.93 13.88 -10.11
N LEU A 565 -41.82 14.85 -10.23
CA LEU A 565 -43.15 14.57 -10.76
C LEU A 565 -43.17 14.27 -12.23
N ARG A 566 -42.25 14.85 -12.99
CA ARG A 566 -42.21 14.62 -14.42
C ARG A 566 -41.47 13.35 -14.82
N ALA A 567 -40.36 12.99 -14.15
CA ALA A 567 -39.65 11.79 -14.60
C ALA A 567 -38.98 10.92 -13.53
N GLY A 568 -39.21 11.13 -12.22
CA GLY A 568 -38.54 10.32 -11.17
C GLY A 568 -37.12 10.80 -10.85
N LEU A 569 -36.47 10.18 -9.86
CA LEU A 569 -35.08 10.53 -9.52
C LEU A 569 -34.09 9.82 -10.43
N ALA A 570 -32.95 10.45 -10.73
CA ALA A 570 -31.93 9.84 -11.59
C ALA A 570 -30.98 8.83 -10.95
N PHE A 571 -30.92 8.78 -9.64
CA PHE A 571 -29.92 7.94 -8.98
C PHE A 571 -30.33 6.71 -8.19
N ASP A 572 -31.61 6.42 -8.02
CA ASP A 572 -32.09 5.27 -7.21
C ASP A 572 -31.84 5.32 -5.70
N SER A 573 -30.60 5.52 -5.27
CA SER A 573 -30.31 5.63 -3.85
C SER A 573 -29.17 6.59 -3.59
N CYS A 574 -29.10 7.09 -2.36
CA CYS A 574 -28.06 8.03 -1.97
C CYS A 574 -27.60 7.88 -0.53
N ASP A 575 -26.53 8.60 -0.17
CA ASP A 575 -25.94 8.50 1.15
C ASP A 575 -26.52 9.47 2.14
N VAL A 576 -26.80 10.68 1.69
CA VAL A 576 -27.39 11.67 2.56
C VAL A 576 -28.59 12.28 1.87
N GLY A 577 -29.69 12.33 2.58
CA GLY A 577 -30.88 12.98 2.05
C GLY A 577 -31.28 14.10 2.97
N VAL A 578 -31.25 15.33 2.49
CA VAL A 578 -31.57 16.48 3.31
C VAL A 578 -32.90 17.09 2.96
N VAL A 579 -33.81 17.20 3.93
CA VAL A 579 -35.10 17.84 3.66
C VAL A 579 -35.17 19.10 4.52
N LEU A 580 -35.24 20.25 3.88
CA LEU A 580 -35.15 21.49 4.62
C LEU A 580 -36.45 22.06 5.17
N ASN A 581 -37.55 21.91 4.46
CA ASN A 581 -38.85 22.46 4.86
C ASN A 581 -39.95 22.12 3.88
N VAL A 582 -41.19 22.10 4.35
CA VAL A 582 -42.31 21.96 3.44
C VAL A 582 -43.21 23.18 3.55
N ALA A 583 -43.50 23.82 2.43
CA ALA A 583 -44.31 25.03 2.47
C ALA A 583 -45.22 25.09 1.27
N ALA A 584 -46.27 25.90 1.36
CA ALA A 584 -47.30 25.95 0.33
C ALA A 584 -46.95 26.75 -0.91
N ASP A 585 -45.97 26.23 -1.63
CA ASP A 585 -45.55 26.79 -2.91
C ASP A 585 -45.94 25.76 -3.95
N HIS A 586 -46.12 26.20 -5.18
CA HIS A 586 -46.44 25.31 -6.29
C HIS A 586 -47.66 24.44 -6.06
N LEU A 587 -48.66 24.94 -5.34
CA LEU A 587 -49.82 24.12 -5.16
C LEU A 587 -50.72 24.37 -6.33
N GLY A 588 -51.39 23.32 -6.75
CA GLY A 588 -52.30 23.34 -7.87
C GLY A 588 -51.60 22.83 -9.12
N LEU A 589 -50.27 22.71 -9.08
CA LEU A 589 -49.54 22.26 -10.23
C LEU A 589 -49.20 20.79 -10.10
N GLY A 590 -49.24 20.05 -11.20
CA GLY A 590 -48.81 18.67 -11.15
C GLY A 590 -49.78 17.80 -10.37
N ASP A 591 -51.04 18.22 -10.32
CA ASP A 591 -52.09 17.54 -9.58
C ASP A 591 -51.90 17.50 -8.06
N ILE A 592 -51.05 18.38 -7.51
CA ILE A 592 -50.91 18.48 -6.06
C ILE A 592 -51.53 19.73 -5.53
N ASP A 593 -52.64 19.55 -4.83
CA ASP A 593 -53.42 20.64 -4.31
C ASP A 593 -53.20 20.96 -2.84
N THR A 594 -52.78 19.98 -2.04
CA THR A 594 -52.67 20.23 -0.62
C THR A 594 -51.24 20.14 -0.12
N ILE A 595 -51.03 20.61 1.11
CA ILE A 595 -49.71 20.57 1.70
C ILE A 595 -49.35 19.14 2.10
N GLU A 596 -50.34 18.35 2.50
CA GLU A 596 -50.11 16.97 2.88
C GLU A 596 -49.61 16.19 1.68
N GLN A 597 -50.11 16.52 0.48
CA GLN A 597 -49.63 15.88 -0.73
C GLN A 597 -48.23 16.37 -1.09
N MET A 598 -47.95 17.67 -0.89
CA MET A 598 -46.64 18.18 -1.24
C MET A 598 -45.58 17.50 -0.41
N ALA A 599 -45.91 17.19 0.83
CA ALA A 599 -45.01 16.51 1.72
C ALA A 599 -44.66 15.10 1.21
N LYS A 600 -45.54 14.46 0.44
CA LYS A 600 -45.31 13.11 -0.08
C LYS A 600 -44.33 13.15 -1.22
N VAL A 601 -44.24 14.29 -1.89
CA VAL A 601 -43.27 14.43 -2.94
C VAL A 601 -41.92 14.65 -2.30
N LYS A 602 -41.85 15.50 -1.29
CA LYS A 602 -40.55 15.80 -0.69
C LYS A 602 -39.97 14.61 0.04
N SER A 603 -40.82 13.76 0.60
CA SER A 603 -40.39 12.58 1.35
C SER A 603 -39.72 11.55 0.46
N VAL A 604 -39.81 11.69 -0.86
CA VAL A 604 -39.18 10.74 -1.77
C VAL A 604 -37.70 10.73 -1.49
N ILE A 605 -37.07 11.86 -1.20
CA ILE A 605 -35.64 11.84 -0.95
C ILE A 605 -35.31 11.09 0.32
N ALA A 606 -36.03 11.32 1.39
CA ALA A 606 -35.74 10.64 2.65
C ALA A 606 -35.90 9.13 2.52
N GLU A 607 -36.85 8.68 1.71
CA GLU A 607 -37.14 7.27 1.57
C GLU A 607 -36.20 6.52 0.62
N VAL A 608 -35.26 7.20 -0.03
CA VAL A 608 -34.34 6.51 -0.93
C VAL A 608 -32.94 6.51 -0.35
N VAL A 609 -32.80 6.93 0.90
CA VAL A 609 -31.47 6.92 1.47
C VAL A 609 -31.14 5.50 1.88
N ASP A 610 -29.96 5.05 1.49
CA ASP A 610 -29.45 3.72 1.79
C ASP A 610 -29.49 3.49 3.30
N PRO A 611 -29.86 2.30 3.83
CA PRO A 611 -29.92 2.01 5.26
C PRO A 611 -28.64 2.35 6.03
N SER A 612 -27.49 2.36 5.36
CA SER A 612 -26.24 2.68 6.05
C SER A 612 -26.00 4.19 6.15
N GLY A 613 -26.83 4.98 5.46
CA GLY A 613 -26.72 6.42 5.37
C GLY A 613 -27.65 7.14 6.32
N TYR A 614 -27.81 8.44 6.08
CA TYR A 614 -28.61 9.33 6.91
C TYR A 614 -29.62 10.22 6.22
N ALA A 615 -30.70 10.47 6.93
CA ALA A 615 -31.65 11.46 6.53
C ALA A 615 -31.47 12.63 7.47
N VAL A 616 -31.47 13.83 6.95
CA VAL A 616 -31.32 15.02 7.78
C VAL A 616 -32.63 15.79 7.77
N LEU A 617 -33.28 15.83 8.91
CA LEU A 617 -34.60 16.43 9.01
C LEU A 617 -34.62 17.68 9.87
N ASN A 618 -35.54 18.56 9.55
CA ASN A 618 -35.76 19.80 10.29
C ASN A 618 -36.73 19.56 11.44
N ALA A 619 -36.27 19.60 12.68
CA ALA A 619 -37.11 19.26 13.83
C ALA A 619 -38.08 20.38 14.19
N ASP A 620 -37.92 21.54 13.57
CA ASP A 620 -38.79 22.68 13.84
C ASP A 620 -39.95 22.72 12.85
N ASP A 621 -40.01 21.74 11.95
CA ASP A 621 -41.02 21.64 10.92
C ASP A 621 -41.86 20.36 11.12
N PRO A 622 -43.14 20.44 11.52
CA PRO A 622 -43.98 19.32 11.86
C PRO A 622 -44.27 18.35 10.72
N LEU A 623 -44.13 18.78 9.46
CA LEU A 623 -44.40 17.83 8.37
C LEU A 623 -43.14 17.08 8.07
N VAL A 624 -42.00 17.75 8.25
CA VAL A 624 -40.71 17.16 7.96
C VAL A 624 -40.27 16.21 9.06
N ALA A 625 -40.42 16.59 10.32
CA ALA A 625 -40.00 15.71 11.41
C ALA A 625 -40.73 14.37 11.35
N ALA A 626 -41.97 14.40 10.91
CA ALA A 626 -42.85 13.25 10.79
C ALA A 626 -42.39 12.24 9.74
N MET A 627 -41.47 12.63 8.86
CA MET A 627 -40.97 11.76 7.81
C MET A 627 -40.06 10.71 8.41
N ALA A 628 -39.65 10.93 9.66
CA ALA A 628 -38.74 10.06 10.35
C ALA A 628 -39.30 8.68 10.50
N ASP A 629 -40.62 8.52 10.42
CA ASP A 629 -41.23 7.22 10.61
C ASP A 629 -41.33 6.40 9.33
N LYS A 630 -40.90 6.97 8.21
CA LYS A 630 -40.89 6.29 6.92
C LYS A 630 -39.46 5.91 6.53
N VAL A 631 -38.51 6.66 7.06
CA VAL A 631 -37.11 6.47 6.75
C VAL A 631 -36.52 5.17 7.31
N LYS A 632 -35.84 4.41 6.43
CA LYS A 632 -35.16 3.15 6.77
C LYS A 632 -33.69 3.37 7.18
N ALA A 633 -33.25 4.58 6.93
CA ALA A 633 -31.92 5.11 7.16
C ALA A 633 -31.83 5.67 8.56
N LYS A 634 -30.67 6.10 8.97
CA LYS A 634 -30.50 6.71 10.28
C LYS A 634 -31.03 8.12 10.19
N VAL A 635 -31.49 8.68 11.30
CA VAL A 635 -31.99 10.04 11.25
C VAL A 635 -31.21 11.00 12.12
N ALA A 636 -30.83 12.13 11.55
CA ALA A 636 -30.16 13.22 12.24
C ALA A 636 -31.09 14.42 12.19
N TYR A 637 -31.07 15.28 13.20
CA TYR A 637 -31.95 16.44 13.19
C TYR A 637 -31.28 17.77 13.37
N PHE A 638 -31.86 18.82 12.84
CA PHE A 638 -31.34 20.13 13.15
C PHE A 638 -32.44 21.04 13.62
N SER A 639 -32.07 22.05 14.42
CA SER A 639 -33.06 23.03 14.89
C SER A 639 -32.45 24.37 15.32
N MET A 640 -33.30 25.38 15.44
CA MET A 640 -32.91 26.70 15.91
C MET A 640 -33.25 26.92 17.37
N ASN A 641 -33.67 25.86 18.02
CA ASN A 641 -34.10 25.88 19.39
C ASN A 641 -33.61 24.63 20.11
N PRO A 642 -32.56 24.71 20.94
CA PRO A 642 -31.93 23.61 21.64
C PRO A 642 -32.86 22.83 22.56
N ASP A 643 -33.99 23.43 22.93
CA ASP A 643 -34.92 22.79 23.83
C ASP A 643 -36.04 22.05 23.11
N ASN A 644 -35.99 22.00 21.78
CA ASN A 644 -37.01 21.31 21.03
C ASN A 644 -37.05 19.87 21.55
N PRO A 645 -38.18 19.39 22.10
CA PRO A 645 -38.35 18.08 22.68
C PRO A 645 -37.89 16.93 21.80
N ILE A 646 -37.93 17.11 20.48
CA ILE A 646 -37.50 16.06 19.57
C ILE A 646 -36.02 15.85 19.70
N ILE A 647 -35.30 16.96 19.79
CA ILE A 647 -33.87 16.95 19.83
C ILE A 647 -33.45 16.35 21.14
N GLN A 648 -34.13 16.73 22.21
CA GLN A 648 -33.73 16.21 23.51
C GLN A 648 -33.96 14.71 23.60
N ALA A 649 -35.09 14.22 23.11
CA ALA A 649 -35.35 12.81 23.17
C ALA A 649 -34.34 12.02 22.35
N HIS A 650 -33.94 12.59 21.22
CA HIS A 650 -33.02 12.00 20.28
C HIS A 650 -31.59 11.91 20.81
N VAL A 651 -31.06 12.99 21.39
CA VAL A 651 -29.68 12.93 21.88
C VAL A 651 -29.58 12.02 23.11
N ARG A 652 -30.66 11.87 23.86
CA ARG A 652 -30.68 10.97 25.02
C ARG A 652 -30.59 9.49 24.62
N ARG A 653 -30.75 9.19 23.34
CA ARG A 653 -30.66 7.85 22.80
C ARG A 653 -29.39 7.76 21.94
N ASN A 654 -28.49 8.72 22.16
CA ASN A 654 -27.23 8.93 21.48
C ASN A 654 -27.28 9.22 19.99
N GLY A 655 -28.28 9.99 19.56
CA GLY A 655 -28.35 10.39 18.19
C GLY A 655 -27.51 11.64 18.00
N ILE A 656 -27.58 12.21 16.81
CA ILE A 656 -26.82 13.38 16.40
C ILE A 656 -27.75 14.49 16.03
N ALA A 657 -27.46 15.69 16.49
CA ALA A 657 -28.26 16.83 16.13
C ALA A 657 -27.43 18.08 16.02
N ALA A 658 -27.88 19.02 15.23
CA ALA A 658 -27.19 20.30 15.13
C ALA A 658 -28.09 21.39 15.60
N VAL A 659 -27.62 22.19 16.53
CA VAL A 659 -28.45 23.24 17.05
C VAL A 659 -27.75 24.58 17.09
N TYR A 660 -28.53 25.62 17.12
CA TYR A 660 -27.98 26.93 17.34
C TYR A 660 -28.12 27.31 18.81
N GLU A 661 -27.00 27.55 19.49
CA GLU A 661 -27.03 27.88 20.90
C GLU A 661 -25.91 28.81 21.31
N SER A 662 -26.20 29.75 22.21
CA SER A 662 -25.22 30.68 22.76
C SER A 662 -24.39 31.41 21.70
N GLY A 663 -24.97 31.70 20.55
CA GLY A 663 -24.26 32.38 19.49
C GLY A 663 -23.44 31.45 18.59
N TYR A 664 -23.43 30.16 18.90
CA TYR A 664 -22.67 29.17 18.17
C TYR A 664 -23.47 28.15 17.42
N LEU A 665 -22.89 27.70 16.35
CA LEU A 665 -23.45 26.59 15.63
C LEU A 665 -22.70 25.41 16.15
N SER A 666 -23.42 24.45 16.75
CA SER A 666 -22.78 23.31 17.37
C SER A 666 -23.46 21.99 17.10
N ILE A 667 -22.68 20.93 17.22
CA ILE A 667 -23.15 19.59 17.02
C ILE A 667 -23.22 18.81 18.30
N LEU A 668 -24.36 18.24 18.54
CA LEU A 668 -24.59 17.45 19.72
C LEU A 668 -24.46 16.01 19.36
N GLU A 669 -23.46 15.35 19.92
CA GLU A 669 -23.25 13.96 19.61
C GLU A 669 -23.33 13.19 20.90
N GLY A 670 -24.47 12.59 21.16
CA GLY A 670 -24.65 11.99 22.47
C GLY A 670 -24.55 13.08 23.53
N SER A 671 -23.73 12.86 24.54
CA SER A 671 -23.56 13.81 25.64
C SER A 671 -22.54 14.93 25.36
N TRP A 672 -21.80 14.84 24.27
CA TRP A 672 -20.76 15.80 23.99
C TRP A 672 -21.18 16.90 23.04
N THR A 673 -20.70 18.10 23.27
CA THR A 673 -21.02 19.21 22.39
C THR A 673 -19.78 19.66 21.64
N LEU A 674 -19.91 19.77 20.33
CA LEU A 674 -18.83 20.22 19.48
C LEU A 674 -19.15 21.58 18.89
N ARG A 675 -18.43 22.61 19.26
CA ARG A 675 -18.77 23.91 18.67
C ARG A 675 -18.02 24.10 17.38
N VAL A 676 -18.72 24.51 16.33
CA VAL A 676 -18.05 24.70 15.06
C VAL A 676 -17.60 26.13 14.93
N GLU A 677 -18.54 27.07 14.98
CA GLU A 677 -18.18 28.49 14.86
C GLU A 677 -19.29 29.40 15.39
N GLN A 678 -19.04 30.70 15.43
CA GLN A 678 -20.06 31.67 15.83
C GLN A 678 -20.86 32.15 14.66
N ALA A 679 -22.14 32.36 14.83
CA ALA A 679 -22.95 32.78 13.70
C ALA A 679 -22.49 34.09 13.10
N LYS A 680 -22.03 35.00 13.93
CA LYS A 680 -21.62 36.32 13.46
C LYS A 680 -20.31 36.30 12.69
N LEU A 681 -19.57 35.21 12.76
CA LEU A 681 -18.31 35.15 12.07
C LEU A 681 -18.39 34.34 10.79
N ILE A 682 -19.60 33.95 10.38
CA ILE A 682 -19.76 33.20 9.15
C ILE A 682 -20.41 34.14 8.15
N PRO A 683 -19.69 34.63 7.13
CA PRO A 683 -20.10 35.68 6.18
C PRO A 683 -21.43 35.51 5.47
N MET A 684 -21.93 34.29 5.26
CA MET A 684 -23.21 34.13 4.56
C MET A 684 -24.35 34.59 5.43
N THR A 685 -24.13 34.65 6.74
CA THR A 685 -25.16 35.04 7.66
C THR A 685 -24.90 36.49 7.91
N MET A 686 -25.89 37.33 7.73
CA MET A 686 -25.68 38.76 7.86
C MET A 686 -25.45 39.23 9.30
N GLY A 687 -24.31 38.90 9.87
CA GLY A 687 -23.94 39.30 11.23
C GLY A 687 -24.71 38.54 12.29
N GLY A 688 -25.30 37.44 11.90
CA GLY A 688 -26.14 36.65 12.79
C GLY A 688 -27.61 37.12 12.79
N MET A 689 -27.95 38.09 11.93
CA MET A 689 -29.30 38.67 11.86
C MET A 689 -30.29 38.03 10.90
N ALA A 690 -29.90 36.94 10.25
CA ALA A 690 -30.73 36.26 9.25
C ALA A 690 -30.92 34.79 9.60
N PRO A 691 -31.90 34.43 10.46
CA PRO A 691 -32.16 33.10 11.01
C PRO A 691 -32.32 32.02 9.97
N PHE A 692 -32.73 32.41 8.79
CA PHE A 692 -32.93 31.47 7.72
C PHE A 692 -31.61 31.08 7.09
N MET A 693 -30.59 31.94 7.22
CA MET A 693 -29.29 31.63 6.68
C MET A 693 -28.60 30.73 7.67
N ILE A 694 -28.93 30.93 8.95
CA ILE A 694 -28.33 30.10 10.00
C ILE A 694 -28.86 28.70 9.85
N ALA A 695 -30.17 28.55 9.65
CA ALA A 695 -30.73 27.23 9.48
C ALA A 695 -30.15 26.51 8.27
N ASN A 696 -29.88 27.24 7.18
CA ASN A 696 -29.32 26.60 6.00
C ASN A 696 -27.89 26.14 6.31
N ALA A 697 -27.14 26.94 7.08
CA ALA A 697 -25.79 26.57 7.49
C ALA A 697 -25.78 25.37 8.42
N LEU A 698 -26.77 25.24 9.31
CA LEU A 698 -26.78 24.08 10.18
C LEU A 698 -26.99 22.81 9.38
N ALA A 699 -27.87 22.86 8.39
CA ALA A 699 -28.12 21.67 7.58
C ALA A 699 -26.89 21.24 6.80
N ALA A 700 -26.12 22.20 6.25
CA ALA A 700 -24.92 21.86 5.51
C ALA A 700 -23.84 21.28 6.41
N CYS A 701 -23.71 21.82 7.61
CA CYS A 701 -22.70 21.36 8.54
C CYS A 701 -23.02 19.97 9.04
N LEU A 702 -24.28 19.71 9.33
CA LEU A 702 -24.67 18.41 9.82
C LEU A 702 -24.51 17.36 8.74
N ALA A 703 -24.88 17.66 7.49
CA ALA A 703 -24.72 16.68 6.42
C ALA A 703 -23.24 16.32 6.22
N ALA A 704 -22.36 17.32 6.28
CA ALA A 704 -20.94 17.08 6.13
C ALA A 704 -20.38 16.22 7.25
N PHE A 705 -20.85 16.47 8.46
CA PHE A 705 -20.43 15.75 9.65
C PHE A 705 -20.86 14.29 9.64
N VAL A 706 -22.14 14.03 9.36
CA VAL A 706 -22.62 12.65 9.42
C VAL A 706 -22.01 11.80 8.31
N ASN A 707 -21.56 12.43 7.23
CA ASN A 707 -20.93 11.70 6.15
C ASN A 707 -19.41 11.60 6.33
N GLY A 708 -18.89 11.91 7.51
CA GLY A 708 -17.48 11.71 7.81
C GLY A 708 -16.48 12.85 7.71
N LEU A 709 -16.87 14.11 7.46
CA LEU A 709 -15.81 15.11 7.43
C LEU A 709 -15.49 15.57 8.83
N ASP A 710 -14.24 15.97 9.03
CA ASP A 710 -13.79 16.48 10.30
C ASP A 710 -14.31 17.88 10.54
N VAL A 711 -14.36 18.26 11.81
CA VAL A 711 -14.86 19.56 12.21
C VAL A 711 -13.98 20.68 11.70
N GLU A 712 -12.67 20.47 11.70
CA GLU A 712 -11.81 21.56 11.25
C GLU A 712 -12.07 21.88 9.78
N VAL A 713 -12.38 20.87 8.97
CA VAL A 713 -12.66 21.08 7.57
C VAL A 713 -13.94 21.87 7.45
N ILE A 714 -14.93 21.51 8.25
CA ILE A 714 -16.21 22.20 8.23
C ILE A 714 -16.00 23.67 8.62
N ARG A 715 -15.19 23.96 9.66
CA ARG A 715 -14.93 25.34 10.04
C ARG A 715 -14.30 26.15 8.95
N GLN A 716 -13.32 25.58 8.28
CA GLN A 716 -12.67 26.29 7.20
C GLN A 716 -13.65 26.61 6.09
N GLY A 717 -14.51 25.64 5.76
CA GLY A 717 -15.49 25.81 4.72
C GLY A 717 -16.53 26.88 5.04
N VAL A 718 -17.03 26.96 6.27
CA VAL A 718 -18.03 27.99 6.51
C VAL A 718 -17.41 29.38 6.53
N ARG A 719 -16.20 29.53 7.07
CA ARG A 719 -15.55 30.82 7.15
C ARG A 719 -15.21 31.47 5.82
N THR A 720 -14.87 30.68 4.81
CA THR A 720 -14.46 31.25 3.54
C THR A 720 -15.55 31.30 2.49
N PHE A 721 -16.76 30.89 2.82
CA PHE A 721 -17.83 30.86 1.84
C PHE A 721 -18.48 32.21 1.65
N THR A 722 -18.70 32.61 0.39
CA THR A 722 -19.37 33.88 0.17
C THR A 722 -20.55 33.75 -0.77
N THR A 723 -21.49 34.70 -0.61
CA THR A 723 -22.70 34.84 -1.41
C THR A 723 -22.83 36.29 -1.85
N SER A 724 -21.82 36.77 -2.56
CA SER A 724 -21.80 38.22 -2.92
C SER A 724 -22.64 38.46 -4.16
N ALA A 725 -22.66 39.71 -4.61
CA ALA A 725 -23.38 40.01 -5.86
C ALA A 725 -22.67 39.31 -7.03
N GLU A 726 -23.43 38.86 -8.03
CA GLU A 726 -22.93 38.26 -9.26
C GLU A 726 -22.41 36.83 -9.07
N GLN A 727 -22.55 36.28 -7.86
CA GLN A 727 -22.26 34.87 -7.60
C GLN A 727 -23.60 34.28 -7.26
N THR A 728 -24.34 35.01 -6.42
CA THR A 728 -25.67 34.64 -6.01
C THR A 728 -26.58 35.86 -6.16
N PRO A 729 -26.81 36.37 -7.38
CA PRO A 729 -27.56 37.58 -7.58
C PRO A 729 -28.99 37.33 -7.19
N GLY A 730 -29.59 38.29 -6.53
CA GLY A 730 -30.99 38.21 -6.15
C GLY A 730 -31.19 37.47 -4.84
N ARG A 731 -30.12 37.03 -4.21
CA ARG A 731 -30.24 36.28 -2.97
C ARG A 731 -29.52 37.02 -1.84
N MET A 732 -30.22 37.87 -1.09
CA MET A 732 -29.62 38.72 -0.07
C MET A 732 -28.43 39.56 -0.52
N ASN A 733 -28.59 40.38 -1.56
CA ASN A 733 -27.46 41.21 -1.98
C ASN A 733 -27.54 42.54 -1.27
N LEU A 734 -26.70 42.76 -0.27
CA LEU A 734 -26.78 43.99 0.50
C LEU A 734 -25.73 44.98 -0.02
N PHE A 735 -26.19 46.14 -0.45
CA PHE A 735 -25.34 47.17 -1.03
C PHE A 735 -25.14 48.33 -0.07
N ASN A 736 -23.88 48.71 0.09
CA ASN A 736 -23.40 49.81 0.95
C ASN A 736 -23.22 51.13 0.18
N LEU A 737 -24.05 52.13 0.44
CA LEU A 737 -23.96 53.37 -0.32
C LEU A 737 -23.77 54.57 0.62
N GLY A 738 -22.57 54.75 1.13
CA GLY A 738 -22.30 55.77 2.15
C GLY A 738 -23.10 55.39 3.39
N GLN A 739 -23.76 56.34 4.05
CA GLN A 739 -24.54 55.96 5.23
C GLN A 739 -25.93 55.57 4.80
N HIS A 740 -26.02 54.48 4.07
CA HIS A 740 -27.25 54.01 3.49
C HIS A 740 -27.14 52.60 2.97
N HIS A 741 -28.17 51.79 3.15
CA HIS A 741 -28.09 50.47 2.55
C HIS A 741 -29.31 50.09 1.76
N ALA A 742 -29.09 49.23 0.78
CA ALA A 742 -30.18 48.70 -0.01
C ALA A 742 -30.02 47.21 -0.19
N LEU A 743 -31.11 46.49 -0.09
CA LEU A 743 -31.08 45.04 -0.17
C LEU A 743 -31.91 44.52 -1.32
N VAL A 744 -31.29 43.73 -2.17
CA VAL A 744 -32.02 43.15 -3.29
C VAL A 744 -32.22 41.66 -3.04
N ASP A 745 -33.48 41.22 -3.11
CA ASP A 745 -33.79 39.82 -2.87
C ASP A 745 -34.89 39.38 -3.83
N TYR A 746 -35.30 38.12 -3.75
CA TYR A 746 -36.25 37.64 -4.72
C TYR A 746 -37.16 36.53 -4.18
N ALA A 747 -38.00 36.87 -3.22
CA ALA A 747 -38.93 35.95 -2.54
C ALA A 747 -39.98 35.46 -3.52
N HIS A 748 -40.74 34.41 -3.19
CA HIS A 748 -41.76 33.89 -4.08
C HIS A 748 -42.96 33.56 -3.25
N ASN A 749 -42.85 32.46 -2.55
CA ASN A 749 -43.88 32.10 -1.63
C ASN A 749 -43.64 32.97 -0.43
N PRO A 750 -44.66 33.16 0.44
CA PRO A 750 -44.64 33.92 1.68
C PRO A 750 -43.52 33.60 2.63
N ALA A 751 -42.99 32.38 2.66
CA ALA A 751 -41.94 32.13 3.63
C ALA A 751 -40.73 32.98 3.34
N GLY A 752 -40.50 33.34 2.08
CA GLY A 752 -39.34 34.12 1.75
C GLY A 752 -39.54 35.59 2.09
N TYR A 753 -40.79 35.99 2.32
CA TYR A 753 -41.05 37.36 2.65
C TYR A 753 -40.89 37.49 4.13
N ARG A 754 -41.27 36.44 4.85
CA ARG A 754 -41.09 36.48 6.28
C ARG A 754 -39.60 36.35 6.62
N ALA A 755 -38.87 35.49 5.92
CA ALA A 755 -37.45 35.35 6.20
C ALA A 755 -36.70 36.67 5.99
N VAL A 756 -37.04 37.39 4.92
CA VAL A 756 -36.40 38.68 4.70
C VAL A 756 -36.87 39.67 5.74
N GLY A 757 -38.16 39.65 6.08
CA GLY A 757 -38.68 40.57 7.07
C GLY A 757 -37.94 40.45 8.39
N ASP A 758 -37.56 39.24 8.80
CA ASP A 758 -36.83 39.12 10.06
C ASP A 758 -35.45 39.76 9.97
N PHE A 759 -34.78 39.65 8.83
CA PHE A 759 -33.51 40.34 8.68
C PHE A 759 -33.71 41.84 8.87
N VAL A 760 -34.75 42.36 8.25
CA VAL A 760 -35.06 43.79 8.32
C VAL A 760 -35.36 44.22 9.76
N LYS A 761 -36.12 43.43 10.50
CA LYS A 761 -36.45 43.76 11.89
C LYS A 761 -35.22 43.95 12.75
N ASN A 762 -34.14 43.21 12.46
CA ASN A 762 -32.91 43.30 13.23
C ASN A 762 -32.03 44.48 12.82
N TRP A 763 -32.43 45.20 11.79
CA TRP A 763 -31.61 46.28 11.30
C TRP A 763 -31.67 47.48 12.21
N GLN A 764 -30.73 47.57 13.14
CA GLN A 764 -30.75 48.69 14.08
C GLN A 764 -30.12 49.94 13.47
N GLY A 765 -30.86 50.49 12.53
CA GLY A 765 -30.52 51.66 11.73
C GLY A 765 -31.68 52.63 11.83
N GLN A 766 -32.08 53.23 10.72
CA GLN A 766 -33.18 54.20 10.78
C GLN A 766 -34.48 53.69 10.16
N ARG A 767 -34.93 54.26 9.03
CA ARG A 767 -36.22 53.79 8.50
C ARG A 767 -36.09 52.48 7.77
N PHE A 768 -37.17 51.70 7.80
CA PHE A 768 -37.26 50.46 7.06
C PHE A 768 -38.19 50.70 5.90
N GLY A 769 -37.65 50.77 4.70
CA GLY A 769 -38.53 51.01 3.58
C GLY A 769 -38.58 49.84 2.66
N VAL A 770 -39.72 49.67 2.05
CA VAL A 770 -39.92 48.63 1.07
C VAL A 770 -40.48 49.25 -0.16
N VAL A 771 -39.97 48.81 -1.29
CA VAL A 771 -40.41 49.36 -2.54
C VAL A 771 -41.08 48.36 -3.46
N GLY A 772 -41.88 47.45 -2.92
CA GLY A 772 -42.54 46.50 -3.80
C GLY A 772 -43.39 45.41 -3.17
N GLY A 773 -43.85 44.52 -4.05
CA GLY A 773 -44.70 43.40 -3.77
C GLY A 773 -44.71 42.44 -4.99
N PRO A 774 -45.64 41.48 -5.04
CA PRO A 774 -45.83 40.39 -6.00
C PRO A 774 -46.18 40.80 -7.41
N GLY A 775 -45.92 39.89 -8.35
CA GLY A 775 -46.28 40.09 -9.75
C GLY A 775 -47.72 39.62 -9.98
N ASP A 776 -48.12 39.48 -11.24
CA ASP A 776 -49.51 39.15 -11.55
C ASP A 776 -49.84 37.66 -11.67
N ARG A 777 -48.85 36.80 -11.46
CA ARG A 777 -49.08 35.38 -11.67
C ARG A 777 -49.27 34.59 -10.38
N ARG A 778 -49.41 35.30 -9.28
CA ARG A 778 -49.66 34.68 -8.00
C ARG A 778 -51.15 34.45 -7.80
N ASP A 779 -51.49 33.58 -6.88
CA ASP A 779 -52.89 33.30 -6.57
C ASP A 779 -53.35 34.34 -5.56
N SER A 780 -54.41 34.09 -4.80
CA SER A 780 -54.91 35.11 -3.89
C SER A 780 -54.12 35.19 -2.57
N ASP A 781 -52.85 35.58 -2.69
CA ASP A 781 -51.93 35.71 -1.57
C ASP A 781 -51.36 37.12 -1.54
N LEU A 782 -52.01 38.02 -2.27
CA LEU A 782 -51.56 39.39 -2.33
C LEU A 782 -51.86 40.05 -1.00
N ILE A 783 -52.96 39.65 -0.37
CA ILE A 783 -53.29 40.22 0.91
C ILE A 783 -52.27 39.75 1.92
N GLU A 784 -51.91 38.47 1.90
CA GLU A 784 -50.93 37.97 2.85
C GLU A 784 -49.64 38.75 2.74
N LEU A 785 -49.21 39.07 1.51
CA LEU A 785 -47.98 39.85 1.40
C LEU A 785 -48.21 41.19 2.04
N GLY A 786 -49.33 41.82 1.73
CA GLY A 786 -49.53 43.14 2.31
C GLY A 786 -49.50 43.08 3.84
N GLN A 787 -50.05 42.03 4.42
CA GLN A 787 -50.06 41.87 5.85
C GLN A 787 -48.64 41.71 6.42
N ILE A 788 -47.74 41.06 5.66
CA ILE A 788 -46.35 40.89 6.09
C ILE A 788 -45.62 42.22 6.02
N ALA A 789 -45.77 42.98 4.95
CA ALA A 789 -45.06 44.24 4.87
C ALA A 789 -45.53 45.21 5.96
N ALA A 790 -46.83 45.21 6.26
CA ALA A 790 -47.39 46.14 7.23
C ALA A 790 -46.81 46.28 8.64
N GLN A 791 -46.29 45.16 9.12
CA GLN A 791 -45.63 45.02 10.41
C GLN A 791 -44.13 44.97 10.42
N VAL A 792 -43.55 45.07 9.23
CA VAL A 792 -42.10 45.07 9.09
C VAL A 792 -41.48 46.36 8.64
N PHE A 793 -42.24 47.16 7.89
CA PHE A 793 -41.71 48.37 7.28
C PHE A 793 -42.51 49.59 7.74
N ASP A 794 -41.85 50.75 7.87
CA ASP A 794 -42.54 52.00 8.19
C ASP A 794 -42.67 52.95 7.00
N ARG A 795 -42.10 52.56 5.86
CA ARG A 795 -42.22 53.26 4.58
C ARG A 795 -42.66 52.26 3.51
N ILE A 796 -43.95 52.19 3.22
CA ILE A 796 -44.36 51.18 2.25
C ILE A 796 -44.88 51.77 0.97
N ILE A 797 -44.14 51.58 -0.13
CA ILE A 797 -44.58 52.17 -1.38
C ILE A 797 -44.82 51.06 -2.39
N VAL A 798 -45.97 51.09 -3.04
CA VAL A 798 -46.38 50.07 -3.99
C VAL A 798 -46.07 50.39 -5.48
N LYS A 799 -45.43 49.43 -6.17
CA LYS A 799 -45.02 49.50 -7.59
C LYS A 799 -45.59 48.35 -8.41
N GLU A 800 -46.65 47.73 -7.95
CA GLU A 800 -47.13 46.55 -8.61
C GLU A 800 -47.98 46.79 -9.86
N ASP A 801 -47.26 47.19 -10.90
CA ASP A 801 -47.70 47.47 -12.26
C ASP A 801 -46.47 47.20 -13.11
N ASP A 802 -46.09 45.94 -13.22
CA ASP A 802 -44.81 45.60 -13.81
C ASP A 802 -44.90 45.61 -15.33
N ASP A 803 -43.84 45.22 -16.03
CA ASP A 803 -43.88 45.31 -17.48
C ASP A 803 -44.55 44.11 -18.12
N LYS A 804 -44.49 42.96 -17.45
CA LYS A 804 -45.08 41.76 -17.99
C LYS A 804 -46.60 41.87 -18.06
N ARG A 805 -47.21 42.47 -17.03
CA ARG A 805 -48.65 42.70 -16.99
C ARG A 805 -49.45 41.47 -17.36
N GLY A 806 -49.17 40.39 -16.64
CA GLY A 806 -49.84 39.12 -16.86
C GLY A 806 -51.35 39.28 -16.75
N ARG A 807 -51.80 40.18 -15.86
CA ARG A 807 -53.24 40.41 -15.74
C ARG A 807 -53.58 41.89 -15.68
N SER A 808 -54.33 42.34 -16.67
CA SER A 808 -54.77 43.73 -16.76
C SER A 808 -53.66 44.78 -16.56
N GLU A 809 -53.83 45.67 -15.56
CA GLU A 809 -52.87 46.75 -15.30
C GLU A 809 -52.41 46.80 -13.83
N GLY A 810 -53.00 47.74 -13.06
CA GLY A 810 -52.60 48.03 -11.68
C GLY A 810 -53.39 47.30 -10.58
N GLU A 811 -54.24 46.35 -10.94
CA GLU A 811 -55.04 45.66 -9.94
C GLU A 811 -54.20 44.98 -8.87
N THR A 812 -53.00 44.48 -9.23
CA THR A 812 -52.17 43.84 -8.22
C THR A 812 -51.80 44.90 -7.18
N ALA A 813 -51.36 46.09 -7.63
CA ALA A 813 -51.05 47.16 -6.68
C ALA A 813 -52.25 47.53 -5.83
N ASP A 814 -53.45 47.50 -6.39
CA ASP A 814 -54.61 47.86 -5.61
C ASP A 814 -54.88 46.84 -4.50
N LEU A 815 -54.60 45.57 -4.78
CA LEU A 815 -54.81 44.54 -3.76
C LEU A 815 -53.74 44.62 -2.69
N ILE A 816 -52.53 45.00 -3.07
CA ILE A 816 -51.50 45.15 -2.07
C ILE A 816 -51.85 46.30 -1.17
N VAL A 817 -52.32 47.41 -1.74
CA VAL A 817 -52.69 48.55 -0.92
C VAL A 817 -53.81 48.13 0.04
N LYS A 818 -54.80 47.39 -0.44
CA LYS A 818 -55.84 46.93 0.47
C LYS A 818 -55.27 46.13 1.63
N GLY A 819 -54.34 45.20 1.35
CA GLY A 819 -53.73 44.39 2.39
C GLY A 819 -52.91 45.19 3.40
N ILE A 820 -52.04 46.08 2.93
CA ILE A 820 -51.15 46.80 3.85
C ILE A 820 -51.92 47.77 4.77
N LEU A 821 -53.00 48.36 4.27
CA LEU A 821 -53.80 49.29 5.06
C LEU A 821 -54.72 48.56 6.02
N GLN A 822 -54.75 47.24 5.94
CA GLN A 822 -55.59 46.43 6.77
C GLN A 822 -54.94 46.24 8.13
N GLU A 823 -53.61 46.24 8.18
CA GLU A 823 -52.95 45.98 9.45
C GLU A 823 -52.36 47.22 10.09
N ASN A 824 -51.82 48.13 9.28
CA ASN A 824 -51.17 49.29 9.88
C ASN A 824 -51.19 50.51 8.98
N PRO A 825 -52.31 51.22 8.85
CA PRO A 825 -52.51 52.32 7.92
C PRO A 825 -51.85 53.65 8.36
N GLY A 826 -50.54 53.60 8.63
CA GLY A 826 -49.73 54.74 9.03
C GLY A 826 -48.27 54.71 8.52
N ALA A 827 -48.05 54.24 7.28
CA ALA A 827 -46.68 54.13 6.71
C ALA A 827 -46.53 54.80 5.35
N SER A 828 -47.10 56.01 5.21
CA SER A 828 -46.99 56.77 3.96
C SER A 828 -47.30 55.92 2.75
N TYR A 829 -48.51 55.37 2.72
CA TYR A 829 -48.88 54.39 1.72
C TYR A 829 -49.18 54.90 0.34
N GLU A 830 -48.11 55.29 -0.32
CA GLU A 830 -48.08 55.77 -1.66
C GLU A 830 -48.09 54.61 -2.64
N VAL A 831 -48.79 54.79 -3.74
CA VAL A 831 -48.70 53.82 -4.81
C VAL A 831 -48.18 54.63 -5.98
N ILE A 832 -47.11 54.16 -6.58
CA ILE A 832 -46.46 54.86 -7.67
C ILE A 832 -46.56 54.08 -8.96
N LEU A 833 -46.72 52.77 -8.84
CA LEU A 833 -46.87 51.82 -9.93
C LEU A 833 -45.56 51.58 -10.71
N ASP A 834 -44.91 52.62 -11.21
CA ASP A 834 -43.64 52.40 -11.94
C ASP A 834 -42.52 51.83 -11.06
N GLU A 835 -41.76 50.91 -11.68
CA GLU A 835 -40.69 50.16 -10.96
C GLU A 835 -39.43 50.00 -11.84
N THR A 836 -39.09 50.99 -12.67
CA THR A 836 -37.95 50.91 -13.64
C THR A 836 -36.91 51.81 -12.97
N ILE A 837 -37.14 53.12 -12.96
CA ILE A 837 -36.19 54.10 -12.34
C ILE A 837 -37.04 55.01 -11.45
N ALA A 838 -38.34 54.69 -11.31
CA ALA A 838 -39.24 55.52 -10.47
C ALA A 838 -39.22 55.20 -8.99
N LEU A 839 -39.64 53.99 -8.59
CA LEU A 839 -39.58 53.65 -7.21
C LEU A 839 -38.25 53.06 -6.79
N ASN A 840 -37.54 52.38 -7.70
CA ASN A 840 -36.27 51.80 -7.30
C ASN A 840 -35.12 52.79 -7.39
N LYS A 841 -35.42 54.03 -7.76
CA LYS A 841 -34.42 55.07 -7.84
C LYS A 841 -34.63 56.02 -6.66
N ALA A 842 -35.86 56.08 -6.15
CA ALA A 842 -36.22 57.00 -5.07
C ALA A 842 -35.73 56.48 -3.71
N LEU A 843 -34.41 56.53 -3.52
CA LEU A 843 -33.70 56.08 -2.33
C LEU A 843 -33.30 57.26 -1.45
N ASP A 844 -33.47 58.47 -1.96
CA ASP A 844 -33.02 59.68 -1.27
C ASP A 844 -34.09 60.22 -0.36
N GLN A 845 -35.17 59.46 -0.28
CA GLN A 845 -36.31 59.73 0.57
C GLN A 845 -36.13 59.01 1.92
N VAL A 846 -35.02 58.29 2.06
CA VAL A 846 -34.68 57.54 3.26
C VAL A 846 -33.39 58.11 3.88
N GLU A 847 -33.43 58.36 5.18
CA GLU A 847 -32.32 58.96 5.91
C GLU A 847 -31.13 58.05 6.15
N GLU A 848 -30.13 58.61 6.80
CA GLU A 848 -28.89 57.90 7.03
C GLU A 848 -29.11 56.66 7.83
N LYS A 849 -28.45 55.60 7.41
CA LYS A 849 -28.49 54.28 7.98
C LYS A 849 -29.86 53.61 7.88
N GLY A 850 -30.74 54.11 7.02
CA GLY A 850 -31.99 53.42 6.81
C GLY A 850 -31.70 52.31 5.82
N LEU A 851 -32.68 51.45 5.62
CA LEU A 851 -32.55 50.31 4.71
C LEU A 851 -33.68 50.25 3.70
N VAL A 852 -33.32 50.14 2.42
CA VAL A 852 -34.31 49.99 1.36
C VAL A 852 -34.36 48.56 0.83
N VAL A 853 -35.52 47.93 0.94
CA VAL A 853 -35.69 46.55 0.51
C VAL A 853 -36.42 46.46 -0.82
N VAL A 854 -35.74 45.85 -1.78
CA VAL A 854 -36.22 45.78 -3.14
C VAL A 854 -36.61 44.35 -3.53
N PHE A 855 -37.81 44.25 -4.06
CA PHE A 855 -38.38 43.01 -4.57
C PHE A 855 -38.78 43.27 -6.03
N PRO A 856 -37.82 43.24 -6.96
CA PRO A 856 -37.95 43.61 -8.36
C PRO A 856 -38.60 42.48 -9.11
N GLU A 857 -39.19 42.74 -10.26
CA GLU A 857 -39.55 41.60 -11.11
C GLU A 857 -38.26 41.02 -11.69
N SER A 858 -37.33 41.90 -12.01
CA SER A 858 -36.07 41.51 -12.60
C SER A 858 -34.88 41.97 -11.79
N VAL A 859 -34.17 40.98 -11.27
CA VAL A 859 -33.00 41.20 -10.43
C VAL A 859 -31.93 41.91 -11.21
N THR A 860 -31.76 41.51 -12.45
CA THR A 860 -30.76 42.09 -13.32
C THR A 860 -30.89 43.60 -13.37
N ARG A 861 -32.13 44.10 -13.44
CA ARG A 861 -32.27 45.55 -13.46
C ARG A 861 -32.00 46.13 -12.09
N ALA A 862 -32.50 45.49 -11.03
CA ALA A 862 -32.33 46.07 -9.70
C ALA A 862 -30.88 46.23 -9.31
N ILE A 863 -30.05 45.29 -9.71
CA ILE A 863 -28.65 45.36 -9.32
C ILE A 863 -27.83 46.17 -10.30
N ASP A 864 -28.45 46.64 -11.38
CA ASP A 864 -27.78 47.49 -12.35
C ASP A 864 -28.03 48.92 -11.90
N LEU A 865 -29.28 49.22 -11.55
CA LEU A 865 -29.64 50.57 -11.14
C LEU A 865 -28.95 50.98 -9.87
N ILE A 866 -28.82 50.06 -8.91
CA ILE A 866 -28.16 50.37 -7.67
C ILE A 866 -26.68 50.73 -7.87
N LYS A 867 -26.08 50.34 -9.00
CA LYS A 867 -24.68 50.62 -9.26
C LYS A 867 -24.48 52.01 -9.84
N VAL A 868 -25.57 52.66 -10.23
CA VAL A 868 -25.53 53.97 -10.87
C VAL A 868 -25.29 55.01 -9.79
N ARG A 869 -25.48 54.59 -8.55
CA ARG A 869 -25.32 55.40 -7.38
C ARG A 869 -23.93 55.23 -6.77
N ASN A 870 -23.05 54.50 -7.45
CA ASN A 870 -21.67 54.28 -7.01
C ASN A 870 -21.50 53.69 -5.61
N PRO A 871 -21.97 52.45 -5.36
CA PRO A 871 -21.89 51.73 -4.10
C PRO A 871 -20.45 51.37 -3.79
N ILE A 872 -20.19 51.15 -2.52
CA ILE A 872 -18.90 50.78 -1.98
C ILE A 872 -18.56 49.31 -2.23
N MET B 1 39.77 -13.94 -54.08
CA MET B 1 39.35 -13.94 -52.69
C MET B 1 38.00 -14.60 -52.55
N LYS B 2 37.94 -15.63 -51.72
CA LYS B 2 36.69 -16.36 -51.51
C LYS B 2 36.15 -16.18 -50.08
N ILE B 3 34.85 -16.12 -49.92
CA ILE B 3 34.29 -16.04 -48.58
C ILE B 3 33.80 -17.42 -48.19
N LEU B 4 34.31 -17.92 -47.07
CA LEU B 4 33.98 -19.27 -46.65
C LEU B 4 32.83 -19.29 -45.66
N LYS B 5 32.80 -18.31 -44.78
CA LYS B 5 31.78 -18.29 -43.72
C LYS B 5 31.42 -16.89 -43.25
N THR B 6 30.14 -16.64 -42.98
CA THR B 6 29.76 -15.33 -42.42
C THR B 6 28.91 -15.46 -41.16
N LEU B 7 29.29 -14.74 -40.11
CA LEU B 7 28.53 -14.69 -38.87
C LEU B 7 28.04 -13.29 -38.55
N THR B 8 26.83 -13.20 -38.03
CA THR B 8 26.30 -11.90 -37.62
C THR B 8 26.14 -11.92 -36.12
N LEU B 9 26.78 -10.98 -35.43
CA LEU B 9 26.71 -10.96 -33.99
C LEU B 9 25.78 -9.86 -33.53
N ARG B 10 24.93 -10.16 -32.56
CA ARG B 10 24.00 -9.20 -32.00
C ARG B 10 23.97 -9.19 -30.49
N GLY B 11 24.95 -8.56 -29.87
CA GLY B 11 25.05 -8.55 -28.42
C GLY B 11 26.50 -8.66 -28.04
N PRO B 12 26.87 -8.50 -26.76
CA PRO B 12 28.22 -8.56 -26.25
C PRO B 12 28.85 -9.83 -26.71
N ASN B 13 30.09 -9.73 -27.13
CA ASN B 13 30.75 -10.86 -27.71
C ASN B 13 32.25 -10.86 -27.49
N TYR B 14 32.88 -11.87 -28.06
CA TYR B 14 34.29 -12.08 -28.02
C TYR B 14 35.13 -10.90 -28.52
N TRP B 15 34.71 -10.27 -29.63
CA TRP B 15 35.49 -9.21 -30.24
C TRP B 15 35.34 -7.88 -29.49
N SER B 16 34.15 -7.64 -28.97
CA SER B 16 33.88 -6.43 -28.21
C SER B 16 32.64 -6.55 -27.32
N ILE B 17 32.69 -5.94 -26.16
CA ILE B 17 31.52 -5.90 -25.28
C ILE B 17 30.55 -4.81 -25.70
N ARG B 18 31.08 -3.64 -26.04
CA ARG B 18 30.26 -2.50 -26.46
C ARG B 18 29.84 -2.57 -27.92
N ARG B 19 30.65 -3.14 -28.79
CA ARG B 19 30.28 -3.16 -30.19
C ARG B 19 29.44 -4.40 -30.42
N LYS B 20 28.17 -4.22 -30.14
CA LYS B 20 27.18 -5.26 -30.18
C LYS B 20 26.86 -5.75 -31.58
N LYS B 21 26.90 -4.84 -32.57
CA LYS B 21 26.56 -5.16 -33.95
C LYS B 21 27.74 -5.35 -34.88
N LEU B 22 28.17 -6.59 -35.06
CA LEU B 22 29.35 -6.89 -35.86
C LEU B 22 29.14 -8.01 -36.86
N ILE B 23 29.83 -7.93 -37.98
CA ILE B 23 29.86 -9.02 -38.95
C ILE B 23 31.24 -9.58 -39.03
N VAL B 24 31.32 -10.90 -38.89
CA VAL B 24 32.60 -11.57 -38.94
C VAL B 24 32.65 -12.43 -40.17
N MET B 25 33.56 -12.11 -41.05
CA MET B 25 33.70 -12.82 -42.30
C MET B 25 34.97 -13.64 -42.34
N ARG B 26 34.86 -14.89 -42.72
CA ARG B 26 36.02 -15.77 -42.85
C ARG B 26 36.42 -15.76 -44.32
N LEU B 27 37.49 -15.02 -44.59
CA LEU B 27 37.96 -14.72 -45.94
C LEU B 27 39.21 -15.52 -46.31
N ASP B 28 39.12 -16.24 -47.42
CA ASP B 28 40.20 -17.10 -47.93
C ASP B 28 41.03 -16.44 -49.03
N LEU B 29 42.23 -15.98 -48.70
CA LEU B 29 43.03 -15.28 -49.67
C LEU B 29 43.87 -16.26 -50.48
N GLU B 30 43.21 -16.86 -51.47
CA GLU B 30 43.83 -17.88 -52.33
C GLU B 30 45.02 -17.25 -53.07
N ASP B 31 44.82 -16.02 -53.50
CA ASP B 31 45.79 -15.13 -54.13
C ASP B 31 46.05 -14.05 -53.11
N LEU B 32 46.91 -13.10 -53.40
CA LEU B 32 47.12 -11.89 -52.60
C LEU B 32 47.80 -12.09 -51.24
N ALA B 33 47.62 -13.25 -50.60
CA ALA B 33 48.26 -13.60 -49.34
C ALA B 33 49.77 -13.65 -49.51
N GLU B 34 50.19 -13.84 -50.75
CA GLU B 34 51.58 -13.92 -51.16
C GLU B 34 52.06 -12.62 -51.82
N ARG B 35 51.19 -11.60 -51.92
CA ARG B 35 51.48 -10.37 -52.64
C ARG B 35 51.12 -9.10 -51.86
N PRO B 36 51.97 -8.58 -50.97
CA PRO B 36 51.70 -7.46 -50.09
C PRO B 36 51.76 -6.10 -50.78
N SER B 37 50.84 -5.89 -51.73
CA SER B 37 50.63 -4.64 -52.49
C SER B 37 51.72 -4.19 -53.44
N ASN B 38 52.95 -4.19 -52.98
CA ASN B 38 54.10 -3.77 -53.78
C ASN B 38 54.26 -4.70 -54.99
N SER B 39 53.70 -5.88 -54.82
CA SER B 39 53.66 -6.99 -55.75
C SER B 39 52.41 -6.95 -56.64
N ILE B 40 51.59 -5.90 -56.47
CA ILE B 40 50.37 -5.70 -57.22
C ILE B 40 50.39 -4.30 -57.85
N PRO B 41 51.05 -4.10 -59.00
CA PRO B 41 51.23 -2.80 -59.61
C PRO B 41 49.88 -2.14 -59.86
N GLY B 42 49.78 -0.87 -59.54
CA GLY B 42 48.56 -0.09 -59.75
C GLY B 42 47.61 -0.10 -58.54
N PHE B 43 47.88 -0.96 -57.55
CA PHE B 43 47.00 -1.04 -56.40
C PHE B 43 47.30 -0.08 -55.28
N TYR B 44 47.18 1.18 -55.62
CA TYR B 44 47.30 2.30 -54.71
C TYR B 44 46.53 3.40 -55.37
N GLU B 45 46.91 3.67 -56.62
CA GLU B 45 46.27 4.69 -57.43
C GLU B 45 44.86 4.27 -57.79
N GLY B 46 44.64 3.02 -58.15
CA GLY B 46 43.29 2.60 -58.48
C GLY B 46 42.40 2.69 -57.24
N LEU B 47 42.92 2.31 -56.08
CA LEU B 47 42.09 2.32 -54.91
C LEU B 47 41.72 3.74 -54.51
N ILE B 48 42.67 4.66 -54.53
CA ILE B 48 42.36 6.02 -54.15
C ILE B 48 41.48 6.75 -55.17
N LYS B 49 41.55 6.41 -56.46
CA LYS B 49 40.66 7.13 -57.36
C LYS B 49 39.24 6.57 -57.31
N VAL B 50 39.08 5.27 -57.02
CA VAL B 50 37.75 4.68 -56.93
C VAL B 50 37.08 5.14 -55.64
N LEU B 51 37.81 5.10 -54.52
CA LEU B 51 37.28 5.48 -53.23
C LEU B 51 38.14 6.59 -52.57
N PRO B 52 38.10 7.84 -53.05
CA PRO B 52 38.95 8.97 -52.67
C PRO B 52 38.80 9.41 -51.22
N SER B 53 37.71 8.99 -50.59
CA SER B 53 37.42 9.30 -49.22
C SER B 53 38.26 8.49 -48.22
N LEU B 54 38.98 7.46 -48.68
CA LEU B 54 39.75 6.60 -47.78
C LEU B 54 41.05 7.23 -47.29
N VAL B 55 40.93 8.39 -46.66
CA VAL B 55 42.01 9.15 -46.07
C VAL B 55 41.56 9.33 -44.65
N GLU B 56 40.29 9.07 -44.43
CA GLU B 56 39.71 9.28 -43.10
C GLU B 56 39.89 8.05 -42.23
N HIS B 57 40.57 7.06 -42.79
CA HIS B 57 40.85 5.80 -42.16
C HIS B 57 42.24 5.81 -41.56
N PHE B 58 42.26 5.43 -40.30
CA PHE B 58 43.41 5.34 -39.41
C PHE B 58 43.67 3.87 -39.17
N CYS B 59 44.91 3.51 -38.90
CA CYS B 59 45.18 2.12 -38.58
C CYS B 59 46.04 2.12 -37.35
N SER B 60 47.19 1.45 -37.40
CA SER B 60 48.09 1.61 -36.29
C SER B 60 48.56 3.06 -36.22
N PRO B 61 48.93 3.75 -37.34
CA PRO B 61 49.30 5.14 -37.31
C PRO B 61 48.06 5.95 -36.91
N GLY B 62 48.23 6.85 -35.95
CA GLY B 62 47.15 7.70 -35.47
C GLY B 62 47.03 8.97 -36.29
N TYR B 63 46.92 8.82 -37.60
CA TYR B 63 46.93 9.97 -38.50
C TYR B 63 45.85 9.92 -39.55
N GLN B 64 45.44 11.11 -39.98
CA GLN B 64 44.57 11.19 -41.13
C GLN B 64 45.45 10.68 -42.25
N GLY B 65 44.95 9.75 -43.04
CA GLY B 65 45.74 9.16 -44.09
C GLY B 65 46.60 8.01 -43.56
N GLY B 66 46.43 7.63 -42.29
CA GLY B 66 47.23 6.56 -41.68
C GLY B 66 47.06 5.28 -42.46
N PHE B 67 45.85 5.04 -42.97
CA PHE B 67 45.61 3.88 -43.81
C PHE B 67 46.48 3.98 -45.06
N LEU B 68 46.43 5.13 -45.72
CA LEU B 68 47.13 5.38 -46.98
C LEU B 68 48.63 5.53 -46.81
N GLU B 69 49.11 5.64 -45.57
CA GLU B 69 50.55 5.64 -45.32
C GLU B 69 51.07 4.24 -45.61
N ARG B 70 50.17 3.25 -45.59
CA ARG B 70 50.43 1.88 -45.91
C ARG B 70 49.78 1.65 -47.25
N VAL B 71 49.07 0.55 -47.41
CA VAL B 71 48.47 0.12 -48.68
C VAL B 71 49.57 -0.23 -49.68
N LYS B 72 50.48 0.71 -50.03
CA LYS B 72 51.62 0.50 -50.93
C LYS B 72 52.62 -0.48 -50.33
N GLU B 73 52.60 -0.54 -49.00
CA GLU B 73 53.35 -1.48 -48.18
C GLU B 73 52.20 -2.31 -47.68
N GLY B 74 51.98 -3.46 -48.30
CA GLY B 74 50.72 -4.10 -48.06
C GLY B 74 50.52 -4.75 -46.75
N THR B 75 49.25 -5.04 -46.55
CA THR B 75 48.64 -5.66 -45.41
C THR B 75 48.05 -7.01 -45.79
N TYR B 76 48.35 -7.47 -47.01
CA TYR B 76 47.83 -8.73 -47.54
C TYR B 76 46.32 -8.76 -47.52
N MET B 77 45.71 -7.64 -47.89
CA MET B 77 44.28 -7.41 -47.98
C MET B 77 43.55 -7.38 -46.62
N GLY B 78 44.27 -7.46 -45.51
CA GLY B 78 43.63 -7.23 -44.25
C GLY B 78 43.57 -5.75 -44.31
N HIS B 79 42.81 -5.06 -43.50
CA HIS B 79 42.73 -3.61 -43.62
C HIS B 79 42.04 -3.14 -44.91
N ILE B 80 42.46 -3.56 -46.08
CA ILE B 80 41.83 -3.06 -47.25
C ILE B 80 40.41 -3.60 -47.42
N VAL B 81 40.18 -4.90 -47.26
CA VAL B 81 38.78 -5.33 -47.42
C VAL B 81 37.95 -4.73 -46.29
N GLU B 82 38.50 -4.73 -45.09
CA GLU B 82 37.89 -4.17 -43.90
C GLU B 82 37.53 -2.68 -44.04
N HIS B 83 38.46 -1.85 -44.54
CA HIS B 83 38.23 -0.43 -44.66
C HIS B 83 37.30 -0.14 -45.81
N VAL B 84 37.36 -0.94 -46.86
CA VAL B 84 36.45 -0.70 -47.95
C VAL B 84 35.03 -1.01 -47.50
N ALA B 85 34.79 -2.13 -46.79
CA ALA B 85 33.42 -2.41 -46.37
C ALA B 85 32.90 -1.30 -45.46
N LEU B 86 33.76 -0.78 -44.58
CA LEU B 86 33.28 0.30 -43.72
C LEU B 86 32.96 1.57 -44.51
N GLU B 87 33.80 1.90 -45.50
CA GLU B 87 33.57 3.11 -46.27
C GLU B 87 32.35 2.99 -47.17
N LEU B 88 32.09 1.81 -47.73
CA LEU B 88 30.93 1.69 -48.58
C LEU B 88 29.66 1.97 -47.78
N GLN B 89 29.65 1.61 -46.48
CA GLN B 89 28.47 1.91 -45.68
C GLN B 89 28.41 3.42 -45.35
N GLU B 90 29.55 4.06 -45.11
CA GLU B 90 29.57 5.50 -44.80
C GLU B 90 29.08 6.34 -45.99
N LEU B 91 29.41 5.91 -47.19
CA LEU B 91 29.04 6.63 -48.41
C LEU B 91 27.53 6.72 -48.63
N VAL B 92 26.76 5.87 -47.96
CA VAL B 92 25.32 5.89 -48.11
C VAL B 92 24.63 6.32 -46.82
N GLY B 93 25.38 6.90 -45.89
CA GLY B 93 24.83 7.44 -44.66
C GLY B 93 24.77 6.53 -43.43
N MET B 94 25.35 5.34 -43.47
CA MET B 94 25.32 4.48 -42.30
C MET B 94 26.64 4.61 -41.61
N THR B 95 26.64 5.02 -40.35
CA THR B 95 27.91 5.21 -39.70
C THR B 95 28.42 4.07 -38.86
N ALA B 96 29.54 3.49 -39.31
CA ALA B 96 30.17 2.38 -38.58
C ALA B 96 31.68 2.43 -38.85
N GLY B 97 32.52 2.44 -37.81
CA GLY B 97 33.96 2.38 -38.03
C GLY B 97 34.85 1.41 -37.29
N PHE B 98 34.27 0.61 -36.42
CA PHE B 98 35.06 -0.40 -35.76
C PHE B 98 35.39 -1.53 -36.70
N GLY B 99 36.62 -2.01 -36.61
CA GLY B 99 36.98 -3.20 -37.34
C GLY B 99 38.36 -3.73 -36.96
N ARG B 100 38.55 -5.02 -37.22
CA ARG B 100 39.76 -5.78 -36.94
C ARG B 100 40.02 -6.90 -37.93
N THR B 101 41.29 -7.20 -38.19
CA THR B 101 41.62 -8.39 -38.97
C THR B 101 42.63 -9.27 -38.22
N ARG B 102 42.35 -10.57 -38.17
CA ARG B 102 43.24 -11.55 -37.53
C ARG B 102 43.41 -12.81 -38.37
N GLU B 103 44.63 -13.30 -38.51
CA GLU B 103 44.83 -14.52 -39.29
C GLU B 103 44.50 -15.74 -38.45
N THR B 104 43.85 -16.70 -39.08
CA THR B 104 43.49 -17.97 -38.45
C THR B 104 43.87 -19.18 -39.27
N SER B 105 43.58 -20.36 -38.73
CA SER B 105 43.78 -21.62 -39.43
C SER B 105 45.12 -21.74 -40.11
N THR B 106 45.07 -22.21 -41.36
CA THR B 106 46.23 -22.33 -42.19
C THR B 106 46.51 -20.95 -42.76
N PRO B 107 47.70 -20.66 -43.26
CA PRO B 107 48.03 -19.37 -43.81
C PRO B 107 47.07 -19.00 -44.92
N GLY B 108 46.70 -17.73 -44.93
CA GLY B 108 45.79 -17.21 -45.94
C GLY B 108 44.33 -17.09 -45.48
N VAL B 109 43.93 -17.72 -44.38
CA VAL B 109 42.54 -17.54 -43.98
C VAL B 109 42.43 -16.50 -42.87
N TYR B 110 41.63 -15.48 -43.10
CA TYR B 110 41.51 -14.40 -42.14
C TYR B 110 40.12 -14.14 -41.63
N ASN B 111 40.04 -13.70 -40.40
CA ASN B 111 38.79 -13.23 -39.85
C ASN B 111 38.72 -11.74 -39.94
N VAL B 112 37.78 -11.27 -40.75
CA VAL B 112 37.59 -9.86 -41.01
C VAL B 112 36.37 -9.41 -40.25
N VAL B 113 36.55 -8.50 -39.31
CA VAL B 113 35.46 -8.09 -38.47
C VAL B 113 35.14 -6.63 -38.69
N TYR B 114 33.88 -6.33 -39.00
CA TYR B 114 33.51 -4.93 -39.16
C TYR B 114 32.14 -4.65 -38.58
N GLU B 115 31.95 -3.42 -38.19
CA GLU B 115 30.70 -2.90 -37.64
C GLU B 115 29.61 -2.65 -38.68
N TYR B 116 28.35 -2.91 -38.29
CA TYR B 116 27.21 -2.65 -39.17
C TYR B 116 26.11 -1.87 -38.47
N VAL B 117 25.26 -1.23 -39.26
CA VAL B 117 24.09 -0.52 -38.72
C VAL B 117 22.84 -1.36 -39.00
N ASP B 118 22.63 -1.68 -40.27
CA ASP B 118 21.58 -2.57 -40.73
C ASP B 118 22.19 -3.90 -41.10
N GLU B 119 21.58 -4.97 -40.66
CA GLU B 119 22.09 -6.30 -40.88
C GLU B 119 22.28 -6.71 -42.35
N GLN B 120 21.36 -6.36 -43.24
CA GLN B 120 21.51 -6.84 -44.61
C GLN B 120 22.40 -5.92 -45.36
N ALA B 121 22.35 -4.65 -45.02
CA ALA B 121 23.21 -3.69 -45.67
C ALA B 121 24.66 -3.98 -45.31
N GLY B 122 24.90 -4.41 -44.06
CA GLY B 122 26.20 -4.76 -43.57
C GLY B 122 26.78 -5.93 -44.35
N ARG B 123 26.00 -7.01 -44.47
CA ARG B 123 26.53 -8.14 -45.20
C ARG B 123 26.78 -7.81 -46.68
N TYR B 124 25.91 -6.98 -47.27
CA TYR B 124 26.05 -6.58 -48.65
C TYR B 124 27.38 -5.84 -48.86
N ALA B 125 27.69 -4.88 -47.98
CA ALA B 125 28.91 -4.09 -48.09
C ALA B 125 30.13 -4.96 -48.02
N GLY B 126 30.09 -6.02 -47.23
CA GLY B 126 31.21 -6.94 -47.12
C GLY B 126 31.48 -7.60 -48.46
N ARG B 127 30.42 -8.15 -49.07
CA ARG B 127 30.58 -8.83 -50.35
C ARG B 127 31.04 -7.85 -51.43
N ALA B 128 30.48 -6.63 -51.41
CA ALA B 128 30.85 -5.62 -52.38
C ALA B 128 32.31 -5.21 -52.23
N ALA B 129 32.80 -5.11 -50.98
CA ALA B 129 34.19 -4.74 -50.77
C ALA B 129 35.11 -5.77 -51.36
N VAL B 130 34.74 -7.05 -51.26
CA VAL B 130 35.59 -8.09 -51.82
C VAL B 130 35.63 -7.97 -53.34
N ARG B 131 34.50 -7.73 -54.00
CA ARG B 131 34.52 -7.59 -55.47
C ARG B 131 35.33 -6.39 -55.92
N LEU B 132 35.20 -5.26 -55.22
CA LEU B 132 35.91 -4.05 -55.60
C LEU B 132 37.40 -4.27 -55.44
N CYS B 133 37.77 -4.82 -54.30
CA CYS B 133 39.16 -5.05 -53.98
C CYS B 133 39.77 -6.07 -54.91
N ARG B 134 39.04 -7.10 -55.35
CA ARG B 134 39.58 -8.09 -56.29
C ARG B 134 39.68 -7.54 -57.71
N SER B 135 38.81 -6.60 -58.12
CA SER B 135 39.00 -6.02 -59.44
C SER B 135 40.25 -5.17 -59.50
N LEU B 136 40.56 -4.45 -58.43
CA LEU B 136 41.72 -3.58 -58.42
C LEU B 136 43.07 -4.28 -58.27
N VAL B 137 43.09 -5.60 -58.12
CA VAL B 137 44.35 -6.32 -58.02
C VAL B 137 44.50 -7.18 -59.28
N ASP B 138 43.57 -6.98 -60.21
CA ASP B 138 43.51 -7.63 -61.49
C ASP B 138 43.82 -6.55 -62.54
N THR B 139 43.07 -5.45 -62.46
CA THR B 139 43.22 -4.28 -63.31
C THR B 139 43.53 -3.08 -62.42
N GLY B 140 43.66 -1.91 -63.02
CA GLY B 140 44.02 -0.70 -62.26
C GLY B 140 42.87 0.21 -61.87
N ASP B 141 41.64 -0.19 -62.12
CA ASP B 141 40.49 0.66 -61.88
C ASP B 141 39.21 -0.15 -61.61
N TYR B 142 38.12 0.54 -61.38
CA TYR B 142 36.82 -0.09 -61.14
C TYR B 142 35.78 0.81 -61.80
N PRO B 143 34.96 0.32 -62.75
CA PRO B 143 34.05 1.13 -63.50
C PRO B 143 33.06 1.79 -62.58
N ARG B 144 32.79 3.07 -62.81
CA ARG B 144 31.91 3.83 -61.96
C ARG B 144 30.50 3.25 -61.91
N LEU B 145 30.03 2.69 -63.01
CA LEU B 145 28.68 2.15 -63.01
C LEU B 145 28.51 0.99 -62.03
N GLU B 146 29.59 0.25 -61.75
CA GLU B 146 29.52 -0.89 -60.86
C GLU B 146 29.71 -0.45 -59.41
N LEU B 147 29.94 0.85 -59.21
CA LEU B 147 30.08 1.38 -57.87
C LEU B 147 28.76 2.03 -57.52
N GLU B 148 28.19 2.76 -58.49
CA GLU B 148 26.94 3.46 -58.22
C GLU B 148 25.80 2.52 -58.00
N LYS B 149 25.74 1.40 -58.72
CA LYS B 149 24.63 0.50 -58.48
C LYS B 149 24.72 -0.14 -57.10
N ASP B 150 25.93 -0.32 -56.57
CA ASP B 150 26.07 -0.95 -55.27
C ASP B 150 25.67 0.03 -54.20
N LEU B 151 26.00 1.28 -54.40
CA LEU B 151 25.61 2.28 -53.43
C LEU B 151 24.08 2.40 -53.44
N GLU B 152 23.45 2.26 -54.61
CA GLU B 152 21.99 2.30 -54.65
C GLU B 152 21.37 1.12 -53.89
N ASP B 153 21.95 -0.08 -54.00
CA ASP B 153 21.39 -1.20 -53.26
C ASP B 153 21.56 -1.01 -51.76
N LEU B 154 22.68 -0.45 -51.32
CA LEU B 154 22.84 -0.22 -49.89
C LEU B 154 21.82 0.79 -49.39
N ARG B 155 21.54 1.83 -50.17
CA ARG B 155 20.55 2.81 -49.73
C ARG B 155 19.17 2.17 -49.60
N ASP B 156 18.80 1.27 -50.52
CA ASP B 156 17.50 0.66 -50.38
C ASP B 156 17.45 -0.34 -49.23
N LEU B 157 18.50 -1.12 -49.02
CA LEU B 157 18.48 -2.09 -47.94
C LEU B 157 18.33 -1.43 -46.60
N GLY B 158 18.97 -0.28 -46.42
CA GLY B 158 18.89 0.42 -45.16
C GLY B 158 17.62 1.25 -45.02
N ALA B 159 16.80 1.33 -46.06
CA ALA B 159 15.59 2.11 -46.00
C ALA B 159 14.45 1.23 -45.58
N ASN B 160 14.47 0.02 -46.12
CA ASN B 160 13.39 -0.93 -45.91
C ASN B 160 13.25 -1.38 -44.47
N SER B 161 14.34 -1.39 -43.73
CA SER B 161 14.34 -1.83 -42.34
C SER B 161 14.16 -0.70 -41.34
N ALA B 162 14.01 0.53 -41.80
CA ALA B 162 13.90 1.65 -40.90
C ALA B 162 12.59 1.66 -40.11
N LEU B 163 12.66 2.14 -38.88
CA LEU B 163 11.48 2.33 -38.04
C LEU B 163 10.86 3.65 -38.42
N GLY B 164 9.55 3.80 -38.32
CA GLY B 164 9.00 5.10 -38.61
C GLY B 164 9.40 6.05 -37.50
N PRO B 165 9.31 7.38 -37.71
CA PRO B 165 9.72 8.43 -36.80
C PRO B 165 9.00 8.48 -35.46
N SER B 166 7.79 7.93 -35.38
CA SER B 166 7.12 7.95 -34.10
C SER B 166 7.66 6.83 -33.21
N THR B 167 8.24 5.79 -33.83
CA THR B 167 8.75 4.68 -33.06
C THR B 167 10.18 4.99 -32.73
N GLU B 168 10.86 5.74 -33.59
CA GLU B 168 12.22 6.12 -33.31
C GLU B 168 12.25 7.03 -32.09
N THR B 169 11.25 7.89 -31.99
CA THR B 169 11.13 8.82 -30.90
C THR B 169 10.96 8.09 -29.56
N ILE B 170 10.09 7.08 -29.50
CA ILE B 170 9.89 6.36 -28.25
C ILE B 170 11.09 5.51 -27.91
N VAL B 171 11.64 4.82 -28.90
CA VAL B 171 12.79 3.96 -28.67
C VAL B 171 14.01 4.72 -28.19
N THR B 172 14.30 5.88 -28.76
CA THR B 172 15.45 6.66 -28.35
C THR B 172 15.35 7.04 -26.87
N GLU B 173 14.18 7.48 -26.41
CA GLU B 173 14.03 7.82 -25.01
C GLU B 173 14.14 6.56 -24.15
N ALA B 174 13.61 5.43 -24.62
CA ALA B 174 13.69 4.20 -23.85
C ALA B 174 15.13 3.82 -23.61
N GLU B 175 16.01 4.02 -24.61
CA GLU B 175 17.41 3.69 -24.42
C GLU B 175 18.08 4.61 -23.40
N ALA B 176 17.72 5.89 -23.41
CA ALA B 176 18.27 6.85 -22.45
C ALA B 176 17.98 6.46 -21.00
N ARG B 177 16.82 5.84 -20.80
CA ARG B 177 16.31 5.36 -19.52
C ARG B 177 16.68 3.93 -19.16
N LYS B 178 17.50 3.29 -20.00
CA LYS B 178 17.95 1.92 -19.85
C LYS B 178 16.83 0.88 -19.88
N ILE B 179 15.84 1.08 -20.74
CA ILE B 179 14.76 0.11 -20.89
C ILE B 179 15.09 -0.74 -22.12
N PRO B 180 15.25 -2.07 -22.00
CA PRO B 180 15.62 -2.92 -23.09
C PRO B 180 14.50 -3.01 -24.11
N TRP B 181 14.82 -3.18 -25.38
CA TRP B 181 13.76 -3.32 -26.35
C TRP B 181 14.08 -4.34 -27.41
N MET B 182 13.03 -4.91 -27.99
CA MET B 182 13.09 -5.95 -29.01
C MET B 182 12.06 -5.79 -30.10
N LEU B 183 12.35 -6.21 -31.32
CA LEU B 183 11.28 -6.22 -32.31
C LEU B 183 10.60 -7.56 -32.24
N LEU B 184 9.31 -7.58 -32.48
CA LEU B 184 8.56 -8.82 -32.50
C LEU B 184 8.34 -9.29 -33.92
N SER B 185 8.06 -10.57 -34.05
CA SER B 185 7.83 -11.26 -35.31
C SER B 185 6.51 -10.97 -36.04
N ALA B 186 5.59 -10.22 -35.43
CA ALA B 186 4.34 -9.93 -36.12
C ALA B 186 3.87 -8.50 -35.91
N ARG B 187 3.20 -8.00 -36.95
CA ARG B 187 2.48 -6.72 -37.03
C ARG B 187 3.29 -5.48 -36.65
N ALA B 188 4.57 -5.47 -36.94
CA ALA B 188 5.43 -4.34 -36.64
C ALA B 188 5.40 -3.88 -35.19
N MET B 189 5.27 -4.79 -34.24
CA MET B 189 5.26 -4.42 -32.82
C MET B 189 6.64 -4.43 -32.21
N VAL B 190 6.82 -3.59 -31.20
CA VAL B 190 8.05 -3.48 -30.42
C VAL B 190 7.80 -3.77 -28.95
N GLN B 191 8.61 -4.63 -28.36
CA GLN B 191 8.49 -4.96 -26.95
C GLN B 191 9.47 -4.18 -26.11
N LEU B 192 8.98 -3.63 -25.00
CA LEU B 192 9.81 -2.86 -24.07
C LEU B 192 9.82 -3.54 -22.71
N GLY B 193 10.99 -3.87 -22.20
CA GLY B 193 11.09 -4.55 -20.89
C GLY B 193 11.07 -6.08 -20.97
N TYR B 194 11.44 -6.76 -19.88
CA TYR B 194 11.51 -8.23 -19.80
C TYR B 194 10.50 -8.89 -18.88
N GLY B 195 10.11 -10.12 -19.23
CA GLY B 195 9.27 -10.98 -18.39
C GLY B 195 7.95 -10.35 -18.07
N VAL B 196 7.60 -10.40 -16.79
CA VAL B 196 6.36 -9.82 -16.28
C VAL B 196 6.25 -8.30 -16.37
N TYR B 197 7.32 -7.59 -16.74
CA TYR B 197 7.22 -6.16 -16.83
C TYR B 197 7.14 -5.65 -18.25
N GLN B 198 7.02 -6.54 -19.20
CA GLN B 198 6.98 -6.13 -20.57
C GLN B 198 5.75 -5.36 -20.98
N GLN B 199 5.95 -4.42 -21.90
CA GLN B 199 4.92 -3.62 -22.54
C GLN B 199 5.11 -3.72 -24.04
N ARG B 200 4.06 -3.49 -24.80
CA ARG B 200 4.20 -3.47 -26.25
C ARG B 200 3.69 -2.17 -26.82
N ILE B 201 4.35 -1.72 -27.89
CA ILE B 201 3.90 -0.56 -28.62
C ILE B 201 3.87 -0.85 -30.12
N GLN B 202 3.11 -0.04 -30.82
CA GLN B 202 3.09 -0.07 -32.27
C GLN B 202 2.87 1.35 -32.70
N ALA B 203 3.85 1.98 -33.30
CA ALA B 203 3.70 3.38 -33.62
C ALA B 203 3.25 4.15 -32.38
N THR B 204 2.06 4.75 -32.44
CA THR B 204 1.48 5.56 -31.41
C THR B 204 0.37 4.90 -30.58
N LEU B 205 0.19 3.59 -30.77
CA LEU B 205 -0.74 2.76 -29.99
C LEU B 205 0.07 1.97 -28.99
N SER B 206 -0.50 1.68 -27.85
CA SER B 206 0.22 0.90 -26.87
C SER B 206 -0.67 -0.09 -26.20
N SER B 207 -0.08 -0.88 -25.32
CA SER B 207 -0.76 -1.88 -24.52
C SER B 207 -1.82 -1.29 -23.57
N HIS B 208 -1.79 0.04 -23.36
CA HIS B 208 -2.76 0.75 -22.53
C HIS B 208 -3.90 1.38 -23.32
N SER B 209 -3.91 1.24 -24.63
CA SER B 209 -4.94 1.84 -25.44
C SER B 209 -6.05 0.83 -25.64
N GLY B 210 -7.25 1.17 -25.17
CA GLY B 210 -8.39 0.29 -25.21
C GLY B 210 -9.06 0.31 -26.54
N ILE B 211 -9.70 -0.79 -26.88
CA ILE B 211 -10.40 -0.87 -28.15
C ILE B 211 -11.68 -0.08 -28.21
N LEU B 212 -12.42 0.01 -27.11
CA LEU B 212 -13.69 0.71 -27.20
C LEU B 212 -13.44 2.18 -27.47
N GLY B 213 -12.40 2.74 -26.84
CA GLY B 213 -12.00 4.12 -26.99
C GLY B 213 -11.53 4.42 -28.39
N VAL B 214 -10.68 3.56 -28.94
CA VAL B 214 -10.15 3.78 -30.27
C VAL B 214 -11.26 3.69 -31.30
N GLU B 215 -12.15 2.71 -31.20
CA GLU B 215 -13.23 2.65 -32.18
C GLU B 215 -14.17 3.83 -32.08
N LEU B 216 -14.49 4.32 -30.88
CA LEU B 216 -15.39 5.45 -30.76
C LEU B 216 -14.79 6.66 -31.40
N ALA B 217 -13.49 6.87 -31.23
CA ALA B 217 -12.78 8.02 -31.78
C ALA B 217 -12.79 8.02 -33.32
N CYS B 218 -13.07 6.89 -33.96
CA CYS B 218 -13.03 6.83 -35.40
C CYS B 218 -14.41 7.02 -36.02
N ASP B 219 -15.42 7.12 -35.15
CA ASP B 219 -16.82 7.26 -35.49
C ASP B 219 -17.22 8.71 -35.30
N LYS B 220 -17.29 9.49 -36.36
CA LYS B 220 -17.53 10.93 -36.20
C LYS B 220 -18.89 11.27 -35.61
N GLU B 221 -19.93 10.55 -35.98
CA GLU B 221 -21.25 10.81 -35.45
C GLU B 221 -21.32 10.40 -33.99
N GLY B 222 -20.69 9.27 -33.67
CA GLY B 222 -20.65 8.73 -32.33
C GLY B 222 -19.90 9.67 -31.41
N THR B 223 -18.77 10.19 -31.88
CA THR B 223 -17.96 11.08 -31.09
C THR B 223 -18.71 12.35 -30.78
N LYS B 224 -19.37 12.93 -31.77
CA LYS B 224 -20.10 14.15 -31.55
C LYS B 224 -21.22 13.95 -30.54
N THR B 225 -21.94 12.84 -30.64
CA THR B 225 -23.03 12.56 -29.74
C THR B 225 -22.55 12.42 -28.30
N ILE B 226 -21.47 11.68 -28.08
CA ILE B 226 -20.95 11.50 -26.75
C ILE B 226 -20.45 12.80 -26.16
N LEU B 227 -19.76 13.63 -26.95
CA LEU B 227 -19.28 14.87 -26.39
C LEU B 227 -20.36 15.90 -26.13
N GLN B 228 -21.37 16.01 -26.98
CA GLN B 228 -22.36 17.04 -26.68
C GLN B 228 -23.22 16.65 -25.48
N ASP B 229 -23.31 15.37 -25.17
CA ASP B 229 -24.05 14.89 -24.00
C ASP B 229 -23.25 15.07 -22.70
N ALA B 230 -22.01 15.56 -22.82
CA ALA B 230 -21.14 15.82 -21.71
C ALA B 230 -20.97 17.33 -21.50
N GLY B 231 -21.67 18.15 -22.29
CA GLY B 231 -21.54 19.59 -22.19
C GLY B 231 -20.29 20.17 -22.87
N ILE B 232 -19.73 19.50 -23.88
CA ILE B 232 -18.54 19.94 -24.57
C ILE B 232 -18.91 20.60 -25.92
N PRO B 233 -18.41 21.83 -26.26
CA PRO B 233 -18.73 22.53 -27.50
C PRO B 233 -18.21 21.86 -28.76
N VAL B 234 -19.13 21.59 -29.68
CA VAL B 234 -18.86 20.93 -30.95
C VAL B 234 -19.60 21.72 -32.02
N PRO B 235 -19.28 21.59 -33.32
CA PRO B 235 -19.97 22.24 -34.41
C PRO B 235 -21.43 21.83 -34.56
N ARG B 236 -22.26 22.76 -34.97
CA ARG B 236 -23.67 22.52 -35.28
C ARG B 236 -23.82 21.97 -36.71
N GLY B 237 -24.61 20.91 -36.92
CA GLY B 237 -24.73 20.36 -38.28
C GLY B 237 -25.77 19.25 -38.42
N THR B 238 -25.88 18.67 -39.62
CA THR B 238 -26.89 17.67 -39.94
C THR B 238 -26.50 16.55 -40.94
N THR B 239 -27.53 15.85 -41.46
CA THR B 239 -27.34 14.73 -42.40
C THR B 239 -28.26 14.82 -43.64
N ILE B 240 -27.66 14.55 -44.81
CA ILE B 240 -28.38 14.44 -46.08
C ILE B 240 -27.94 13.18 -46.81
N GLN B 241 -28.79 12.17 -47.05
CA GLN B 241 -28.22 10.98 -47.73
C GLN B 241 -28.26 11.06 -49.25
N TYR B 242 -27.48 11.99 -49.76
CA TYR B 242 -27.33 12.33 -51.16
C TYR B 242 -28.62 12.62 -51.93
N PHE B 243 -29.44 13.44 -51.31
CA PHE B 243 -30.66 13.99 -51.89
C PHE B 243 -30.39 15.46 -52.01
N ASP B 244 -31.00 16.15 -52.96
CA ASP B 244 -30.69 17.57 -53.02
C ASP B 244 -31.52 18.36 -52.02
N ASP B 245 -31.14 18.20 -50.75
CA ASP B 245 -31.75 18.81 -49.58
C ASP B 245 -30.79 19.83 -48.95
N LEU B 246 -29.81 20.29 -49.72
CA LEU B 246 -28.78 21.18 -49.17
C LEU B 246 -29.40 22.47 -48.71
N GLU B 247 -30.36 22.92 -49.49
CA GLU B 247 -31.09 24.14 -49.25
C GLU B 247 -31.98 24.06 -48.03
N GLU B 248 -32.30 22.85 -47.59
CA GLU B 248 -33.14 22.72 -46.42
C GLU B 248 -32.25 22.66 -45.20
N ALA B 249 -31.12 21.96 -45.32
CA ALA B 249 -30.22 21.78 -44.21
C ALA B 249 -29.72 23.10 -43.65
N ILE B 250 -29.49 24.07 -44.53
CA ILE B 250 -28.98 25.35 -44.05
C ILE B 250 -30.00 26.06 -43.14
N ASN B 251 -31.26 25.64 -43.16
CA ASN B 251 -32.27 26.26 -42.32
C ASN B 251 -32.07 25.88 -40.85
N ASP B 252 -31.49 24.71 -40.59
CA ASP B 252 -31.30 24.28 -39.22
C ASP B 252 -29.94 24.69 -38.72
N VAL B 253 -28.99 24.74 -39.65
CA VAL B 253 -27.61 25.02 -39.37
C VAL B 253 -27.29 26.50 -39.15
N GLY B 254 -27.87 27.40 -39.96
CA GLY B 254 -27.59 28.82 -39.79
C GLY B 254 -27.27 29.61 -41.07
N GLY B 255 -27.80 29.18 -42.20
CA GLY B 255 -27.59 29.89 -43.44
C GLY B 255 -26.44 29.34 -44.27
N TYR B 256 -25.93 30.18 -45.17
CA TYR B 256 -24.93 29.77 -46.15
C TYR B 256 -23.48 29.50 -45.76
N PRO B 257 -22.86 30.09 -44.70
CA PRO B 257 -21.45 29.90 -44.38
C PRO B 257 -21.27 28.54 -43.76
N VAL B 258 -21.25 27.52 -44.60
CA VAL B 258 -21.23 26.13 -44.16
C VAL B 258 -20.12 25.26 -44.72
N VAL B 259 -19.94 24.12 -44.08
CA VAL B 259 -18.95 23.13 -44.49
C VAL B 259 -19.61 21.87 -45.05
N ILE B 260 -19.20 21.47 -46.25
CA ILE B 260 -19.72 20.26 -46.88
C ILE B 260 -18.62 19.22 -47.07
N LYS B 261 -18.87 18.05 -46.50
CA LYS B 261 -17.95 16.93 -46.48
C LYS B 261 -18.55 15.69 -47.11
N PRO B 262 -17.72 14.73 -47.58
CA PRO B 262 -18.15 13.46 -48.09
C PRO B 262 -18.78 12.88 -46.92
N LEU B 263 -19.80 12.11 -47.09
CA LEU B 263 -20.35 11.61 -45.88
C LEU B 263 -19.40 10.65 -45.16
N ASP B 264 -18.68 9.82 -45.90
CA ASP B 264 -17.76 8.90 -45.21
C ASP B 264 -16.38 9.52 -45.02
N GLY B 265 -15.50 8.76 -44.39
CA GLY B 265 -14.12 9.20 -44.17
C GLY B 265 -13.11 8.53 -45.08
N ASN B 266 -12.71 9.21 -46.14
CA ASN B 266 -11.73 8.65 -47.06
C ASN B 266 -10.67 9.68 -47.41
N HIS B 267 -9.84 9.99 -46.42
CA HIS B 267 -8.83 11.03 -46.53
C HIS B 267 -9.47 12.39 -46.74
N GLY B 268 -8.67 13.42 -46.92
CA GLY B 268 -9.19 14.78 -47.09
C GLY B 268 -9.69 15.00 -48.51
N ARG B 269 -10.79 14.34 -48.85
CA ARG B 269 -11.26 14.39 -50.23
C ARG B 269 -12.72 14.76 -50.38
N GLY B 270 -12.99 15.66 -51.32
CA GLY B 270 -14.36 16.09 -51.62
C GLY B 270 -14.90 17.08 -50.59
N ILE B 271 -14.01 17.86 -49.97
CA ILE B 271 -14.40 18.78 -48.92
C ILE B 271 -14.30 20.25 -49.26
N THR B 272 -15.39 20.97 -49.05
CA THR B 272 -15.39 22.42 -49.19
C THR B 272 -15.59 23.03 -47.83
N ILE B 273 -14.62 23.83 -47.39
CA ILE B 273 -14.68 24.42 -46.07
C ILE B 273 -15.56 25.65 -45.97
N ASN B 274 -15.51 26.56 -46.90
CA ASN B 274 -16.35 27.71 -46.71
C ASN B 274 -17.23 27.94 -47.92
N VAL B 275 -18.45 27.42 -47.83
CA VAL B 275 -19.44 27.53 -48.87
C VAL B 275 -20.14 28.85 -48.66
N ARG B 276 -20.21 29.65 -49.69
CA ARG B 276 -20.83 30.95 -49.62
C ARG B 276 -22.12 31.04 -50.45
N HIS B 277 -22.25 30.19 -51.48
CA HIS B 277 -23.40 30.26 -52.39
C HIS B 277 -24.07 28.90 -52.69
N TRP B 278 -25.32 28.95 -53.12
CA TRP B 278 -26.08 27.72 -53.41
C TRP B 278 -25.39 26.82 -54.43
N GLN B 279 -24.88 27.40 -55.51
CA GLN B 279 -24.24 26.62 -56.55
C GLN B 279 -22.92 26.02 -56.09
N GLU B 280 -22.33 26.58 -55.04
CA GLU B 280 -21.08 26.07 -54.54
C GLU B 280 -21.40 24.86 -53.74
N ALA B 281 -22.55 24.91 -53.05
CA ALA B 281 -22.98 23.78 -52.26
C ALA B 281 -23.20 22.61 -53.17
N ILE B 282 -23.72 22.87 -54.37
CA ILE B 282 -23.95 21.80 -55.30
C ILE B 282 -22.63 21.26 -55.80
N ALA B 283 -21.67 22.10 -56.14
CA ALA B 283 -20.42 21.53 -56.59
C ALA B 283 -19.77 20.70 -55.48
N ALA B 284 -19.86 21.18 -54.22
CA ALA B 284 -19.28 20.46 -53.10
C ALA B 284 -19.96 19.13 -52.93
N TYR B 285 -21.28 19.15 -53.10
CA TYR B 285 -22.15 18.00 -53.02
C TYR B 285 -21.77 16.96 -54.05
N ASP B 286 -21.57 17.38 -55.29
CA ASP B 286 -21.21 16.45 -56.34
C ASP B 286 -19.90 15.73 -56.01
N LEU B 287 -18.97 16.40 -55.32
CA LEU B 287 -17.74 15.70 -54.93
C LEU B 287 -18.00 14.86 -53.68
N ALA B 288 -18.82 15.36 -52.77
CA ALA B 288 -19.12 14.64 -51.52
C ALA B 288 -19.74 13.29 -51.87
N ALA B 289 -20.54 13.29 -52.93
CA ALA B 289 -21.34 12.20 -53.47
C ALA B 289 -20.49 11.01 -53.89
N GLU B 290 -19.19 11.21 -54.05
CA GLU B 290 -18.30 10.13 -54.42
C GLU B 290 -18.19 9.05 -53.33
N GLU B 291 -18.34 9.41 -52.04
CA GLU B 291 -18.16 8.42 -50.96
C GLU B 291 -19.50 7.87 -50.43
N SER B 292 -19.47 6.89 -49.52
CA SER B 292 -20.70 6.28 -48.95
C SER B 292 -21.60 7.26 -48.19
N ILE B 297 -22.47 14.23 -41.52
CA ILE B 297 -21.53 15.39 -41.45
C ILE B 297 -21.49 15.99 -42.86
N ILE B 298 -22.55 16.69 -43.27
CA ILE B 298 -22.61 17.19 -44.68
C ILE B 298 -22.91 18.69 -44.76
N VAL B 299 -23.47 19.31 -43.72
CA VAL B 299 -23.70 20.78 -43.73
C VAL B 299 -23.41 21.20 -42.29
N GLU B 300 -22.29 21.89 -42.03
CA GLU B 300 -21.98 22.16 -40.65
C GLU B 300 -21.82 23.63 -40.65
N ARG B 301 -22.08 24.27 -39.56
CA ARG B 301 -21.81 25.68 -39.52
C ARG B 301 -20.30 25.87 -39.62
N TYR B 302 -19.87 26.88 -40.36
CA TYR B 302 -18.47 27.24 -40.46
C TYR B 302 -18.08 28.15 -39.30
N TYR B 303 -17.00 27.84 -38.62
CA TYR B 303 -16.50 28.65 -37.53
C TYR B 303 -15.18 29.27 -37.93
N GLU B 304 -14.92 30.49 -37.50
CA GLU B 304 -13.65 31.12 -37.85
C GLU B 304 -12.60 30.92 -36.78
N GLY B 305 -11.35 30.83 -37.21
CA GLY B 305 -10.24 30.69 -36.28
C GLY B 305 -9.12 29.88 -36.88
N SER B 306 -8.09 29.62 -36.09
CA SER B 306 -6.92 28.87 -36.53
C SER B 306 -7.11 27.44 -36.13
N ASP B 307 -6.38 26.55 -36.79
CA ASP B 307 -6.41 25.14 -36.51
C ASP B 307 -5.34 24.72 -35.50
N HIS B 308 -5.72 24.40 -34.27
CA HIS B 308 -4.79 24.05 -33.22
C HIS B 308 -4.83 22.58 -32.87
N ARG B 309 -3.67 21.99 -32.67
CA ARG B 309 -3.59 20.59 -32.24
C ARG B 309 -3.11 20.46 -30.83
N VAL B 310 -3.89 19.77 -30.02
CA VAL B 310 -3.56 19.56 -28.63
C VAL B 310 -3.25 18.11 -28.34
N LEU B 311 -2.09 17.84 -27.76
CA LEU B 311 -1.68 16.48 -27.42
C LEU B 311 -1.83 16.20 -25.93
N VAL B 312 -2.61 15.18 -25.61
CA VAL B 312 -2.89 14.74 -24.23
C VAL B 312 -2.39 13.29 -24.12
N VAL B 313 -1.59 12.97 -23.08
CA VAL B 313 -1.05 11.60 -22.95
C VAL B 313 -1.62 10.69 -21.89
N ASN B 314 -1.82 11.14 -20.68
CA ASN B 314 -2.37 10.22 -19.70
C ASN B 314 -3.42 10.95 -18.91
N GLY B 315 -4.33 11.60 -19.62
CA GLY B 315 -5.33 12.43 -18.98
C GLY B 315 -4.72 13.74 -18.55
N LYS B 316 -3.57 14.05 -19.13
CA LYS B 316 -2.78 15.22 -18.84
C LYS B 316 -2.18 15.84 -20.10
N LEU B 317 -2.30 17.15 -20.24
CA LEU B 317 -1.78 17.88 -21.40
C LEU B 317 -0.25 17.90 -21.54
N VAL B 318 0.23 17.57 -22.74
CA VAL B 318 1.65 17.57 -23.06
C VAL B 318 2.10 18.70 -23.98
N ALA B 319 1.39 18.92 -25.09
CA ALA B 319 1.84 19.95 -26.03
C ALA B 319 0.73 20.57 -26.86
N VAL B 320 0.90 21.83 -27.29
CA VAL B 320 -0.05 22.49 -28.18
C VAL B 320 0.65 23.15 -29.36
N ALA B 321 0.16 22.94 -30.58
CA ALA B 321 0.78 23.63 -31.72
C ALA B 321 -0.25 24.12 -32.70
N GLU B 322 0.02 25.30 -33.26
CA GLU B 322 -0.84 25.93 -34.25
C GLU B 322 -0.42 25.62 -35.65
N ARG B 323 -1.34 25.13 -36.46
CA ARG B 323 -1.00 24.75 -37.82
C ARG B 323 -1.57 25.68 -38.86
N ILE B 324 -0.71 26.06 -39.81
CA ILE B 324 -1.03 26.96 -40.91
C ILE B 324 -0.67 26.31 -42.26
N PRO B 325 -1.55 26.32 -43.29
CA PRO B 325 -1.32 25.78 -44.61
C PRO B 325 -0.31 26.56 -45.40
N ALA B 326 0.28 25.91 -46.41
CA ALA B 326 1.28 26.55 -47.26
C ALA B 326 0.75 27.83 -47.84
N HIS B 327 1.57 28.87 -47.79
CA HIS B 327 1.16 30.18 -48.25
C HIS B 327 2.31 31.07 -48.62
N VAL B 328 1.99 32.14 -49.34
CA VAL B 328 2.94 33.18 -49.67
C VAL B 328 2.34 34.53 -49.30
N THR B 329 3.18 35.53 -49.10
CA THR B 329 2.66 36.85 -48.77
C THR B 329 3.20 37.95 -49.64
N GLY B 330 2.54 39.10 -49.58
CA GLY B 330 2.89 40.31 -50.30
C GLY B 330 4.16 40.97 -49.77
N ASP B 331 5.27 40.26 -49.95
CA ASP B 331 6.60 40.66 -49.55
C ASP B 331 7.16 41.51 -50.68
N GLY B 332 6.57 42.69 -50.80
CA GLY B 332 6.88 43.62 -51.88
C GLY B 332 5.94 43.36 -53.04
N SER B 333 5.99 44.21 -54.06
CA SER B 333 5.08 44.10 -55.21
C SER B 333 5.54 43.07 -56.24
N SER B 334 5.55 41.82 -55.83
CA SER B 334 5.98 40.67 -56.62
C SER B 334 4.79 39.80 -56.95
N THR B 335 4.93 38.94 -57.96
CA THR B 335 3.82 38.05 -58.32
C THR B 335 3.82 36.80 -57.48
N ILE B 336 2.74 36.05 -57.52
CA ILE B 336 2.71 34.81 -56.77
C ILE B 336 3.74 33.80 -57.28
N SER B 337 3.89 33.60 -58.58
CA SER B 337 4.90 32.63 -58.98
C SER B 337 6.31 33.07 -58.53
N GLU B 338 6.55 34.39 -58.46
CA GLU B 338 7.85 34.89 -57.99
C GLU B 338 8.01 34.66 -56.50
N LEU B 339 6.95 34.89 -55.73
CA LEU B 339 6.98 34.71 -54.28
C LEU B 339 7.20 33.25 -53.93
N ILE B 340 6.62 32.34 -54.70
CA ILE B 340 6.82 30.94 -54.41
C ILE B 340 8.27 30.62 -54.65
N GLU B 341 8.86 31.06 -55.75
CA GLU B 341 10.25 30.72 -55.95
C GLU B 341 11.15 31.35 -54.90
N LYS B 342 10.82 32.56 -54.44
CA LYS B 342 11.61 33.24 -53.43
C LYS B 342 11.64 32.48 -52.10
N THR B 343 10.50 31.98 -51.63
CA THR B 343 10.45 31.31 -50.34
C THR B 343 10.74 29.81 -50.40
N ASN B 344 10.63 29.21 -51.58
CA ASN B 344 10.83 27.77 -51.70
C ASN B 344 12.32 27.43 -51.74
N GLN B 345 13.16 28.46 -51.66
CA GLN B 345 14.61 28.33 -51.61
C GLN B 345 15.14 28.35 -50.18
N ASP B 346 14.25 28.53 -49.21
CA ASP B 346 14.61 28.57 -47.80
C ASP B 346 15.33 27.27 -47.42
N PRO B 347 16.52 27.31 -46.78
CA PRO B 347 17.35 26.17 -46.44
C PRO B 347 16.71 25.19 -45.48
N ASN B 348 15.59 25.57 -44.86
CA ASN B 348 14.94 24.67 -43.92
C ASN B 348 13.88 23.84 -44.61
N ARG B 349 13.77 23.99 -45.95
CA ARG B 349 12.80 23.26 -46.76
C ARG B 349 13.44 22.21 -47.66
N GLY B 350 12.88 21.02 -47.62
CA GLY B 350 13.35 19.92 -48.46
C GLY B 350 12.50 18.67 -48.34
N ASP B 351 12.94 17.59 -48.96
CA ASP B 351 12.16 16.35 -48.99
C ASP B 351 12.19 15.54 -47.68
N GLY B 352 11.20 14.68 -47.54
CA GLY B 352 11.11 13.71 -46.47
C GLY B 352 11.09 14.30 -45.08
N HIS B 353 12.04 13.81 -44.29
CA HIS B 353 12.28 14.18 -42.91
C HIS B 353 13.72 14.64 -42.75
N ASP B 354 14.30 15.19 -43.81
CA ASP B 354 15.69 15.66 -43.76
C ASP B 354 15.75 17.15 -43.50
N ASN B 355 14.58 17.72 -43.26
CA ASN B 355 14.38 19.13 -43.09
C ASN B 355 13.27 19.37 -42.10
N ILE B 356 12.95 20.63 -41.82
CA ILE B 356 11.85 20.91 -40.90
C ILE B 356 10.58 21.07 -41.70
N LEU B 357 10.70 21.83 -42.77
CA LEU B 357 9.66 22.19 -43.70
C LEU B 357 9.86 21.49 -45.02
N THR B 358 8.85 21.48 -45.87
CA THR B 358 9.08 20.92 -47.19
C THR B 358 8.75 21.93 -48.26
N LYS B 359 8.88 21.49 -49.49
CA LYS B 359 8.69 22.32 -50.66
C LYS B 359 7.23 22.59 -51.01
N ILE B 360 7.00 23.77 -51.54
CA ILE B 360 5.72 24.18 -52.05
C ILE B 360 5.58 23.75 -53.48
N VAL B 361 4.53 23.02 -53.77
CA VAL B 361 4.31 22.51 -55.11
C VAL B 361 3.06 23.08 -55.73
N VAL B 362 3.24 23.68 -56.90
CA VAL B 362 2.12 24.21 -57.64
C VAL B 362 1.59 23.11 -58.53
N ASN B 363 0.31 22.88 -58.40
CA ASN B 363 -0.44 21.85 -59.07
C ASN B 363 -1.84 22.38 -59.31
N LYS B 364 -2.69 21.59 -59.93
CA LYS B 364 -4.06 22.01 -60.21
C LYS B 364 -4.85 22.36 -58.96
N THR B 365 -4.44 21.80 -57.81
CA THR B 365 -5.12 22.04 -56.57
C THR B 365 -4.70 23.38 -55.98
N ALA B 366 -3.50 23.88 -56.34
CA ALA B 366 -3.06 25.17 -55.87
C ALA B 366 -3.78 26.20 -56.65
N ILE B 367 -4.04 25.86 -57.91
CA ILE B 367 -4.70 26.81 -58.79
C ILE B 367 -6.14 26.94 -58.33
N ASP B 368 -6.78 25.83 -58.01
CA ASP B 368 -8.16 25.87 -57.56
C ASP B 368 -8.30 26.65 -56.24
N VAL B 369 -7.35 26.47 -55.31
CA VAL B 369 -7.40 27.20 -54.05
C VAL B 369 -7.20 28.69 -54.30
N MET B 370 -6.26 29.07 -55.17
CA MET B 370 -6.05 30.48 -55.46
C MET B 370 -7.23 31.12 -56.20
N GLU B 371 -7.91 30.38 -57.08
CA GLU B 371 -9.03 30.99 -57.80
C GLU B 371 -10.13 31.44 -56.86
N ARG B 372 -10.38 30.68 -55.80
CA ARG B 372 -11.43 31.04 -54.83
C ARG B 372 -11.12 32.31 -54.04
N GLN B 373 -9.84 32.71 -54.04
CA GLN B 373 -9.36 33.88 -53.33
C GLN B 373 -9.26 35.08 -54.27
N GLY B 374 -9.52 34.86 -55.57
CA GLY B 374 -9.38 35.90 -56.58
C GLY B 374 -7.96 36.11 -57.11
N TYR B 375 -7.08 35.10 -57.02
CA TYR B 375 -5.70 35.24 -57.48
C TYR B 375 -5.24 34.12 -58.38
N ASN B 376 -4.18 34.38 -59.15
CA ASN B 376 -3.53 33.36 -59.96
C ASN B 376 -2.02 33.63 -59.94
N LEU B 377 -1.24 32.79 -60.61
CA LEU B 377 0.22 32.87 -60.56
C LEU B 377 0.86 34.18 -61.00
N ASP B 378 0.26 34.91 -61.93
CA ASP B 378 0.88 36.14 -62.36
C ASP B 378 0.35 37.37 -61.63
N SER B 379 -0.52 37.15 -60.64
CA SER B 379 -1.09 38.25 -59.89
C SER B 379 -0.06 38.84 -58.97
N VAL B 380 -0.11 40.16 -58.78
CA VAL B 380 0.76 40.85 -57.84
C VAL B 380 0.02 41.10 -56.56
N LEU B 381 0.63 40.74 -55.43
CA LEU B 381 -0.10 40.93 -54.19
C LEU B 381 0.15 42.31 -53.58
N PRO B 382 -0.85 42.92 -52.93
CA PRO B 382 -0.75 44.11 -52.11
C PRO B 382 0.17 43.81 -50.96
N LYS B 383 0.88 44.80 -50.46
CA LYS B 383 1.78 44.53 -49.35
C LYS B 383 1.06 43.87 -48.19
N ASP B 384 1.69 42.79 -47.72
CA ASP B 384 1.30 41.93 -46.60
C ASP B 384 0.01 41.12 -46.78
N GLU B 385 -0.48 41.04 -48.01
CA GLU B 385 -1.62 40.19 -48.36
C GLU B 385 -1.17 38.74 -48.29
N VAL B 386 -2.00 37.85 -47.78
CA VAL B 386 -1.62 36.43 -47.77
C VAL B 386 -2.51 35.59 -48.64
N VAL B 387 -1.87 34.76 -49.44
CA VAL B 387 -2.54 33.83 -50.32
C VAL B 387 -2.19 32.41 -49.97
N TYR B 388 -3.22 31.60 -49.80
CA TYR B 388 -3.03 30.22 -49.44
C TYR B 388 -2.96 29.36 -50.66
N LEU B 389 -2.08 28.38 -50.64
CA LEU B 389 -1.92 27.47 -51.77
C LEU B 389 -2.55 26.10 -51.54
N ARG B 390 -3.07 25.89 -50.32
CA ARG B 390 -3.68 24.65 -49.88
C ARG B 390 -4.87 24.91 -48.98
N ALA B 391 -5.86 24.03 -49.05
CA ALA B 391 -7.04 24.12 -48.21
C ALA B 391 -6.82 23.81 -46.73
N THR B 392 -5.92 22.88 -46.42
CA THR B 392 -5.70 22.48 -45.03
C THR B 392 -4.23 22.50 -44.67
N ALA B 393 -3.95 22.58 -43.37
CA ALA B 393 -2.57 22.58 -42.91
C ALA B 393 -1.96 21.21 -42.81
N ASN B 394 -0.68 21.13 -43.17
CA ASN B 394 0.08 19.91 -43.03
C ASN B 394 1.55 20.22 -43.27
N LEU B 395 2.43 19.80 -42.38
CA LEU B 395 3.85 20.05 -42.58
C LEU B 395 4.37 19.36 -43.84
N SER B 396 3.80 18.21 -44.18
CA SER B 396 4.24 17.43 -45.32
C SER B 396 3.87 18.06 -46.66
N THR B 397 3.03 19.10 -46.66
CA THR B 397 2.63 19.74 -47.89
C THR B 397 3.21 21.16 -47.95
N GLY B 398 4.09 21.51 -47.01
CA GLY B 398 4.70 22.81 -47.04
C GLY B 398 4.16 23.84 -46.06
N GLY B 399 3.31 23.44 -45.11
CA GLY B 399 2.77 24.37 -44.14
C GLY B 399 3.74 24.53 -42.98
N ILE B 400 3.29 25.20 -41.93
CA ILE B 400 4.13 25.45 -40.76
C ILE B 400 3.45 25.05 -39.47
N ALA B 401 4.23 24.91 -38.39
CA ALA B 401 3.69 24.58 -37.08
C ALA B 401 4.39 25.40 -36.02
N ILE B 402 3.59 26.07 -35.21
CA ILE B 402 4.09 26.96 -34.18
C ILE B 402 3.78 26.47 -32.78
N ASP B 403 4.79 26.30 -31.94
CA ASP B 403 4.53 25.87 -30.57
C ASP B 403 3.84 26.94 -29.76
N ARG B 404 2.69 26.61 -29.17
CA ARG B 404 1.89 27.54 -28.37
C ARG B 404 1.60 26.89 -27.03
N THR B 405 2.48 26.03 -26.56
CA THR B 405 2.20 25.24 -25.36
C THR B 405 2.06 26.06 -24.12
N ASP B 406 2.82 27.13 -24.01
CA ASP B 406 2.81 27.93 -22.80
C ASP B 406 1.78 29.06 -22.83
N ASP B 407 1.00 29.17 -23.91
CA ASP B 407 0.02 30.25 -24.05
C ASP B 407 -1.42 29.81 -23.85
N ILE B 408 -1.64 28.57 -23.43
CA ILE B 408 -3.00 28.05 -23.30
C ILE B 408 -3.59 28.34 -21.93
N HIS B 409 -4.80 28.88 -21.94
CA HIS B 409 -5.54 29.26 -20.75
C HIS B 409 -5.90 28.05 -19.86
N PRO B 410 -5.78 28.12 -18.51
CA PRO B 410 -6.12 27.08 -17.56
C PRO B 410 -7.50 26.43 -17.73
N GLU B 411 -8.48 27.18 -18.21
CA GLU B 411 -9.78 26.56 -18.39
C GLU B 411 -9.77 25.69 -19.61
N ASN B 412 -9.00 26.08 -20.62
CA ASN B 412 -8.95 25.32 -21.84
C ASN B 412 -8.15 24.07 -21.56
N ILE B 413 -7.20 24.13 -20.64
CA ILE B 413 -6.44 22.94 -20.32
C ILE B 413 -7.37 21.93 -19.70
N TRP B 414 -8.20 22.39 -18.76
CA TRP B 414 -9.16 21.53 -18.09
C TRP B 414 -10.12 20.87 -19.07
N LEU B 415 -10.65 21.64 -20.00
CA LEU B 415 -11.57 21.07 -20.96
C LEU B 415 -10.92 20.02 -21.85
N MET B 416 -9.71 20.25 -22.32
CA MET B 416 -9.07 19.27 -23.21
C MET B 416 -8.82 17.95 -22.51
N GLU B 417 -8.45 18.00 -21.26
CA GLU B 417 -8.20 16.78 -20.52
C GLU B 417 -9.50 16.02 -20.31
N ARG B 418 -10.60 16.74 -20.06
CA ARG B 418 -11.90 16.13 -19.86
C ARG B 418 -12.35 15.43 -21.15
N VAL B 419 -12.06 16.01 -22.33
CA VAL B 419 -12.46 15.39 -23.60
C VAL B 419 -11.80 14.04 -23.79
N ALA B 420 -10.49 13.94 -23.52
CA ALA B 420 -9.82 12.67 -23.70
C ALA B 420 -10.39 11.58 -22.79
N LYS B 421 -10.76 11.95 -21.57
CA LYS B 421 -11.34 11.02 -20.60
C LYS B 421 -12.74 10.55 -20.97
N VAL B 422 -13.55 11.45 -21.52
CA VAL B 422 -14.90 11.12 -21.95
C VAL B 422 -14.89 10.11 -23.10
N ILE B 423 -14.00 10.29 -24.08
CA ILE B 423 -13.88 9.35 -25.19
C ILE B 423 -12.98 8.15 -24.90
N GLY B 424 -12.46 8.04 -23.69
CA GLY B 424 -11.64 6.89 -23.37
C GLY B 424 -10.32 6.51 -24.01
N LEU B 425 -9.56 7.54 -24.41
CA LEU B 425 -8.25 7.31 -25.08
C LEU B 425 -7.09 7.86 -24.28
N ASP B 426 -6.04 7.06 -24.07
CA ASP B 426 -4.85 7.60 -23.44
C ASP B 426 -4.04 8.61 -24.24
N ILE B 427 -3.57 8.22 -25.41
CA ILE B 427 -2.82 9.17 -26.20
C ILE B 427 -3.74 9.67 -27.29
N ALA B 428 -4.00 10.97 -27.24
CA ALA B 428 -4.95 11.57 -28.14
C ALA B 428 -4.56 12.91 -28.68
N GLY B 429 -4.94 13.14 -29.93
CA GLY B 429 -4.78 14.43 -30.55
C GLY B 429 -6.13 15.09 -30.70
N ILE B 430 -6.27 16.29 -30.19
CA ILE B 430 -7.55 16.96 -30.28
C ILE B 430 -7.43 18.18 -31.19
N ASP B 431 -8.30 18.24 -32.19
CA ASP B 431 -8.32 19.34 -33.15
C ASP B 431 -9.32 20.41 -32.74
N VAL B 432 -8.81 21.59 -32.47
CA VAL B 432 -9.56 22.73 -31.96
C VAL B 432 -9.53 23.92 -32.91
N VAL B 433 -10.68 24.52 -33.17
CA VAL B 433 -10.73 25.71 -34.00
C VAL B 433 -11.06 26.90 -33.15
N THR B 434 -10.14 27.85 -33.11
CA THR B 434 -10.30 29.04 -32.29
C THR B 434 -9.46 30.18 -32.77
N SER B 435 -9.94 31.38 -32.53
CA SER B 435 -9.18 32.56 -32.87
C SER B 435 -8.12 32.90 -31.84
N ASP B 436 -8.28 32.42 -30.60
CA ASP B 436 -7.33 32.77 -29.54
C ASP B 436 -7.24 31.69 -28.47
N ILE B 437 -6.16 30.92 -28.46
CA ILE B 437 -5.98 29.80 -27.54
C ILE B 437 -5.75 30.28 -26.09
N SER B 438 -5.48 31.58 -25.91
CA SER B 438 -5.21 32.16 -24.61
C SER B 438 -6.48 32.64 -23.91
N LYS B 439 -7.62 32.49 -24.55
CA LYS B 439 -8.90 32.88 -23.98
C LYS B 439 -9.76 31.63 -23.92
N PRO B 440 -10.73 31.50 -23.02
CA PRO B 440 -11.64 30.38 -22.96
C PRO B 440 -12.40 30.17 -24.27
N LEU B 441 -12.61 28.91 -24.65
CA LEU B 441 -13.31 28.64 -25.91
C LEU B 441 -14.72 29.18 -25.91
N ARG B 442 -15.37 29.28 -24.75
CA ARG B 442 -16.74 29.78 -24.75
C ARG B 442 -16.81 31.28 -25.07
N GLU B 443 -15.71 32.02 -24.92
CA GLU B 443 -15.72 33.46 -25.11
C GLU B 443 -15.33 33.82 -26.53
N THR B 444 -14.52 32.98 -27.14
CA THR B 444 -14.04 33.21 -28.50
C THR B 444 -14.92 32.49 -29.52
N ASN B 445 -15.93 31.79 -29.03
CA ASN B 445 -16.84 30.96 -29.80
C ASN B 445 -16.11 29.87 -30.58
N GLY B 446 -15.16 29.20 -29.93
CA GLY B 446 -14.41 28.13 -30.58
C GLY B 446 -15.11 26.80 -30.43
N VAL B 447 -14.66 25.83 -31.22
CA VAL B 447 -15.20 24.48 -31.17
C VAL B 447 -14.18 23.37 -31.20
N ILE B 448 -14.58 22.20 -30.75
CA ILE B 448 -13.73 21.03 -30.87
C ILE B 448 -14.24 20.26 -32.05
N VAL B 449 -13.38 20.08 -33.03
CA VAL B 449 -13.76 19.49 -34.29
C VAL B 449 -13.54 17.99 -34.37
N GLU B 450 -12.40 17.53 -33.89
CA GLU B 450 -12.10 16.11 -34.03
C GLU B 450 -11.24 15.54 -32.91
N VAL B 451 -11.47 14.28 -32.56
CA VAL B 451 -10.59 13.62 -31.60
C VAL B 451 -9.93 12.45 -32.32
N ASN B 452 -8.60 12.45 -32.37
CA ASN B 452 -7.82 11.45 -33.08
C ASN B 452 -7.04 10.50 -32.22
N ALA B 453 -7.34 9.22 -32.33
CA ALA B 453 -6.60 8.25 -31.58
C ALA B 453 -5.26 8.07 -32.24
N ALA B 454 -4.22 7.83 -31.46
CA ALA B 454 -2.89 7.52 -32.01
C ALA B 454 -2.31 8.55 -33.00
N PRO B 455 -2.15 9.83 -32.60
CA PRO B 455 -1.67 10.96 -33.38
C PRO B 455 -0.19 10.87 -33.67
N GLY B 456 0.31 11.57 -34.70
CA GLY B 456 1.75 11.60 -34.93
C GLY B 456 2.45 12.67 -34.11
N PHE B 457 3.79 12.71 -34.15
CA PHE B 457 4.54 13.68 -33.35
C PHE B 457 5.43 14.74 -34.01
N ARG B 458 5.72 14.65 -35.32
CA ARG B 458 6.67 15.59 -35.98
C ARG B 458 6.41 17.05 -35.61
N MET B 459 5.14 17.48 -35.53
CA MET B 459 4.80 18.86 -35.31
C MET B 459 5.11 19.34 -33.91
N HIS B 460 5.34 18.42 -32.98
CA HIS B 460 5.63 18.77 -31.59
C HIS B 460 7.10 18.57 -31.26
N VAL B 461 7.78 17.67 -31.97
CA VAL B 461 9.18 17.42 -31.69
C VAL B 461 10.09 18.14 -32.68
N ALA B 462 9.54 18.63 -33.79
CA ALA B 462 10.27 19.39 -34.78
C ALA B 462 9.40 20.49 -35.38
N PRO B 463 8.95 21.47 -34.59
CA PRO B 463 8.13 22.59 -34.98
C PRO B 463 8.94 23.53 -35.81
N SER B 464 8.31 24.36 -36.63
CA SER B 464 9.09 25.33 -37.38
C SER B 464 9.34 26.60 -36.61
N GLN B 465 8.48 26.88 -35.63
CA GLN B 465 8.69 28.03 -34.77
C GLN B 465 8.46 27.59 -33.34
N GLY B 466 9.22 28.12 -32.41
CA GLY B 466 9.05 27.77 -31.02
C GLY B 466 10.03 26.68 -30.64
N LEU B 467 9.91 26.17 -29.42
CA LEU B 467 10.88 25.22 -28.91
C LEU B 467 10.35 23.78 -29.04
N PRO B 468 11.16 22.77 -29.44
CA PRO B 468 10.84 21.34 -29.48
C PRO B 468 10.48 20.74 -28.13
N ARG B 469 9.55 19.79 -28.10
CA ARG B 469 9.16 19.16 -26.83
C ARG B 469 9.49 17.68 -26.74
N ASN B 470 9.88 17.21 -25.57
CA ASN B 470 10.13 15.79 -25.44
C ASN B 470 8.85 15.08 -25.13
N VAL B 471 8.20 14.67 -26.20
CA VAL B 471 6.92 14.00 -26.19
C VAL B 471 7.00 12.57 -25.66
N ALA B 472 8.07 11.85 -25.98
CA ALA B 472 8.22 10.47 -25.51
C ALA B 472 8.32 10.33 -24.01
N ALA B 473 8.95 11.27 -23.33
CA ALA B 473 9.13 11.09 -21.89
C ALA B 473 7.79 10.85 -21.15
N PRO B 474 6.69 11.60 -21.33
CA PRO B 474 5.39 11.35 -20.78
C PRO B 474 4.75 10.02 -21.17
N VAL B 475 5.22 9.38 -22.24
CA VAL B 475 4.65 8.13 -22.66
C VAL B 475 5.32 7.05 -21.87
N LEU B 476 6.64 7.10 -21.79
CA LEU B 476 7.36 6.08 -21.04
C LEU B 476 7.04 6.15 -19.57
N ASP B 477 6.73 7.32 -19.06
CA ASP B 477 6.33 7.46 -17.67
C ASP B 477 4.98 6.80 -17.37
N MET B 478 4.11 6.57 -18.36
CA MET B 478 2.85 5.91 -18.00
C MET B 478 3.06 4.41 -18.12
N LEU B 479 3.90 4.00 -19.07
CA LEU B 479 4.15 2.58 -19.30
C LEU B 479 4.99 1.96 -18.20
N PHE B 480 5.98 2.73 -17.74
CA PHE B 480 6.90 2.31 -16.70
C PHE B 480 6.97 3.37 -15.62
N PRO B 481 5.97 3.47 -14.72
CA PRO B 481 5.82 4.51 -13.75
C PRO B 481 7.07 4.64 -12.91
N PRO B 482 7.38 5.82 -12.36
CA PRO B 482 8.53 6.06 -11.55
C PRO B 482 8.57 5.10 -10.40
N GLY B 483 9.75 4.57 -10.13
CA GLY B 483 9.93 3.65 -9.04
C GLY B 483 9.69 2.19 -9.41
N THR B 484 9.23 1.89 -10.62
CA THR B 484 8.99 0.50 -10.94
C THR B 484 10.10 -0.02 -11.86
N PRO B 485 10.41 -1.33 -11.82
CA PRO B 485 11.34 -2.01 -12.69
C PRO B 485 10.82 -2.26 -14.08
N SER B 486 11.73 -2.37 -15.03
CA SER B 486 11.45 -2.76 -16.41
C SER B 486 12.12 -4.09 -16.76
N ARG B 487 12.86 -4.64 -15.80
CA ARG B 487 13.62 -5.87 -15.93
C ARG B 487 13.37 -6.85 -14.82
N ILE B 488 13.63 -8.11 -15.10
CA ILE B 488 13.55 -9.15 -14.11
C ILE B 488 14.98 -9.58 -13.85
N PRO B 489 15.33 -10.15 -12.70
CA PRO B 489 16.67 -10.63 -12.41
C PRO B 489 17.15 -11.68 -13.38
N ILE B 490 18.41 -11.55 -13.78
CA ILE B 490 19.04 -12.52 -14.65
C ILE B 490 20.29 -13.07 -14.00
N LEU B 491 20.35 -14.39 -13.91
CA LEU B 491 21.48 -15.08 -13.35
C LEU B 491 22.08 -15.94 -14.44
N ALA B 492 23.26 -15.57 -14.91
CA ALA B 492 23.90 -16.26 -16.02
C ALA B 492 25.04 -17.14 -15.55
N VAL B 493 25.02 -18.40 -15.94
CA VAL B 493 26.02 -19.36 -15.49
C VAL B 493 26.89 -19.91 -16.60
N THR B 494 28.21 -19.76 -16.49
CA THR B 494 29.06 -20.34 -17.51
C THR B 494 30.28 -21.05 -16.92
N GLY B 495 31.12 -21.61 -17.78
CA GLY B 495 32.32 -22.35 -17.39
C GLY B 495 32.41 -23.64 -18.16
N THR B 496 33.56 -24.26 -18.20
CA THR B 496 33.70 -25.49 -18.99
C THR B 496 32.89 -26.66 -18.45
N ASN B 497 32.94 -26.92 -17.15
CA ASN B 497 32.19 -28.05 -16.57
C ASN B 497 31.31 -27.64 -15.41
N GLY B 498 30.14 -28.28 -15.28
CA GLY B 498 29.25 -28.06 -14.13
C GLY B 498 28.05 -27.12 -14.32
N LYS B 499 27.96 -26.48 -15.47
CA LYS B 499 26.86 -25.55 -15.74
C LYS B 499 25.45 -26.08 -15.55
N THR B 500 25.12 -27.22 -16.14
CA THR B 500 23.75 -27.73 -16.05
C THR B 500 23.36 -28.06 -14.63
N THR B 501 24.27 -28.68 -13.88
CA THR B 501 23.99 -29.05 -12.49
C THR B 501 23.76 -27.82 -11.63
N THR B 502 24.61 -26.80 -11.80
CA THR B 502 24.53 -25.56 -11.04
C THR B 502 23.24 -24.82 -11.37
N THR B 503 22.87 -24.80 -12.65
CA THR B 503 21.69 -24.14 -13.14
C THR B 503 20.41 -24.74 -12.57
N ARG B 504 20.30 -26.07 -12.54
CA ARG B 504 19.12 -26.69 -11.97
C ARG B 504 18.98 -26.46 -10.47
N LEU B 505 20.10 -26.47 -9.74
CA LEU B 505 20.05 -26.21 -8.31
C LEU B 505 19.68 -24.78 -8.01
N LEU B 506 20.24 -23.84 -8.74
CA LEU B 506 19.97 -22.44 -8.46
C LEU B 506 18.52 -22.13 -8.78
N ALA B 507 17.97 -22.68 -9.86
CA ALA B 507 16.57 -22.46 -10.18
C ALA B 507 15.67 -23.05 -9.10
N HIS B 508 16.04 -24.21 -8.55
CA HIS B 508 15.31 -24.89 -7.48
C HIS B 508 15.26 -24.05 -6.22
N ILE B 509 16.37 -23.37 -5.88
CA ILE B 509 16.41 -22.53 -4.69
C ILE B 509 15.47 -21.34 -4.84
N TYR B 510 15.49 -20.66 -6.00
CA TYR B 510 14.62 -19.50 -6.18
C TYR B 510 13.16 -19.85 -6.15
N ARG B 511 12.86 -21.01 -6.64
CA ARG B 511 11.52 -21.54 -6.71
C ARG B 511 10.89 -21.71 -5.32
N GLN B 512 11.70 -21.78 -4.25
CA GLN B 512 11.18 -22.01 -2.92
C GLN B 512 10.57 -20.74 -2.36
N THR B 513 10.72 -19.64 -3.09
CA THR B 513 10.17 -18.37 -2.67
C THR B 513 8.78 -18.17 -3.28
N GLY B 514 8.32 -19.11 -4.12
CA GLY B 514 7.00 -19.02 -4.74
C GLY B 514 6.90 -18.24 -6.04
N LYS B 515 8.02 -17.84 -6.60
CA LYS B 515 8.07 -17.08 -7.84
C LYS B 515 8.09 -17.96 -9.06
N THR B 516 7.70 -17.41 -10.21
CA THR B 516 7.84 -18.16 -11.45
C THR B 516 9.24 -18.05 -11.95
N VAL B 517 9.86 -19.20 -12.09
CA VAL B 517 11.24 -19.27 -12.48
C VAL B 517 11.38 -19.99 -13.79
N GLY B 518 12.01 -19.32 -14.74
CA GLY B 518 12.23 -19.93 -16.02
C GLY B 518 13.71 -20.20 -16.18
N TYR B 519 14.04 -21.27 -16.88
CA TYR B 519 15.44 -21.53 -17.11
C TYR B 519 15.72 -22.34 -18.35
N THR B 520 16.94 -22.21 -18.83
CA THR B 520 17.33 -22.96 -20.01
C THR B 520 18.54 -23.80 -19.72
N SER B 521 18.55 -24.99 -20.29
CA SER B 521 19.64 -25.91 -20.16
C SER B 521 19.88 -26.67 -21.44
N THR B 522 20.85 -27.54 -21.43
CA THR B 522 21.10 -28.39 -22.59
C THR B 522 20.08 -29.51 -22.75
N ASP B 523 19.19 -29.70 -21.78
CA ASP B 523 18.20 -30.75 -21.94
C ASP B 523 16.87 -30.22 -22.46
N ALA B 524 16.45 -29.05 -21.95
CA ALA B 524 15.15 -28.45 -22.23
C ALA B 524 15.01 -27.02 -21.69
N ILE B 525 13.92 -26.36 -22.08
CA ILE B 525 13.51 -25.06 -21.53
C ILE B 525 12.34 -25.31 -20.62
N TYR B 526 12.44 -24.86 -19.37
CA TYR B 526 11.38 -25.05 -18.38
C TYR B 526 10.87 -23.81 -17.73
N ILE B 527 9.59 -23.82 -17.38
CA ILE B 527 8.99 -22.79 -16.53
C ILE B 527 8.26 -23.47 -15.38
N ASN B 528 8.69 -23.27 -14.15
CA ASN B 528 8.05 -23.89 -12.98
C ASN B 528 7.79 -25.37 -13.13
N GLU B 529 8.78 -26.10 -13.58
CA GLU B 529 8.72 -27.55 -13.80
C GLU B 529 7.86 -28.05 -14.97
N TYR B 530 7.38 -27.16 -15.83
CA TYR B 530 6.71 -27.60 -17.03
C TYR B 530 7.68 -27.45 -18.16
N CYS B 531 7.71 -28.39 -19.06
CA CYS B 531 8.66 -28.28 -20.15
C CYS B 531 8.06 -27.56 -21.34
N VAL B 532 8.73 -26.51 -21.78
CA VAL B 532 8.27 -25.70 -22.90
C VAL B 532 8.83 -26.27 -24.21
N GLU B 533 10.13 -26.53 -24.24
CA GLU B 533 10.78 -27.11 -25.42
C GLU B 533 11.82 -28.13 -25.01
N LYS B 534 12.09 -29.13 -25.85
CA LYS B 534 13.16 -30.09 -25.54
C LYS B 534 14.33 -29.99 -26.51
N GLY B 535 15.51 -30.43 -26.09
CA GLY B 535 16.69 -30.42 -26.92
C GLY B 535 17.72 -29.44 -26.38
N ASP B 536 18.82 -29.23 -27.09
CA ASP B 536 19.84 -28.34 -26.58
C ASP B 536 19.35 -26.96 -26.72
N ASN B 537 19.04 -26.34 -25.59
CA ASN B 537 18.44 -25.06 -25.57
C ASN B 537 19.32 -24.00 -25.01
N THR B 538 20.61 -24.20 -25.12
CA THR B 538 21.49 -23.14 -24.70
C THR B 538 21.63 -22.17 -25.86
N GLY B 539 22.15 -20.99 -25.63
CA GLY B 539 22.33 -20.02 -26.69
C GLY B 539 21.25 -18.93 -26.67
N PRO B 540 21.47 -17.84 -27.41
CA PRO B 540 20.66 -16.64 -27.45
C PRO B 540 19.25 -16.78 -27.99
N GLN B 541 18.99 -17.80 -28.77
CA GLN B 541 17.64 -17.95 -29.28
C GLN B 541 16.74 -18.51 -28.22
N SER B 542 17.29 -19.24 -27.26
CA SER B 542 16.49 -19.83 -26.22
C SER B 542 16.33 -18.86 -25.08
N ALA B 543 17.37 -18.07 -24.83
CA ALA B 543 17.29 -17.08 -23.78
C ALA B 543 16.17 -16.13 -24.07
N GLY B 544 15.97 -15.84 -25.35
CA GLY B 544 14.90 -15.00 -25.83
C GLY B 544 13.50 -15.54 -25.52
N VAL B 545 13.33 -16.86 -25.47
CA VAL B 545 12.01 -17.43 -25.21
C VAL B 545 11.61 -17.11 -23.80
N ILE B 546 12.56 -17.25 -22.88
CA ILE B 546 12.29 -16.93 -21.48
C ILE B 546 12.11 -15.43 -21.26
N LEU B 547 12.95 -14.60 -21.84
CA LEU B 547 12.85 -13.18 -21.60
C LEU B 547 11.57 -12.56 -22.17
N ARG B 548 11.06 -13.10 -23.27
CA ARG B 548 9.81 -12.61 -23.85
C ARG B 548 8.56 -13.13 -23.15
N ASP B 549 8.69 -14.11 -22.25
CA ASP B 549 7.56 -14.77 -21.64
C ASP B 549 6.91 -13.90 -20.55
N PRO B 550 5.62 -13.53 -20.66
CA PRO B 550 4.88 -12.62 -19.81
C PRO B 550 4.67 -13.09 -18.38
N THR B 551 4.98 -14.36 -18.09
CA THR B 551 4.77 -14.86 -16.75
C THR B 551 6.04 -14.97 -15.91
N VAL B 552 7.22 -14.85 -16.51
CA VAL B 552 8.46 -15.12 -15.79
C VAL B 552 8.95 -13.98 -14.89
N GLU B 553 9.29 -14.33 -13.64
CA GLU B 553 9.77 -13.38 -12.66
C GLU B 553 11.27 -13.46 -12.44
N VAL B 554 11.87 -14.64 -12.58
CA VAL B 554 13.32 -14.85 -12.44
C VAL B 554 13.87 -15.66 -13.62
N ALA B 555 14.98 -15.25 -14.24
CA ALA B 555 15.57 -16.05 -15.31
C ALA B 555 16.94 -16.60 -14.96
N VAL B 556 17.10 -17.92 -15.06
CA VAL B 556 18.40 -18.55 -14.79
C VAL B 556 18.87 -19.22 -16.10
N LEU B 557 19.99 -18.79 -16.65
CA LEU B 557 20.38 -19.25 -17.99
C LEU B 557 21.75 -19.93 -18.11
N GLU B 558 21.84 -21.23 -18.52
CA GLU B 558 23.22 -21.72 -18.67
C GLU B 558 23.72 -21.16 -19.99
N THR B 559 24.96 -20.68 -20.02
CA THR B 559 25.53 -20.10 -21.24
C THR B 559 26.76 -20.82 -21.75
N ALA B 560 26.66 -21.23 -23.00
CA ALA B 560 27.70 -21.97 -23.69
C ALA B 560 28.49 -21.11 -24.66
N ARG B 561 29.72 -21.55 -24.92
CA ARG B 561 30.62 -20.80 -25.85
C ARG B 561 30.13 -20.91 -27.30
N GLY B 562 29.30 -21.93 -27.67
CA GLY B 562 28.82 -22.00 -29.03
C GLY B 562 27.97 -20.79 -29.31
N GLY B 563 27.05 -20.50 -28.40
CA GLY B 563 26.18 -19.37 -28.58
C GLY B 563 26.94 -18.05 -28.58
N ILE B 564 27.94 -17.92 -27.70
CA ILE B 564 28.63 -16.65 -27.66
C ILE B 564 29.40 -16.39 -28.94
N LEU B 565 30.14 -17.39 -29.40
CA LEU B 565 30.95 -17.23 -30.58
C LEU B 565 30.16 -17.10 -31.86
N ARG B 566 29.00 -17.74 -31.94
CA ARG B 566 28.18 -17.68 -33.12
C ARG B 566 27.29 -16.44 -33.21
N ALA B 567 26.72 -15.96 -32.10
CA ALA B 567 25.83 -14.82 -32.22
C ALA B 567 25.82 -13.79 -31.08
N GLY B 568 26.73 -13.86 -30.09
CA GLY B 568 26.70 -12.91 -28.95
C GLY B 568 25.70 -13.30 -27.85
N LEU B 569 25.67 -12.54 -26.75
CA LEU B 569 24.69 -12.80 -25.68
C LEU B 569 23.34 -12.17 -25.97
N ALA B 570 22.25 -12.79 -25.54
CA ALA B 570 20.90 -12.25 -25.77
C ALA B 570 20.41 -11.14 -24.84
N PHE B 571 21.08 -10.93 -23.73
CA PHE B 571 20.56 -10.00 -22.74
C PHE B 571 21.28 -8.69 -22.44
N ASP B 572 22.44 -8.42 -23.03
CA ASP B 572 23.24 -7.20 -22.75
C ASP B 572 23.85 -7.06 -21.36
N SER B 573 23.06 -7.17 -20.30
CA SER B 573 23.58 -7.10 -18.95
C SER B 573 22.80 -7.98 -18.00
N CYS B 574 23.42 -8.33 -16.88
CA CYS B 574 22.79 -9.18 -15.88
C CYS B 574 23.18 -8.84 -14.45
N ASP B 575 22.49 -9.49 -13.49
CA ASP B 575 22.72 -9.21 -12.08
C ASP B 575 23.78 -10.07 -11.46
N VAL B 576 23.81 -11.32 -11.84
CA VAL B 576 24.81 -12.23 -11.32
C VAL B 576 25.46 -12.96 -12.47
N GLY B 577 26.78 -12.96 -12.47
CA GLY B 577 27.52 -13.71 -13.48
C GLY B 577 28.39 -14.72 -12.79
N VAL B 578 28.14 -16.00 -13.03
CA VAL B 578 28.91 -17.06 -12.38
C VAL B 578 29.86 -17.74 -13.33
N VAL B 579 31.15 -17.78 -13.00
CA VAL B 579 32.12 -18.49 -13.84
C VAL B 579 32.68 -19.63 -13.02
N LEU B 580 32.43 -20.86 -13.44
CA LEU B 580 32.80 -22.00 -12.64
C LEU B 580 34.20 -22.54 -12.82
N ASN B 581 34.74 -22.52 -14.03
CA ASN B 581 36.07 -23.06 -14.32
C ASN B 581 36.46 -22.87 -15.78
N VAL B 582 37.75 -22.84 -16.05
CA VAL B 582 38.20 -22.84 -17.45
C VAL B 582 39.05 -24.07 -17.70
N ALA B 583 38.72 -24.86 -18.71
CA ALA B 583 39.47 -26.08 -18.97
C ALA B 583 39.58 -26.31 -20.46
N ALA B 584 40.54 -27.14 -20.85
CA ALA B 584 40.85 -27.35 -22.26
C ALA B 584 39.91 -28.27 -23.01
N ASP B 585 38.68 -27.82 -23.14
CA ASP B 585 37.65 -28.50 -23.91
C ASP B 585 37.38 -27.62 -25.11
N HIS B 586 36.89 -28.20 -26.18
CA HIS B 586 36.51 -27.46 -27.38
C HIS B 586 37.64 -26.62 -27.96
N LEU B 587 38.88 -27.06 -27.84
CA LEU B 587 39.93 -26.26 -28.42
C LEU B 587 40.07 -26.69 -29.84
N GLY B 588 40.36 -25.72 -30.67
CA GLY B 588 40.51 -25.90 -32.09
C GLY B 588 39.23 -25.52 -32.81
N LEU B 589 38.14 -25.35 -32.08
CA LEU B 589 36.88 -25.01 -32.71
C LEU B 589 36.63 -23.54 -32.59
N GLY B 590 36.03 -22.93 -33.60
CA GLY B 590 35.64 -21.53 -33.50
C GLY B 590 36.84 -20.61 -33.48
N ASP B 591 37.95 -21.06 -34.07
CA ASP B 591 39.21 -20.34 -34.10
C ASP B 591 39.86 -20.12 -32.73
N ILE B 592 39.47 -20.89 -31.71
CA ILE B 592 40.15 -20.81 -30.42
C ILE B 592 41.01 -22.01 -30.16
N ASP B 593 42.31 -21.79 -30.20
CA ASP B 593 43.29 -22.84 -30.06
C ASP B 593 43.91 -22.97 -28.68
N THR B 594 43.96 -21.89 -27.92
CA THR B 594 44.64 -21.97 -26.63
C THR B 594 43.71 -21.76 -25.45
N ILE B 595 44.21 -22.08 -24.26
CA ILE B 595 43.43 -21.92 -23.06
C ILE B 595 43.28 -20.45 -22.69
N GLU B 596 44.30 -19.65 -22.99
CA GLU B 596 44.26 -18.23 -22.72
C GLU B 596 43.17 -17.57 -23.54
N GLN B 597 42.95 -18.07 -24.76
CA GLN B 597 41.87 -17.56 -25.60
C GLN B 597 40.51 -18.04 -25.08
N MET B 598 40.44 -19.29 -24.61
CA MET B 598 39.17 -19.80 -24.13
C MET B 598 38.70 -18.99 -22.94
N ALA B 599 39.63 -18.55 -22.12
CA ALA B 599 39.34 -17.73 -20.97
C ALA B 599 38.72 -16.39 -21.38
N LYS B 600 39.02 -15.87 -22.59
CA LYS B 600 38.50 -14.59 -23.04
C LYS B 600 37.05 -14.72 -23.46
N VAL B 601 36.66 -15.93 -23.84
CA VAL B 601 35.28 -16.16 -24.17
C VAL B 601 34.50 -16.26 -22.87
N LYS B 602 35.02 -16.98 -21.89
CA LYS B 602 34.27 -17.16 -20.66
C LYS B 602 34.13 -15.87 -19.88
N SER B 603 35.11 -14.99 -19.97
CA SER B 603 35.10 -13.72 -19.26
C SER B 603 34.03 -12.78 -19.74
N VAL B 604 33.39 -13.09 -20.88
CA VAL B 604 32.34 -12.23 -21.40
C VAL B 604 31.24 -12.12 -20.37
N ILE B 605 30.91 -13.20 -19.66
CA ILE B 605 29.85 -13.10 -18.69
C ILE B 605 30.23 -12.18 -17.54
N ALA B 606 31.42 -12.32 -17.01
CA ALA B 606 31.83 -11.49 -15.89
C ALA B 606 31.85 -10.00 -16.26
N GLU B 607 32.20 -9.69 -17.49
CA GLU B 607 32.31 -8.31 -17.95
C GLU B 607 30.98 -7.65 -18.32
N VAL B 608 29.85 -8.38 -18.26
CA VAL B 608 28.58 -7.76 -18.59
C VAL B 608 27.72 -7.64 -17.36
N VAL B 609 28.28 -7.90 -16.19
CA VAL B 609 27.48 -7.78 -15.00
C VAL B 609 27.36 -6.31 -14.64
N ASP B 610 26.15 -5.88 -14.38
CA ASP B 610 25.85 -4.50 -14.02
C ASP B 610 26.69 -4.09 -12.81
N PRO B 611 27.24 -2.87 -12.71
CA PRO B 611 28.05 -2.41 -11.59
C PRO B 611 27.41 -2.62 -10.21
N SER B 612 26.08 -2.66 -10.13
CA SER B 612 25.41 -2.85 -8.86
C SER B 612 25.31 -4.34 -8.46
N GLY B 613 25.66 -5.22 -9.39
CA GLY B 613 25.58 -6.66 -9.24
C GLY B 613 26.90 -7.29 -8.86
N TYR B 614 26.96 -8.62 -9.00
CA TYR B 614 28.11 -9.44 -8.63
C TYR B 614 28.61 -10.43 -9.63
N ALA B 615 29.91 -10.63 -9.61
CA ALA B 615 30.53 -11.69 -10.34
C ALA B 615 30.93 -12.73 -9.32
N VAL B 616 30.69 -13.99 -9.61
CA VAL B 616 31.06 -15.07 -8.71
C VAL B 616 32.17 -15.88 -9.33
N LEU B 617 33.36 -15.80 -8.73
CA LEU B 617 34.54 -16.43 -9.28
C LEU B 617 35.06 -17.56 -8.44
N ASN B 618 35.69 -18.52 -9.09
CA ASN B 618 36.32 -19.66 -8.45
C ASN B 618 37.75 -19.32 -8.05
N ALA B 619 38.03 -19.20 -6.76
CA ALA B 619 39.35 -18.75 -6.29
C ALA B 619 40.40 -19.85 -6.40
N ASP B 620 39.97 -21.07 -6.68
CA ASP B 620 40.89 -22.20 -6.80
C ASP B 620 41.33 -22.39 -8.24
N ASP B 621 40.86 -21.53 -9.14
CA ASP B 621 41.15 -21.59 -10.56
C ASP B 621 41.91 -20.33 -11.00
N PRO B 622 43.21 -20.40 -11.34
CA PRO B 622 44.06 -19.27 -11.64
C PRO B 622 43.66 -18.47 -12.87
N LEU B 623 42.87 -19.02 -13.79
CA LEU B 623 42.47 -18.23 -14.95
C LEU B 623 41.22 -17.48 -14.61
N VAL B 624 40.39 -18.09 -13.77
CA VAL B 624 39.13 -17.49 -13.38
C VAL B 624 39.32 -16.40 -12.34
N ALA B 625 40.13 -16.63 -11.32
CA ALA B 625 40.34 -15.62 -10.29
C ALA B 625 40.87 -14.32 -10.90
N ALA B 626 41.69 -14.44 -11.94
CA ALA B 626 42.32 -13.34 -12.66
C ALA B 626 41.32 -12.45 -13.39
N MET B 627 40.09 -12.92 -13.58
CA MET B 627 39.07 -12.16 -14.28
C MET B 627 38.59 -11.01 -13.41
N ALA B 628 38.93 -11.08 -12.13
CA ALA B 628 38.51 -10.09 -11.17
C ALA B 628 39.01 -8.72 -11.50
N ASP B 629 40.07 -8.62 -12.30
CA ASP B 629 40.64 -7.32 -12.63
C ASP B 629 40.00 -6.67 -13.85
N LYS B 630 39.04 -7.36 -14.47
CA LYS B 630 38.32 -6.83 -15.63
C LYS B 630 36.90 -6.46 -15.24
N VAL B 631 36.41 -7.10 -14.18
CA VAL B 631 35.06 -6.90 -13.70
C VAL B 631 34.82 -5.52 -13.08
N LYS B 632 33.74 -4.85 -13.53
CA LYS B 632 33.31 -3.53 -13.02
C LYS B 632 32.32 -3.66 -11.86
N ALA B 633 31.84 -4.87 -11.69
CA ALA B 633 30.87 -5.32 -10.72
C ALA B 633 31.58 -5.72 -9.44
N LYS B 634 30.83 -6.05 -8.40
CA LYS B 634 31.42 -6.49 -7.16
C LYS B 634 31.88 -7.91 -7.36
N VAL B 635 32.87 -8.36 -6.62
CA VAL B 635 33.31 -9.74 -6.76
C VAL B 635 33.16 -10.55 -5.51
N ALA B 636 32.58 -11.74 -5.65
CA ALA B 636 32.43 -12.71 -4.58
C ALA B 636 33.23 -13.94 -4.98
N TYR B 637 33.79 -14.66 -4.03
CA TYR B 637 34.57 -15.86 -4.38
C TYR B 637 34.14 -17.12 -3.70
N PHE B 638 34.39 -18.25 -4.34
CA PHE B 638 34.17 -19.50 -3.64
C PHE B 638 35.38 -20.39 -3.74
N SER B 639 35.54 -21.28 -2.76
CA SER B 639 36.66 -22.23 -2.77
C SER B 639 36.43 -23.48 -1.94
N MET B 640 37.24 -24.50 -2.17
CA MET B 640 37.21 -25.75 -1.41
C MET B 640 38.30 -25.80 -0.35
N ASN B 641 38.97 -24.69 -0.17
CA ASN B 641 40.06 -24.56 0.76
C ASN B 641 40.00 -23.21 1.46
N PRO B 642 39.57 -23.16 2.73
CA PRO B 642 39.38 -21.96 3.52
C PRO B 642 40.63 -21.11 3.69
N ASP B 643 41.81 -21.71 3.45
CA ASP B 643 43.05 -20.98 3.63
C ASP B 643 43.57 -20.39 2.33
N ASN B 644 42.81 -20.49 1.26
CA ASN B 644 43.23 -19.92 -0.01
C ASN B 644 43.51 -18.44 0.24
N PRO B 645 44.73 -17.93 0.03
CA PRO B 645 45.14 -16.56 0.26
C PRO B 645 44.25 -15.52 -0.35
N ILE B 646 43.56 -15.85 -1.46
CA ILE B 646 42.67 -14.91 -2.11
C ILE B 646 41.49 -14.64 -1.23
N ILE B 647 40.96 -15.70 -0.64
CA ILE B 647 39.80 -15.64 0.19
C ILE B 647 40.12 -14.87 1.42
N GLN B 648 41.29 -15.14 1.99
CA GLN B 648 41.64 -14.46 3.22
C GLN B 648 41.83 -12.97 3.00
N ALA B 649 42.49 -12.59 1.92
CA ALA B 649 42.69 -11.18 1.66
C ALA B 649 41.38 -10.46 1.44
N HIS B 650 40.45 -11.15 0.78
CA HIS B 650 39.14 -10.63 0.43
C HIS B 650 38.23 -10.44 1.64
N VAL B 651 38.14 -11.43 2.52
CA VAL B 651 37.23 -11.26 3.67
C VAL B 651 37.78 -10.20 4.64
N ARG B 652 39.09 -10.00 4.67
CA ARG B 652 39.70 -8.98 5.52
C ARG B 652 39.36 -7.55 5.06
N ARG B 653 38.79 -7.42 3.87
CA ARG B 653 38.37 -6.14 3.30
C ARG B 653 36.84 -6.12 3.26
N ASN B 654 36.24 -7.01 4.05
CA ASN B 654 34.82 -7.25 4.20
C ASN B 654 34.06 -7.72 2.95
N GLY B 655 34.70 -8.56 2.15
CA GLY B 655 34.02 -9.14 1.02
C GLY B 655 33.27 -10.38 1.47
N ILE B 656 32.70 -11.07 0.50
CA ILE B 656 31.89 -12.26 0.71
C ILE B 656 32.51 -13.45 0.03
N ALA B 657 32.55 -14.56 0.72
CA ALA B 657 33.07 -15.76 0.12
C ALA B 657 32.36 -17.00 0.62
N ALA B 658 32.35 -18.03 -0.16
CA ALA B 658 31.77 -19.29 0.28
C ALA B 658 32.81 -20.35 0.30
N VAL B 659 32.95 -21.01 1.43
CA VAL B 659 33.97 -22.03 1.54
C VAL B 659 33.44 -23.32 2.11
N TYR B 660 34.15 -24.37 1.84
CA TYR B 660 33.85 -25.63 2.48
C TYR B 660 34.79 -25.84 3.67
N GLU B 661 34.22 -25.95 4.87
CA GLU B 661 35.02 -26.11 6.07
C GLU B 661 34.34 -26.97 7.12
N SER B 662 35.10 -27.79 7.82
CA SER B 662 34.61 -28.62 8.92
C SER B 662 33.36 -29.43 8.58
N GLY B 663 33.23 -29.88 7.34
CA GLY B 663 32.08 -30.66 6.92
C GLY B 663 30.89 -29.82 6.50
N TYR B 664 30.99 -28.50 6.62
CA TYR B 664 29.92 -27.58 6.30
C TYR B 664 30.16 -26.68 5.13
N LEU B 665 29.07 -26.33 4.49
CA LEU B 665 29.11 -25.35 3.46
C LEU B 665 28.72 -24.08 4.16
N SER B 666 29.61 -23.09 4.15
CA SER B 666 29.37 -21.87 4.89
C SER B 666 29.75 -20.61 4.14
N ILE B 667 29.12 -19.52 4.53
CA ILE B 667 29.36 -18.22 3.94
C ILE B 667 30.08 -17.30 4.89
N LEU B 668 31.15 -16.74 4.40
CA LEU B 668 31.96 -15.84 5.17
C LEU B 668 31.60 -14.44 4.77
N GLU B 669 31.04 -13.69 5.69
CA GLU B 669 30.64 -12.33 5.39
C GLU B 669 31.38 -11.41 6.33
N GLY B 670 32.46 -10.83 5.86
CA GLY B 670 33.29 -10.08 6.77
C GLY B 670 33.82 -11.03 7.84
N SER B 671 33.67 -10.66 9.10
CA SER B 671 34.16 -11.48 10.22
C SER B 671 33.20 -12.58 10.67
N TRP B 672 31.98 -12.60 10.16
CA TRP B 672 30.98 -13.55 10.61
C TRP B 672 30.87 -14.77 9.72
N THR B 673 30.64 -15.92 10.31
CA THR B 673 30.45 -17.14 9.53
C THR B 673 29.03 -17.63 9.62
N LEU B 674 28.43 -17.89 8.49
CA LEU B 674 27.09 -18.41 8.42
C LEU B 674 27.08 -19.83 7.91
N ARG B 675 26.71 -20.80 8.72
CA ARG B 675 26.73 -22.17 8.21
C ARG B 675 25.41 -22.48 7.56
N VAL B 676 25.43 -23.04 6.35
CA VAL B 676 24.19 -23.35 5.68
C VAL B 676 23.81 -24.77 5.99
N GLU B 677 24.65 -25.73 5.63
CA GLU B 677 24.33 -27.13 5.90
C GLU B 677 25.59 -28.02 5.85
N GLN B 678 25.45 -29.30 6.16
CA GLN B 678 26.55 -30.26 6.07
C GLN B 678 26.61 -30.89 4.72
N ALA B 679 27.79 -31.12 4.20
CA ALA B 679 27.87 -31.70 2.85
C ALA B 679 27.20 -33.06 2.76
N LYS B 680 27.30 -33.86 3.81
CA LYS B 680 26.75 -35.20 3.80
C LYS B 680 25.24 -35.22 3.86
N LEU B 681 24.61 -34.11 4.19
CA LEU B 681 23.17 -34.09 4.30
C LEU B 681 22.52 -33.44 3.09
N ILE B 682 23.30 -33.15 2.05
CA ILE B 682 22.75 -32.55 0.86
C ILE B 682 22.78 -33.62 -0.22
N PRO B 683 21.64 -34.22 -0.63
CA PRO B 683 21.51 -35.37 -1.51
C PRO B 683 22.24 -35.34 -2.84
N MET B 684 22.50 -34.17 -3.44
CA MET B 684 23.19 -34.14 -4.73
C MET B 684 24.64 -34.53 -4.57
N THR B 685 25.16 -34.42 -3.36
CA THR B 685 26.54 -34.74 -3.10
C THR B 685 26.50 -36.14 -2.58
N MET B 686 27.28 -37.02 -3.17
CA MET B 686 27.21 -38.42 -2.77
C MET B 686 27.82 -38.71 -1.40
N GLY B 687 27.16 -38.27 -0.34
CA GLY B 687 27.60 -38.50 1.03
C GLY B 687 28.79 -37.65 1.41
N GLY B 688 29.05 -36.62 0.63
CA GLY B 688 30.20 -35.76 0.84
C GLY B 688 31.44 -36.28 0.10
N MET B 689 31.31 -37.36 -0.70
CA MET B 689 32.42 -37.98 -1.42
C MET B 689 32.71 -37.49 -2.82
N ALA B 690 31.99 -36.48 -3.29
CA ALA B 690 32.13 -35.96 -4.64
C ALA B 690 32.42 -34.45 -4.62
N PRO B 691 33.69 -34.02 -4.49
CA PRO B 691 34.17 -32.65 -4.33
C PRO B 691 33.69 -31.71 -5.41
N PHE B 692 33.42 -32.25 -6.58
CA PHE B 692 32.98 -31.45 -7.68
C PHE B 692 31.50 -31.10 -7.54
N MET B 693 30.75 -31.90 -6.77
CA MET B 693 29.36 -31.60 -6.56
C MET B 693 29.28 -30.58 -5.45
N ILE B 694 30.25 -30.63 -4.55
CA ILE B 694 30.29 -29.66 -3.46
C ILE B 694 30.61 -28.31 -4.03
N ALA B 695 31.59 -28.23 -4.92
CA ALA B 695 31.92 -26.95 -5.52
C ALA B 695 30.76 -26.37 -6.30
N ASN B 696 29.97 -27.21 -6.97
CA ASN B 696 28.84 -26.70 -7.73
C ASN B 696 27.78 -26.15 -6.75
N ALA B 697 27.59 -26.84 -5.60
CA ALA B 697 26.67 -26.38 -4.58
C ALA B 697 27.12 -25.07 -3.94
N LEU B 698 28.43 -24.87 -3.75
CA LEU B 698 28.88 -23.61 -3.17
C LEU B 698 28.57 -22.46 -4.10
N ALA B 699 28.77 -22.65 -5.41
CA ALA B 699 28.50 -21.59 -6.36
C ALA B 699 27.03 -21.20 -6.38
N ALA B 700 26.12 -22.19 -6.32
CA ALA B 700 24.70 -21.91 -6.31
C ALA B 700 24.27 -21.18 -5.05
N CYS B 701 24.81 -21.58 -3.91
CA CYS B 701 24.45 -20.97 -2.64
C CYS B 701 24.94 -19.55 -2.57
N LEU B 702 26.15 -19.30 -3.05
CA LEU B 702 26.69 -17.97 -3.00
C LEU B 702 25.94 -17.05 -3.94
N ALA B 703 25.58 -17.50 -5.15
CA ALA B 703 24.83 -16.64 -6.06
C ALA B 703 23.48 -16.26 -5.47
N ALA B 704 22.80 -17.23 -4.83
CA ALA B 704 21.52 -16.96 -4.22
C ALA B 704 21.63 -15.96 -3.08
N PHE B 705 22.69 -16.06 -2.29
CA PHE B 705 22.96 -15.19 -1.17
C PHE B 705 23.26 -13.76 -1.58
N VAL B 706 24.16 -13.57 -2.55
CA VAL B 706 24.54 -12.22 -2.91
C VAL B 706 23.41 -11.49 -3.60
N ASN B 707 22.47 -12.23 -4.18
CA ASN B 707 21.33 -11.62 -4.83
C ASN B 707 20.15 -11.44 -3.87
N GLY B 708 20.36 -11.58 -2.57
CA GLY B 708 19.32 -11.31 -1.59
C GLY B 708 18.48 -12.42 -0.99
N LEU B 709 18.72 -13.70 -1.25
CA LEU B 709 17.85 -14.66 -0.59
C LEU B 709 18.34 -14.94 0.81
N ASP B 710 17.42 -15.28 1.69
CA ASP B 710 17.75 -15.62 3.06
C ASP B 710 18.37 -16.99 3.15
N VAL B 711 19.11 -17.23 4.21
CA VAL B 711 19.79 -18.49 4.43
C VAL B 711 18.81 -19.62 4.63
N GLU B 712 17.70 -19.38 5.30
CA GLU B 712 16.78 -20.48 5.52
C GLU B 712 16.21 -20.98 4.19
N VAL B 713 16.00 -20.08 3.24
CA VAL B 713 15.49 -20.47 1.94
C VAL B 713 16.52 -21.31 1.24
N ILE B 714 17.79 -20.90 1.34
CA ILE B 714 18.86 -21.63 0.71
C ILE B 714 18.96 -23.03 1.31
N ARG B 715 18.85 -23.17 2.64
CA ARG B 715 18.89 -24.49 3.28
C ARG B 715 17.79 -25.39 2.80
N GLN B 716 16.59 -24.87 2.70
CA GLN B 716 15.48 -25.68 2.25
C GLN B 716 15.72 -26.16 0.84
N GLY B 717 16.23 -25.28 -0.03
CA GLY B 717 16.49 -25.60 -1.40
C GLY B 717 17.58 -26.66 -1.57
N VAL B 718 18.66 -26.60 -0.81
CA VAL B 718 19.67 -27.63 -1.04
C VAL B 718 19.22 -29.00 -0.51
N ARG B 719 18.50 -29.03 0.60
CA ARG B 719 18.05 -30.29 1.18
C ARG B 719 17.06 -31.07 0.33
N THR B 720 16.20 -30.40 -0.42
CA THR B 720 15.18 -31.11 -1.18
C THR B 720 15.54 -31.31 -2.65
N PHE B 721 16.72 -30.90 -3.07
CA PHE B 721 17.09 -31.03 -4.46
C PHE B 721 17.57 -32.42 -4.82
N THR B 722 17.09 -32.97 -5.93
CA THR B 722 17.57 -34.28 -6.34
C THR B 722 18.07 -34.31 -7.78
N THR B 723 18.96 -35.25 -8.03
CA THR B 723 19.56 -35.53 -9.34
C THR B 723 19.48 -37.03 -9.61
N SER B 724 18.26 -37.54 -9.58
CA SER B 724 18.09 -39.02 -9.70
C SER B 724 18.13 -39.43 -11.16
N ALA B 725 17.96 -40.73 -11.40
CA ALA B 725 17.90 -41.20 -12.80
C ALA B 725 16.67 -40.62 -13.46
N GLU B 726 16.74 -40.33 -14.77
CA GLU B 726 15.63 -39.87 -15.60
C GLU B 726 15.24 -38.41 -15.33
N GLN B 727 15.98 -37.72 -14.45
CA GLN B 727 15.84 -36.29 -14.25
C GLN B 727 17.13 -35.70 -14.77
N THR B 728 18.23 -36.35 -14.38
CA THR B 728 19.56 -35.98 -14.81
C THR B 728 20.28 -37.24 -15.28
N PRO B 729 19.83 -37.91 -16.34
CA PRO B 729 20.40 -39.16 -16.78
C PRO B 729 21.80 -38.90 -17.26
N GLY B 730 22.70 -39.81 -16.92
CA GLY B 730 24.09 -39.73 -17.37
C GLY B 730 24.93 -38.84 -16.48
N ARG B 731 24.36 -38.29 -15.42
CA ARG B 731 25.11 -37.41 -14.55
C ARG B 731 25.12 -37.98 -13.13
N MET B 732 26.16 -38.75 -12.79
CA MET B 732 26.24 -39.46 -11.51
C MET B 732 25.02 -40.30 -11.15
N ASN B 733 24.62 -41.25 -11.99
CA ASN B 733 23.48 -42.07 -11.63
C ASN B 733 23.99 -43.32 -10.94
N LEU B 734 23.82 -43.40 -9.62
CA LEU B 734 24.34 -44.53 -8.88
C LEU B 734 23.23 -45.53 -8.62
N PHE B 735 23.42 -46.75 -9.10
CA PHE B 735 22.42 -47.81 -9.00
C PHE B 735 22.82 -48.85 -7.95
N ASN B 736 21.86 -49.17 -7.09
CA ASN B 736 21.96 -50.13 -5.98
C ASN B 736 21.44 -51.52 -6.36
N LEU B 737 22.31 -52.52 -6.48
CA LEU B 737 21.87 -53.83 -6.92
C LEU B 737 22.27 -54.90 -5.90
N GLY B 738 21.54 -54.99 -4.79
CA GLY B 738 21.90 -55.87 -3.68
C GLY B 738 23.23 -55.37 -3.12
N GLN B 739 24.18 -56.26 -2.82
CA GLN B 739 25.45 -55.76 -2.30
C GLN B 739 26.38 -55.48 -3.46
N HIS B 740 26.02 -54.49 -4.24
CA HIS B 740 26.73 -54.13 -5.46
C HIS B 740 26.30 -52.78 -5.99
N HIS B 741 27.23 -52.00 -6.50
CA HIS B 741 26.79 -50.76 -7.11
C HIS B 741 27.38 -50.51 -8.47
N ALA B 742 26.63 -49.78 -9.28
CA ALA B 742 27.09 -49.38 -10.59
C ALA B 742 26.81 -47.90 -10.81
N LEU B 743 27.76 -47.22 -11.40
CA LEU B 743 27.64 -45.80 -11.64
C LEU B 743 27.69 -45.44 -13.10
N VAL B 744 26.68 -44.74 -13.58
CA VAL B 744 26.68 -44.31 -14.97
C VAL B 744 26.93 -42.82 -15.05
N ASP B 745 27.93 -42.44 -15.83
CA ASP B 745 28.26 -41.02 -15.97
C ASP B 745 28.65 -40.74 -17.41
N TYR B 746 29.00 -39.50 -17.72
CA TYR B 746 29.25 -39.17 -19.11
C TYR B 746 30.27 -38.04 -19.27
N ALA B 747 31.51 -38.29 -18.89
CA ALA B 747 32.63 -37.33 -18.93
C ALA B 747 32.96 -36.99 -20.37
N HIS B 748 33.74 -35.94 -20.63
CA HIS B 748 34.09 -35.55 -21.99
C HIS B 748 35.53 -35.17 -21.99
N ASN B 749 35.79 -33.99 -21.48
CA ASN B 749 37.14 -33.56 -21.31
C ASN B 749 37.62 -34.27 -20.08
N PRO B 750 38.95 -34.40 -19.88
CA PRO B 750 39.63 -35.00 -18.76
C PRO B 750 39.19 -34.53 -17.39
N ALA B 751 38.71 -33.30 -17.23
CA ALA B 751 38.36 -32.90 -15.88
C ALA B 751 37.22 -33.75 -15.37
N GLY B 752 36.34 -34.23 -16.25
CA GLY B 752 35.22 -35.02 -15.80
C GLY B 752 35.63 -36.43 -15.46
N TYR B 753 36.82 -36.85 -15.89
CA TYR B 753 37.26 -38.18 -15.59
C TYR B 753 37.93 -38.13 -14.26
N ARG B 754 38.61 -37.01 -13.99
CA ARG B 754 39.22 -36.87 -12.70
C ARG B 754 38.16 -36.66 -11.62
N ALA B 755 37.12 -35.86 -11.91
CA ALA B 755 36.08 -35.63 -10.94
C ALA B 755 35.39 -36.94 -10.55
N VAL B 756 35.11 -37.80 -11.53
CA VAL B 756 34.52 -39.07 -11.21
C VAL B 756 35.51 -39.95 -10.48
N GLY B 757 36.78 -39.95 -10.91
CA GLY B 757 37.78 -40.76 -10.25
C GLY B 757 37.87 -40.45 -8.76
N ASP B 758 37.73 -39.19 -8.36
CA ASP B 758 37.79 -38.90 -6.93
C ASP B 758 36.61 -39.50 -6.18
N PHE B 759 35.42 -39.50 -6.79
CA PHE B 759 34.29 -40.16 -6.14
C PHE B 759 34.63 -41.64 -5.91
N VAL B 760 35.18 -42.26 -6.94
CA VAL B 760 35.53 -43.68 -6.87
C VAL B 760 36.57 -43.95 -5.78
N LYS B 761 37.60 -43.10 -5.67
CA LYS B 761 38.63 -43.27 -4.66
C LYS B 761 38.07 -43.32 -3.24
N ASN B 762 36.98 -42.58 -2.99
CA ASN B 762 36.37 -42.53 -1.67
C ASN B 762 35.44 -43.72 -1.41
N TRP B 763 35.25 -44.58 -2.39
CA TRP B 763 34.33 -45.68 -2.23
C TRP B 763 34.92 -46.76 -1.36
N GLN B 764 34.63 -46.71 -0.07
CA GLN B 764 35.20 -47.71 0.83
C GLN B 764 34.39 -48.99 0.82
N GLY B 765 34.52 -49.68 -0.30
CA GLY B 765 33.85 -50.93 -0.64
C GLY B 765 34.91 -51.91 -1.06
N GLN B 766 34.67 -52.66 -2.13
CA GLN B 766 35.66 -53.66 -2.58
C GLN B 766 36.39 -53.27 -3.86
N ARG B 767 36.18 -53.98 -4.96
CA ARG B 767 36.97 -53.62 -6.16
C ARG B 767 36.41 -52.40 -6.86
N PHE B 768 37.30 -51.67 -7.51
CA PHE B 768 36.94 -50.52 -8.31
C PHE B 768 37.10 -50.92 -9.77
N GLY B 769 36.00 -51.13 -10.46
CA GLY B 769 36.14 -51.53 -11.83
C GLY B 769 35.64 -50.48 -12.77
N VAL B 770 36.28 -50.42 -13.92
CA VAL B 770 35.87 -49.51 -14.96
C VAL B 770 35.70 -50.30 -16.23
N VAL B 771 34.64 -49.98 -16.93
CA VAL B 771 34.34 -50.67 -18.15
C VAL B 771 34.38 -49.81 -19.39
N GLY B 772 35.32 -48.87 -19.49
CA GLY B 772 35.36 -48.06 -20.69
C GLY B 772 36.37 -46.95 -20.75
N GLY B 773 36.25 -46.18 -21.84
CA GLY B 773 37.08 -45.05 -22.20
C GLY B 773 36.39 -44.25 -23.33
N PRO B 774 37.11 -43.33 -23.99
CA PRO B 774 36.71 -42.37 -25.02
C PRO B 774 36.25 -42.96 -26.34
N GLY B 775 35.50 -42.16 -27.09
CA GLY B 775 35.05 -42.54 -28.43
C GLY B 775 36.11 -42.14 -29.45
N ASP B 776 35.77 -42.18 -30.72
CA ASP B 776 36.76 -41.93 -31.78
C ASP B 776 36.90 -40.48 -32.23
N ARG B 777 36.17 -39.57 -31.63
CA ARG B 777 36.19 -38.19 -32.10
C ARG B 777 37.02 -37.25 -31.22
N ARG B 778 37.76 -37.84 -30.29
CA ARG B 778 38.63 -37.07 -29.43
C ARG B 778 39.98 -36.89 -30.11
N ASP B 779 40.75 -35.91 -29.63
CA ASP B 779 42.07 -35.65 -30.17
C ASP B 779 43.04 -36.58 -29.44
N SER B 780 44.34 -36.27 -29.41
CA SER B 780 45.29 -37.19 -28.80
C SER B 780 45.34 -37.09 -27.28
N ASP B 781 44.22 -37.45 -26.64
CA ASP B 781 44.06 -37.42 -25.20
C ASP B 781 43.65 -38.79 -24.68
N LEU B 782 43.82 -39.79 -25.55
CA LEU B 782 43.48 -41.15 -25.19
C LEU B 782 44.47 -41.65 -24.16
N ILE B 783 45.72 -41.22 -24.28
CA ILE B 783 46.71 -41.64 -23.33
C ILE B 783 46.39 -41.03 -21.98
N GLU B 784 46.02 -39.74 -21.97
CA GLU B 784 45.69 -39.09 -20.70
C GLU B 784 44.57 -39.84 -20.01
N LEU B 785 43.56 -40.29 -20.75
CA LEU B 785 42.51 -41.02 -20.08
C LEU B 785 43.09 -42.29 -19.53
N GLY B 786 43.89 -43.00 -20.31
CA GLY B 786 44.41 -44.24 -19.78
C GLY B 786 45.22 -44.00 -18.50
N GLN B 787 45.94 -42.90 -18.44
CA GLN B 787 46.73 -42.57 -17.26
C GLN B 787 45.84 -42.31 -16.05
N ILE B 788 44.65 -41.72 -16.26
CA ILE B 788 43.71 -41.44 -15.19
C ILE B 788 43.11 -42.75 -14.69
N ALA B 789 42.68 -43.63 -15.58
CA ALA B 789 42.09 -44.88 -15.10
C ALA B 789 43.11 -45.72 -14.32
N ALA B 790 44.36 -45.73 -14.79
CA ALA B 790 45.39 -46.57 -14.16
C ALA B 790 45.67 -46.51 -12.67
N GLN B 791 45.46 -45.32 -12.11
CA GLN B 791 45.59 -45.01 -10.71
C GLN B 791 44.33 -44.91 -9.89
N VAL B 792 43.20 -45.13 -10.56
CA VAL B 792 41.92 -45.09 -9.89
C VAL B 792 41.19 -46.41 -9.78
N PHE B 793 41.46 -47.33 -10.71
CA PHE B 793 40.72 -48.57 -10.79
C PHE B 793 41.69 -49.75 -10.70
N ASP B 794 41.24 -50.87 -10.10
CA ASP B 794 42.05 -52.10 -10.06
C ASP B 794 41.54 -53.20 -11.00
N ARG B 795 40.43 -52.91 -11.69
CA ARG B 795 39.86 -53.77 -12.73
C ARG B 795 39.62 -52.93 -13.97
N ILE B 796 40.55 -52.93 -14.93
CA ILE B 796 40.33 -52.05 -16.08
C ILE B 796 40.10 -52.81 -17.36
N ILE B 797 38.88 -52.73 -17.90
CA ILE B 797 38.59 -53.47 -19.11
C ILE B 797 38.19 -52.50 -20.21
N VAL B 798 38.82 -52.65 -21.36
CA VAL B 798 38.61 -51.76 -22.50
C VAL B 798 37.54 -52.24 -23.53
N LYS B 799 36.61 -51.35 -23.88
CA LYS B 799 35.49 -51.58 -24.83
C LYS B 799 35.49 -50.55 -25.96
N GLU B 800 36.60 -49.92 -26.21
CA GLU B 800 36.60 -48.84 -27.17
C GLU B 800 36.66 -49.26 -28.64
N ASP B 801 35.50 -49.76 -29.06
CA ASP B 801 35.16 -50.21 -30.41
C ASP B 801 33.64 -50.00 -30.48
N ASP B 802 33.22 -48.74 -30.51
CA ASP B 802 31.80 -48.45 -30.37
C ASP B 802 31.07 -48.63 -31.67
N ASP B 803 29.79 -48.29 -31.72
CA ASP B 803 29.04 -48.56 -32.95
C ASP B 803 29.21 -47.46 -33.98
N LYS B 804 29.48 -46.24 -33.52
CA LYS B 804 29.64 -45.13 -34.44
C LYS B 804 30.88 -45.31 -35.30
N ARG B 805 31.98 -45.80 -34.70
CA ARG B 805 33.21 -46.08 -35.43
C ARG B 805 33.65 -44.93 -36.31
N GLY B 806 33.76 -43.76 -35.69
CA GLY B 806 34.15 -42.55 -36.38
C GLY B 806 35.49 -42.74 -37.09
N ARG B 807 36.38 -43.54 -36.49
CA ARG B 807 37.66 -43.80 -37.14
C ARG B 807 38.03 -45.27 -37.10
N SER B 808 38.14 -45.87 -38.28
CA SER B 808 38.52 -47.27 -38.42
C SER B 808 37.74 -48.26 -37.53
N GLU B 809 38.45 -49.03 -36.69
CA GLU B 809 37.82 -50.03 -35.82
C GLU B 809 38.23 -49.90 -34.34
N GLY B 810 39.18 -50.75 -33.91
CA GLY B 810 39.60 -50.86 -32.51
C GLY B 810 40.83 -50.05 -32.11
N GLU B 811 41.32 -49.16 -32.98
CA GLU B 811 42.51 -48.40 -32.67
C GLU B 811 42.34 -47.56 -31.40
N THR B 812 41.14 -47.06 -31.11
CA THR B 812 40.95 -46.28 -29.90
C THR B 812 41.25 -47.19 -28.70
N ALA B 813 40.69 -48.42 -28.69
CA ALA B 813 40.98 -49.35 -27.62
C ALA B 813 42.46 -49.65 -27.51
N ASP B 814 43.15 -49.74 -28.63
CA ASP B 814 44.57 -50.04 -28.57
C ASP B 814 45.36 -48.91 -27.92
N LEU B 815 44.93 -47.66 -28.13
CA LEU B 815 45.61 -46.53 -27.53
C LEU B 815 45.30 -46.45 -26.05
N ILE B 816 44.09 -46.83 -25.67
CA ILE B 816 43.77 -46.82 -24.26
C ILE B 816 44.60 -47.87 -23.56
N VAL B 817 44.72 -49.06 -24.16
CA VAL B 817 45.52 -50.09 -23.54
C VAL B 817 46.96 -49.62 -23.39
N LYS B 818 47.52 -48.96 -24.42
CA LYS B 818 48.86 -48.43 -24.29
C LYS B 818 48.98 -47.49 -23.09
N GLY B 819 48.01 -46.57 -22.95
CA GLY B 819 48.03 -45.62 -21.84
C GLY B 819 47.91 -46.26 -20.46
N ILE B 820 46.97 -47.18 -20.27
CA ILE B 820 46.74 -47.75 -18.94
C ILE B 820 47.91 -48.63 -18.47
N LEU B 821 48.58 -49.30 -19.42
CA LEU B 821 49.71 -50.16 -19.08
C LEU B 821 50.98 -49.36 -18.85
N GLN B 822 50.91 -48.05 -19.10
CA GLN B 822 52.04 -47.18 -18.95
C GLN B 822 52.22 -46.81 -17.50
N GLU B 823 51.13 -46.76 -16.73
CA GLU B 823 51.26 -46.32 -15.36
C GLU B 823 51.15 -47.46 -14.36
N ASN B 824 50.29 -48.44 -14.63
CA ASN B 824 50.11 -49.49 -13.64
C ASN B 824 49.68 -50.82 -14.25
N PRO B 825 50.58 -51.59 -14.89
CA PRO B 825 50.28 -52.78 -15.64
C PRO B 825 50.01 -54.02 -14.76
N GLY B 826 49.05 -53.90 -13.83
CA GLY B 826 48.64 -54.96 -12.93
C GLY B 826 47.14 -54.94 -12.57
N ALA B 827 46.26 -54.62 -13.53
CA ALA B 827 44.80 -54.52 -13.27
C ALA B 827 43.96 -55.35 -14.24
N SER B 828 44.41 -56.58 -14.54
CA SER B 828 43.66 -57.49 -15.42
C SER B 828 43.24 -56.80 -16.71
N TYR B 829 44.22 -56.28 -17.44
CA TYR B 829 43.95 -55.46 -18.59
C TYR B 829 43.48 -56.14 -19.84
N GLU B 830 42.24 -56.57 -19.76
CA GLU B 830 41.50 -57.20 -20.81
C GLU B 830 40.94 -56.17 -21.76
N VAL B 831 40.94 -56.50 -23.03
CA VAL B 831 40.25 -55.66 -23.99
C VAL B 831 39.21 -56.59 -24.59
N ILE B 832 37.96 -56.15 -24.56
CA ILE B 832 36.85 -56.96 -25.04
C ILE B 832 36.21 -56.34 -26.26
N LEU B 833 36.37 -55.03 -26.40
CA LEU B 833 35.87 -54.22 -27.50
C LEU B 833 34.34 -54.03 -27.47
N ASP B 834 33.56 -55.11 -27.41
CA ASP B 834 32.09 -54.93 -27.36
C ASP B 834 31.61 -54.22 -26.09
N GLU B 835 30.60 -53.35 -26.30
CA GLU B 835 30.06 -52.49 -25.21
C GLU B 835 28.52 -52.39 -25.28
N THR B 836 27.82 -53.46 -25.68
CA THR B 836 26.33 -53.46 -25.87
C THR B 836 25.85 -54.23 -24.65
N ILE B 837 26.10 -55.54 -24.61
CA ILE B 837 25.68 -56.40 -23.46
C ILE B 837 26.91 -57.23 -23.08
N ALA B 838 28.05 -56.94 -23.70
CA ALA B 838 29.29 -57.70 -23.39
C ALA B 838 30.07 -57.20 -22.17
N LEU B 839 30.59 -55.97 -22.23
CA LEU B 839 31.28 -55.46 -21.07
C LEU B 839 30.37 -54.79 -20.08
N ASN B 840 29.26 -54.19 -20.53
CA ASN B 840 28.39 -53.52 -19.57
C ASN B 840 27.40 -54.47 -18.91
N LYS B 841 27.50 -55.76 -19.24
CA LYS B 841 26.66 -56.78 -18.63
C LYS B 841 27.50 -57.58 -17.66
N ALA B 842 28.82 -57.63 -17.88
CA ALA B 842 29.73 -58.41 -17.07
C ALA B 842 30.05 -57.72 -15.73
N LEU B 843 29.04 -57.72 -14.87
CA LEU B 843 29.07 -57.10 -13.54
C LEU B 843 29.25 -58.15 -12.44
N ASP B 844 29.16 -59.42 -12.82
CA ASP B 844 29.20 -60.52 -11.87
C ASP B 844 30.62 -60.98 -11.63
N GLN B 845 31.54 -60.25 -12.23
CA GLN B 845 32.96 -60.46 -12.10
C GLN B 845 33.52 -59.58 -10.98
N VAL B 846 32.63 -58.81 -10.34
CA VAL B 846 32.96 -57.91 -9.24
C VAL B 846 32.24 -58.36 -7.97
N GLU B 847 32.98 -58.45 -6.88
CA GLU B 847 32.47 -58.93 -5.60
C GLU B 847 31.57 -57.96 -4.87
N GLU B 848 31.09 -58.40 -3.71
CA GLU B 848 30.16 -57.63 -2.93
C GLU B 848 30.74 -56.30 -2.53
N LYS B 849 29.91 -55.28 -2.66
CA LYS B 849 30.21 -53.89 -2.34
C LYS B 849 31.28 -53.29 -3.26
N GLY B 850 31.57 -53.93 -4.39
CA GLY B 850 32.48 -53.31 -5.32
C GLY B 850 31.66 -52.32 -6.12
N LEU B 851 32.34 -51.51 -6.92
CA LEU B 851 31.70 -50.50 -7.74
C LEU B 851 32.10 -50.59 -9.21
N VAL B 852 31.10 -50.62 -10.08
CA VAL B 852 31.36 -50.63 -11.53
C VAL B 852 31.06 -49.29 -12.15
N VAL B 853 32.08 -48.68 -12.77
CA VAL B 853 31.94 -47.37 -13.38
C VAL B 853 31.82 -47.46 -14.90
N VAL B 854 30.72 -46.95 -15.41
CA VAL B 854 30.38 -47.05 -16.80
C VAL B 854 30.44 -45.70 -17.51
N PHE B 855 31.16 -45.70 -18.62
CA PHE B 855 31.32 -44.55 -19.49
C PHE B 855 30.87 -44.99 -20.89
N PRO B 856 29.56 -45.05 -21.16
CA PRO B 856 28.93 -45.58 -22.34
C PRO B 856 29.03 -44.57 -23.44
N GLU B 857 28.91 -44.98 -24.70
CA GLU B 857 28.72 -43.97 -25.73
C GLU B 857 27.30 -43.42 -25.59
N SER B 858 26.37 -44.30 -25.26
CA SER B 858 24.98 -43.94 -25.11
C SER B 858 24.44 -44.25 -23.73
N VAL B 859 24.07 -43.19 -23.02
CA VAL B 859 23.57 -43.28 -21.67
C VAL B 859 22.27 -44.03 -21.65
N THR B 860 21.43 -43.78 -22.65
CA THR B 860 20.15 -44.41 -22.75
C THR B 860 20.29 -45.93 -22.70
N ARG B 861 21.31 -46.47 -23.36
CA ARG B 861 21.46 -47.91 -23.29
C ARG B 861 22.00 -48.33 -21.93
N ALA B 862 22.97 -47.59 -21.40
CA ALA B 862 23.57 -47.99 -20.12
C ALA B 862 22.56 -48.06 -19.00
N ILE B 863 21.62 -47.14 -18.99
CA ILE B 863 20.65 -47.11 -17.89
C ILE B 863 19.46 -48.01 -18.18
N ASP B 864 19.42 -48.63 -19.36
CA ASP B 864 18.38 -49.57 -19.70
C ASP B 864 18.86 -50.93 -19.28
N LEU B 865 20.12 -51.24 -19.64
CA LEU B 865 20.69 -52.54 -19.33
C LEU B 865 20.81 -52.77 -17.84
N ILE B 866 21.19 -51.74 -17.10
CA ILE B 866 21.33 -51.87 -15.66
C ILE B 866 19.98 -52.22 -14.99
N LYS B 867 18.85 -51.94 -15.65
CA LYS B 867 17.54 -52.19 -15.07
C LYS B 867 17.10 -53.64 -15.29
N VAL B 868 17.84 -54.36 -16.13
CA VAL B 868 17.51 -55.74 -16.48
C VAL B 868 17.93 -56.63 -15.33
N ARG B 869 18.75 -56.07 -14.46
CA ARG B 869 19.27 -56.74 -13.30
C ARG B 869 18.42 -56.46 -12.06
N ASN B 870 17.28 -55.77 -12.23
CA ASN B 870 16.36 -55.46 -11.15
C ASN B 870 16.96 -54.70 -9.95
N PRO B 871 17.44 -53.45 -10.14
CA PRO B 871 18.03 -52.59 -9.14
C PRO B 871 16.98 -52.14 -8.15
N ILE B 872 17.44 -51.77 -6.97
CA ILE B 872 16.63 -51.28 -5.88
C ILE B 872 16.16 -49.85 -6.07
N MET C 1 -35.45 -20.46 55.02
CA MET C 1 -35.03 -20.44 53.63
C MET C 1 -33.55 -20.74 53.52
N LYS C 2 -33.22 -21.77 52.75
CA LYS C 2 -31.84 -22.17 52.56
C LYS C 2 -31.36 -21.95 51.13
N ILE C 3 -30.11 -21.58 50.96
CA ILE C 3 -29.58 -21.44 49.61
C ILE C 3 -28.75 -22.65 49.29
N LEU C 4 -29.11 -23.33 48.22
CA LEU C 4 -28.46 -24.57 47.85
C LEU C 4 -27.33 -24.37 46.86
N LYS C 5 -27.55 -23.46 45.92
CA LYS C 5 -26.55 -23.24 44.87
C LYS C 5 -26.54 -21.82 44.31
N THR C 6 -25.36 -21.27 44.02
CA THR C 6 -25.32 -19.95 43.38
C THR C 6 -24.46 -19.93 42.14
N LEU C 7 -24.99 -19.38 41.05
CA LEU C 7 -24.25 -19.21 39.80
C LEU C 7 -24.12 -17.76 39.41
N THR C 8 -22.97 -17.39 38.88
CA THR C 8 -22.80 -16.03 38.39
C THR C 8 -22.61 -16.10 36.89
N LEU C 9 -23.46 -15.39 36.15
CA LEU C 9 -23.38 -15.42 34.71
C LEU C 9 -22.75 -14.15 34.20
N ARG C 10 -21.85 -14.29 33.24
CA ARG C 10 -21.18 -13.15 32.62
C ARG C 10 -21.15 -13.22 31.11
N GLY C 11 -22.25 -12.88 30.46
CA GLY C 11 -22.33 -12.97 29.01
C GLY C 11 -23.72 -13.46 28.65
N PRO C 12 -24.10 -13.48 27.36
CA PRO C 12 -25.39 -13.89 26.87
C PRO C 12 -25.69 -15.24 27.40
N ASN C 13 -26.91 -15.44 27.82
CA ASN C 13 -27.29 -16.67 28.47
C ASN C 13 -28.73 -17.06 28.26
N TYR C 14 -29.09 -18.14 28.88
CA TYR C 14 -30.42 -18.71 28.86
C TYR C 14 -31.52 -17.75 29.31
N TRP C 15 -31.27 -16.98 30.37
CA TRP C 15 -32.30 -16.10 30.93
C TRP C 15 -32.48 -14.84 30.11
N SER C 16 -31.39 -14.33 29.57
CA SER C 16 -31.41 -13.14 28.75
C SER C 16 -30.19 -13.00 27.85
N ILE C 17 -30.37 -12.47 26.65
CA ILE C 17 -29.24 -12.20 25.77
C ILE C 17 -28.58 -10.87 26.13
N ARG C 18 -29.39 -9.85 26.40
CA ARG C 18 -28.88 -8.54 26.76
C ARG C 18 -28.46 -8.40 28.23
N ARG C 19 -29.11 -9.12 29.12
CA ARG C 19 -28.76 -8.97 30.52
C ARG C 19 -27.64 -9.94 30.81
N LYS C 20 -26.45 -9.47 30.52
CA LYS C 20 -25.23 -10.23 30.61
C LYS C 20 -24.81 -10.54 32.03
N LYS C 21 -25.08 -9.63 32.97
CA LYS C 21 -24.68 -9.78 34.37
C LYS C 21 -25.80 -10.20 35.31
N LEU C 22 -25.89 -11.50 35.56
CA LEU C 22 -26.97 -12.03 36.38
C LEU C 22 -26.49 -13.01 37.43
N ILE C 23 -27.19 -13.05 38.56
CA ILE C 23 -26.96 -14.06 39.58
C ILE C 23 -28.15 -14.94 39.71
N VAL C 24 -27.91 -16.24 39.63
CA VAL C 24 -28.97 -17.20 39.73
C VAL C 24 -28.82 -17.99 41.01
N MET C 25 -29.79 -17.85 41.86
CA MET C 25 -29.76 -18.51 43.15
C MET C 25 -30.80 -19.62 43.25
N ARG C 26 -30.37 -20.78 43.71
CA ARG C 26 -31.27 -21.91 43.89
C ARG C 26 -31.68 -21.92 45.35
N LEU C 27 -32.90 -21.45 45.60
CA LEU C 27 -33.44 -21.21 46.92
C LEU C 27 -34.45 -22.27 47.34
N ASP C 28 -34.21 -22.89 48.49
CA ASP C 28 -35.02 -23.95 49.05
C ASP C 28 -36.01 -23.47 50.13
N LEU C 29 -37.28 -23.35 49.76
CA LEU C 29 -38.24 -22.81 50.70
C LEU C 29 -38.81 -23.92 51.58
N GLU C 30 -38.03 -24.29 52.59
CA GLU C 30 -38.38 -25.37 53.51
C GLU C 30 -39.70 -25.04 54.23
N ASP C 31 -39.82 -23.76 54.58
CA ASP C 31 -40.99 -23.12 55.17
C ASP C 31 -41.49 -22.18 54.10
N LEU C 32 -42.56 -21.47 54.33
CA LEU C 32 -43.06 -20.39 53.47
C LEU C 32 -43.67 -20.84 52.14
N ALA C 33 -43.19 -21.93 51.56
CA ALA C 33 -43.72 -22.51 50.32
C ALA C 33 -45.17 -22.93 50.51
N GLU C 34 -45.53 -23.15 51.75
CA GLU C 34 -46.86 -23.54 52.18
C GLU C 34 -47.66 -22.36 52.78
N ARG C 35 -47.06 -21.16 52.81
CA ARG C 35 -47.67 -20.00 53.46
C ARG C 35 -47.63 -18.72 52.62
N PRO C 36 -48.58 -18.49 51.70
CA PRO C 36 -48.58 -17.38 50.76
C PRO C 36 -48.98 -16.05 51.38
N SER C 37 -48.15 -15.57 52.30
CA SER C 37 -48.26 -14.25 52.99
C SER C 37 -49.44 -14.04 53.92
N ASN C 38 -50.63 -14.37 53.48
CA ASN C 38 -51.84 -14.21 54.27
C ASN C 38 -51.79 -15.08 55.52
N SER C 39 -50.95 -16.10 55.42
CA SER C 39 -50.64 -17.10 56.40
C SER C 39 -49.44 -16.70 57.27
N ILE C 40 -48.91 -15.50 57.05
CA ILE C 40 -47.78 -14.97 57.79
C ILE C 40 -48.16 -13.58 58.33
N PRO C 41 -48.85 -13.48 59.47
CA PRO C 41 -49.35 -12.24 60.01
C PRO C 41 -48.21 -11.27 60.22
N GLY C 42 -48.43 -10.01 59.83
CA GLY C 42 -47.44 -8.95 59.99
C GLY C 42 -46.53 -8.79 58.77
N PHE C 43 -46.55 -9.74 57.84
CA PHE C 43 -45.67 -9.67 56.68
C PHE C 43 -46.19 -8.86 55.51
N TYR C 44 -46.40 -7.60 55.78
CA TYR C 44 -46.79 -6.60 54.82
C TYR C 44 -46.32 -5.31 55.41
N GLU C 45 -46.77 -5.07 56.66
CA GLU C 45 -46.40 -3.89 57.40
C GLU C 45 -44.93 -3.91 57.76
N GLY C 46 -44.40 -5.06 58.20
CA GLY C 46 -43.00 -5.12 58.54
C GLY C 46 -42.16 -4.87 57.30
N LEU C 47 -42.56 -5.42 56.17
CA LEU C 47 -41.74 -5.27 54.98
C LEU C 47 -41.73 -3.83 54.50
N ILE C 48 -42.88 -3.18 54.49
CA ILE C 48 -42.91 -1.80 54.03
C ILE C 48 -42.25 -0.82 55.00
N LYS C 49 -42.25 -1.09 56.31
CA LYS C 49 -41.58 -0.14 57.16
C LYS C 49 -40.06 -0.33 57.13
N VAL C 50 -39.58 -1.55 56.92
CA VAL C 50 -38.13 -1.80 56.85
C VAL C 50 -37.59 -1.26 55.52
N LEU C 51 -38.29 -1.54 54.42
CA LEU C 51 -37.86 -1.11 53.11
C LEU C 51 -38.96 -0.29 52.39
N PRO C 52 -39.24 0.96 52.81
CA PRO C 52 -40.34 1.81 52.37
C PRO C 52 -40.28 2.20 50.89
N SER C 53 -39.12 2.02 50.29
CA SER C 53 -38.91 2.33 48.89
C SER C 53 -39.51 1.29 47.95
N LEU C 54 -39.97 0.13 48.47
CA LEU C 54 -40.49 -0.94 47.62
C LEU C 54 -41.90 -0.68 47.12
N VAL C 55 -42.07 0.44 46.41
CA VAL C 55 -43.29 0.88 45.79
C VAL C 55 -42.90 1.09 44.35
N GLU C 56 -41.61 1.14 44.14
CA GLU C 56 -41.09 1.42 42.81
C GLU C 56 -40.95 0.13 42.00
N HIS C 57 -41.36 -0.96 42.62
CA HIS C 57 -41.31 -2.28 42.05
C HIS C 57 -42.67 -2.65 41.46
N PHE C 58 -42.57 -3.10 40.22
CA PHE C 58 -43.66 -3.52 39.35
C PHE C 58 -43.55 -5.01 39.19
N CYS C 59 -44.65 -5.68 38.95
CA CYS C 59 -44.56 -7.12 38.71
C CYS C 59 -45.38 -7.39 37.49
N SER C 60 -46.33 -8.32 37.58
CA SER C 60 -47.24 -8.46 36.47
C SER C 60 -48.07 -7.18 36.32
N PRO C 61 -48.59 -6.54 37.41
CA PRO C 61 -49.29 -5.29 37.31
C PRO C 61 -48.30 -4.22 36.86
N GLY C 62 -48.67 -3.44 35.85
CA GLY C 62 -47.84 -2.38 35.32
C GLY C 62 -48.04 -1.07 36.07
N TYR C 63 -47.90 -1.12 37.38
CA TYR C 63 -48.20 0.03 38.22
C TYR C 63 -47.16 0.32 39.26
N GLN C 64 -47.07 1.59 39.63
CA GLN C 64 -46.24 1.95 40.77
C GLN C 64 -46.98 1.29 41.91
N GLY C 65 -46.27 0.57 42.75
CA GLY C 65 -46.90 -0.15 43.84
C GLY C 65 -47.44 -1.50 43.37
N GLY C 66 -47.18 -1.89 42.12
CA GLY C 66 -47.68 -3.16 41.58
C GLY C 66 -47.19 -4.33 42.42
N PHE C 67 -45.98 -4.22 42.93
CA PHE C 67 -45.46 -5.24 43.84
C PHE C 67 -46.32 -5.29 45.09
N LEU C 68 -46.58 -4.13 45.68
CA LEU C 68 -47.32 -4.00 46.93
C LEU C 68 -48.82 -4.23 46.77
N GLU C 69 -49.29 -4.30 45.53
CA GLU C 69 -50.69 -4.68 45.28
C GLU C 69 -50.85 -6.15 45.66
N ARG C 70 -49.72 -6.88 45.67
CA ARG C 70 -49.65 -8.26 46.07
C ARG C 70 -48.97 -8.25 47.42
N VAL C 71 -48.01 -9.14 47.64
CA VAL C 71 -47.32 -9.32 48.93
C VAL C 71 -48.31 -9.88 49.96
N LYS C 72 -49.42 -9.17 50.25
CA LYS C 72 -50.49 -9.61 51.18
C LYS C 72 -51.21 -10.85 50.62
N GLU C 73 -51.16 -10.98 49.31
CA GLU C 73 -51.64 -12.11 48.55
C GLU C 73 -50.32 -12.66 48.09
N GLY C 74 -49.83 -13.68 48.76
CA GLY C 74 -48.45 -14.01 48.55
C GLY C 74 -48.08 -14.65 47.26
N THR C 75 -46.78 -14.62 47.07
CA THR C 75 -46.04 -15.13 45.97
C THR C 75 -45.12 -16.27 46.43
N TYR C 76 -45.32 -16.72 47.67
CA TYR C 76 -44.50 -17.78 48.25
C TYR C 76 -43.02 -17.43 48.23
N MET C 77 -42.72 -16.19 48.54
CA MET C 77 -41.38 -15.59 48.60
C MET C 77 -40.67 -15.46 47.24
N GLY C 78 -41.36 -15.78 46.14
CA GLY C 78 -40.78 -15.47 44.86
C GLY C 78 -41.10 -14.02 44.85
N HIS C 79 -40.53 -13.21 43.99
CA HIS C 79 -40.80 -11.77 44.03
C HIS C 79 -40.27 -11.08 45.29
N ILE C 80 -40.58 -11.53 46.49
CA ILE C 80 -40.10 -10.82 47.63
C ILE C 80 -38.59 -10.99 47.81
N VAL C 81 -38.03 -12.20 47.73
CA VAL C 81 -36.58 -12.26 47.90
C VAL C 81 -35.92 -11.53 46.73
N GLU C 82 -36.45 -11.73 45.53
CA GLU C 82 -35.98 -11.10 44.31
C GLU C 82 -36.00 -9.57 44.37
N HIS C 83 -37.11 -8.97 44.83
CA HIS C 83 -37.25 -7.53 44.87
C HIS C 83 -36.43 -6.95 46.00
N VAL C 84 -36.29 -7.68 47.11
CA VAL C 84 -35.47 -7.17 48.17
C VAL C 84 -34.01 -7.13 47.72
N ALA C 85 -33.51 -8.20 47.07
CA ALA C 85 -32.10 -8.15 46.65
C ALA C 85 -31.87 -7.00 45.68
N LEU C 86 -32.82 -6.75 44.79
CA LEU C 86 -32.62 -5.64 43.87
C LEU C 86 -32.64 -4.29 44.58
N GLU C 87 -33.54 -4.12 45.56
CA GLU C 87 -33.63 -2.85 46.27
C GLU C 87 -32.41 -2.62 47.17
N LEU C 88 -31.88 -3.67 47.79
CA LEU C 88 -30.72 -3.45 48.63
C LEU C 88 -29.57 -2.91 47.81
N GLN C 89 -29.45 -3.32 46.54
CA GLN C 89 -28.38 -2.78 45.69
C GLN C 89 -28.70 -1.32 45.29
N GLU C 90 -29.96 -1.00 45.02
CA GLU C 90 -30.33 0.36 44.64
C GLU C 90 -30.08 1.37 45.77
N LEU C 91 -30.29 0.94 47.01
CA LEU C 91 -30.12 1.79 48.18
C LEU C 91 -28.69 2.26 48.38
N VAL C 92 -27.73 1.61 47.75
CA VAL C 92 -26.34 1.98 47.89
C VAL C 92 -25.76 2.51 46.58
N GLY C 93 -26.63 2.83 45.63
CA GLY C 93 -26.22 3.42 44.36
C GLY C 93 -25.93 2.49 43.18
N MET C 94 -26.19 1.19 43.29
CA MET C 94 -25.93 0.32 42.17
C MET C 94 -27.25 0.07 41.49
N THR C 95 -27.35 0.39 40.21
CA THR C 95 -28.62 0.23 39.55
C THR C 95 -28.82 -1.05 38.78
N ALA C 96 -29.76 -1.86 39.27
CA ALA C 96 -30.09 -3.14 38.60
C ALA C 96 -31.57 -3.45 38.88
N GLY C 97 -32.37 -3.70 37.84
CA GLY C 97 -33.75 -4.10 38.07
C GLY C 97 -34.36 -5.31 37.40
N PHE C 98 -33.61 -5.97 36.57
CA PHE C 98 -34.11 -7.18 35.96
C PHE C 98 -34.17 -8.31 36.97
N GLY C 99 -35.23 -9.09 36.92
CA GLY C 99 -35.29 -10.29 37.71
C GLY C 99 -36.49 -11.16 37.37
N ARG C 100 -36.35 -12.43 37.71
CA ARG C 100 -37.34 -13.48 37.47
C ARG C 100 -37.32 -14.59 38.52
N THR C 101 -38.47 -15.18 38.79
CA THR C 101 -38.51 -16.37 39.64
C THR C 101 -39.26 -17.52 38.95
N ARG C 102 -38.67 -18.71 38.96
CA ARG C 102 -39.28 -19.91 38.39
C ARG C 102 -39.13 -21.12 39.30
N GLU C 103 -40.20 -21.90 39.47
CA GLU C 103 -40.10 -23.08 40.32
C GLU C 103 -39.46 -24.22 39.55
N THR C 104 -38.59 -24.96 40.21
CA THR C 104 -37.93 -26.13 39.66
C THR C 104 -38.00 -27.35 40.54
N SER C 105 -37.43 -28.45 40.07
CA SER C 105 -37.31 -29.68 40.83
C SER C 105 -38.58 -30.10 41.53
N THR C 106 -38.44 -30.47 42.79
CA THR C 106 -39.54 -30.82 43.63
C THR C 106 -40.13 -29.52 44.14
N PRO C 107 -41.38 -29.52 44.62
CA PRO C 107 -42.02 -28.32 45.11
C PRO C 107 -41.19 -27.66 46.19
N GLY C 108 -41.15 -26.35 46.14
CA GLY C 108 -40.40 -25.56 47.10
C GLY C 108 -39.02 -25.11 46.64
N VAL C 109 -38.47 -25.67 45.56
CA VAL C 109 -37.16 -25.18 45.14
C VAL C 109 -37.30 -24.21 43.98
N TYR C 110 -36.79 -23.01 44.15
CA TYR C 110 -36.92 -21.99 43.13
C TYR C 110 -35.64 -21.42 42.60
N ASN C 111 -35.66 -21.04 41.35
CA ASN C 111 -34.57 -20.30 40.76
C ASN C 111 -34.88 -18.84 40.78
N VAL C 112 -34.09 -18.11 41.55
CA VAL C 112 -34.25 -16.69 41.73
C VAL C 112 -33.18 -15.99 40.94
N VAL C 113 -33.56 -15.20 39.97
CA VAL C 113 -32.61 -14.57 39.10
C VAL C 113 -32.66 -13.08 39.24
N TYR C 114 -31.52 -12.45 39.51
CA TYR C 114 -31.51 -11.01 39.59
C TYR C 114 -30.25 -10.42 39.00
N GLU C 115 -30.36 -9.20 38.54
CA GLU C 115 -29.29 -8.41 37.96
C GLU C 115 -28.30 -7.85 38.97
N TYR C 116 -27.02 -7.81 38.59
CA TYR C 116 -25.98 -7.23 39.43
C TYR C 116 -25.11 -6.24 38.69
N VAL C 117 -24.44 -5.37 39.44
CA VAL C 117 -23.49 -4.43 38.86
C VAL C 117 -22.06 -4.90 39.17
N ASP C 118 -21.80 -5.10 40.46
CA ASP C 118 -20.56 -5.66 40.96
C ASP C 118 -20.82 -7.07 41.41
N GLU C 119 -19.96 -7.98 41.02
CA GLU C 119 -20.12 -9.39 41.33
C GLU C 119 -20.21 -9.76 42.80
N GLN C 120 -19.41 -9.14 43.66
CA GLN C 120 -19.45 -9.56 45.06
C GLN C 120 -20.55 -8.87 45.77
N ALA C 121 -20.81 -7.63 45.36
CA ALA C 121 -21.89 -6.89 45.96
C ALA C 121 -23.22 -7.54 45.63
N GLY C 122 -23.34 -8.09 44.41
CA GLY C 122 -24.51 -8.78 43.95
C GLY C 122 -24.78 -10.00 44.78
N ARG C 123 -23.77 -10.85 44.97
CA ARG C 123 -24.00 -12.04 45.76
C ARG C 123 -24.34 -11.69 47.21
N TYR C 124 -23.70 -10.65 47.76
CA TYR C 124 -23.95 -10.22 49.12
C TYR C 124 -25.41 -9.84 49.30
N ALA C 125 -25.95 -9.02 48.37
CA ALA C 125 -27.33 -8.56 48.43
C ALA C 125 -28.30 -9.71 48.43
N GLY C 126 -27.98 -10.77 47.69
CA GLY C 126 -28.84 -11.94 47.63
C GLY C 126 -28.94 -12.58 49.01
N ARG C 127 -27.80 -12.81 49.64
CA ARG C 127 -27.79 -13.44 50.95
C ARG C 127 -28.48 -12.55 52.00
N ALA C 128 -28.25 -11.23 51.91
CA ALA C 128 -28.87 -10.30 52.82
C ALA C 128 -30.37 -10.27 52.65
N ALA C 129 -30.86 -10.36 51.41
CA ALA C 129 -32.30 -10.36 51.18
C ALA C 129 -32.94 -11.55 51.83
N VAL C 130 -32.27 -12.70 51.80
CA VAL C 130 -32.83 -13.88 52.42
C VAL C 130 -32.91 -13.70 53.93
N ARG C 131 -31.88 -13.15 54.58
CA ARG C 131 -31.95 -12.95 56.03
C ARG C 131 -33.04 -11.96 56.42
N LEU C 132 -33.19 -10.88 55.66
CA LEU C 132 -34.18 -9.86 55.99
C LEU C 132 -35.57 -10.44 55.85
N CYS C 133 -35.78 -11.14 54.73
CA CYS C 133 -37.07 -11.72 54.43
C CYS C 133 -37.41 -12.82 55.43
N ARG C 134 -36.45 -13.60 55.91
CA ARG C 134 -36.74 -14.64 56.91
C ARG C 134 -36.97 -14.05 58.29
N SER C 135 -36.37 -12.91 58.65
CA SER C 135 -36.71 -12.32 59.94
C SER C 135 -38.13 -11.80 59.96
N LEU C 136 -38.60 -11.25 58.85
CA LEU C 136 -39.95 -10.69 58.81
C LEU C 136 -41.08 -11.72 58.70
N VAL C 137 -40.76 -13.01 58.63
CA VAL C 137 -41.81 -14.02 58.57
C VAL C 137 -41.75 -14.82 59.87
N ASP C 138 -40.90 -14.35 60.78
CA ASP C 138 -40.69 -14.90 62.11
C ASP C 138 -41.26 -13.88 63.10
N THR C 139 -40.81 -12.62 62.95
CA THR C 139 -41.26 -11.49 63.73
C THR C 139 -41.85 -10.45 62.79
N GLY C 140 -42.28 -9.31 63.33
CA GLY C 140 -42.91 -8.28 62.50
C GLY C 140 -42.02 -7.12 62.05
N ASP C 141 -40.73 -7.21 62.32
CA ASP C 141 -39.82 -6.10 62.03
C ASP C 141 -38.38 -6.59 61.79
N TYR C 142 -37.50 -5.66 61.51
CA TYR C 142 -36.09 -5.96 61.30
C TYR C 142 -35.31 -4.79 61.91
N PRO C 143 -34.40 -5.01 62.87
CA PRO C 143 -33.72 -3.96 63.58
C PRO C 143 -32.93 -3.13 62.62
N ARG C 144 -32.98 -1.82 62.78
CA ARG C 144 -32.31 -0.90 61.88
C ARG C 144 -30.80 -1.12 61.86
N LEU C 145 -30.21 -1.48 62.97
CA LEU C 145 -28.76 -1.66 63.00
C LEU C 145 -28.31 -2.79 62.09
N GLU C 146 -29.17 -3.79 61.85
CA GLU C 146 -28.81 -4.93 61.02
C GLU C 146 -29.10 -4.62 59.56
N LEU C 147 -29.64 -3.44 59.27
CA LEU C 147 -29.89 -3.04 57.92
C LEU C 147 -28.78 -2.10 57.53
N GLU C 148 -28.41 -1.20 58.44
CA GLU C 148 -27.38 -0.22 58.13
C GLU C 148 -26.04 -0.86 57.95
N LYS C 149 -25.71 -1.89 58.74
CA LYS C 149 -24.40 -2.50 58.54
C LYS C 149 -24.32 -3.21 57.18
N ASP C 150 -25.46 -3.72 56.67
CA ASP C 150 -25.42 -4.43 55.41
C ASP C 150 -25.26 -3.45 54.30
N LEU C 151 -25.89 -2.29 54.43
CA LEU C 151 -25.76 -1.30 53.41
C LEU C 151 -24.31 -0.80 53.40
N GLU C 152 -23.66 -0.71 54.57
CA GLU C 152 -22.26 -0.31 54.60
C GLU C 152 -21.37 -1.33 53.90
N ASP C 153 -21.64 -2.63 54.09
CA ASP C 153 -20.82 -3.62 53.40
C ASP C 153 -21.01 -3.55 51.89
N LEU C 154 -22.23 -3.32 51.42
CA LEU C 154 -22.42 -3.22 50.00
C LEU C 154 -21.68 -2.01 49.43
N ARG C 155 -21.68 -0.88 50.15
CA ARG C 155 -20.96 0.28 49.65
C ARG C 155 -19.47 0.01 49.56
N ASP C 156 -18.90 -0.72 50.51
CA ASP C 156 -17.47 -1.01 50.39
C ASP C 156 -17.17 -2.03 49.30
N LEU C 157 -18.00 -3.05 49.14
CA LEU C 157 -17.73 -4.05 48.12
C LEU C 157 -17.73 -3.43 46.75
N GLY C 158 -18.64 -2.49 46.51
CA GLY C 158 -18.73 -1.87 45.21
C GLY C 158 -17.70 -0.75 45.01
N ALA C 159 -16.94 -0.42 46.05
CA ALA C 159 -15.96 0.64 45.94
C ALA C 159 -14.63 0.04 45.56
N ASN C 160 -14.35 -1.10 46.16
CA ASN C 160 -13.07 -1.75 46.00
C ASN C 160 -12.81 -2.23 44.59
N SER C 161 -13.85 -2.57 43.85
CA SER C 161 -13.74 -3.05 42.49
C SER C 161 -13.84 -1.98 41.43
N ALA C 162 -14.00 -0.73 41.82
CA ALA C 162 -14.17 0.34 40.85
C ALA C 162 -12.90 0.61 40.05
N LEU C 163 -13.07 1.00 38.79
CA LEU C 163 -11.97 1.44 37.95
C LEU C 163 -11.70 2.89 38.25
N GLY C 164 -10.47 3.35 38.13
CA GLY C 164 -10.27 4.77 38.35
C GLY C 164 -10.88 5.53 37.19
N PRO C 165 -11.12 6.84 37.34
CA PRO C 165 -11.77 7.70 36.36
C PRO C 165 -11.08 7.86 35.02
N SER C 166 -9.77 7.64 34.96
CA SER C 166 -9.12 7.74 33.68
C SER C 166 -9.36 6.49 32.87
N THR C 167 -9.65 5.37 33.54
CA THR C 167 -9.87 4.13 32.84
C THR C 167 -11.34 4.06 32.49
N GLU C 168 -12.19 4.65 33.32
CA GLU C 168 -13.60 4.67 33.03
C GLU C 168 -13.85 5.47 31.76
N THR C 169 -13.09 6.55 31.60
CA THR C 169 -13.20 7.42 30.46
C THR C 169 -12.85 6.68 29.16
N ILE C 170 -11.75 5.92 29.16
CA ILE C 170 -11.37 5.20 27.94
C ILE C 170 -12.32 4.07 27.66
N VAL C 171 -12.69 3.31 28.69
CA VAL C 171 -13.58 2.19 28.51
C VAL C 171 -14.95 2.60 28.00
N THR C 172 -15.52 3.68 28.51
CA THR C 172 -16.82 4.11 28.06
C THR C 172 -16.82 4.44 26.56
N GLU C 173 -15.78 5.12 26.08
CA GLU C 173 -15.71 5.41 24.66
C GLU C 173 -15.50 4.12 23.86
N ALA C 174 -14.70 3.18 24.39
CA ALA C 174 -14.48 1.93 23.69
C ALA C 174 -15.78 1.20 23.48
N GLU C 175 -16.68 1.22 24.46
CA GLU C 175 -17.96 0.55 24.31
C GLU C 175 -18.82 1.22 23.24
N ALA C 176 -18.79 2.54 23.17
CA ALA C 176 -19.56 3.28 22.18
C ALA C 176 -19.17 2.90 20.75
N ARG C 177 -17.89 2.57 20.58
CA ARG C 177 -17.26 2.17 19.32
C ARG C 177 -17.27 0.67 19.04
N LYS C 178 -17.91 -0.10 19.92
CA LYS C 178 -18.00 -1.54 19.84
C LYS C 178 -16.66 -2.27 19.93
N ILE C 179 -15.76 -1.79 20.77
CA ILE C 179 -14.47 -2.45 20.97
C ILE C 179 -14.59 -3.29 22.24
N PRO C 180 -14.41 -4.62 22.20
CA PRO C 180 -14.57 -5.47 23.33
C PRO C 180 -13.47 -5.23 24.33
N TRP C 181 -13.74 -5.41 25.63
CA TRP C 181 -12.69 -5.22 26.59
C TRP C 181 -12.75 -6.23 27.72
N MET C 182 -11.60 -6.49 28.31
CA MET C 182 -11.40 -7.46 29.39
C MET C 182 -10.45 -6.98 30.46
N LEU C 183 -10.64 -7.40 31.70
CA LEU C 183 -9.62 -7.09 32.69
C LEU C 183 -8.61 -8.21 32.68
N LEU C 184 -7.36 -7.90 32.92
CA LEU C 184 -6.33 -8.91 33.00
C LEU C 184 -6.00 -9.24 34.44
N SER C 185 -5.42 -10.40 34.64
CA SER C 185 -5.04 -10.94 35.93
C SER C 185 -3.84 -10.28 36.64
N ALA C 186 -3.12 -9.37 35.98
CA ALA C 186 -1.99 -8.74 36.65
C ALA C 186 -1.90 -7.25 36.36
N ARG C 187 -1.38 -6.54 37.36
CA ARG C 187 -1.01 -5.12 37.37
C ARG C 187 -2.07 -4.15 36.93
N ALA C 188 -3.33 -4.45 37.23
CA ALA C 188 -4.45 -3.58 36.88
C ALA C 188 -4.51 -3.19 35.40
N MET C 189 -4.16 -4.11 34.49
CA MET C 189 -4.23 -3.83 33.07
C MET C 189 -5.57 -4.20 32.46
N VAL C 190 -5.94 -3.49 31.41
CA VAL C 190 -7.15 -3.74 30.63
C VAL C 190 -6.83 -4.03 29.18
N GLN C 191 -7.39 -5.10 28.64
CA GLN C 191 -7.18 -5.47 27.25
C GLN C 191 -8.32 -4.99 26.38
N LEU C 192 -7.98 -4.41 25.25
CA LEU C 192 -8.96 -3.92 24.27
C LEU C 192 -8.79 -4.65 22.94
N GLY C 193 -9.84 -5.29 22.46
CA GLY C 193 -9.76 -6.03 21.19
C GLY C 193 -9.36 -7.51 21.35
N TYR C 194 -9.55 -8.31 20.30
CA TYR C 194 -9.25 -9.76 20.31
C TYR C 194 -8.09 -10.21 19.42
N GLY C 195 -7.42 -11.28 19.83
CA GLY C 195 -6.38 -11.94 19.04
C GLY C 195 -5.25 -11.03 18.67
N VAL C 196 -4.89 -11.06 17.39
CA VAL C 196 -3.83 -10.21 16.84
C VAL C 196 -4.11 -8.71 16.86
N TYR C 197 -5.32 -8.27 17.19
CA TYR C 197 -5.58 -6.85 17.20
C TYR C 197 -5.64 -6.26 18.58
N GLN C 198 -5.31 -7.05 19.58
CA GLN C 198 -5.38 -6.57 20.94
C GLN C 198 -4.39 -5.48 21.29
N GLN C 199 -4.82 -4.58 22.16
CA GLN C 199 -4.03 -3.52 22.76
C GLN C 199 -4.19 -3.57 24.26
N ARG C 200 -3.24 -3.05 25.00
CA ARG C 200 -3.39 -2.99 26.44
C ARG C 200 -3.23 -1.58 26.94
N ILE C 201 -3.98 -1.24 27.98
CA ILE C 201 -3.84 0.02 28.66
C ILE C 201 -3.75 -0.16 30.16
N GLN C 202 -3.22 0.84 30.81
CA GLN C 202 -3.21 0.90 32.26
C GLN C 202 -3.35 2.34 32.61
N ALA C 203 -4.47 2.74 33.18
CA ALA C 203 -4.67 4.15 33.43
C ALA C 203 -4.40 4.94 32.15
N THR C 204 -3.41 5.82 32.18
CA THR C 204 -3.04 6.70 31.08
C THR C 204 -1.79 6.29 30.30
N LEU C 205 -1.29 5.08 30.55
CA LEU C 205 -0.19 4.46 29.81
C LEU C 205 -0.77 3.45 28.85
N SER C 206 -0.13 3.25 27.73
CA SER C 206 -0.63 2.25 26.79
C SER C 206 0.49 1.48 26.18
N SER C 207 0.12 0.53 25.34
CA SER C 207 1.03 -0.32 24.60
C SER C 207 1.92 0.47 23.61
N HIS C 208 1.57 1.73 23.33
CA HIS C 208 2.33 2.61 22.45
C HIS C 208 3.28 3.55 23.20
N SER C 209 3.30 3.49 24.53
CA SER C 209 4.15 4.37 25.29
C SER C 209 5.46 3.68 25.53
N GLY C 210 6.54 4.29 25.04
CA GLY C 210 7.88 3.71 25.12
C GLY C 210 8.50 3.98 26.45
N ILE C 211 9.40 3.10 26.84
CA ILE C 211 10.09 3.26 28.10
C ILE C 211 11.13 4.34 28.11
N LEU C 212 11.84 4.55 27.01
CA LEU C 212 12.89 5.55 27.06
C LEU C 212 12.27 6.93 27.24
N GLY C 213 11.13 7.16 26.59
CA GLY C 213 10.40 8.42 26.66
C GLY C 213 9.87 8.67 28.06
N VAL C 214 9.25 7.66 28.65
CA VAL C 214 8.68 7.81 29.97
C VAL C 214 9.76 8.05 31.00
N GLU C 215 10.87 7.32 30.95
CA GLU C 215 11.92 7.58 31.92
C GLU C 215 12.54 8.95 31.76
N LEU C 216 12.75 9.43 30.53
CA LEU C 216 13.33 10.75 30.34
C LEU C 216 12.44 11.81 30.91
N ALA C 217 11.14 11.67 30.75
CA ALA C 217 10.16 12.64 31.24
C ALA C 217 10.14 12.72 32.77
N CYS C 218 10.70 11.74 33.47
CA CYS C 218 10.67 11.74 34.91
C CYS C 218 11.96 12.31 35.51
N ASP C 219 12.91 12.61 34.63
CA ASP C 219 14.23 13.11 34.96
C ASP C 219 14.27 14.61 34.69
N LYS C 220 14.12 15.43 35.71
CA LYS C 220 14.00 16.86 35.45
C LYS C 220 15.24 17.52 34.85
N GLU C 221 16.42 17.09 35.25
CA GLU C 221 17.64 17.64 34.70
C GLU C 221 17.81 17.18 33.26
N GLY C 222 17.49 15.90 33.01
CA GLY C 222 17.59 15.32 31.70
C GLY C 222 16.64 15.99 30.74
N THR C 223 15.41 16.24 31.17
CA THR C 223 14.41 16.85 30.34
C THR C 223 14.83 18.25 29.96
N LYS C 224 15.32 19.02 30.91
CA LYS C 224 15.72 20.38 30.63
C LYS C 224 16.86 20.41 29.63
N THR C 225 17.83 19.52 29.78
CA THR C 225 18.97 19.47 28.89
C THR C 225 18.54 19.14 27.46
N ILE C 226 17.70 18.14 27.29
CA ILE C 226 17.24 17.77 25.97
C ILE C 226 16.44 18.87 25.32
N LEU C 227 15.56 19.54 26.06
CA LEU C 227 14.78 20.59 25.45
C LEU C 227 15.58 21.84 25.13
N GLN C 228 16.53 22.24 25.96
CA GLN C 228 17.22 23.47 25.60
C GLN C 228 18.16 23.25 24.41
N ASP C 229 18.58 22.01 24.17
CA ASP C 229 19.42 21.67 23.02
C ASP C 229 18.60 21.57 21.72
N ALA C 230 17.29 21.74 21.83
CA ALA C 230 16.38 21.72 20.71
C ALA C 230 15.84 23.12 20.41
N GLY C 231 16.32 24.13 21.16
CA GLY C 231 15.83 25.49 20.97
C GLY C 231 14.47 25.78 21.64
N ILE C 232 14.10 25.04 22.68
CA ILE C 232 12.81 25.21 23.36
C ILE C 232 13.00 26.02 24.66
N PRO C 233 12.21 27.10 24.93
CA PRO C 233 12.34 27.92 26.14
C PRO C 233 12.00 27.22 27.44
N VAL C 234 12.94 27.23 28.37
CA VAL C 234 12.83 26.60 29.66
C VAL C 234 13.35 27.60 30.70
N PRO C 235 13.06 27.47 32.00
CA PRO C 235 13.57 28.32 33.05
C PRO C 235 15.08 28.29 33.21
N ARG C 236 15.65 29.43 33.57
CA ARG C 236 17.08 29.56 33.88
C ARG C 236 17.34 29.15 35.33
N GLY C 237 18.36 28.33 35.60
CA GLY C 237 18.61 27.90 36.98
C GLY C 237 19.90 27.09 37.17
N THR C 238 20.13 26.62 38.41
CA THR C 238 21.36 25.92 38.77
C THR C 238 21.25 24.80 39.84
N THR C 239 22.41 24.39 40.39
CA THR C 239 22.52 23.33 41.39
C THR C 239 23.36 23.70 42.62
N ILE C 240 22.85 23.36 43.80
CA ILE C 240 23.56 23.51 45.07
C ILE C 240 23.44 22.21 45.87
N GLN C 241 24.51 21.46 46.16
CA GLN C 241 24.25 20.21 46.91
C GLN C 241 24.26 20.36 48.42
N TYR C 242 23.28 21.10 48.88
CA TYR C 242 23.03 21.48 50.27
C TYR C 242 24.20 22.12 51.00
N PHE C 243 24.80 23.08 50.34
CA PHE C 243 25.84 23.94 50.88
C PHE C 243 25.21 25.30 50.92
N ASP C 244 25.62 26.18 51.83
CA ASP C 244 24.97 27.48 51.81
C ASP C 244 25.58 28.40 50.77
N ASP C 245 25.26 28.08 49.52
CA ASP C 245 25.71 28.75 48.30
C ASP C 245 24.54 29.47 47.63
N LEU C 246 23.46 29.71 48.38
CA LEU C 246 22.25 30.27 47.79
C LEU C 246 22.54 31.66 47.26
N GLU C 247 23.35 32.37 48.01
CA GLU C 247 23.75 33.73 47.70
C GLU C 247 24.65 33.81 46.48
N GLU C 248 25.26 32.69 46.09
CA GLU C 248 26.12 32.71 44.94
C GLU C 248 25.27 32.37 43.73
N ALA C 249 24.36 31.42 43.88
CA ALA C 249 23.53 30.95 42.79
C ALA C 249 22.72 32.07 42.17
N ILE C 250 22.25 33.00 42.99
CA ILE C 250 21.45 34.09 42.45
C ILE C 250 22.26 34.98 41.49
N ASN C 251 23.59 34.89 41.53
CA ASN C 251 24.41 35.69 40.65
C ASN C 251 24.32 35.20 39.21
N ASP C 252 24.06 33.91 39.01
CA ASP C 252 24.00 33.37 37.68
C ASP C 252 22.58 33.40 37.15
N VAL C 253 21.65 33.27 38.09
CA VAL C 253 20.23 33.18 37.80
C VAL C 253 19.57 34.52 37.50
N GLY C 254 19.89 35.58 38.26
CA GLY C 254 19.26 36.88 38.01
C GLY C 254 18.75 37.62 39.25
N GLY C 255 19.37 37.40 40.40
CA GLY C 255 18.97 38.11 41.61
C GLY C 255 17.99 37.33 42.46
N TYR C 256 17.28 38.06 43.33
CA TYR C 256 16.41 37.48 44.33
C TYR C 256 15.07 36.83 43.97
N PRO C 257 14.33 37.19 42.89
CA PRO C 257 13.02 36.64 42.58
C PRO C 257 13.19 35.24 42.03
N VAL C 258 13.42 34.30 42.94
CA VAL C 258 13.75 32.92 42.55
C VAL C 258 12.89 31.84 43.18
N VAL C 259 12.99 30.65 42.60
CA VAL C 259 12.28 29.47 43.07
C VAL C 259 13.23 28.46 43.70
N ILE C 260 12.92 28.02 44.91
CA ILE C 260 13.72 27.01 45.61
C ILE C 260 12.92 25.75 45.85
N LYS C 261 13.45 24.65 45.35
CA LYS C 261 12.84 23.34 45.40
C LYS C 261 13.72 22.32 46.10
N PRO C 262 13.16 21.21 46.62
CA PRO C 262 13.88 20.11 47.19
C PRO C 262 14.64 19.66 46.06
N LEU C 263 15.83 19.18 46.26
CA LEU C 263 16.50 18.75 45.07
C LEU C 263 15.82 17.56 44.42
N ASP C 264 15.32 16.60 45.20
CA ASP C 264 14.66 15.46 44.57
C ASP C 264 13.17 15.69 44.36
N GLY C 265 12.51 14.71 43.78
CA GLY C 265 11.07 14.79 43.54
C GLY C 265 10.25 13.94 44.48
N ASN C 266 9.68 14.56 45.51
CA ASN C 266 8.87 13.81 46.47
C ASN C 266 7.59 14.56 46.77
N HIS C 267 6.71 14.60 45.77
CA HIS C 267 5.47 15.37 45.82
C HIS C 267 5.76 16.86 45.96
N GLY C 268 4.72 17.66 46.08
CA GLY C 268 4.88 19.11 46.19
C GLY C 268 5.30 19.53 47.58
N ARG C 269 6.53 19.19 47.95
CA ARG C 269 6.97 19.41 49.32
C ARG C 269 8.29 20.15 49.44
N GLY C 270 8.31 21.14 50.34
CA GLY C 270 9.53 21.92 50.59
C GLY C 270 9.82 22.95 49.51
N ILE C 271 8.76 23.44 48.86
CA ILE C 271 8.93 24.38 47.76
C ILE C 271 8.45 25.79 48.02
N THR C 272 9.34 26.75 47.76
CA THR C 272 8.97 28.15 47.83
C THR C 272 9.03 28.73 46.42
N ILE C 273 7.89 29.23 45.95
CA ILE C 273 7.80 29.74 44.60
C ILE C 273 8.36 31.14 44.43
N ASN C 274 8.08 32.07 45.32
CA ASN C 274 8.61 33.39 45.05
C ASN C 274 9.39 33.88 46.25
N VAL C 275 10.70 33.67 46.18
CA VAL C 275 11.63 34.08 47.21
C VAL C 275 11.97 35.52 46.91
N ARG C 276 11.84 36.36 47.91
CA ARG C 276 12.12 37.78 47.77
C ARG C 276 13.34 38.22 48.58
N HIS C 277 13.67 37.50 49.66
CA HIS C 277 14.76 37.90 50.54
C HIS C 277 15.74 36.78 50.91
N TRP C 278 16.94 37.14 51.33
CA TRP C 278 17.97 36.17 51.69
C TRP C 278 17.53 35.19 52.76
N GLN C 279 16.89 35.68 53.81
CA GLN C 279 16.45 34.81 54.89
C GLN C 279 15.32 33.88 54.48
N GLU C 280 14.62 34.22 53.39
CA GLU C 280 13.53 33.40 52.93
C GLU C 280 14.15 32.25 52.20
N ALA C 281 15.25 32.55 51.50
CA ALA C 281 15.96 31.53 50.77
C ALA C 281 16.46 30.49 51.74
N ILE C 282 16.89 30.95 52.91
CA ILE C 282 17.36 30.01 53.91
C ILE C 282 16.22 29.18 54.44
N ALA C 283 15.08 29.79 54.75
CA ALA C 283 14.01 28.94 55.23
C ALA C 283 13.60 27.91 54.16
N ALA C 284 13.57 28.34 52.89
CA ALA C 284 13.19 27.44 51.81
C ALA C 284 14.19 26.31 51.71
N TYR C 285 15.46 26.66 51.87
CA TYR C 285 16.59 25.77 51.85
C TYR C 285 16.47 24.72 52.94
N ASP C 286 16.17 25.14 54.16
CA ASP C 286 16.04 24.21 55.25
C ASP C 286 14.96 23.18 54.97
N LEU C 287 13.90 23.55 54.25
CA LEU C 287 12.88 22.55 53.91
C LEU C 287 13.35 21.73 52.70
N ALA C 288 14.04 22.38 51.75
CA ALA C 288 14.50 21.69 50.56
C ALA C 288 15.43 20.55 50.97
N ALA C 289 16.21 20.81 52.03
CA ALA C 289 17.24 19.97 52.62
C ALA C 289 16.72 18.64 53.11
N GLU C 290 15.41 18.52 53.26
CA GLU C 290 14.81 17.28 53.69
C GLU C 290 14.97 16.14 52.66
N GLU C 291 15.05 16.45 51.36
CA GLU C 291 15.13 15.40 50.33
C GLU C 291 16.57 15.18 49.82
N SER C 292 16.79 14.17 48.96
CA SER C 292 18.13 13.85 48.43
C SER C 292 18.76 14.98 47.61
N ILE C 297 17.92 21.58 40.56
CA ILE C 297 16.72 22.47 40.43
C ILE C 297 16.53 23.11 41.80
N ILE C 298 17.38 24.08 42.18
CA ILE C 298 17.29 24.65 43.56
C ILE C 298 17.21 26.17 43.56
N VAL C 299 17.62 26.85 42.48
CA VAL C 299 17.47 28.34 42.40
C VAL C 299 17.10 28.59 40.94
N GLU C 300 15.85 28.97 40.66
CA GLU C 300 15.48 29.07 39.27
C GLU C 300 14.95 30.47 39.20
N ARG C 301 15.06 31.08 38.06
CA ARG C 301 14.45 32.39 37.95
C ARG C 301 12.94 32.19 38.05
N TYR C 302 12.28 33.11 38.75
CA TYR C 302 10.82 33.11 38.82
C TYR C 302 10.23 33.84 37.63
N TYR C 303 9.25 33.21 36.97
CA TYR C 303 8.58 33.83 35.83
C TYR C 303 7.15 34.13 36.20
N GLU C 304 6.60 35.21 35.72
CA GLU C 304 5.21 35.52 36.04
C GLU C 304 4.25 35.02 35.00
N GLY C 305 3.06 34.63 35.43
CA GLY C 305 2.02 34.17 34.52
C GLY C 305 1.14 33.14 35.17
N SER C 306 0.21 32.61 34.40
CA SER C 306 -0.74 31.61 34.89
C SER C 306 -0.20 30.24 34.56
N ASP C 307 -0.69 29.25 35.27
CA ASP C 307 -0.30 27.86 35.07
C ASP C 307 -1.24 27.13 34.09
N HIS C 308 -0.76 26.86 32.88
CA HIS C 308 -1.59 26.23 31.86
C HIS C 308 -1.17 24.80 31.58
N ARG C 309 -2.14 23.93 31.43
CA ARG C 309 -1.88 22.54 31.08
C ARG C 309 -2.31 22.22 29.67
N VAL C 310 -1.37 21.69 28.90
CA VAL C 310 -1.62 21.35 27.53
C VAL C 310 -1.56 19.84 27.31
N LEU C 311 -2.61 19.26 26.75
CA LEU C 311 -2.67 17.83 26.50
C LEU C 311 -2.45 17.51 25.02
N VAL C 312 -1.43 16.71 24.75
CA VAL C 312 -1.04 16.26 23.40
C VAL C 312 -1.17 14.73 23.36
N VAL C 313 -1.85 14.17 22.36
CA VAL C 313 -2.04 12.71 22.31
C VAL C 313 -1.23 11.92 21.29
N ASN C 314 -1.16 12.34 20.06
CA ASN C 314 -0.39 11.53 19.12
C ASN C 314 0.46 12.45 18.28
N GLY C 315 1.17 13.34 18.96
CA GLY C 315 1.95 14.36 18.27
C GLY C 315 1.02 15.45 17.77
N LYS C 316 -0.17 15.49 18.34
CA LYS C 316 -1.23 16.42 17.99
C LYS C 316 -1.97 16.94 19.22
N LEU C 317 -2.18 18.25 19.28
CA LEU C 317 -2.88 18.88 20.41
C LEU C 317 -4.35 18.53 20.55
N VAL C 318 -4.75 18.16 21.77
CA VAL C 318 -6.13 17.82 22.10
C VAL C 318 -6.84 18.85 22.96
N ALA C 319 -6.23 19.31 24.06
CA ALA C 319 -6.93 20.23 24.94
C ALA C 319 -6.01 21.15 25.73
N VAL C 320 -6.50 22.34 26.08
CA VAL C 320 -5.74 23.27 26.93
C VAL C 320 -6.59 23.80 28.07
N ALA C 321 -6.09 23.79 29.31
CA ALA C 321 -6.85 24.35 30.41
C ALA C 321 -5.99 25.15 31.37
N GLU C 322 -6.54 26.25 31.86
CA GLU C 322 -5.88 27.13 32.81
C GLU C 322 -6.23 26.79 34.23
N ARG C 323 -5.21 26.60 35.06
CA ARG C 323 -5.46 26.22 36.43
C ARG C 323 -5.15 27.32 37.42
N ILE C 324 -6.08 27.51 38.35
CA ILE C 324 -6.00 28.52 39.41
C ILE C 324 -6.19 27.88 40.79
N PRO C 325 -5.35 28.17 41.80
CA PRO C 325 -5.45 27.66 43.17
C PRO C 325 -6.64 28.20 43.91
N ALA C 326 -7.05 27.48 44.96
CA ALA C 326 -8.18 27.89 45.79
C ALA C 326 -7.99 29.30 46.28
N HIS C 327 -9.05 30.10 46.18
CA HIS C 327 -8.98 31.49 46.57
C HIS C 327 -10.32 32.07 46.91
N VAL C 328 -10.28 33.23 47.57
CA VAL C 328 -11.46 34.03 47.84
C VAL C 328 -11.22 35.45 47.40
N THR C 329 -12.28 36.21 47.14
CA THR C 329 -12.09 37.59 46.74
C THR C 329 -12.91 38.57 47.55
N GLY C 330 -12.54 39.85 47.42
CA GLY C 330 -13.19 40.97 48.08
C GLY C 330 -14.58 41.26 47.53
N ASP C 331 -15.48 40.31 47.75
CA ASP C 331 -16.87 40.34 47.34
C ASP C 331 -17.63 41.09 48.42
N GLY C 332 -17.35 42.38 48.48
CA GLY C 332 -17.89 43.26 49.50
C GLY C 332 -16.92 43.30 50.67
N SER C 333 -17.19 44.17 51.65
CA SER C 333 -16.28 44.35 52.80
C SER C 333 -16.48 43.31 53.89
N SER C 334 -16.18 42.06 53.53
CA SER C 334 -16.33 40.89 54.40
C SER C 334 -14.95 40.36 54.76
N THR C 335 -14.87 39.55 55.83
CA THR C 335 -13.59 38.99 56.21
C THR C 335 -13.28 37.73 55.44
N ILE C 336 -12.04 37.28 55.51
CA ILE C 336 -11.69 36.03 54.83
C ILE C 336 -12.45 34.84 55.41
N SER C 337 -12.55 34.69 56.72
CA SER C 337 -13.29 33.52 57.17
C SER C 337 -14.76 33.56 56.72
N GLU C 338 -15.33 34.77 56.57
CA GLU C 338 -16.70 34.90 56.08
C GLU C 338 -16.79 34.57 54.61
N LEU C 339 -15.81 35.00 53.82
CA LEU C 339 -15.79 34.74 52.40
C LEU C 339 -15.64 33.27 52.11
N ILE C 340 -14.86 32.58 52.93
CA ILE C 340 -14.70 31.15 52.73
C ILE C 340 -16.02 30.48 52.98
N GLU C 341 -16.71 30.83 54.06
CA GLU C 341 -17.98 30.16 54.28
C GLU C 341 -19.00 30.50 53.20
N LYS C 342 -18.97 31.73 52.69
CA LYS C 342 -19.90 32.13 51.64
C LYS C 342 -19.73 31.32 50.36
N THR C 343 -18.49 31.09 49.91
CA THR C 343 -18.28 30.38 48.65
C THR C 343 -18.17 28.88 48.80
N ASN C 344 -17.94 28.37 50.01
CA ASN C 344 -17.76 26.95 50.21
C ASN C 344 -19.12 26.25 50.28
N GLN C 345 -20.20 27.03 50.15
CA GLN C 345 -21.58 26.55 50.11
C GLN C 345 -22.08 26.35 48.68
N ASP C 346 -21.25 26.69 47.69
CA ASP C 346 -21.61 26.57 46.29
C ASP C 346 -21.97 25.10 45.99
N PRO C 347 -23.13 24.82 45.36
CA PRO C 347 -23.65 23.49 45.08
C PRO C 347 -22.78 22.64 44.16
N ASN C 348 -21.78 23.25 43.52
CA ASN C 348 -20.92 22.51 42.63
C ASN C 348 -19.70 21.99 43.36
N ARG C 349 -19.64 22.25 44.68
CA ARG C 349 -18.52 21.82 45.53
C ARG C 349 -18.89 20.70 46.48
N GLY C 350 -18.05 19.67 46.51
CA GLY C 350 -18.24 18.56 47.41
C GLY C 350 -17.10 17.55 47.36
N ASP C 351 -17.26 16.42 48.04
CA ASP C 351 -16.20 15.41 48.13
C ASP C 351 -16.02 14.56 46.87
N GLY C 352 -14.84 13.96 46.77
CA GLY C 352 -14.51 12.99 45.74
C GLY C 352 -14.62 13.50 44.33
N HIS C 353 -15.42 12.75 43.57
CA HIS C 353 -15.72 12.96 42.17
C HIS C 353 -17.24 13.05 41.99
N ASP C 354 -17.95 13.48 43.04
CA ASP C 354 -19.40 13.59 42.97
C ASP C 354 -19.83 15.01 42.62
N ASN C 355 -18.85 15.84 42.34
CA ASN C 355 -19.00 17.24 42.10
C ASN C 355 -17.97 17.70 41.08
N ILE C 356 -17.97 18.98 40.74
CA ILE C 356 -16.97 19.46 39.80
C ILE C 356 -15.79 19.99 40.59
N LEU C 357 -16.10 20.75 41.61
CA LEU C 357 -15.18 21.41 42.51
C LEU C 357 -15.22 20.75 43.87
N THR C 358 -14.25 21.04 44.71
CA THR C 358 -14.34 20.51 46.06
C THR C 358 -14.28 21.62 47.08
N LYS C 359 -14.30 21.24 48.33
CA LYS C 359 -14.33 22.15 49.45
C LYS C 359 -13.00 22.79 49.78
N ILE C 360 -13.07 24.02 50.24
CA ILE C 360 -11.92 24.76 50.71
C ILE C 360 -11.71 24.46 52.17
N VAL C 361 -10.51 24.03 52.49
CA VAL C 361 -10.17 23.66 53.85
C VAL C 361 -9.11 24.56 54.44
N VAL C 362 -9.44 25.16 55.57
CA VAL C 362 -8.50 25.99 56.28
C VAL C 362 -7.71 25.11 57.22
N ASN C 363 -6.41 25.20 57.09
CA ASN C 363 -5.44 24.42 57.82
C ASN C 363 -4.22 25.30 58.01
N LYS C 364 -3.20 24.78 58.68
CA LYS C 364 -1.97 25.54 58.93
C LYS C 364 -1.29 26.00 57.65
N THR C 365 -1.55 25.30 56.54
CA THR C 365 -0.94 25.64 55.29
C THR C 365 -1.67 26.79 54.62
N ALA C 366 -2.95 26.99 54.96
CA ALA C 366 -3.71 28.10 54.42
C ALA C 366 -3.26 29.33 55.15
N ILE C 367 -2.94 29.14 56.42
CA ILE C 367 -2.54 30.25 57.24
C ILE C 367 -1.18 30.72 56.76
N ASP C 368 -0.28 29.79 56.50
CA ASP C 368 1.06 30.14 56.05
C ASP C 368 1.00 30.86 54.68
N VAL C 369 0.13 30.40 53.76
CA VAL C 369 0.01 31.04 52.47
C VAL C 369 -0.55 32.46 52.64
N MET C 370 -1.57 32.63 53.49
CA MET C 370 -2.12 33.96 53.72
C MET C 370 -1.14 34.91 54.40
N GLU C 371 -0.32 34.42 55.33
CA GLU C 371 0.62 35.31 56.00
C GLU C 371 1.58 35.98 55.03
N ARG C 372 2.02 35.25 54.01
CA ARG C 372 2.95 35.80 53.02
C ARG C 372 2.34 36.91 52.16
N GLN C 373 1.00 36.99 52.15
CA GLN C 373 0.25 37.96 51.38
C GLN C 373 -0.16 39.14 52.26
N GLY C 374 0.14 39.07 53.56
CA GLY C 374 -0.25 40.10 54.50
C GLY C 374 -1.69 39.97 55.05
N TYR C 375 -2.29 38.78 55.01
CA TYR C 375 -3.66 38.59 55.47
C TYR C 375 -3.84 37.43 56.44
N ASN C 376 -4.93 37.48 57.19
CA ASN C 376 -5.31 36.36 58.06
C ASN C 376 -6.84 36.24 58.04
N LEU C 377 -7.40 35.28 58.76
CA LEU C 377 -8.83 35.00 58.70
C LEU C 377 -9.77 36.13 59.08
N ASP C 378 -9.38 37.02 59.97
CA ASP C 378 -10.31 38.09 60.34
C ASP C 378 -10.08 39.37 59.53
N SER C 379 -9.18 39.33 58.56
CA SER C 379 -8.89 40.49 57.74
C SER C 379 -10.04 40.75 56.80
N VAL C 380 -10.31 42.02 56.54
CA VAL C 380 -11.32 42.43 55.56
C VAL C 380 -10.65 42.78 54.26
N LEU C 381 -11.15 42.23 53.17
CA LEU C 381 -10.48 42.53 51.91
C LEU C 381 -11.06 43.76 51.23
N PRO C 382 -10.23 44.57 50.55
CA PRO C 382 -10.62 45.64 49.66
C PRO C 382 -11.43 45.06 48.53
N LYS C 383 -12.37 45.82 47.98
CA LYS C 383 -13.16 45.28 46.90
C LYS C 383 -12.29 44.75 45.76
N ASP C 384 -12.63 43.53 45.36
CA ASP C 384 -12.02 42.73 44.29
C ASP C 384 -10.57 42.28 44.51
N GLU C 385 -10.08 42.39 45.73
CA GLU C 385 -8.78 41.87 46.11
C GLU C 385 -8.85 40.36 46.14
N VAL C 386 -7.81 39.67 45.67
CA VAL C 386 -7.84 38.20 45.74
C VAL C 386 -6.77 37.66 46.65
N VAL C 387 -7.19 36.74 47.49
CA VAL C 387 -6.32 36.05 48.43
C VAL C 387 -6.30 34.57 48.15
N TYR C 388 -5.10 34.04 48.02
CA TYR C 388 -4.94 32.64 47.73
C TYR C 388 -4.80 31.85 49.00
N LEU C 389 -5.41 30.69 49.04
CA LEU C 389 -5.34 29.83 50.22
C LEU C 389 -4.39 28.64 50.04
N ARG C 390 -3.84 28.51 48.84
CA ARG C 390 -2.93 27.43 48.47
C ARG C 390 -1.84 27.93 47.55
N ALA C 391 -0.65 27.34 47.65
CA ALA C 391 0.48 27.67 46.81
C ALA C 391 0.35 27.23 45.35
N THR C 392 -0.30 26.09 45.09
CA THR C 392 -0.39 25.58 43.73
C THR C 392 -1.83 25.21 43.37
N ALA C 393 -2.11 25.14 42.08
CA ALA C 393 -3.44 24.78 41.62
C ALA C 393 -3.68 23.31 41.61
N ASN C 394 -4.91 22.92 41.97
CA ASN C 394 -5.33 21.56 41.90
C ASN C 394 -6.84 21.49 42.14
N LEU C 395 -7.58 20.82 41.27
CA LEU C 395 -9.02 20.73 41.49
C LEU C 395 -9.35 19.99 42.77
N SER C 396 -8.53 19.04 43.17
CA SER C 396 -8.77 18.23 44.35
C SER C 396 -8.57 19.01 45.66
N THR C 397 -8.02 20.22 45.59
CA THR C 397 -7.81 21.02 46.78
C THR C 397 -8.72 22.24 46.78
N GLY C 398 -9.64 22.30 45.83
CA GLY C 398 -10.58 23.42 45.78
C GLY C 398 -10.29 24.50 44.74
N GLY C 399 -9.36 24.26 43.81
CA GLY C 399 -9.07 25.24 42.78
C GLY C 399 -10.03 25.10 41.63
N ILE C 400 -9.76 25.81 40.54
CA ILE C 400 -10.62 25.78 39.38
C ILE C 400 -9.85 25.49 38.09
N ALA C 401 -10.57 25.10 37.03
CA ALA C 401 -9.96 24.85 35.74
C ALA C 401 -10.83 25.40 34.64
N ILE C 402 -10.21 26.21 33.79
CA ILE C 402 -10.91 26.89 32.71
C ILE C 402 -10.48 26.41 31.34
N ASP C 403 -11.41 25.96 30.52
CA ASP C 403 -11.04 25.53 29.17
C ASP C 403 -10.63 26.69 28.31
N ARG C 404 -9.43 26.64 27.73
CA ARG C 404 -8.89 27.68 26.86
C ARG C 404 -8.44 27.07 25.55
N THR C 405 -9.06 25.98 25.14
CA THR C 405 -8.59 25.23 23.99
C THR C 405 -8.66 25.99 22.70
N ASP C 406 -9.65 26.83 22.54
CA ASP C 406 -9.81 27.53 21.29
C ASP C 406 -9.11 28.88 21.26
N ASP C 407 -8.39 29.24 22.33
CA ASP C 407 -7.71 30.53 22.39
C ASP C 407 -6.21 30.46 22.20
N ILE C 408 -5.69 29.30 21.85
CA ILE C 408 -4.25 29.11 21.75
C ILE C 408 -3.72 29.46 20.36
N HIS C 409 -2.69 30.30 20.34
CA HIS C 409 -2.06 30.78 19.11
C HIS C 409 -1.41 29.66 18.29
N PRO C 410 -1.52 29.62 16.95
CA PRO C 410 -0.93 28.65 16.04
C PRO C 410 0.56 28.38 16.24
N GLU C 411 1.33 29.36 16.68
CA GLU C 411 2.73 29.10 16.88
C GLU C 411 2.94 28.33 18.15
N ASN C 412 2.08 28.57 19.15
CA ASN C 412 2.21 27.89 20.40
C ASN C 412 1.76 26.45 20.19
N ILE C 413 0.82 26.24 19.28
CA ILE C 413 0.39 24.87 19.02
C ILE C 413 1.55 24.09 18.45
N TRP C 414 2.25 24.68 17.48
CA TRP C 414 3.39 24.07 16.86
C TRP C 414 4.47 23.72 17.86
N LEU C 415 4.80 24.65 18.76
CA LEU C 415 5.81 24.38 19.73
C LEU C 415 5.45 23.25 20.68
N MET C 416 4.20 23.19 21.16
CA MET C 416 3.83 22.14 22.09
C MET C 416 3.92 20.76 21.48
N GLU C 417 3.55 20.64 20.21
CA GLU C 417 3.63 19.36 19.55
C GLU C 417 5.08 18.94 19.37
N ARG C 418 5.96 19.90 19.07
CA ARG C 418 7.38 19.61 18.91
C ARG C 418 7.98 19.13 20.22
N VAL C 419 7.54 19.68 21.37
CA VAL C 419 8.07 19.25 22.67
C VAL C 419 7.76 17.79 22.94
N ALA C 420 6.53 17.35 22.69
CA ALA C 420 6.19 15.95 22.93
C ALA C 420 7.03 15.01 22.09
N LYS C 421 7.30 15.39 20.83
CA LYS C 421 8.09 14.58 19.91
C LYS C 421 9.56 14.49 20.30
N VAL C 422 10.12 15.60 20.80
CA VAL C 422 11.51 15.63 21.25
C VAL C 422 11.74 14.72 22.45
N ILE C 423 10.83 14.73 23.42
CA ILE C 423 10.93 13.85 24.57
C ILE C 423 10.37 12.45 24.36
N GLY C 424 9.90 12.14 23.16
CA GLY C 424 9.39 10.81 22.91
C GLY C 424 8.21 10.16 23.57
N LEU C 425 7.21 10.97 23.92
CA LEU C 425 5.99 10.47 24.61
C LEU C 425 4.73 10.67 23.79
N ASP C 426 3.92 9.62 23.63
CA ASP C 426 2.64 9.82 22.98
C ASP C 426 1.60 10.63 23.73
N ILE C 427 1.22 10.20 24.91
CA ILE C 427 0.27 10.97 25.67
C ILE C 427 1.02 11.74 26.72
N ALA C 428 0.95 13.05 26.60
CA ALA C 428 1.72 13.92 27.46
C ALA C 428 1.00 15.15 27.93
N GLY C 429 1.30 15.54 29.16
CA GLY C 429 0.82 16.78 29.71
C GLY C 429 1.95 17.77 29.82
N ILE C 430 1.80 18.93 29.24
CA ILE C 430 2.88 19.91 29.29
C ILE C 430 2.46 21.10 30.13
N ASP C 431 3.26 21.44 31.12
CA ASP C 431 3.01 22.56 32.02
C ASP C 431 3.72 23.81 31.54
N VAL C 432 2.92 24.82 31.21
CA VAL C 432 3.38 26.08 30.65
C VAL C 432 3.04 27.28 31.52
N VAL C 433 4.01 28.14 31.74
CA VAL C 433 3.75 29.36 32.51
C VAL C 433 3.78 30.55 31.59
N THR C 434 2.66 31.23 31.50
CA THR C 434 2.52 32.37 30.62
C THR C 434 1.42 33.30 31.05
N SER C 435 1.59 34.56 30.74
CA SER C 435 0.56 35.53 31.02
C SER C 435 -0.54 35.55 29.98
N ASP C 436 -0.27 35.05 28.76
CA ASP C 436 -1.26 35.09 27.71
C ASP C 436 -1.08 33.98 26.68
N ILE C 437 -1.93 32.96 26.73
CA ILE C 437 -1.81 31.78 25.86
C ILE C 437 -2.14 32.10 24.39
N SER C 438 -2.72 33.29 24.15
CA SER C 438 -3.12 33.71 22.82
C SER C 438 -2.01 34.45 22.08
N LYS C 439 -0.87 34.64 22.73
CA LYS C 439 0.27 35.29 22.12
C LYS C 439 1.42 34.29 22.13
N PRO C 440 2.40 34.37 21.24
CA PRO C 440 3.56 33.51 21.23
C PRO C 440 4.34 33.56 22.55
N LEU C 441 4.85 32.41 22.99
CA LEU C 441 5.58 32.40 24.25
C LEU C 441 6.81 33.27 24.22
N ARG C 442 7.42 33.47 23.05
CA ARG C 442 8.63 34.29 23.02
C ARG C 442 8.33 35.77 23.25
N GLU C 443 7.08 36.20 23.07
CA GLU C 443 6.72 37.61 23.19
C GLU C 443 6.25 37.95 24.57
N THR C 444 5.68 36.96 25.24
CA THR C 444 5.14 37.13 26.58
C THR C 444 6.16 36.72 27.64
N ASN C 445 7.31 36.27 27.18
CA ASN C 445 8.40 35.73 28.00
C ASN C 445 7.96 34.54 28.84
N GLY C 446 7.21 33.62 28.24
CA GLY C 446 6.74 32.43 28.94
C GLY C 446 7.74 31.31 28.86
N VAL C 447 7.55 30.31 29.71
CA VAL C 447 8.42 29.13 29.72
C VAL C 447 7.69 27.80 29.82
N ILE C 448 8.37 26.73 29.43
CA ILE C 448 7.85 25.41 29.61
C ILE C 448 8.52 24.86 30.84
N VAL C 449 7.72 24.52 31.83
CA VAL C 449 8.24 24.11 33.11
C VAL C 449 8.38 22.62 33.27
N GLU C 450 7.41 21.85 32.84
CA GLU C 450 7.47 20.41 33.05
C GLU C 450 6.79 19.60 31.98
N VAL C 451 7.32 18.42 31.68
CA VAL C 451 6.64 17.50 30.77
C VAL C 451 6.29 16.24 31.55
N ASN C 452 5.00 15.92 31.62
CA ASN C 452 4.49 14.79 32.38
C ASN C 452 3.98 13.62 31.58
N ALA C 453 4.58 12.49 31.75
CA ALA C 453 4.11 11.31 31.06
C ALA C 453 2.86 10.84 31.74
N ALA C 454 1.91 10.30 30.98
CA ALA C 454 0.70 9.70 31.56
C ALA C 454 -0.12 10.61 32.49
N PRO C 455 -0.60 11.79 32.03
CA PRO C 455 -1.34 12.80 32.75
C PRO C 455 -2.76 12.37 33.05
N GLY C 456 -3.43 12.98 34.04
CA GLY C 456 -4.84 12.66 34.29
C GLY C 456 -5.77 13.48 33.40
N PHE C 457 -7.08 13.18 33.45
CA PHE C 457 -8.03 13.89 32.61
C PHE C 457 -9.17 14.73 33.22
N ARG C 458 -9.44 14.64 34.52
CA ARG C 458 -10.60 15.35 35.15
C ARG C 458 -10.70 16.81 34.69
N MET C 459 -9.59 17.53 34.58
CA MET C 459 -9.60 18.94 34.28
C MET C 459 -10.00 19.25 32.86
N HIS C 460 -9.99 18.25 31.98
CA HIS C 460 -10.34 18.44 30.58
C HIS C 460 -11.72 17.87 30.27
N VAL C 461 -12.15 16.87 31.04
CA VAL C 461 -13.45 16.26 30.78
C VAL C 461 -14.52 16.79 31.73
N ALA C 462 -14.12 17.45 32.81
CA ALA C 462 -15.01 18.06 33.76
C ALA C 462 -14.46 19.38 34.30
N PRO C 463 -14.27 20.40 33.45
CA PRO C 463 -13.73 21.70 33.78
C PRO C 463 -14.77 22.45 34.56
N SER C 464 -14.37 23.46 35.32
CA SER C 464 -15.37 24.24 36.03
C SER C 464 -15.92 25.37 35.19
N GLN C 465 -15.16 25.80 34.20
CA GLN C 465 -15.64 26.81 33.27
C GLN C 465 -15.29 26.36 31.87
N GLY C 466 -16.16 26.64 30.93
CA GLY C 466 -15.89 26.26 29.55
C GLY C 466 -16.57 24.95 29.23
N LEU C 467 -16.33 24.42 28.04
CA LEU C 467 -17.02 23.23 27.59
C LEU C 467 -16.15 21.98 27.79
N PRO C 468 -16.68 20.83 28.26
CA PRO C 468 -16.02 19.52 28.38
C PRO C 468 -15.51 18.95 27.05
N ARG C 469 -14.37 18.27 27.06
CA ARG C 469 -13.83 17.69 25.83
C ARG C 469 -13.78 16.17 25.82
N ASN C 470 -14.03 15.56 24.68
CA ASN C 470 -13.92 14.12 24.63
C ASN C 470 -12.51 13.72 24.35
N VAL C 471 -11.78 13.55 25.43
CA VAL C 471 -10.38 13.22 25.45
C VAL C 471 -10.10 11.80 25.00
N ALA C 472 -10.95 10.85 25.36
CA ALA C 472 -10.75 9.45 24.98
C ALA C 472 -10.80 9.21 23.48
N ALA C 473 -11.63 9.92 22.75
CA ALA C 473 -11.76 9.62 21.35
C ALA C 473 -10.40 9.68 20.60
N PRO C 474 -9.52 10.70 20.74
CA PRO C 474 -8.18 10.75 20.18
C PRO C 474 -7.25 9.65 20.64
N VAL C 475 -7.55 8.97 21.75
CA VAL C 475 -6.69 7.93 22.24
C VAL C 475 -7.07 6.66 21.50
N LEU C 476 -8.35 6.38 21.43
CA LEU C 476 -8.79 5.18 20.74
C LEU C 476 -8.48 5.24 19.26
N ASP C 477 -8.47 6.43 18.69
CA ASP C 477 -8.12 6.58 17.29
C ASP C 477 -6.64 6.27 17.02
N MET C 478 -5.74 6.32 18.03
CA MET C 478 -4.36 5.98 17.69
C MET C 478 -4.19 4.48 17.89
N LEU C 479 -4.91 3.91 18.86
CA LEU C 479 -4.79 2.49 19.17
C LEU C 479 -5.45 1.64 18.12
N PHE C 480 -6.59 2.09 17.61
CA PHE C 480 -7.38 1.41 16.60
C PHE C 480 -7.70 2.37 15.47
N PRO C 481 -6.75 2.65 14.56
CA PRO C 481 -6.85 3.65 13.55
C PRO C 481 -8.09 3.41 12.71
N PRO C 482 -8.67 4.45 12.09
CA PRO C 482 -9.85 4.35 11.28
C PRO C 482 -9.65 3.35 10.18
N GLY C 483 -10.65 2.53 9.95
CA GLY C 483 -10.58 1.53 8.90
C GLY C 483 -9.99 0.20 9.35
N THR C 484 -9.49 0.10 10.58
CA THR C 484 -8.91 -1.16 10.98
C THR C 484 -9.86 -1.90 11.92
N PRO C 485 -9.84 -3.24 11.96
CA PRO C 485 -10.57 -4.10 12.87
C PRO C 485 -10.01 -4.13 14.27
N SER C 486 -10.88 -4.41 15.23
CA SER C 486 -10.52 -4.64 16.62
C SER C 486 -10.84 -6.07 17.05
N ARG C 487 -11.41 -6.83 16.13
CA ARG C 487 -11.85 -8.21 16.32
C ARG C 487 -11.34 -9.16 15.27
N ILE C 488 -11.28 -10.42 15.62
CA ILE C 488 -10.95 -11.47 14.69
C ILE C 488 -12.22 -12.26 14.46
N PRO C 489 -12.41 -12.96 13.34
CA PRO C 489 -13.58 -13.77 13.09
C PRO C 489 -13.80 -14.84 14.11
N ILE C 490 -15.05 -15.01 14.52
CA ILE C 490 -15.44 -16.06 15.45
C ILE C 490 -16.50 -16.93 14.84
N LEU C 491 -16.22 -18.24 14.81
CA LEU C 491 -17.15 -19.21 14.30
C LEU C 491 -17.52 -20.14 15.44
N ALA C 492 -18.77 -20.05 15.89
CA ALA C 492 -19.22 -20.81 17.04
C ALA C 492 -20.10 -21.97 16.63
N VAL C 493 -19.77 -23.17 17.09
CA VAL C 493 -20.49 -24.37 16.69
C VAL C 493 -21.21 -25.06 17.84
N THR C 494 -22.53 -25.25 17.72
CA THR C 494 -23.22 -25.96 18.78
C THR C 494 -24.22 -26.99 18.24
N GLY C 495 -24.89 -27.68 19.14
CA GLY C 495 -25.86 -28.72 18.79
C GLY C 495 -25.63 -29.95 19.64
N THR C 496 -26.61 -30.84 19.72
CA THR C 496 -26.44 -32.01 20.57
C THR C 496 -25.36 -32.98 20.10
N ASN C 497 -25.33 -33.32 18.80
CA ASN C 497 -24.32 -34.25 18.29
C ASN C 497 -23.55 -33.70 17.09
N GLY C 498 -22.26 -34.02 16.98
CA GLY C 498 -21.45 -33.66 15.83
C GLY C 498 -20.53 -32.44 15.96
N LYS C 499 -20.59 -31.73 17.07
CA LYS C 499 -19.77 -30.55 17.29
C LYS C 499 -18.27 -30.72 17.11
N THR C 500 -17.66 -31.71 17.77
CA THR C 500 -16.22 -31.87 17.69
C THR C 500 -15.74 -32.17 16.28
N THR C 501 -16.47 -33.03 15.57
CA THR C 501 -16.10 -33.39 14.21
C THR C 501 -16.18 -32.19 13.28
N THR C 502 -17.25 -31.40 13.40
CA THR C 502 -17.49 -30.24 12.58
C THR C 502 -16.42 -29.19 12.85
N THR C 503 -16.07 -29.01 14.13
CA THR C 503 -15.08 -28.04 14.59
C THR C 503 -13.70 -28.34 14.03
N ARG C 504 -13.27 -29.60 14.07
CA ARG C 504 -11.95 -29.93 13.53
C ARG C 504 -11.88 -29.75 12.03
N LEU C 505 -12.95 -30.07 11.30
CA LEU C 505 -12.96 -29.89 9.86
C LEU C 505 -12.95 -28.44 9.48
N LEU C 506 -13.73 -27.62 10.16
CA LEU C 506 -13.81 -26.23 9.81
C LEU C 506 -12.49 -25.55 10.09
N ALA C 507 -11.83 -25.88 11.21
CA ALA C 507 -10.53 -25.30 11.50
C ALA C 507 -9.51 -25.71 10.45
N HIS C 508 -9.57 -26.95 9.96
CA HIS C 508 -8.69 -27.48 8.93
C HIS C 508 -8.83 -26.72 7.62
N ILE C 509 -10.07 -26.37 7.25
CA ILE C 509 -10.31 -25.63 6.02
C ILE C 509 -9.71 -24.23 6.11
N TYR C 510 -9.90 -23.52 7.22
CA TYR C 510 -9.34 -22.16 7.33
C TYR C 510 -7.86 -22.15 7.32
N ARG C 511 -7.27 -23.17 7.86
CA ARG C 511 -5.85 -23.35 7.95
C ARG C 511 -5.19 -23.43 6.57
N GLN C 512 -5.94 -23.75 5.52
CA GLN C 512 -5.37 -23.91 4.19
C GLN C 512 -5.10 -22.57 3.56
N THR C 513 -5.51 -21.50 4.23
CA THR C 513 -5.29 -20.16 3.73
C THR C 513 -4.00 -19.58 4.33
N GLY C 514 -3.33 -20.33 5.22
CA GLY C 514 -2.08 -19.89 5.82
C GLY C 514 -2.18 -19.05 7.08
N LYS C 515 -3.37 -18.90 7.62
CA LYS C 515 -3.62 -18.11 8.82
C LYS C 515 -3.42 -18.91 10.09
N THR C 516 -3.20 -18.20 11.20
CA THR C 516 -3.15 -18.90 12.47
C THR C 516 -4.54 -19.12 12.99
N VAL C 517 -4.85 -20.39 13.19
CA VAL C 517 -6.18 -20.76 13.59
C VAL C 517 -6.14 -21.43 14.94
N GLY C 518 -6.93 -20.89 15.85
CA GLY C 518 -7.00 -21.46 17.17
C GLY C 518 -8.36 -22.08 17.36
N TYR C 519 -8.44 -23.16 18.11
CA TYR C 519 -9.72 -23.75 18.37
C TYR C 519 -9.80 -24.52 19.64
N THR C 520 -11.01 -24.68 20.13
CA THR C 520 -11.22 -25.44 21.34
C THR C 520 -12.18 -26.58 21.10
N SER C 521 -11.89 -27.69 21.74
CA SER C 521 -12.72 -28.87 21.66
C SER C 521 -12.77 -29.58 23.00
N THR C 522 -13.50 -30.67 23.03
CA THR C 522 -13.54 -31.49 24.24
C THR C 522 -12.27 -32.31 24.45
N ASP C 523 -11.35 -32.33 23.49
CA ASP C 523 -10.14 -33.09 23.70
C ASP C 523 -8.98 -32.22 24.18
N ALA C 524 -8.87 -31.01 23.60
CA ALA C 524 -7.76 -30.09 23.84
C ALA C 524 -7.98 -28.69 23.24
N ILE C 525 -7.08 -27.77 23.58
CA ILE C 525 -7.01 -26.44 22.96
C ILE C 525 -5.81 -26.43 22.05
N TYR C 526 -6.00 -26.10 20.77
CA TYR C 526 -4.92 -26.08 19.79
C TYR C 526 -4.73 -24.77 19.08
N ILE C 527 -3.48 -24.50 18.72
CA ILE C 527 -3.16 -23.40 17.81
C ILE C 527 -2.27 -23.92 16.70
N ASN C 528 -2.73 -23.92 15.45
CA ASN C 528 -1.93 -24.41 14.32
C ASN C 528 -1.33 -25.77 14.54
N GLU C 529 -2.11 -26.69 15.04
CA GLU C 529 -1.69 -28.07 15.34
C GLU C 529 -0.74 -28.27 16.53
N TYR C 530 -0.51 -27.25 17.33
CA TYR C 530 0.25 -27.46 18.55
C TYR C 530 -0.74 -27.48 19.68
N CYS C 531 -0.54 -28.36 20.63
CA CYS C 531 -1.50 -28.43 21.72
C CYS C 531 -1.10 -27.51 22.86
N VAL C 532 -2.01 -26.64 23.25
CA VAL C 532 -1.78 -25.69 24.32
C VAL C 532 -2.18 -26.31 25.66
N GLU C 533 -3.38 -26.88 25.72
CA GLU C 533 -3.88 -27.54 26.94
C GLU C 533 -4.64 -28.80 26.58
N LYS C 534 -4.65 -29.79 27.47
CA LYS C 534 -5.45 -31.00 27.23
C LYS C 534 -6.60 -31.14 28.20
N GLY C 535 -7.64 -31.89 27.81
CA GLY C 535 -8.80 -32.12 28.66
C GLY C 535 -10.03 -31.47 28.06
N ASP C 536 -11.15 -31.50 28.78
CA ASP C 536 -12.36 -30.92 28.22
C ASP C 536 -12.23 -29.45 28.27
N ASN C 537 -12.06 -28.85 27.12
CA ASN C 537 -11.81 -27.45 27.03
C ASN C 537 -12.93 -26.68 26.42
N THR C 538 -14.13 -27.19 26.54
CA THR C 538 -15.25 -26.40 26.06
C THR C 538 -15.61 -25.43 27.18
N GLY C 539 -16.41 -24.43 26.88
CA GLY C 539 -16.84 -23.48 27.89
C GLY C 539 -16.06 -22.16 27.81
N PRO C 540 -16.56 -21.12 28.48
CA PRO C 540 -16.07 -19.76 28.46
C PRO C 540 -14.68 -19.52 28.99
N GLN C 541 -14.16 -20.40 29.83
CA GLN C 541 -12.84 -20.17 30.33
C GLN C 541 -11.80 -20.55 29.29
N SER C 542 -12.16 -21.44 28.38
CA SER C 542 -11.23 -21.88 27.37
C SER C 542 -11.30 -20.96 26.18
N ALA C 543 -12.49 -20.47 25.90
CA ALA C 543 -12.68 -19.55 24.79
C ALA C 543 -11.81 -18.33 25.03
N GLY C 544 -11.71 -17.93 26.30
CA GLY C 544 -10.89 -16.83 26.71
C GLY C 544 -9.40 -17.02 26.43
N VAL C 545 -8.89 -18.25 26.45
CA VAL C 545 -7.48 -18.49 26.21
C VAL C 545 -7.16 -18.16 24.78
N ILE C 546 -8.03 -18.58 23.87
CA ILE C 546 -7.84 -18.28 22.46
C ILE C 546 -8.04 -16.80 22.16
N LEU C 547 -9.07 -16.18 22.70
CA LEU C 547 -9.31 -14.78 22.38
C LEU C 547 -8.24 -13.84 22.91
N ARG C 548 -7.62 -14.17 24.03
CA ARG C 548 -6.54 -13.36 24.58
C ARG C 548 -5.18 -13.59 23.90
N ASP C 549 -5.07 -14.60 23.06
CA ASP C 549 -3.80 -15.00 22.46
C ASP C 549 -3.38 -14.07 21.33
N PRO C 550 -2.23 -13.37 21.41
CA PRO C 550 -1.73 -12.37 20.51
C PRO C 550 -1.39 -12.85 19.11
N THR C 551 -1.38 -14.15 18.88
CA THR C 551 -1.03 -14.67 17.57
C THR C 551 -2.24 -15.13 16.74
N VAL C 552 -3.42 -15.27 17.35
CA VAL C 552 -4.55 -15.87 16.65
C VAL C 552 -5.30 -14.96 15.70
N GLU C 553 -5.52 -15.44 14.47
CA GLU C 553 -6.22 -14.70 13.44
C GLU C 553 -7.65 -15.15 13.24
N VAL C 554 -7.94 -16.44 13.45
CA VAL C 554 -9.29 -17.01 13.33
C VAL C 554 -9.63 -17.88 14.55
N ALA C 555 -10.81 -17.72 15.14
CA ALA C 555 -11.19 -18.58 16.27
C ALA C 555 -12.38 -19.47 15.95
N VAL C 556 -12.21 -20.78 16.13
CA VAL C 556 -13.32 -21.73 15.90
C VAL C 556 -13.62 -22.42 17.25
N LEU C 557 -14.81 -22.25 17.78
CA LEU C 557 -15.07 -22.72 19.15
C LEU C 557 -16.23 -23.72 19.32
N GLU C 558 -16.00 -24.96 19.79
CA GLU C 558 -17.22 -25.78 19.97
C GLU C 558 -17.85 -25.29 21.27
N THR C 559 -19.18 -25.14 21.28
CA THR C 559 -19.88 -24.65 22.47
C THR C 559 -20.90 -25.63 23.02
N ALA C 560 -20.71 -25.93 24.29
CA ALA C 560 -21.53 -26.86 25.04
C ALA C 560 -22.52 -26.18 25.96
N ARG C 561 -23.61 -26.89 26.26
CA ARG C 561 -24.66 -26.34 27.15
C ARG C 561 -24.17 -26.26 28.60
N GLY C 562 -23.12 -27.01 29.02
CA GLY C 562 -22.65 -26.89 30.37
C GLY C 562 -22.13 -25.50 30.59
N GLY C 563 -21.31 -25.02 29.66
CA GLY C 563 -20.75 -23.71 29.77
C GLY C 563 -21.80 -22.64 29.70
N ILE C 564 -22.80 -22.79 28.82
CA ILE C 564 -23.80 -21.73 28.72
C ILE C 564 -24.61 -21.61 29.98
N LEU C 565 -25.07 -22.73 30.50
CA LEU C 565 -25.91 -22.72 31.68
C LEU C 565 -25.19 -22.34 32.95
N ARG C 566 -23.91 -22.66 33.05
CA ARG C 566 -23.14 -22.34 34.22
C ARG C 566 -22.59 -20.91 34.24
N ALA C 567 -22.14 -20.37 33.10
CA ALA C 567 -21.57 -19.02 33.16
C ALA C 567 -21.80 -18.10 31.95
N GLY C 568 -22.65 -18.43 30.97
CA GLY C 568 -22.86 -17.57 29.79
C GLY C 568 -21.78 -17.76 28.71
N LEU C 569 -21.93 -17.07 27.57
CA LEU C 569 -20.92 -17.16 26.50
C LEU C 569 -19.77 -16.18 26.76
N ALA C 570 -18.55 -16.53 26.35
CA ALA C 570 -17.38 -15.66 26.54
C ALA C 570 -17.18 -14.52 25.55
N PHE C 571 -17.86 -14.54 24.44
CA PHE C 571 -17.59 -13.57 23.40
C PHE C 571 -18.62 -12.50 23.02
N ASP C 572 -19.80 -12.49 23.60
CA ASP C 572 -20.88 -11.52 23.27
C ASP C 572 -21.49 -11.62 21.87
N SER C 573 -20.69 -11.58 20.83
CA SER C 573 -21.21 -11.72 19.47
C SER C 573 -20.22 -12.43 18.56
N CYS C 574 -20.74 -12.98 17.48
CA CYS C 574 -19.90 -13.70 16.51
C CYS C 574 -20.35 -13.55 15.08
N ASP C 575 -19.52 -14.05 14.14
CA ASP C 575 -19.80 -13.91 12.71
C ASP C 575 -20.61 -15.03 12.15
N VAL C 576 -20.33 -16.25 12.60
CA VAL C 576 -21.06 -17.39 12.14
C VAL C 576 -21.53 -18.20 13.33
N GLY C 577 -22.80 -18.53 13.35
CA GLY C 577 -23.34 -19.38 14.40
C GLY C 577 -23.93 -20.62 13.76
N VAL C 578 -23.37 -21.78 14.08
CA VAL C 578 -23.83 -23.03 13.48
C VAL C 578 -24.60 -23.88 14.48
N VAL C 579 -25.83 -24.25 14.15
CA VAL C 579 -26.60 -25.13 15.03
C VAL C 579 -26.86 -26.42 14.29
N LEU C 580 -26.31 -27.52 14.77
CA LEU C 580 -26.38 -28.76 14.03
C LEU C 580 -27.62 -29.62 14.25
N ASN C 581 -28.15 -29.67 15.46
CA ASN C 581 -29.30 -30.51 15.79
C ASN C 581 -29.73 -30.34 17.24
N VAL C 582 -31.00 -30.62 17.53
CA VAL C 582 -31.43 -30.65 18.92
C VAL C 582 -31.96 -32.05 19.23
N ALA C 583 -31.45 -32.66 20.29
CA ALA C 583 -31.87 -34.02 20.62
C ALA C 583 -31.94 -34.20 22.11
N ALA C 584 -32.66 -35.21 22.56
CA ALA C 584 -32.93 -35.41 23.97
C ALA C 584 -31.78 -36.03 24.76
N ASP C 585 -30.71 -35.29 24.87
CA ASP C 585 -29.56 -35.64 25.67
C ASP C 585 -29.51 -34.66 26.81
N HIS C 586 -28.90 -35.05 27.91
CA HIS C 586 -28.73 -34.18 29.07
C HIS C 586 -30.03 -33.60 29.61
N LEU C 587 -31.13 -34.35 29.52
CA LEU C 587 -32.34 -33.81 30.06
C LEU C 587 -32.38 -34.17 31.52
N GLY C 588 -32.92 -33.26 32.30
CA GLY C 588 -33.04 -33.40 33.72
C GLY C 588 -31.88 -32.67 34.41
N LEU C 589 -30.86 -32.28 33.66
CA LEU C 589 -29.73 -31.61 34.26
C LEU C 589 -29.85 -30.12 34.06
N GLY C 590 -29.44 -29.34 35.03
CA GLY C 590 -29.40 -27.89 34.85
C GLY C 590 -30.80 -27.30 34.79
N ASP C 591 -31.75 -27.98 35.41
CA ASP C 591 -33.16 -27.59 35.41
C ASP C 591 -33.85 -27.62 34.03
N ILE C 592 -33.27 -28.33 33.06
CA ILE C 592 -33.93 -28.49 31.77
C ILE C 592 -34.46 -29.86 31.58
N ASP C 593 -35.78 -29.97 31.61
CA ASP C 593 -36.47 -31.24 31.54
C ASP C 593 -37.02 -31.60 30.17
N THR C 594 -37.33 -30.61 29.34
CA THR C 594 -37.96 -30.91 28.08
C THR C 594 -37.11 -30.55 26.89
N ILE C 595 -37.50 -31.05 25.71
CA ILE C 595 -36.77 -30.77 24.50
C ILE C 595 -36.99 -29.33 24.06
N GLU C 596 -38.18 -28.80 24.33
CA GLU C 596 -38.50 -27.42 23.96
C GLU C 596 -37.61 -26.47 24.75
N GLN C 597 -37.28 -26.83 25.99
CA GLN C 597 -36.36 -26.03 26.80
C GLN C 597 -34.93 -26.18 26.29
N MET C 598 -34.54 -27.39 25.89
CA MET C 598 -33.19 -27.59 25.43
C MET C 598 -32.92 -26.76 24.20
N ALA C 599 -33.93 -26.61 23.36
CA ALA C 599 -33.84 -25.81 22.17
C ALA C 599 -33.57 -24.33 22.49
N LYS C 600 -34.00 -23.85 23.67
CA LYS C 600 -33.82 -22.44 24.06
C LYS C 600 -32.39 -22.20 24.46
N VAL C 601 -31.71 -23.25 24.91
CA VAL C 601 -30.32 -23.12 25.25
C VAL C 601 -29.53 -23.07 23.95
N LYS C 602 -29.85 -23.97 23.01
CA LYS C 602 -29.06 -24.01 21.79
C LYS C 602 -29.25 -22.77 20.94
N SER C 603 -30.42 -22.16 20.99
CA SER C 603 -30.72 -20.98 20.20
C SER C 603 -29.92 -19.77 20.64
N VAL C 604 -29.24 -19.84 21.79
CA VAL C 604 -28.44 -18.73 22.26
C VAL C 604 -27.39 -18.40 21.21
N ILE C 605 -26.80 -19.40 20.56
CA ILE C 605 -25.79 -19.09 19.57
C ILE C 605 -26.37 -18.36 18.38
N ALA C 606 -27.49 -18.82 17.87
CA ALA C 606 -28.09 -18.18 16.70
C ALA C 606 -28.47 -16.73 17.00
N GLU C 607 -28.90 -16.45 18.21
CA GLU C 607 -29.35 -15.11 18.59
C GLU C 607 -28.23 -14.13 18.92
N VAL C 608 -26.97 -14.55 18.90
CA VAL C 608 -25.88 -13.62 19.18
C VAL C 608 -25.07 -13.36 17.93
N VAL C 609 -25.55 -13.81 16.79
CA VAL C 609 -24.79 -13.56 15.59
C VAL C 609 -25.03 -12.13 15.15
N ASP C 610 -23.97 -11.42 14.86
CA ASP C 610 -24.01 -10.04 14.42
C ASP C 610 -24.92 -9.91 13.20
N PRO C 611 -25.76 -8.87 13.03
CA PRO C 611 -26.66 -8.70 11.89
C PRO C 611 -25.97 -8.80 10.53
N SER C 612 -24.67 -8.52 10.45
CA SER C 612 -23.96 -8.61 9.17
C SER C 612 -23.50 -10.04 8.85
N GLY C 613 -23.62 -10.94 9.84
CA GLY C 613 -23.18 -12.32 9.77
C GLY C 613 -24.30 -13.28 9.43
N TYR C 614 -24.02 -14.56 9.65
CA TYR C 614 -24.93 -15.66 9.32
C TYR C 614 -25.18 -16.69 10.39
N ALA C 615 -26.39 -17.21 10.37
CA ALA C 615 -26.74 -18.35 11.17
C ALA C 615 -26.86 -19.52 10.21
N VAL C 616 -26.31 -20.66 10.56
CA VAL C 616 -26.40 -21.84 9.72
C VAL C 616 -27.28 -22.86 10.40
N LEU C 617 -28.43 -23.11 9.80
CA LEU C 617 -29.42 -23.99 10.39
C LEU C 617 -29.65 -25.26 9.61
N ASN C 618 -30.02 -26.31 10.31
CA ASN C 618 -30.35 -27.60 9.75
C ASN C 618 -31.81 -27.65 9.34
N ALA C 619 -32.11 -27.67 8.05
CA ALA C 619 -33.49 -27.60 7.57
C ALA C 619 -34.23 -28.91 7.72
N ASP C 620 -33.52 -29.96 8.07
CA ASP C 620 -34.13 -31.28 8.26
C ASP C 620 -34.51 -31.51 9.71
N ASP C 621 -34.28 -30.50 10.56
CA ASP C 621 -34.57 -30.55 11.98
C ASP C 621 -35.61 -29.50 12.36
N PRO C 622 -36.86 -29.88 12.71
CA PRO C 622 -37.96 -28.98 12.97
C PRO C 622 -37.78 -28.03 14.15
N LEU C 623 -36.88 -28.33 15.09
CA LEU C 623 -36.71 -27.39 16.19
C LEU C 623 -35.68 -26.37 15.81
N VAL C 624 -34.72 -26.81 15.00
CA VAL C 624 -33.63 -25.93 14.57
C VAL C 624 -34.08 -24.98 13.47
N ALA C 625 -34.82 -25.46 12.48
CA ALA C 625 -35.26 -24.59 11.39
C ALA C 625 -36.11 -23.43 11.93
N ALA C 626 -36.86 -23.70 12.98
CA ALA C 626 -37.75 -22.75 13.64
C ALA C 626 -37.02 -21.60 14.32
N MET C 627 -35.71 -21.73 14.53
CA MET C 627 -34.92 -20.71 15.19
C MET C 627 -34.73 -19.54 14.25
N ALA C 628 -35.04 -19.75 12.98
CA ALA C 628 -34.86 -18.75 11.95
C ALA C 628 -35.69 -17.52 12.22
N ASP C 629 -36.74 -17.65 13.02
CA ASP C 629 -37.63 -16.53 13.28
C ASP C 629 -37.18 -15.66 14.46
N LYS C 630 -36.09 -16.06 15.12
CA LYS C 630 -35.53 -15.30 16.23
C LYS C 630 -34.24 -14.61 15.80
N VAL C 631 -33.60 -15.16 14.79
CA VAL C 631 -32.34 -14.66 14.29
C VAL C 631 -32.44 -13.30 13.60
N LYS C 632 -31.57 -12.36 13.99
CA LYS C 632 -31.48 -11.01 13.42
C LYS C 632 -30.47 -10.95 12.27
N ALA C 633 -29.71 -12.02 12.16
CA ALA C 633 -28.65 -12.26 11.20
C ALA C 633 -29.23 -12.88 9.95
N LYS C 634 -28.42 -13.07 8.93
CA LYS C 634 -28.87 -13.71 7.71
C LYS C 634 -28.95 -15.19 7.99
N VAL C 635 -29.80 -15.91 7.28
CA VAL C 635 -29.89 -17.35 7.51
C VAL C 635 -29.53 -18.17 6.30
N ALA C 636 -28.67 -19.16 6.49
CA ALA C 636 -28.28 -20.12 5.48
C ALA C 636 -28.75 -21.48 5.96
N TYR C 637 -29.10 -22.38 5.04
CA TYR C 637 -29.56 -23.71 5.46
C TYR C 637 -28.83 -24.86 4.85
N PHE C 638 -28.79 -25.98 5.55
CA PHE C 638 -28.27 -27.16 4.92
C PHE C 638 -29.22 -28.32 5.07
N SER C 639 -29.15 -29.28 4.14
CA SER C 639 -29.99 -30.47 4.22
C SER C 639 -29.44 -31.67 3.45
N MET C 640 -29.99 -32.84 3.75
CA MET C 640 -29.64 -34.09 3.05
C MET C 640 -30.67 -34.46 2.00
N ASN C 641 -31.60 -33.57 1.77
CA ASN C 641 -32.69 -33.77 0.84
C ASN C 641 -32.95 -32.48 0.06
N PRO C 642 -32.54 -32.38 -1.20
CA PRO C 642 -32.65 -31.23 -2.07
C PRO C 642 -34.07 -30.73 -2.27
N ASP C 643 -35.06 -31.59 -2.00
CA ASP C 643 -36.45 -31.20 -2.19
C ASP C 643 -37.10 -30.69 -0.93
N ASN C 644 -36.35 -30.54 0.14
CA ASN C 644 -36.91 -30.02 1.37
C ASN C 644 -37.54 -28.67 1.05
N PRO C 645 -38.86 -28.48 1.25
CA PRO C 645 -39.60 -27.28 0.94
C PRO C 645 -38.98 -26.01 1.49
N ILE C 646 -38.24 -26.09 2.60
CA ILE C 646 -37.63 -24.92 3.20
C ILE C 646 -36.55 -24.42 2.30
N ILE C 647 -35.77 -25.34 1.76
CA ILE C 647 -34.65 -25.04 0.93
C ILE C 647 -35.14 -24.44 -0.34
N GLN C 648 -36.20 -25.02 -0.89
CA GLN C 648 -36.71 -24.52 -2.15
C GLN C 648 -37.26 -23.11 -2.02
N ALA C 649 -38.01 -22.85 -0.95
CA ALA C 649 -38.55 -21.53 -0.77
C ALA C 649 -37.46 -20.50 -0.59
N HIS C 650 -36.39 -20.89 0.10
CA HIS C 650 -35.26 -20.05 0.41
C HIS C 650 -34.41 -19.70 -0.81
N VAL C 651 -34.07 -20.68 -1.64
CA VAL C 651 -33.23 -20.36 -2.80
C VAL C 651 -34.02 -19.53 -3.82
N ARG C 652 -35.34 -19.65 -3.86
CA ARG C 652 -36.17 -18.87 -4.76
C ARG C 652 -36.21 -17.38 -4.38
N ARG C 653 -35.70 -17.04 -3.20
CA ARG C 653 -35.61 -15.66 -2.71
C ARG C 653 -34.13 -15.26 -2.68
N ASN C 654 -33.32 -16.02 -3.42
CA ASN C 654 -31.88 -15.91 -3.56
C ASN C 654 -31.05 -16.10 -2.30
N GLY C 655 -31.46 -17.04 -1.45
CA GLY C 655 -30.67 -17.36 -0.30
C GLY C 655 -29.62 -18.39 -0.68
N ILE C 656 -28.90 -18.88 0.32
CA ILE C 656 -27.83 -19.83 0.16
C ILE C 656 -28.14 -21.09 0.91
N ALA C 657 -27.90 -22.23 0.29
CA ALA C 657 -28.10 -23.49 0.95
C ALA C 657 -27.11 -24.52 0.52
N ALA C 658 -26.84 -25.48 1.37
CA ALA C 658 -25.96 -26.57 0.98
C ALA C 658 -26.71 -27.87 1.03
N VAL C 659 -26.67 -28.60 -0.07
CA VAL C 659 -27.40 -29.84 -0.12
C VAL C 659 -26.57 -30.99 -0.62
N TYR C 660 -26.99 -32.17 -0.28
CA TYR C 660 -26.40 -33.35 -0.85
C TYR C 660 -27.23 -33.84 -2.03
N GLU C 661 -26.65 -33.89 -3.22
CA GLU C 661 -27.37 -34.30 -4.41
C GLU C 661 -26.49 -35.00 -5.42
N SER C 662 -27.02 -36.04 -6.07
CA SER C 662 -26.33 -36.77 -7.13
C SER C 662 -24.92 -37.23 -6.75
N GLY C 663 -24.70 -37.56 -5.49
CA GLY C 663 -23.39 -38.01 -5.03
C GLY C 663 -22.45 -36.87 -4.67
N TYR C 664 -22.87 -35.64 -4.86
CA TYR C 664 -22.07 -34.46 -4.60
C TYR C 664 -22.52 -33.59 -3.48
N LEU C 665 -21.56 -32.95 -2.86
CA LEU C 665 -21.86 -31.95 -1.88
C LEU C 665 -21.80 -30.67 -2.65
N SER C 666 -22.91 -29.93 -2.69
CA SER C 666 -22.97 -28.72 -3.50
C SER C 666 -23.66 -27.56 -2.81
N ILE C 667 -23.31 -26.38 -3.26
CA ILE C 667 -23.87 -25.14 -2.75
C ILE C 667 -24.78 -24.49 -3.74
N LEU C 668 -25.97 -24.18 -3.28
CA LEU C 668 -26.97 -23.55 -4.09
C LEU C 668 -26.97 -22.08 -3.77
N GLU C 669 -26.62 -21.27 -4.73
CA GLU C 669 -26.56 -19.84 -4.50
C GLU C 669 -27.50 -19.19 -5.49
N GLY C 670 -28.69 -18.87 -5.04
CA GLY C 670 -29.68 -18.40 -5.99
C GLY C 670 -29.95 -19.51 -6.99
N SER C 671 -29.89 -19.19 -8.28
CA SER C 671 -30.14 -20.16 -9.35
C SER C 671 -28.94 -21.01 -9.75
N TRP C 672 -27.76 -20.69 -9.24
CA TRP C 672 -26.56 -21.39 -9.65
C TRP C 672 -26.15 -22.49 -8.69
N THR C 673 -25.63 -23.59 -9.23
CA THR C 673 -25.16 -24.67 -8.39
C THR C 673 -23.66 -24.80 -8.45
N LEU C 674 -23.01 -24.85 -7.31
CA LEU C 674 -21.58 -25.01 -7.22
C LEU C 674 -21.23 -26.36 -6.64
N ARG C 675 -20.64 -27.24 -7.40
CA ARG C 675 -20.30 -28.53 -6.81
C ARG C 675 -18.96 -28.47 -6.16
N VAL C 676 -18.85 -28.96 -4.93
CA VAL C 676 -17.58 -28.92 -4.25
C VAL C 676 -16.84 -30.20 -4.48
N GLU C 677 -17.43 -31.32 -4.06
CA GLU C 677 -16.77 -32.63 -4.26
C GLU C 677 -17.76 -33.78 -4.15
N GLN C 678 -17.31 -35.01 -4.39
CA GLN C 678 -18.14 -36.20 -4.24
C GLN C 678 -18.04 -36.76 -2.85
N ALA C 679 -19.14 -37.25 -2.31
CA ALA C 679 -19.08 -37.76 -0.94
C ALA C 679 -18.10 -38.89 -0.79
N LYS C 680 -17.99 -39.74 -1.79
CA LYS C 680 -17.13 -40.90 -1.70
C LYS C 680 -15.64 -40.56 -1.77
N LEU C 681 -15.31 -39.34 -2.17
CA LEU C 681 -13.93 -38.97 -2.28
C LEU C 681 -13.46 -38.11 -1.12
N ILE C 682 -14.31 -37.97 -0.10
CA ILE C 682 -13.93 -37.18 1.07
C ILE C 682 -13.70 -38.17 2.20
N PRO C 683 -12.46 -38.45 2.63
CA PRO C 683 -12.05 -39.49 3.58
C PRO C 683 -12.77 -39.56 4.91
N MET C 684 -13.31 -38.47 5.43
CA MET C 684 -14.00 -38.54 6.73
C MET C 684 -15.31 -39.29 6.60
N THR C 685 -15.82 -39.37 5.39
CA THR C 685 -17.09 -40.03 5.15
C THR C 685 -16.70 -41.41 4.71
N MET C 686 -17.23 -42.43 5.35
CA MET C 686 -16.82 -43.79 5.03
C MET C 686 -17.32 -44.29 3.68
N GLY C 687 -16.78 -43.76 2.60
CA GLY C 687 -17.14 -44.17 1.24
C GLY C 687 -18.51 -43.66 0.83
N GLY C 688 -19.01 -42.68 1.55
CA GLY C 688 -20.35 -42.15 1.31
C GLY C 688 -21.43 -42.92 2.08
N MET C 689 -21.03 -43.89 2.93
CA MET C 689 -21.96 -44.73 3.69
C MET C 689 -22.38 -44.25 5.08
N ALA C 690 -21.93 -43.07 5.48
CA ALA C 690 -22.21 -42.52 6.80
C ALA C 690 -22.86 -41.14 6.70
N PRO C 691 -24.20 -41.05 6.55
CA PRO C 691 -25.00 -39.85 6.32
C PRO C 691 -24.79 -38.76 7.34
N PHE C 692 -24.39 -39.15 8.54
CA PHE C 692 -24.17 -38.21 9.59
C PHE C 692 -22.83 -37.51 9.43
N MET C 693 -21.89 -38.14 8.70
CA MET C 693 -20.62 -37.52 8.46
C MET C 693 -20.79 -36.58 7.30
N ILE C 694 -21.71 -36.91 6.40
CA ILE C 694 -21.98 -36.05 5.27
C ILE C 694 -22.63 -34.78 5.76
N ALA C 695 -23.61 -34.90 6.66
CA ALA C 695 -24.25 -33.72 7.19
C ALA C 695 -23.28 -32.82 7.93
N ASN C 696 -22.30 -33.40 8.64
CA ASN C 696 -21.34 -32.58 9.36
C ASN C 696 -20.45 -31.85 8.34
N ALA C 697 -20.10 -32.52 7.24
CA ALA C 697 -19.30 -31.91 6.18
C ALA C 697 -20.05 -30.79 5.48
N LEU C 698 -21.37 -30.93 5.29
CA LEU C 698 -22.11 -29.86 4.64
C LEU C 698 -22.11 -28.62 5.50
N ALA C 699 -22.26 -28.78 6.82
CA ALA C 699 -22.27 -27.64 7.71
C ALA C 699 -20.94 -26.89 7.71
N ALA C 700 -19.82 -27.63 7.69
CA ALA C 700 -18.51 -27.00 7.67
C ALA C 700 -18.26 -26.26 6.36
N CYS C 701 -18.69 -26.84 5.24
CA CYS C 701 -18.48 -26.23 3.95
C CYS C 701 -19.31 -24.97 3.80
N LEU C 702 -20.55 -25.00 4.27
CA LEU C 702 -21.40 -23.85 4.16
C LEU C 702 -20.91 -22.74 5.04
N ALA C 703 -20.46 -23.02 6.27
CA ALA C 703 -19.96 -21.96 7.13
C ALA C 703 -18.73 -21.28 6.50
N ALA C 704 -17.83 -22.07 5.91
CA ALA C 704 -16.65 -21.53 5.28
C ALA C 704 -16.99 -20.65 4.09
N PHE C 705 -18.00 -21.07 3.33
CA PHE C 705 -18.46 -20.35 2.15
C PHE C 705 -19.10 -19.02 2.49
N VAL C 706 -20.03 -19.01 3.44
CA VAL C 706 -20.75 -17.77 3.74
C VAL C 706 -19.84 -16.75 4.38
N ASN C 707 -18.74 -17.20 5.00
CA ASN C 707 -17.80 -16.29 5.60
C ASN C 707 -16.69 -15.86 4.63
N GLY C 708 -16.85 -16.14 3.34
CA GLY C 708 -15.92 -15.66 2.33
C GLY C 708 -14.81 -16.56 1.80
N LEU C 709 -14.72 -17.84 2.13
CA LEU C 709 -13.63 -18.60 1.51
C LEU C 709 -14.04 -19.07 0.13
N ASP C 710 -13.05 -19.20 -0.73
CA ASP C 710 -13.28 -19.69 -2.09
C ASP C 710 -13.54 -21.19 -2.09
N VAL C 711 -14.19 -21.65 -3.13
CA VAL C 711 -14.53 -23.05 -3.29
C VAL C 711 -13.30 -23.92 -3.42
N GLU C 712 -12.28 -23.43 -4.11
CA GLU C 712 -11.11 -24.28 -4.28
C GLU C 712 -10.45 -24.55 -2.93
N VAL C 713 -10.47 -23.58 -2.04
CA VAL C 713 -9.89 -23.75 -0.71
C VAL C 713 -10.70 -24.79 0.04
N ILE C 714 -12.01 -24.71 -0.08
CA ILE C 714 -12.88 -25.65 0.60
C ILE C 714 -12.62 -27.06 0.07
N ARG C 715 -12.47 -27.24 -1.26
CA ARG C 715 -12.18 -28.56 -1.81
C ARG C 715 -10.90 -29.14 -1.30
N GLN C 716 -9.86 -28.33 -1.23
CA GLN C 716 -8.59 -28.81 -0.74
C GLN C 716 -8.71 -29.26 0.69
N GLY C 717 -9.43 -28.48 1.51
CA GLY C 717 -9.62 -28.80 2.91
C GLY C 717 -10.41 -30.08 3.14
N VAL C 718 -11.46 -30.34 2.38
CA VAL C 718 -12.18 -31.57 2.67
C VAL C 718 -11.40 -32.80 2.22
N ARG C 719 -10.69 -32.72 1.11
CA ARG C 719 -9.94 -33.85 0.59
C ARG C 719 -8.79 -34.32 1.48
N THR C 720 -8.12 -33.41 2.18
CA THR C 720 -6.98 -33.80 2.97
C THR C 720 -7.26 -34.01 4.45
N PHE C 721 -8.52 -33.89 4.86
CA PHE C 721 -8.86 -34.03 6.26
C PHE C 721 -8.99 -35.46 6.70
N THR C 722 -8.39 -35.82 7.83
CA THR C 722 -8.54 -37.19 8.31
C THR C 722 -9.02 -37.26 9.76
N THR C 723 -9.65 -38.39 10.06
CA THR C 723 -10.17 -38.73 11.38
C THR C 723 -9.73 -40.15 11.73
N SER C 724 -8.41 -40.35 11.73
CA SER C 724 -7.88 -41.72 11.93
C SER C 724 -7.83 -42.05 13.40
N ALA C 725 -7.34 -43.24 13.71
CA ALA C 725 -7.18 -43.61 15.13
C ALA C 725 -6.13 -42.70 15.77
N GLU C 726 -6.28 -42.38 17.05
CA GLU C 726 -5.32 -41.61 17.85
C GLU C 726 -5.32 -40.12 17.50
N GLN C 727 -6.21 -39.69 16.59
CA GLN C 727 -6.41 -38.27 16.31
C GLN C 727 -7.81 -37.99 16.79
N THR C 728 -8.71 -38.92 16.46
CA THR C 728 -10.10 -38.87 16.87
C THR C 728 -10.50 -40.24 17.41
N PRO C 729 -9.89 -40.72 18.52
CA PRO C 729 -10.14 -42.05 19.02
C PRO C 729 -11.57 -42.12 19.50
N GLY C 730 -12.21 -43.24 19.21
CA GLY C 730 -13.57 -43.47 19.65
C GLY C 730 -14.61 -42.88 18.73
N ARG C 731 -14.17 -42.26 17.64
CA ARG C 731 -15.12 -41.65 16.73
C ARG C 731 -14.99 -42.28 15.34
N MET C 732 -15.78 -43.30 15.04
CA MET C 732 -15.68 -44.07 13.81
C MET C 732 -14.28 -44.61 13.48
N ASN C 733 -13.67 -45.38 14.38
CA ASN C 733 -12.35 -45.91 14.06
C ASN C 733 -12.53 -47.28 13.43
N LEU C 734 -12.34 -47.38 12.12
CA LEU C 734 -12.57 -48.65 11.44
C LEU C 734 -11.22 -49.36 11.23
N PHE C 735 -11.12 -50.56 11.77
CA PHE C 735 -9.89 -51.34 11.72
C PHE C 735 -10.01 -52.49 10.74
N ASN C 736 -8.99 -52.61 9.89
CA ASN C 736 -8.85 -53.63 8.84
C ASN C 736 -7.99 -54.82 9.29
N LEU C 737 -8.59 -56.00 9.48
CA LEU C 737 -7.83 -57.14 9.98
C LEU C 737 -7.95 -58.33 9.01
N GLY C 738 -7.21 -58.28 7.91
CA GLY C 738 -7.35 -59.28 6.86
C GLY C 738 -8.75 -59.16 6.28
N GLN C 739 -9.44 -60.27 6.03
CA GLN C 739 -10.80 -60.15 5.49
C GLN C 739 -11.78 -60.03 6.64
N HIS C 740 -11.67 -58.95 7.36
CA HIS C 740 -12.46 -58.71 8.56
C HIS C 740 -12.38 -57.27 9.02
N HIS C 741 -13.49 -56.71 9.49
CA HIS C 741 -13.37 -55.37 10.02
C HIS C 741 -14.01 -55.21 11.37
N ALA C 742 -13.47 -54.27 12.14
CA ALA C 742 -14.03 -53.93 13.43
C ALA C 742 -14.12 -52.42 13.58
N LEU C 743 -15.22 -51.97 14.14
CA LEU C 743 -15.46 -50.55 14.29
C LEU C 743 -15.61 -50.14 15.73
N VAL C 744 -14.81 -49.18 16.16
CA VAL C 744 -14.92 -48.69 17.53
C VAL C 744 -15.54 -47.31 17.53
N ASP C 745 -16.61 -47.15 18.29
CA ASP C 745 -17.28 -45.85 18.36
C ASP C 745 -17.74 -45.60 19.78
N TYR C 746 -18.40 -44.46 20.03
CA TYR C 746 -18.72 -44.13 21.40
C TYR C 746 -19.99 -43.28 21.51
N ALA C 747 -21.13 -43.85 21.15
CA ALA C 747 -22.44 -43.20 21.14
C ALA C 747 -22.86 -42.88 22.57
N HIS C 748 -23.89 -42.05 22.77
CA HIS C 748 -24.33 -41.68 24.12
C HIS C 748 -25.83 -41.67 24.09
N ASN C 749 -26.36 -40.62 23.52
CA ASN C 749 -27.77 -40.54 23.35
C ASN C 749 -28.05 -41.43 22.15
N PRO C 750 -29.31 -41.89 21.98
CA PRO C 750 -29.80 -42.69 20.89
C PRO C 750 -29.50 -42.21 19.49
N ALA C 751 -29.33 -40.90 19.27
CA ALA C 751 -29.08 -40.51 17.90
C ALA C 751 -27.76 -41.07 17.41
N GLY C 752 -26.81 -41.28 18.33
CA GLY C 752 -25.51 -41.78 17.90
C GLY C 752 -25.56 -43.27 17.65
N TYR C 753 -26.61 -43.94 18.12
CA TYR C 753 -26.70 -45.36 17.89
C TYR C 753 -27.36 -45.55 16.55
N ARG C 754 -28.29 -44.65 16.22
CA ARG C 754 -28.91 -44.74 14.93
C ARG C 754 -27.92 -44.32 13.85
N ALA C 755 -27.12 -43.28 14.09
CA ALA C 755 -26.16 -42.86 13.09
C ALA C 755 -25.16 -43.97 12.77
N VAL C 756 -24.69 -44.67 13.79
CA VAL C 756 -23.78 -45.78 13.54
C VAL C 756 -24.53 -46.91 12.87
N GLY C 757 -25.75 -47.20 13.30
CA GLY C 757 -26.52 -48.27 12.70
C GLY C 757 -26.68 -48.08 11.20
N ASP C 758 -26.86 -46.84 10.72
CA ASP C 758 -26.97 -46.65 9.28
C ASP C 758 -25.68 -46.98 8.56
N PHE C 759 -24.53 -46.66 9.15
CA PHE C 759 -23.27 -47.05 8.53
C PHE C 759 -23.23 -48.56 8.39
N VAL C 760 -23.61 -49.25 9.46
CA VAL C 760 -23.59 -50.71 9.45
C VAL C 760 -24.53 -51.30 8.40
N LYS C 761 -25.73 -50.74 8.25
CA LYS C 761 -26.68 -51.22 7.24
C LYS C 761 -26.11 -51.19 5.83
N ASN C 762 -25.25 -50.23 5.54
CA ASN C 762 -24.65 -50.10 4.22
C ASN C 762 -23.46 -51.03 4.01
N TRP C 763 -23.07 -51.76 5.03
CA TRP C 763 -21.91 -52.60 4.93
C TRP C 763 -22.20 -53.84 4.12
N GLN C 764 -21.92 -53.79 2.83
CA GLN C 764 -22.22 -54.94 1.98
C GLN C 764 -21.11 -55.99 2.06
N GLY C 765 -21.07 -56.63 3.22
CA GLY C 765 -20.11 -57.65 3.62
C GLY C 765 -20.91 -58.84 4.11
N GLN C 766 -20.49 -59.44 5.22
CA GLN C 766 -21.21 -60.62 5.71
C GLN C 766 -22.02 -60.37 6.97
N ARG C 767 -21.65 -60.93 8.12
CA ARG C 767 -22.51 -60.73 9.29
C ARG C 767 -22.29 -59.37 9.93
N PHE C 768 -23.34 -58.85 10.54
CA PHE C 768 -23.26 -57.60 11.28
C PHE C 768 -23.34 -57.95 12.75
N GLY C 769 -22.22 -57.84 13.45
CA GLY C 769 -22.26 -58.19 14.84
C GLY C 769 -22.05 -57.00 15.73
N VAL C 770 -22.69 -57.04 16.87
CA VAL C 770 -22.53 -56.01 17.86
C VAL C 770 -22.18 -56.65 19.16
N VAL C 771 -21.24 -56.04 19.84
CA VAL C 771 -20.79 -56.58 21.09
C VAL C 771 -21.05 -55.70 22.28
N GLY C 772 -22.19 -55.01 22.35
CA GLY C 772 -22.44 -54.18 23.50
C GLY C 772 -23.70 -53.34 23.50
N GLY C 773 -23.78 -52.50 24.54
CA GLY C 773 -24.86 -51.60 24.85
C GLY C 773 -24.41 -50.60 25.94
N PRO C 774 -25.34 -49.85 26.55
CA PRO C 774 -25.19 -48.77 27.53
C PRO C 774 -24.61 -49.15 28.88
N GLY C 775 -24.09 -48.15 29.58
CA GLY C 775 -23.57 -48.33 30.92
C GLY C 775 -24.71 -48.16 31.92
N ASP C 776 -24.38 -48.04 33.21
CA ASP C 776 -25.40 -47.98 34.25
C ASP C 776 -25.91 -46.60 34.62
N ARG C 777 -25.42 -45.57 33.97
CA ARG C 777 -25.79 -44.21 34.36
C ARG C 777 -26.80 -43.56 33.44
N ARG C 778 -27.38 -44.36 32.55
CA ARG C 778 -28.41 -43.88 31.65
C ARG C 778 -29.77 -44.00 32.32
N ASP C 779 -30.74 -43.28 31.80
CA ASP C 779 -32.10 -43.32 32.33
C ASP C 779 -32.80 -44.50 31.66
N SER C 780 -34.13 -44.53 31.62
CA SER C 780 -34.82 -45.69 31.07
C SER C 780 -34.88 -45.69 29.55
N ASP C 781 -33.70 -45.79 28.92
CA ASP C 781 -33.55 -45.79 27.48
C ASP C 781 -32.80 -47.05 27.03
N LEU C 782 -32.74 -48.01 27.94
CA LEU C 782 -32.06 -49.25 27.67
C LEU C 782 -32.88 -50.04 26.68
N ILE C 783 -34.20 -49.92 26.78
CA ILE C 783 -35.05 -50.64 25.85
C ILE C 783 -34.89 -50.03 24.48
N GLU C 784 -34.84 -48.70 24.39
CA GLU C 784 -34.69 -48.07 23.09
C GLU C 784 -33.40 -48.54 22.43
N LEU C 785 -32.32 -48.69 23.20
CA LEU C 785 -31.11 -49.18 22.57
C LEU C 785 -31.36 -50.57 22.07
N GLY C 786 -31.95 -51.42 22.90
CA GLY C 786 -32.15 -52.77 22.44
C GLY C 786 -32.98 -52.81 21.15
N GLN C 787 -33.96 -51.93 21.04
CA GLN C 787 -34.79 -51.87 19.85
C GLN C 787 -33.98 -51.45 18.62
N ILE C 788 -32.98 -50.58 18.79
CA ILE C 788 -32.13 -50.14 17.70
C ILE C 788 -31.22 -51.28 17.26
N ALA C 789 -30.60 -51.98 18.20
CA ALA C 789 -29.71 -53.06 17.79
C ALA C 789 -30.47 -54.18 17.07
N ALA C 790 -31.68 -54.48 17.53
CA ALA C 790 -32.48 -55.56 16.96
C ALA C 790 -32.75 -55.66 15.47
N GLN C 791 -32.83 -54.50 14.84
CA GLN C 791 -33.03 -54.30 13.43
C GLN C 791 -31.84 -53.93 12.60
N VAL C 792 -30.70 -53.84 13.27
CA VAL C 792 -29.45 -53.51 12.59
C VAL C 792 -28.42 -54.61 12.55
N PHE C 793 -28.45 -55.51 13.53
CA PHE C 793 -27.43 -56.53 13.67
C PHE C 793 -28.08 -57.91 13.65
N ASP C 794 -27.37 -58.93 13.11
CA ASP C 794 -27.84 -60.31 13.14
C ASP C 794 -27.07 -61.19 14.14
N ARG C 795 -26.08 -60.60 14.80
CA ARG C 795 -25.33 -61.23 15.89
C ARG C 795 -25.31 -60.29 17.08
N ILE C 796 -26.21 -60.47 18.04
CA ILE C 796 -26.23 -59.50 19.14
C ILE C 796 -25.83 -60.11 20.46
N ILE C 797 -24.66 -59.71 20.98
CA ILE C 797 -24.20 -60.28 22.24
C ILE C 797 -24.08 -59.19 23.28
N VAL C 798 -24.65 -59.42 24.44
CA VAL C 798 -24.68 -58.45 25.53
C VAL C 798 -23.54 -58.61 26.57
N LYS C 799 -22.85 -57.48 26.86
CA LYS C 799 -21.74 -57.38 27.82
C LYS C 799 -21.99 -56.33 28.89
N GLU C 800 -23.22 -55.97 29.12
CA GLU C 800 -23.51 -54.88 30.03
C GLU C 800 -23.46 -55.22 31.51
N ASP C 801 -22.22 -55.39 31.95
CA ASP C 801 -21.79 -55.67 33.31
C ASP C 801 -20.37 -55.09 33.37
N ASP C 802 -20.27 -53.76 33.33
CA ASP C 802 -18.98 -53.13 33.15
C ASP C 802 -18.23 -53.06 34.46
N ASP C 803 -17.07 -52.41 34.50
CA ASP C 803 -16.28 -52.41 35.71
C ASP C 803 -16.74 -51.34 36.69
N LYS C 804 -17.30 -50.25 36.18
CA LYS C 804 -17.73 -49.16 37.03
C LYS C 804 -18.90 -49.61 37.92
N ARG C 805 -19.83 -50.38 37.34
CA ARG C 805 -20.96 -50.92 38.10
C ARG C 805 -21.68 -49.87 38.91
N GLY C 806 -22.07 -48.80 38.24
CA GLY C 806 -22.76 -47.69 38.87
C GLY C 806 -24.01 -48.17 39.58
N ARG C 807 -24.67 -49.20 39.03
CA ARG C 807 -25.85 -49.73 39.71
C ARG C 807 -25.84 -51.25 39.75
N SER C 808 -25.81 -51.79 40.96
CA SER C 808 -25.83 -53.24 41.18
C SER C 808 -24.82 -54.04 40.34
N GLU C 809 -25.30 -55.01 39.54
CA GLU C 809 -24.45 -55.86 38.73
C GLU C 809 -24.86 -55.93 37.25
N GLY C 810 -25.57 -57.00 36.87
CA GLY C 810 -25.93 -57.29 35.48
C GLY C 810 -27.34 -56.82 35.05
N GLU C 811 -28.02 -56.05 35.87
CA GLU C 811 -29.38 -55.63 35.52
C GLU C 811 -29.41 -54.84 34.21
N THR C 812 -28.36 -54.07 33.89
CA THR C 812 -28.38 -53.34 32.63
C THR C 812 -28.42 -54.36 31.49
N ALA C 813 -27.57 -55.40 31.54
CA ALA C 813 -27.61 -56.44 30.52
C ALA C 813 -28.96 -57.11 30.44
N ASP C 814 -29.62 -57.30 31.56
CA ASP C 814 -30.92 -57.95 31.53
C ASP C 814 -31.96 -57.08 30.82
N LEU C 815 -31.86 -55.76 30.97
CA LEU C 815 -32.80 -54.87 30.31
C LEU C 815 -32.51 -54.80 28.83
N ILE C 816 -31.24 -54.88 28.46
CA ILE C 816 -30.92 -54.87 27.05
C ILE C 816 -31.46 -56.12 26.41
N VAL C 817 -31.28 -57.27 27.07
CA VAL C 817 -31.80 -58.51 26.52
C VAL C 817 -33.31 -58.40 26.35
N LYS C 818 -34.02 -57.86 27.35
CA LYS C 818 -35.45 -57.69 27.20
C LYS C 818 -35.79 -56.86 25.95
N GLY C 819 -35.08 -55.75 25.74
CA GLY C 819 -35.33 -54.89 24.59
C GLY C 819 -35.04 -55.56 23.24
N ILE C 820 -33.90 -56.22 23.11
CA ILE C 820 -33.52 -56.79 21.81
C ILE C 820 -34.44 -57.96 21.39
N LEU C 821 -34.92 -58.72 22.37
CA LEU C 821 -35.81 -59.86 22.09
C LEU C 821 -37.23 -59.40 21.83
N GLN C 822 -37.49 -58.11 22.00
CA GLN C 822 -38.80 -57.56 21.82
C GLN C 822 -39.06 -57.33 20.36
N GLU C 823 -38.01 -57.04 19.58
CA GLU C 823 -38.23 -56.72 18.18
C GLU C 823 -37.83 -57.85 17.24
N ASN C 824 -36.75 -58.58 17.56
CA ASN C 824 -36.32 -59.61 16.63
C ASN C 824 -35.59 -60.74 17.32
N PRO C 825 -36.27 -61.67 17.99
CA PRO C 825 -35.68 -62.72 18.81
C PRO C 825 -35.11 -63.89 17.98
N GLY C 826 -34.19 -63.59 17.05
CA GLY C 826 -33.53 -64.56 16.20
C GLY C 826 -32.07 -64.18 15.83
N ALA C 827 -31.31 -63.61 16.77
CA ALA C 827 -29.92 -63.17 16.50
C ALA C 827 -28.91 -63.71 17.51
N SER C 828 -29.04 -65.00 17.86
CA SER C 828 -28.09 -65.63 18.79
C SER C 828 -27.88 -64.80 20.04
N TYR C 829 -28.95 -64.50 20.75
CA TYR C 829 -28.91 -63.57 21.86
C TYR C 829 -28.29 -64.04 23.14
N GLU C 830 -26.98 -64.16 23.07
CA GLU C 830 -26.11 -64.52 24.15
C GLU C 830 -25.84 -63.33 25.04
N VAL C 831 -25.77 -63.58 26.33
CA VAL C 831 -25.30 -62.56 27.25
C VAL C 831 -24.08 -63.16 27.87
N ILE C 832 -22.98 -62.42 27.81
CA ILE C 832 -21.72 -62.91 28.33
C ILE C 832 -21.24 -62.09 29.51
N LEU C 833 -21.73 -60.84 29.58
CA LEU C 833 -21.45 -59.87 30.64
C LEU C 833 -20.01 -59.32 30.59
N ASP C 834 -18.99 -60.17 30.58
CA ASP C 834 -17.62 -59.64 30.51
C ASP C 834 -17.32 -58.90 29.20
N GLU C 835 -16.55 -57.79 29.35
CA GLU C 835 -16.24 -56.88 28.22
C GLU C 835 -14.77 -56.40 28.28
N THR C 836 -13.83 -57.24 28.71
CA THR C 836 -12.40 -56.86 28.91
C THR C 836 -11.72 -57.56 27.71
N ILE C 837 -11.64 -58.88 27.75
CA ILE C 837 -11.02 -59.67 26.65
C ILE C 837 -11.99 -60.80 26.33
N ALA C 838 -13.18 -60.78 26.93
CA ALA C 838 -14.19 -61.83 26.67
C ALA C 838 -15.06 -61.61 25.44
N LEU C 839 -15.87 -60.54 25.42
CA LEU C 839 -16.66 -60.29 24.26
C LEU C 839 -15.92 -59.46 23.22
N ASN C 840 -15.01 -58.59 23.63
CA ASN C 840 -14.32 -57.77 22.63
C ASN C 840 -13.12 -58.48 22.02
N LYS C 841 -12.91 -59.74 22.42
CA LYS C 841 -11.83 -60.54 21.86
C LYS C 841 -12.44 -61.58 20.94
N ALA C 842 -13.70 -61.94 21.18
CA ALA C 842 -14.39 -62.97 20.41
C ALA C 842 -14.86 -62.46 19.04
N LEU C 843 -13.86 -62.24 18.17
CA LEU C 843 -14.04 -61.73 16.81
C LEU C 843 -13.96 -62.85 15.77
N ASP C 844 -13.55 -64.02 16.22
CA ASP C 844 -13.31 -65.16 15.32
C ASP C 844 -14.57 -65.97 15.12
N GLN C 845 -15.65 -65.46 15.69
CA GLN C 845 -16.98 -66.02 15.59
C GLN C 845 -17.72 -65.37 14.41
N VAL C 846 -17.05 -64.44 13.73
CA VAL C 846 -17.59 -63.71 12.59
C VAL C 846 -16.77 -64.04 11.34
N GLU C 847 -17.46 -64.37 10.25
CA GLU C 847 -16.83 -64.78 8.99
C GLU C 847 -16.19 -63.64 8.21
N GLU C 848 -15.61 -64.02 7.08
CA GLU C 848 -14.90 -63.09 6.25
C GLU C 848 -15.78 -61.96 5.78
N LYS C 849 -15.23 -60.77 5.85
CA LYS C 849 -15.86 -59.52 5.46
C LYS C 849 -17.06 -59.15 6.35
N GLY C 850 -17.18 -59.78 7.52
CA GLY C 850 -18.23 -59.35 8.42
C GLY C 850 -17.69 -58.15 9.15
N LEU C 851 -18.57 -57.50 9.91
CA LEU C 851 -18.19 -56.31 10.68
C LEU C 851 -18.56 -56.42 12.15
N VAL C 852 -17.61 -56.15 13.02
CA VAL C 852 -17.86 -56.15 14.45
C VAL C 852 -17.91 -54.74 15.02
N VAL C 853 -19.05 -54.38 15.61
CA VAL C 853 -19.25 -53.04 16.14
C VAL C 853 -19.13 -53.02 17.65
N VAL C 854 -18.18 -52.22 18.13
CA VAL C 854 -17.84 -52.16 19.53
C VAL C 854 -18.23 -50.84 20.16
N PHE C 855 -18.94 -50.95 21.28
CA PHE C 855 -19.39 -49.84 22.09
C PHE C 855 -18.86 -50.07 23.51
N PRO C 856 -17.57 -49.78 23.76
CA PRO C 856 -16.84 -50.08 24.97
C PRO C 856 -17.19 -49.07 26.02
N GLU C 857 -16.99 -49.38 27.30
CA GLU C 857 -17.07 -48.28 28.27
C GLU C 857 -15.83 -47.41 28.09
N SER C 858 -14.70 -48.05 27.79
CA SER C 858 -13.44 -47.36 27.62
C SER C 858 -12.83 -47.60 26.25
N VAL C 859 -12.74 -46.52 25.50
CA VAL C 859 -12.21 -46.55 24.14
C VAL C 859 -10.77 -46.97 24.16
N THR C 860 -10.03 -46.45 25.13
CA THR C 860 -8.62 -46.74 25.26
C THR C 860 -8.40 -48.24 25.29
N ARG C 861 -9.24 -49.00 25.98
CA ARG C 861 -9.04 -50.43 26.00
C ARG C 861 -9.45 -51.04 24.66
N ALA C 862 -10.57 -50.59 24.10
CA ALA C 862 -11.04 -51.19 22.84
C ALA C 862 -10.03 -51.07 21.73
N ILE C 863 -9.35 -49.94 21.66
CA ILE C 863 -8.42 -49.74 20.57
C ILE C 863 -7.04 -50.30 20.88
N ASP C 864 -6.86 -50.82 22.10
CA ASP C 864 -5.61 -51.44 22.48
C ASP C 864 -5.75 -52.92 22.15
N LEU C 865 -6.88 -53.51 22.52
CA LEU C 865 -7.11 -54.92 22.29
C LEU C 865 -7.16 -55.25 20.82
N ILE C 866 -7.77 -54.39 20.02
CA ILE C 866 -7.86 -54.64 18.60
C ILE C 866 -6.47 -54.66 17.93
N LYS C 867 -5.45 -54.08 18.57
CA LYS C 867 -4.12 -54.04 18.00
C LYS C 867 -3.33 -55.31 18.29
N VAL C 868 -3.87 -56.15 19.18
CA VAL C 868 -3.21 -57.38 19.59
C VAL C 868 -3.38 -58.41 18.50
N ARG C 869 -4.32 -58.11 17.60
CA ARG C 869 -4.65 -58.96 16.49
C ARG C 869 -3.89 -58.53 15.22
N ASN C 870 -2.95 -57.58 15.35
CA ASN C 870 -2.13 -57.12 14.24
C ASN C 870 -2.89 -56.59 13.01
N PRO C 871 -3.67 -55.50 13.14
CA PRO C 871 -4.45 -54.86 12.10
C PRO C 871 -3.53 -54.22 11.09
N ILE C 872 -4.06 -54.03 9.88
CA ILE C 872 -3.39 -53.43 8.76
C ILE C 872 -3.28 -51.91 8.88
N MET D 1 58.83 25.60 24.17
CA MET D 1 57.73 25.43 23.24
C MET D 1 56.42 25.76 23.91
N LYS D 2 55.69 26.70 23.32
CA LYS D 2 54.40 27.13 23.87
C LYS D 2 53.24 26.76 22.97
N ILE D 3 52.11 26.41 23.54
CA ILE D 3 50.94 26.13 22.73
C ILE D 3 50.03 27.32 22.76
N LEU D 4 49.72 27.86 21.58
CA LEU D 4 48.93 29.07 21.49
C LEU D 4 47.46 28.79 21.30
N LYS D 5 47.16 27.77 20.52
CA LYS D 5 45.76 27.46 20.20
C LYS D 5 45.51 25.99 19.91
N THR D 6 44.37 25.45 20.37
CA THR D 6 44.05 24.05 20.03
C THR D 6 42.64 23.92 19.45
N LEU D 7 42.52 23.23 18.32
CA LEU D 7 41.23 22.94 17.70
C LEU D 7 40.96 21.45 17.62
N THR D 8 39.72 21.07 17.86
CA THR D 8 39.36 19.67 17.71
C THR D 8 38.39 19.55 16.54
N LEU D 9 38.72 18.73 15.56
CA LEU D 9 37.89 18.59 14.39
C LEU D 9 37.12 17.30 14.46
N ARG D 10 35.84 17.35 14.12
CA ARG D 10 34.98 16.17 14.12
C ARG D 10 34.13 16.06 12.86
N GLY D 11 34.71 15.61 11.78
CA GLY D 11 34.00 15.53 10.51
C GLY D 11 34.95 15.92 9.40
N PRO D 12 34.57 15.77 8.12
CA PRO D 12 35.38 16.08 6.95
C PRO D 12 35.88 17.47 7.08
N ASN D 13 37.12 17.67 6.75
CA ASN D 13 37.74 18.95 6.93
C ASN D 13 38.82 19.25 5.94
N TYR D 14 39.43 20.41 6.13
CA TYR D 14 40.51 20.91 5.32
C TYR D 14 41.72 19.97 5.22
N TRP D 15 42.10 19.35 6.32
CA TRP D 15 43.30 18.51 6.34
C TRP D 15 43.06 17.15 5.71
N SER D 16 41.87 16.62 5.91
CA SER D 16 41.48 15.34 5.36
C SER D 16 39.98 15.13 5.29
N ILE D 17 39.50 14.46 4.25
CA ILE D 17 38.08 14.12 4.16
C ILE D 17 37.77 12.88 4.98
N ARG D 18 38.63 11.87 4.89
CA ARG D 18 38.44 10.62 5.62
C ARG D 18 38.89 10.68 7.08
N ARG D 19 39.90 11.47 7.39
CA ARG D 19 40.35 11.51 8.77
C ARG D 19 39.54 12.56 9.49
N LYS D 20 38.40 12.09 9.96
CA LYS D 20 37.40 12.89 10.60
C LYS D 20 37.81 13.38 11.97
N LYS D 21 38.56 12.58 12.71
CA LYS D 21 38.99 12.91 14.07
C LYS D 21 40.41 13.40 14.21
N LEU D 22 40.59 14.72 14.21
CA LEU D 22 41.92 15.32 14.23
C LEU D 22 42.06 16.42 15.26
N ILE D 23 43.24 16.58 15.82
CA ILE D 23 43.57 17.70 16.68
C ILE D 23 44.60 18.56 16.02
N VAL D 24 44.31 19.84 15.94
CA VAL D 24 45.22 20.77 15.33
C VAL D 24 45.76 21.70 16.38
N MET D 25 47.06 21.65 16.59
CA MET D 25 47.69 22.44 17.60
C MET D 25 48.58 23.52 16.99
N ARG D 26 48.43 24.75 17.46
CA ARG D 26 49.25 25.85 16.98
C ARG D 26 50.38 26.02 17.99
N LEU D 27 51.55 25.55 17.58
CA LEU D 27 52.73 25.44 18.43
C LEU D 27 53.77 26.52 18.10
N ASP D 28 54.17 27.27 19.12
CA ASP D 28 55.12 28.37 19.01
C ASP D 28 56.54 27.98 19.43
N LEU D 29 57.42 27.77 18.46
CA LEU D 29 58.76 27.32 18.78
C LEU D 29 59.67 28.50 19.07
N GLU D 30 59.55 29.01 20.30
CA GLU D 30 60.31 30.19 20.74
C GLU D 30 61.81 29.90 20.67
N ASP D 31 62.15 28.67 21.05
CA ASP D 31 63.47 28.06 20.98
C ASP D 31 63.34 26.98 19.92
N LEU D 32 64.40 26.27 19.64
CA LEU D 32 64.40 25.08 18.78
C LEU D 32 64.16 25.34 17.27
N ALA D 33 63.42 26.37 16.92
CA ALA D 33 63.17 26.78 15.54
C ALA D 33 64.47 27.17 14.85
N GLU D 34 65.45 27.51 15.67
CA GLU D 34 66.77 27.91 15.26
C GLU D 34 67.81 26.79 15.46
N ARG D 35 67.37 25.62 15.96
CA ARG D 35 68.27 24.53 16.32
C ARG D 35 67.83 23.16 15.79
N PRO D 36 68.13 22.78 14.54
CA PRO D 36 67.67 21.57 13.89
C PRO D 36 68.39 20.32 14.34
N SER D 37 68.20 19.98 15.62
CA SER D 37 68.71 18.75 16.29
C SER D 37 70.22 18.60 16.45
N ASN D 38 70.96 18.84 15.40
CA ASN D 38 72.41 18.73 15.42
C ASN D 38 73.02 19.75 16.38
N SER D 39 72.22 20.77 16.63
CA SER D 39 72.46 21.90 17.50
C SER D 39 71.94 21.66 18.92
N ILE D 40 71.41 20.45 19.16
CA ILE D 40 70.88 20.04 20.45
C ILE D 40 71.54 18.73 20.87
N PRO D 41 72.75 18.73 21.45
CA PRO D 41 73.50 17.55 21.78
C PRO D 41 72.70 16.64 22.69
N GLY D 42 72.71 15.35 22.39
CA GLY D 42 72.00 14.35 23.19
C GLY D 42 70.58 14.08 22.70
N PHE D 43 70.06 14.90 21.78
CA PHE D 43 68.70 14.73 21.31
C PHE D 43 68.53 13.77 20.15
N TYR D 44 68.89 12.54 20.41
CA TYR D 44 68.74 11.42 19.52
C TYR D 44 68.72 10.23 20.43
N GLU D 45 69.77 10.12 21.24
CA GLU D 45 69.91 9.06 22.20
C GLU D 45 68.86 9.17 23.30
N GLY D 46 68.62 10.38 23.81
CA GLY D 46 67.62 10.53 24.85
C GLY D 46 66.25 10.17 24.29
N LEU D 47 65.96 10.57 23.07
CA LEU D 47 64.63 10.30 22.55
C LEU D 47 64.41 8.81 22.32
N ILE D 48 65.40 8.12 21.77
CA ILE D 48 65.22 6.70 21.53
C ILE D 48 65.22 5.87 22.82
N LYS D 49 65.91 6.30 23.87
CA LYS D 49 65.86 5.47 25.06
C LYS D 49 64.56 5.71 25.83
N VAL D 50 63.99 6.93 25.77
CA VAL D 50 62.74 7.20 26.46
C VAL D 50 61.58 6.53 25.72
N LEU D 51 61.56 6.65 24.39
CA LEU D 51 60.50 6.08 23.58
C LEU D 51 61.07 5.15 22.48
N PRO D 52 61.58 3.95 22.83
CA PRO D 52 62.29 3.01 21.97
C PRO D 52 61.47 2.45 20.82
N SER D 53 60.16 2.59 20.92
CA SER D 53 59.22 2.13 19.91
C SER D 53 59.18 3.02 18.67
N LEU D 54 59.81 4.22 18.73
CA LEU D 54 59.75 5.17 17.60
C LEU D 54 60.67 4.80 16.46
N VAL D 55 60.47 3.60 15.92
CA VAL D 55 61.18 3.05 14.78
C VAL D 55 60.09 2.69 13.82
N GLU D 56 58.89 2.65 14.36
CA GLU D 56 57.73 2.24 13.57
C GLU D 56 57.14 3.43 12.82
N HIS D 57 57.77 4.57 12.97
CA HIS D 57 57.38 5.81 12.37
C HIS D 57 58.18 6.06 11.11
N PHE D 58 57.42 6.36 10.07
CA PHE D 58 57.85 6.63 8.70
C PHE D 58 57.61 8.09 8.45
N CYS D 59 58.39 8.69 7.57
CA CYS D 59 58.14 10.09 7.25
C CYS D 59 58.16 10.19 5.76
N SER D 60 58.96 11.09 5.21
CA SER D 60 59.12 11.07 3.78
C SER D 60 59.78 9.74 3.36
N PRO D 61 60.84 9.22 4.06
CA PRO D 61 61.42 7.94 3.74
C PRO D 61 60.37 6.86 4.03
N GLY D 62 60.17 5.96 3.09
CA GLY D 62 59.21 4.87 3.22
C GLY D 62 59.84 3.65 3.89
N TYR D 63 60.43 3.87 5.05
CA TYR D 63 61.18 2.81 5.72
C TYR D 63 60.87 2.68 7.19
N GLN D 64 61.05 1.48 7.70
CA GLN D 64 60.98 1.28 9.14
C GLN D 64 62.19 2.04 9.62
N GLY D 65 62.02 2.89 10.61
CA GLY D 65 63.12 3.70 11.08
C GLY D 65 63.27 4.98 10.24
N GLY D 66 62.36 5.23 9.30
CA GLY D 66 62.45 6.40 8.42
C GLY D 66 62.46 7.67 9.25
N PHE D 67 61.71 7.68 10.36
CA PHE D 67 61.72 8.81 11.26
C PHE D 67 63.13 8.98 11.82
N LEU D 68 63.70 7.89 12.32
CA LEU D 68 65.01 7.87 12.97
C LEU D 68 66.17 8.04 12.00
N GLU D 69 65.90 7.95 10.70
CA GLU D 69 66.92 8.25 9.70
C GLU D 69 67.21 9.75 9.74
N ARG D 70 66.25 10.51 10.29
CA ARG D 70 66.35 11.93 10.48
C ARG D 70 66.51 12.10 11.98
N VAL D 71 65.79 13.03 12.58
CA VAL D 71 65.91 13.40 14.00
C VAL D 71 67.27 14.04 14.25
N LYS D 72 68.39 13.34 13.98
CA LYS D 72 69.77 13.85 14.12
C LYS D 72 70.04 14.98 13.12
N GLU D 73 69.28 14.95 12.04
CA GLU D 73 69.24 15.97 11.01
C GLU D 73 67.85 16.50 11.28
N GLY D 74 67.76 17.62 11.99
CA GLY D 74 66.48 17.96 12.52
C GLY D 74 65.46 18.46 11.57
N THR D 75 64.26 18.46 12.12
CA THR D 75 63.02 18.87 11.54
C THR D 75 62.45 20.06 12.28
N TYR D 76 63.27 20.67 13.16
CA TYR D 76 62.87 21.82 13.96
C TYR D 76 61.63 21.51 14.78
N MET D 77 61.58 20.32 15.35
CA MET D 77 60.51 19.80 16.19
C MET D 77 59.20 19.53 15.46
N GLY D 78 59.15 19.69 14.13
CA GLY D 78 57.98 19.25 13.42
C GLY D 78 58.30 17.80 13.42
N HIS D 79 57.38 16.91 13.10
CA HIS D 79 57.70 15.48 13.17
C HIS D 79 57.95 14.95 14.59
N ILE D 80 58.84 15.54 15.35
CA ILE D 80 59.07 14.99 16.66
C ILE D 80 57.90 15.23 17.59
N VAL D 81 57.35 16.43 17.69
CA VAL D 81 56.22 16.57 18.61
C VAL D 81 55.06 15.73 18.09
N GLU D 82 54.85 15.77 16.78
CA GLU D 82 53.81 15.00 16.09
C GLU D 82 53.92 13.49 16.31
N HIS D 83 55.12 12.92 16.16
CA HIS D 83 55.31 11.49 16.29
C HIS D 83 55.25 11.09 17.75
N VAL D 84 55.70 11.94 18.64
CA VAL D 84 55.61 11.59 20.03
C VAL D 84 54.15 11.56 20.45
N ALA D 85 53.33 12.55 20.07
CA ALA D 85 51.93 12.50 20.49
C ALA D 85 51.25 11.25 19.94
N LEU D 86 51.57 10.86 18.70
CA LEU D 86 50.94 9.67 18.18
C LEU D 86 51.40 8.42 18.92
N GLU D 87 52.68 8.33 19.27
CA GLU D 87 53.18 7.15 19.97
C GLU D 87 52.65 7.07 21.40
N LEU D 88 52.51 8.19 22.08
CA LEU D 88 52.00 8.12 23.44
C LEU D 88 50.60 7.53 23.44
N GLN D 89 49.80 7.80 22.40
CA GLN D 89 48.48 7.19 22.34
C GLN D 89 48.57 5.68 22.02
N GLU D 90 49.50 5.29 21.14
CA GLU D 90 49.65 3.87 20.78
C GLU D 90 50.09 3.03 21.98
N LEU D 91 50.92 3.59 22.85
CA LEU D 91 51.44 2.88 24.01
C LEU D 91 50.37 2.50 25.01
N VAL D 92 49.19 3.11 24.93
CA VAL D 92 48.11 2.81 25.84
C VAL D 92 46.93 2.14 25.12
N GLY D 93 47.17 1.68 23.89
CA GLY D 93 46.15 0.96 23.14
C GLY D 93 45.24 1.75 22.20
N MET D 94 45.48 3.04 21.99
CA MET D 94 44.62 3.79 21.10
C MET D 94 45.34 3.90 19.78
N THR D 95 44.74 3.42 18.72
CA THR D 95 45.45 3.46 17.46
C THR D 95 45.15 4.63 16.55
N ALA D 96 46.18 5.46 16.35
CA ALA D 96 46.06 6.64 15.47
C ALA D 96 47.43 6.93 14.86
N GLY D 97 47.54 7.02 13.53
CA GLY D 97 48.82 7.40 12.93
C GLY D 97 48.92 8.49 11.89
N PHE D 98 47.81 9.09 11.53
CA PHE D 98 47.87 10.20 10.60
C PHE D 98 48.41 11.44 11.28
N GLY D 99 49.25 12.16 10.57
CA GLY D 99 49.69 13.45 11.06
C GLY D 99 50.49 14.23 10.02
N ARG D 100 50.50 15.54 10.22
CA ARG D 100 51.16 16.52 9.37
C ARG D 100 51.68 17.74 10.12
N THR D 101 52.77 18.32 9.65
CA THR D 101 53.23 19.60 10.20
C THR D 101 53.44 20.62 9.07
N ARG D 102 52.90 21.83 9.27
CA ARG D 102 53.07 22.94 8.31
C ARG D 102 53.40 24.25 9.01
N GLU D 103 54.36 25.00 8.48
CA GLU D 103 54.69 26.28 9.10
C GLU D 103 53.70 27.34 8.67
N THR D 104 53.30 28.19 9.60
CA THR D 104 52.40 29.30 9.36
C THR D 104 52.90 30.61 9.91
N SER D 105 52.11 31.66 9.69
CA SER D 105 52.39 32.99 10.24
C SER D 105 53.82 33.44 10.09
N THR D 106 54.37 33.97 11.18
CA THR D 106 55.74 34.37 11.24
C THR D 106 56.57 33.12 11.49
N PRO D 107 57.88 33.13 11.23
CA PRO D 107 58.71 31.99 11.43
C PRO D 107 58.62 31.49 12.85
N GLY D 108 58.60 30.18 12.99
CA GLY D 108 58.52 29.55 14.29
C GLY D 108 57.13 29.08 14.71
N VAL D 109 56.07 29.53 14.04
CA VAL D 109 54.75 29.04 14.46
C VAL D 109 54.28 27.94 13.53
N TYR D 110 53.98 26.78 14.09
CA TYR D 110 53.58 25.64 13.28
C TYR D 110 52.23 25.05 13.62
N ASN D 111 51.60 24.53 12.60
CA ASN D 111 50.39 23.77 12.79
C ASN D 111 50.71 22.31 12.81
N VAL D 112 50.49 21.71 13.97
CA VAL D 112 50.77 20.31 14.20
C VAL D 112 49.45 19.57 14.21
N VAL D 113 49.29 18.64 13.28
CA VAL D 113 48.03 17.95 13.16
C VAL D 113 48.20 16.48 13.42
N TYR D 114 47.42 15.94 14.33
CA TYR D 114 47.50 14.51 14.59
C TYR D 114 46.14 13.90 14.84
N GLU D 115 46.04 12.64 14.54
CA GLU D 115 44.85 11.83 14.73
C GLU D 115 44.59 11.42 16.18
N TYR D 116 43.30 11.38 16.56
CA TYR D 116 42.90 10.94 17.90
C TYR D 116 41.81 9.90 17.87
N VAL D 117 41.69 9.16 18.95
CA VAL D 117 40.60 8.18 19.10
C VAL D 117 39.56 8.74 20.07
N ASP D 118 40.03 9.09 21.27
CA ASP D 118 39.23 9.76 22.29
C ASP D 118 39.64 11.21 22.34
N GLU D 119 38.68 12.10 22.39
CA GLU D 119 38.93 13.52 22.38
C GLU D 119 39.79 14.06 23.51
N GLN D 120 39.62 13.58 24.74
CA GLN D 120 40.39 14.16 25.84
C GLN D 120 41.72 13.52 25.91
N ALA D 121 41.77 12.23 25.58
CA ALA D 121 43.02 11.52 25.59
C ALA D 121 43.93 12.09 24.51
N GLY D 122 43.35 12.48 23.37
CA GLY D 122 44.06 13.07 22.26
C GLY D 122 44.70 14.38 22.67
N ARG D 123 43.92 15.27 23.27
CA ARG D 123 44.49 16.55 23.66
C ARG D 123 45.58 16.36 24.73
N TYR D 124 45.38 15.41 25.65
CA TYR D 124 46.34 15.14 26.70
C TYR D 124 47.68 14.73 26.10
N ALA D 125 47.65 13.79 25.13
CA ALA D 125 48.86 13.29 24.50
C ALA D 125 49.64 14.40 23.83
N GLY D 126 48.94 15.36 23.26
CA GLY D 126 49.59 16.50 22.61
C GLY D 126 50.39 17.29 23.63
N ARG D 127 49.76 17.64 24.74
CA ARG D 127 50.44 18.42 25.77
C ARG D 127 51.62 17.63 26.37
N ALA D 128 51.42 16.32 26.57
CA ALA D 128 52.46 15.48 27.11
C ALA D 128 53.64 15.38 26.16
N ALA D 129 53.38 15.30 24.85
CA ALA D 129 54.46 15.23 23.87
C ALA D 129 55.31 16.47 23.93
N VAL D 130 54.69 17.63 24.13
CA VAL D 130 55.46 18.85 24.20
C VAL D 130 56.35 18.85 25.43
N ARG D 131 55.85 18.42 26.60
CA ARG D 131 56.70 18.38 27.79
C ARG D 131 57.86 17.42 27.66
N LEU D 132 57.62 16.25 27.08
CA LEU D 132 58.65 15.24 26.92
C LEU D 132 59.72 15.75 25.99
N CYS D 133 59.28 16.30 24.86
CA CYS D 133 60.18 16.80 23.85
C CYS D 133 60.97 17.99 24.36
N ARG D 134 60.40 18.86 25.20
CA ARG D 134 61.14 20.01 25.75
C ARG D 134 62.11 19.58 26.84
N SER D 135 61.84 18.50 27.59
CA SER D 135 62.84 18.06 28.56
C SER D 135 64.07 17.50 27.86
N LEU D 136 63.88 16.81 26.76
CA LEU D 136 65.00 16.20 26.06
C LEU D 136 65.86 17.16 25.23
N VAL D 137 65.50 18.45 25.18
CA VAL D 137 66.32 19.41 24.46
C VAL D 137 66.95 20.37 25.47
N ASP D 138 66.74 20.03 26.75
CA ASP D 138 67.26 20.74 27.90
C ASP D 138 68.32 19.82 28.54
N THR D 139 67.91 18.58 28.80
CA THR D 139 68.74 17.53 29.35
C THR D 139 68.76 16.36 28.37
N GLY D 140 69.45 15.29 28.72
CA GLY D 140 69.58 14.14 27.80
C GLY D 140 68.63 12.98 28.06
N ASP D 141 67.69 13.13 28.97
CA ASP D 141 66.80 12.04 29.35
C ASP D 141 65.45 12.54 29.87
N TYR D 142 64.59 11.61 30.23
CA TYR D 142 63.27 11.94 30.77
C TYR D 142 62.99 10.87 31.85
N PRO D 143 62.75 11.25 33.10
CA PRO D 143 62.60 10.31 34.19
C PRO D 143 61.43 9.40 33.93
N ARG D 144 61.61 8.11 34.19
CA ARG D 144 60.59 7.13 33.92
C ARG D 144 59.31 7.39 34.69
N LEU D 145 59.40 7.90 35.89
CA LEU D 145 58.20 8.14 36.67
C LEU D 145 57.27 9.16 36.02
N GLU D 146 57.84 10.10 35.24
CA GLU D 146 57.04 11.13 34.61
C GLU D 146 56.50 10.66 33.26
N LEU D 147 56.86 9.43 32.88
CA LEU D 147 56.35 8.85 31.66
C LEU D 147 55.23 7.91 32.05
N GLU D 148 55.45 7.14 33.13
CA GLU D 148 54.45 6.17 33.53
C GLU D 148 53.19 6.84 34.04
N LYS D 149 53.31 7.96 34.75
CA LYS D 149 52.08 8.58 35.22
C LYS D 149 51.26 9.14 34.05
N ASP D 150 51.92 9.53 32.96
CA ASP D 150 51.18 10.10 31.84
C ASP D 150 50.48 9.00 31.11
N LEU D 151 51.13 7.85 31.02
CA LEU D 151 50.50 6.73 30.35
C LEU D 151 49.29 6.29 31.19
N GLU D 152 49.38 6.36 32.52
CA GLU D 152 48.23 6.01 33.36
C GLU D 152 47.08 6.98 33.13
N ASP D 153 47.34 8.28 32.99
CA ASP D 153 46.25 9.21 32.74
C ASP D 153 45.60 8.96 31.39
N LEU D 154 46.38 8.62 30.38
CA LEU D 154 45.77 8.35 29.09
C LEU D 154 44.89 7.11 29.16
N ARG D 155 45.32 6.07 29.90
CA ARG D 155 44.48 4.89 30.01
C ARG D 155 43.17 5.20 30.70
N ASP D 156 43.18 6.06 31.72
CA ASP D 156 41.91 6.38 32.37
C ASP D 156 41.02 7.27 31.50
N LEU D 157 41.60 8.23 30.79
CA LEU D 157 40.79 9.11 29.97
C LEU D 157 40.07 8.34 28.89
N GLY D 158 40.74 7.35 28.33
CA GLY D 158 40.13 6.57 27.26
C GLY D 158 39.20 5.48 27.79
N ALA D 159 39.13 5.29 29.10
CA ALA D 159 38.28 4.26 29.67
C ALA D 159 36.94 4.86 30.01
N ASN D 160 36.99 6.08 30.51
CA ASN D 160 35.80 6.75 31.00
C ASN D 160 34.80 7.07 29.91
N SER D 161 35.27 7.26 28.69
CA SER D 161 34.42 7.60 27.57
C SER D 161 33.97 6.40 26.75
N ALA D 162 34.36 5.20 27.14
CA ALA D 162 34.02 4.03 26.37
C ALA D 162 32.53 3.69 26.43
N LEU D 163 32.01 3.15 25.33
CA LEU D 163 30.64 2.65 25.28
C LEU D 163 30.63 1.26 25.84
N GLY D 164 29.54 0.83 26.47
CA GLY D 164 29.54 -0.54 26.94
C GLY D 164 29.45 -1.46 25.73
N PRO D 165 29.79 -2.74 25.87
CA PRO D 165 29.84 -3.74 24.81
C PRO D 165 28.53 -4.03 24.09
N SER D 166 27.39 -3.76 24.72
CA SER D 166 26.15 -4.01 24.01
C SER D 166 25.87 -2.86 23.05
N THR D 167 26.44 -1.68 23.32
CA THR D 167 26.20 -0.55 22.47
C THR D 167 27.24 -0.57 21.38
N GLU D 168 28.43 -1.09 21.69
CA GLU D 168 29.46 -1.19 20.68
C GLU D 168 29.01 -2.14 19.59
N THR D 169 28.33 -3.21 20.00
CA THR D 169 27.83 -4.22 19.09
C THR D 169 26.81 -3.63 18.11
N ILE D 170 25.86 -2.83 18.61
CA ILE D 170 24.85 -2.25 17.72
C ILE D 170 25.45 -1.18 16.84
N VAL D 171 26.29 -0.33 17.40
CA VAL D 171 26.91 0.73 16.63
C VAL D 171 27.80 0.22 15.52
N THR D 172 28.58 -0.81 15.76
CA THR D 172 29.46 -1.35 14.74
C THR D 172 28.65 -1.84 13.53
N GLU D 173 27.55 -2.54 13.77
CA GLU D 173 26.73 -3.00 12.66
C GLU D 173 26.08 -1.80 11.96
N ALA D 174 25.66 -0.78 12.72
CA ALA D 174 25.05 0.38 12.10
C ALA D 174 26.01 1.04 11.14
N GLU D 175 27.29 1.10 11.48
CA GLU D 175 28.26 1.70 10.58
C GLU D 175 28.43 0.88 9.29
N ALA D 176 28.41 -0.44 9.42
CA ALA D 176 28.55 -1.33 8.27
C ALA D 176 27.43 -1.09 7.24
N ARG D 177 26.25 -0.76 7.75
CA ARG D 177 25.03 -0.48 6.99
C ARG D 177 24.83 0.98 6.58
N LYS D 178 25.82 1.82 6.86
CA LYS D 178 25.81 3.25 6.58
C LYS D 178 24.70 4.02 7.30
N ILE D 179 24.41 3.68 8.55
CA ILE D 179 23.42 4.40 9.33
C ILE D 179 24.17 5.38 10.22
N PRO D 180 23.96 6.69 10.12
CA PRO D 180 24.67 7.68 10.87
C PRO D 180 24.30 7.59 12.34
N TRP D 181 25.22 7.92 13.24
CA TRP D 181 24.86 7.89 14.64
C TRP D 181 25.49 9.03 15.41
N MET D 182 24.83 9.39 16.50
CA MET D 182 25.22 10.48 17.39
C MET D 182 25.01 10.17 18.86
N LEU D 183 25.83 10.72 19.74
CA LEU D 183 25.51 10.58 21.15
C LEU D 183 24.63 11.73 21.55
N LEU D 184 23.72 11.49 22.47
CA LEU D 184 22.86 12.54 22.97
C LEU D 184 23.36 13.04 24.31
N SER D 185 22.93 14.24 24.65
CA SER D 185 23.29 14.95 25.87
C SER D 185 22.69 14.42 27.18
N ALA D 186 21.76 13.46 27.14
CA ALA D 186 21.20 12.95 28.38
C ALA D 186 21.01 11.44 28.37
N ARG D 187 21.14 10.88 29.57
CA ARG D 187 20.88 9.48 29.94
C ARG D 187 21.58 8.44 29.11
N ALA D 188 22.79 8.71 28.65
CA ALA D 188 23.56 7.77 27.85
C ALA D 188 22.83 7.22 26.63
N MET D 189 22.01 8.03 25.96
CA MET D 189 21.31 7.57 24.78
C MET D 189 22.08 7.83 23.50
N VAL D 190 21.85 6.98 22.50
CA VAL D 190 22.45 7.09 21.18
C VAL D 190 21.38 7.23 20.10
N GLN D 191 21.53 8.20 19.23
CA GLN D 191 20.58 8.40 18.14
C GLN D 191 21.07 7.79 16.85
N LEU D 192 20.20 7.07 16.16
CA LEU D 192 20.52 6.45 14.89
C LEU D 192 19.63 7.02 13.77
N GLY D 193 20.22 7.56 12.73
CA GLY D 193 19.45 8.15 11.62
C GLY D 193 19.16 9.64 11.81
N TYR D 194 18.70 10.31 10.73
CA TYR D 194 18.41 11.77 10.72
C TYR D 194 16.94 12.14 10.56
N GLY D 195 16.56 13.28 11.14
CA GLY D 195 15.24 13.87 10.96
C GLY D 195 14.12 12.97 11.37
N VAL D 196 13.13 12.85 10.50
CA VAL D 196 11.97 11.98 10.72
C VAL D 196 12.26 10.49 10.75
N TYR D 197 13.48 10.06 10.43
CA TYR D 197 13.75 8.63 10.47
C TYR D 197 14.57 8.21 11.66
N GLN D 198 14.80 9.12 12.58
CA GLN D 198 15.62 8.80 13.73
C GLN D 198 15.01 7.81 14.68
N GLN D 199 15.88 6.99 15.28
CA GLN D 199 15.57 6.04 16.33
C GLN D 199 16.52 6.27 17.48
N ARG D 200 16.14 5.87 18.69
CA ARG D 200 17.06 5.98 19.82
C ARG D 200 17.22 4.65 20.48
N ILE D 201 18.44 4.42 20.97
CA ILE D 201 18.73 3.24 21.77
C ILE D 201 19.46 3.61 23.04
N GLN D 202 19.40 2.72 24.00
CA GLN D 202 20.18 2.83 25.21
C GLN D 202 20.54 1.42 25.60
N ALA D 203 21.79 1.07 25.53
CA ALA D 203 22.15 -0.32 25.79
C ALA D 203 21.27 -1.24 24.95
N THR D 204 20.48 -2.07 25.62
CA THR D 204 19.60 -3.07 25.02
C THR D 204 18.11 -2.71 24.99
N LEU D 205 17.79 -1.46 25.33
CA LEU D 205 16.44 -0.90 25.24
C LEU D 205 16.39 -0.03 24.01
N SER D 206 15.23 0.06 23.38
CA SER D 206 15.10 0.92 22.23
C SER D 206 13.80 1.65 22.22
N SER D 207 13.63 2.48 21.21
CA SER D 207 12.43 3.27 20.98
C SER D 207 11.18 2.40 20.74
N HIS D 208 11.37 1.10 20.47
CA HIS D 208 10.28 0.15 20.25
C HIS D 208 9.93 -0.66 21.50
N SER D 209 10.62 -0.44 22.61
CA SER D 209 10.35 -1.19 23.81
C SER D 209 9.35 -0.44 24.64
N GLY D 210 8.20 -1.06 24.89
CA GLY D 210 7.11 -0.43 25.61
C GLY D 210 7.30 -0.52 27.08
N ILE D 211 6.74 0.44 27.79
CA ILE D 211 6.85 0.45 29.22
C ILE D 211 6.01 -0.58 29.93
N LEU D 212 4.83 -0.90 29.43
CA LEU D 212 4.00 -1.85 30.15
C LEU D 212 4.67 -3.22 30.13
N GLY D 213 5.29 -3.56 29.00
CA GLY D 213 5.98 -4.82 28.82
C GLY D 213 7.19 -4.93 29.72
N VAL D 214 8.00 -3.87 29.76
CA VAL D 214 9.19 -3.88 30.56
C VAL D 214 8.86 -3.96 32.04
N GLU D 215 7.86 -3.20 32.51
CA GLU D 215 7.52 -3.31 33.91
C GLU D 215 6.96 -4.67 34.29
N LEU D 216 6.15 -5.29 33.43
CA LEU D 216 5.59 -6.59 33.74
C LEU D 216 6.69 -7.62 33.87
N ALA D 217 7.68 -7.55 33.00
CA ALA D 217 8.80 -8.47 33.00
C ALA D 217 9.65 -8.38 34.27
N CYS D 218 9.53 -7.30 35.04
CA CYS D 218 10.34 -7.13 36.23
C CYS D 218 9.59 -7.58 37.49
N ASP D 219 8.33 -7.94 37.31
CA ASP D 219 7.42 -8.35 38.36
C ASP D 219 7.29 -9.87 38.33
N LYS D 220 8.00 -10.57 39.20
CA LYS D 220 8.01 -12.03 39.10
C LYS D 220 6.67 -12.70 39.33
N GLU D 221 5.88 -12.19 40.25
CA GLU D 221 4.57 -12.76 40.52
C GLU D 221 3.63 -12.47 39.37
N GLY D 222 3.73 -11.25 38.83
CA GLY D 222 2.91 -10.81 37.72
C GLY D 222 3.21 -11.64 36.49
N THR D 223 4.49 -11.86 36.22
CA THR D 223 4.90 -12.62 35.05
C THR D 223 4.39 -14.03 35.14
N LYS D 224 4.54 -14.67 36.29
CA LYS D 224 4.08 -16.03 36.43
C LYS D 224 2.58 -16.14 36.21
N THR D 225 1.82 -15.20 36.76
CA THR D 225 0.37 -15.22 36.62
C THR D 225 -0.05 -15.08 35.17
N ILE D 226 0.54 -14.15 34.45
CA ILE D 226 0.19 -13.95 33.05
C ILE D 226 0.55 -15.15 32.21
N LEU D 227 1.71 -15.75 32.43
CA LEU D 227 2.07 -16.90 31.62
C LEU D 227 1.27 -18.15 31.94
N GLN D 228 0.94 -18.42 33.20
CA GLN D 228 0.20 -19.65 33.42
C GLN D 228 -1.23 -19.54 32.92
N ASP D 229 -1.75 -18.31 32.78
CA ASP D 229 -3.10 -18.10 32.25
C ASP D 229 -3.12 -18.18 30.72
N ALA D 230 -1.95 -18.38 30.11
CA ALA D 230 -1.80 -18.52 28.68
C ALA D 230 -1.45 -19.97 28.32
N GLY D 231 -1.41 -20.87 29.31
CA GLY D 231 -1.05 -22.25 29.06
C GLY D 231 0.46 -22.51 28.91
N ILE D 232 1.31 -21.67 29.48
CA ILE D 232 2.75 -21.79 29.38
C ILE D 232 3.34 -22.44 30.66
N PRO D 233 4.19 -23.49 30.59
CA PRO D 233 4.75 -24.18 31.75
C PRO D 233 5.72 -23.32 32.57
N VAL D 234 5.42 -23.20 33.85
CA VAL D 234 6.20 -22.43 34.80
C VAL D 234 6.37 -23.28 36.06
N PRO D 235 7.31 -23.00 36.98
CA PRO D 235 7.48 -23.70 38.23
C PRO D 235 6.29 -23.61 39.17
N ARG D 236 6.05 -24.66 39.92
CA ARG D 236 5.02 -24.70 40.95
C ARG D 236 5.57 -24.12 42.26
N GLY D 237 4.83 -23.23 42.94
CA GLY D 237 5.35 -22.64 44.18
C GLY D 237 4.35 -21.77 44.94
N THR D 238 4.80 -21.14 46.03
CA THR D 238 3.94 -20.35 46.92
C THR D 238 4.57 -19.12 47.61
N THR D 239 3.87 -18.62 48.65
CA THR D 239 4.29 -17.44 49.41
C THR D 239 4.27 -17.63 50.93
N ILE D 240 5.32 -17.17 51.61
CA ILE D 240 5.41 -17.13 53.06
C ILE D 240 5.91 -15.76 53.50
N GLN D 241 5.14 -14.95 54.23
CA GLN D 241 5.71 -13.62 54.57
C GLN D 241 6.53 -13.60 55.85
N TYR D 242 7.63 -14.31 55.79
CA TYR D 242 8.60 -14.52 56.86
C TYR D 242 8.04 -15.03 58.19
N PHE D 243 7.21 -16.04 58.07
CA PHE D 243 6.66 -16.80 59.18
C PHE D 243 7.26 -18.17 59.04
N ASP D 244 7.44 -18.91 60.12
CA ASP D 244 8.03 -20.22 59.92
C ASP D 244 6.97 -21.24 59.48
N ASP D 245 6.56 -21.08 58.22
CA ASP D 245 5.55 -21.88 57.54
C ASP D 245 6.20 -22.71 56.43
N LEU D 246 7.50 -22.89 56.51
CA LEU D 246 8.22 -23.58 55.43
C LEU D 246 7.75 -25.00 55.31
N GLU D 247 7.49 -25.60 56.45
CA GLU D 247 7.04 -26.95 56.56
C GLU D 247 5.64 -27.16 56.05
N GLU D 248 4.87 -26.07 55.93
CA GLU D 248 3.53 -26.20 55.43
C GLU D 248 3.57 -26.03 53.92
N ALA D 249 4.39 -25.10 53.45
CA ALA D 249 4.47 -24.80 52.03
C ALA D 249 4.86 -26.02 51.21
N ILE D 250 5.73 -26.85 51.76
CA ILE D 250 6.14 -28.02 51.00
C ILE D 250 4.98 -29.00 50.75
N ASN D 251 3.88 -28.85 51.49
CA ASN D 251 2.75 -29.73 51.30
C ASN D 251 2.02 -29.41 49.99
N ASP D 252 2.08 -28.17 49.54
CA ASP D 252 1.39 -27.79 48.32
C ASP D 252 2.31 -27.93 47.13
N VAL D 253 3.59 -27.72 47.38
CA VAL D 253 4.62 -27.72 46.37
C VAL D 253 5.07 -29.11 45.92
N GLY D 254 5.24 -30.06 46.85
CA GLY D 254 5.68 -31.40 46.46
C GLY D 254 6.81 -32.01 47.30
N GLY D 255 6.90 -31.62 48.57
CA GLY D 255 7.92 -32.20 49.44
C GLY D 255 9.17 -31.37 49.53
N TYR D 256 10.26 -32.01 49.95
CA TYR D 256 11.52 -31.34 50.24
C TYR D 256 12.42 -30.78 49.14
N PRO D 257 12.47 -31.30 47.88
CA PRO D 257 13.39 -30.83 46.86
C PRO D 257 12.90 -29.51 46.32
N VAL D 258 13.17 -28.45 47.08
CA VAL D 258 12.63 -27.12 46.78
C VAL D 258 13.66 -26.00 46.71
N VAL D 259 13.22 -24.89 46.14
CA VAL D 259 14.02 -23.69 46.00
C VAL D 259 13.53 -22.58 46.92
N ILE D 260 14.44 -22.01 47.71
CA ILE D 260 14.10 -20.90 48.61
C ILE D 260 14.86 -19.64 48.23
N LYS D 261 14.10 -18.60 47.97
CA LYS D 261 14.60 -17.30 47.51
C LYS D 261 14.20 -16.18 48.45
N PRO D 262 14.91 -15.04 48.45
CA PRO D 262 14.59 -13.86 49.19
C PRO D 262 13.31 -13.52 48.60
N LEU D 263 12.41 -12.96 49.34
CA LEU D 263 11.19 -12.67 48.67
C LEU D 263 11.36 -11.59 47.62
N ASP D 264 12.17 -10.56 47.88
CA ASP D 264 12.34 -9.53 46.86
C ASP D 264 13.49 -9.84 45.92
N GLY D 265 13.69 -8.95 44.95
CA GLY D 265 14.77 -9.10 43.99
C GLY D 265 15.95 -8.17 44.24
N ASN D 266 17.00 -8.69 44.85
CA ASN D 266 18.18 -7.86 45.11
C ASN D 266 19.44 -8.62 44.76
N HIS D 267 19.64 -8.81 43.46
CA HIS D 267 20.74 -9.61 42.92
C HIS D 267 20.62 -11.05 43.38
N GLY D 268 21.59 -11.88 43.01
CA GLY D 268 21.56 -13.30 43.36
C GLY D 268 21.98 -13.53 44.80
N ARG D 269 21.14 -13.10 45.73
CA ARG D 269 21.52 -13.15 47.13
C ARG D 269 20.50 -13.82 48.03
N GLY D 270 21.00 -14.69 48.91
CA GLY D 270 20.14 -15.39 49.88
C GLY D 270 19.35 -16.54 49.26
N ILE D 271 19.89 -17.14 48.21
CA ILE D 271 19.20 -18.20 47.49
C ILE D 271 19.78 -19.58 47.62
N THR D 272 18.93 -20.54 47.99
CA THR D 272 19.33 -21.94 48.03
C THR D 272 18.54 -22.66 46.95
N ILE D 273 19.27 -23.26 46.01
CA ILE D 273 18.63 -23.94 44.89
C ILE D 273 18.11 -25.32 45.21
N ASN D 274 18.86 -26.14 45.91
CA ASN D 274 18.32 -27.46 46.15
C ASN D 274 18.33 -27.79 47.61
N VAL D 275 17.19 -27.55 48.24
CA VAL D 275 16.97 -27.80 49.65
C VAL D 275 16.58 -29.24 49.76
N ARG D 276 17.26 -29.97 50.61
CA ARG D 276 17.00 -31.38 50.81
C ARG D 276 16.43 -31.69 52.20
N HIS D 277 16.71 -30.82 53.19
CA HIS D 277 16.28 -31.07 54.58
C HIS D 277 15.62 -29.88 55.28
N TRP D 278 14.84 -30.16 56.32
CA TRP D 278 14.13 -29.11 57.06
C TRP D 278 15.06 -28.02 57.59
N GLN D 279 16.18 -28.41 58.18
CA GLN D 279 17.10 -27.44 58.74
C GLN D 279 17.80 -26.60 57.67
N GLU D 280 17.81 -27.09 56.44
CA GLU D 280 18.44 -26.36 55.36
C GLU D 280 17.48 -25.30 54.95
N ALA D 281 16.19 -25.63 54.99
CA ALA D 281 15.16 -24.68 54.65
C ALA D 281 15.23 -23.53 55.61
N ILE D 282 15.52 -23.82 56.87
CA ILE D 282 15.63 -22.75 57.83
C ILE D 282 16.86 -21.91 57.56
N ALA D 283 18.00 -22.51 57.29
CA ALA D 283 19.13 -21.66 57.00
C ALA D 283 18.86 -20.78 55.77
N ALA D 284 18.22 -21.35 54.74
CA ALA D 284 17.91 -20.59 53.53
C ALA D 284 16.98 -19.46 53.86
N TYR D 285 16.01 -19.74 54.72
CA TYR D 285 15.03 -18.81 55.21
C TYR D 285 15.67 -17.65 55.92
N ASP D 286 16.60 -17.94 56.82
CA ASP D 286 17.27 -16.89 57.55
C ASP D 286 18.00 -15.93 56.61
N LEU D 287 18.51 -16.42 55.48
CA LEU D 287 19.13 -15.51 54.52
C LEU D 287 18.06 -14.83 53.68
N ALA D 288 17.00 -15.55 53.34
CA ALA D 288 15.94 -14.99 52.51
C ALA D 288 15.33 -13.78 53.22
N ALA D 289 15.26 -13.89 54.55
CA ALA D 289 14.68 -12.95 55.50
C ALA D 289 15.34 -11.60 55.47
N GLU D 290 16.52 -11.49 54.86
CA GLU D 290 17.22 -10.24 54.77
C GLU D 290 16.48 -9.22 53.86
N GLU D 291 15.73 -9.68 52.84
CA GLU D 291 15.06 -8.77 51.91
C GLU D 291 13.57 -8.55 52.23
N SER D 292 12.89 -7.64 51.52
CA SER D 292 11.46 -7.34 51.77
C SER D 292 10.52 -8.54 51.56
N ILE D 297 7.65 -15.96 46.03
CA ILE D 297 8.62 -16.90 45.38
C ILE D 297 9.55 -17.39 46.50
N ILE D 298 9.07 -18.27 47.38
CA ILE D 298 9.91 -18.67 48.55
C ILE D 298 10.03 -20.19 48.69
N VAL D 299 9.13 -20.97 48.08
CA VAL D 299 9.26 -22.46 48.12
C VAL D 299 8.79 -22.90 46.74
N GLU D 300 9.71 -23.35 45.87
CA GLU D 300 9.26 -23.64 44.53
C GLU D 300 9.72 -25.05 44.35
N ARG D 301 9.03 -25.79 43.54
CA ARG D 301 9.53 -27.12 43.27
C ARG D 301 10.85 -26.96 42.51
N TYR D 302 11.82 -27.82 42.84
CA TYR D 302 13.07 -27.86 42.11
C TYR D 302 12.95 -28.75 40.89
N TYR D 303 13.40 -28.25 39.74
CA TYR D 303 13.36 -29.01 38.50
C TYR D 303 14.79 -29.31 38.06
N GLU D 304 15.03 -30.46 37.49
CA GLU D 304 16.37 -30.79 37.05
C GLU D 304 16.60 -30.44 35.60
N GLY D 305 17.82 -30.04 35.27
CA GLY D 305 18.18 -29.74 33.90
C GLY D 305 19.25 -28.67 33.84
N SER D 306 19.60 -28.26 32.63
CA SER D 306 20.61 -27.25 32.41
C SER D 306 19.94 -25.91 32.26
N ASP D 307 20.70 -24.85 32.46
CA ASP D 307 20.21 -23.50 32.34
C ASP D 307 20.45 -22.92 30.94
N HIS D 308 19.39 -22.77 30.16
CA HIS D 308 19.49 -22.31 28.78
C HIS D 308 18.95 -20.90 28.61
N ARG D 309 19.64 -20.09 27.85
CA ARG D 309 19.19 -18.75 27.53
C ARG D 309 18.76 -18.60 26.09
N VAL D 310 17.55 -18.14 25.90
CA VAL D 310 17.01 -17.97 24.57
C VAL D 310 16.79 -16.50 24.25
N LEU D 311 17.35 -16.03 23.14
CA LEU D 311 17.20 -14.64 22.73
C LEU D 311 16.21 -14.50 21.58
N VAL D 312 15.17 -13.70 21.81
CA VAL D 312 14.11 -13.40 20.85
C VAL D 312 14.13 -11.90 20.57
N VAL D 313 14.14 -11.48 19.29
CA VAL D 313 14.23 -10.04 18.98
C VAL D 313 12.97 -9.35 18.47
N ASN D 314 12.26 -9.91 17.53
CA ASN D 314 11.07 -9.19 17.06
C ASN D 314 9.94 -10.17 16.95
N GLY D 315 9.74 -10.96 18.00
CA GLY D 315 8.75 -12.02 17.96
C GLY D 315 9.29 -13.19 17.18
N LYS D 316 10.61 -13.21 17.01
CA LYS D 316 11.35 -14.21 16.26
C LYS D 316 12.65 -14.60 16.95
N LEU D 317 12.90 -15.90 17.04
CA LEU D 317 14.13 -16.42 17.68
C LEU D 317 15.43 -16.11 16.96
N VAL D 318 16.41 -15.61 17.71
CA VAL D 318 17.73 -15.28 17.21
C VAL D 318 18.84 -16.22 17.65
N ALA D 319 18.93 -16.53 18.95
CA ALA D 319 20.03 -17.36 19.42
C ALA D 319 19.72 -18.14 20.68
N VAL D 320 20.36 -19.31 20.86
CA VAL D 320 20.22 -20.10 22.08
C VAL D 320 21.57 -20.52 22.64
N ALA D 321 21.81 -20.34 23.93
CA ALA D 321 23.08 -20.80 24.51
C ALA D 321 22.89 -21.44 25.87
N GLU D 322 23.66 -22.49 26.10
CA GLU D 322 23.65 -23.23 27.35
C GLU D 322 24.69 -22.73 28.31
N ARG D 323 24.28 -22.41 29.52
CA ARG D 323 25.22 -21.88 30.50
C ARG D 323 25.54 -22.85 31.61
N ILE D 324 26.83 -22.96 31.91
CA ILE D 324 27.36 -23.83 32.95
C ILE D 324 28.26 -23.03 33.93
N PRO D 325 28.11 -23.17 35.25
CA PRO D 325 28.91 -22.50 36.28
C PRO D 325 30.33 -23.00 36.32
N ALA D 326 31.22 -22.17 36.88
CA ALA D 326 32.63 -22.52 37.00
C ALA D 326 32.78 -23.85 37.69
N HIS D 327 33.65 -24.69 37.13
CA HIS D 327 33.85 -26.02 37.66
C HIS D 327 35.19 -26.61 37.28
N VAL D 328 35.55 -27.68 37.99
CA VAL D 328 36.71 -28.49 37.67
C VAL D 328 36.32 -29.94 37.60
N THR D 329 37.10 -30.76 36.91
CA THR D 329 36.78 -32.17 36.84
C THR D 329 37.93 -33.07 37.19
N GLY D 330 37.60 -34.34 37.43
CA GLY D 330 38.54 -35.39 37.77
C GLY D 330 39.42 -35.80 36.58
N ASP D 331 40.26 -34.87 36.17
CA ASP D 331 41.21 -35.00 35.08
C ASP D 331 42.46 -35.63 35.67
N GLY D 332 42.30 -36.90 36.01
CA GLY D 332 43.34 -37.67 36.68
C GLY D 332 43.16 -37.54 38.18
N SER D 333 43.95 -38.30 38.96
CA SER D 333 43.81 -38.30 40.41
C SER D 333 44.53 -37.13 41.09
N SER D 334 44.04 -35.93 40.82
CA SER D 334 44.58 -34.67 41.32
C SER D 334 43.61 -34.06 42.31
N THR D 335 44.10 -33.13 43.13
CA THR D 335 43.21 -32.47 44.09
C THR D 335 42.48 -31.31 43.46
N ILE D 336 41.46 -30.80 44.14
CA ILE D 336 40.76 -29.65 43.61
C ILE D 336 41.66 -28.42 43.53
N SER D 337 42.46 -28.11 44.56
CA SER D 337 43.28 -26.92 44.38
C SER D 337 44.27 -27.08 43.23
N GLU D 338 44.71 -28.31 42.93
CA GLU D 338 45.61 -28.55 41.81
C GLU D 338 44.87 -28.39 40.48
N LEU D 339 43.64 -28.89 40.42
CA LEU D 339 42.84 -28.80 39.20
C LEU D 339 42.51 -27.37 38.88
N ILE D 340 42.27 -26.55 39.91
CA ILE D 340 41.98 -25.16 39.64
C ILE D 340 43.21 -24.51 39.06
N GLU D 341 44.37 -24.75 39.63
CA GLU D 341 45.53 -24.11 39.05
C GLU D 341 45.83 -24.60 37.64
N LYS D 342 45.57 -25.87 37.36
CA LYS D 342 45.79 -26.44 36.05
C LYS D 342 44.92 -25.78 34.97
N THR D 343 43.64 -25.56 35.25
CA THR D 343 42.75 -25.01 34.22
C THR D 343 42.69 -23.49 34.23
N ASN D 344 43.13 -22.84 35.30
CA ASN D 344 43.04 -21.40 35.38
C ASN D 344 44.19 -20.74 34.62
N GLN D 345 45.05 -21.56 34.03
CA GLN D 345 46.17 -21.14 33.20
C GLN D 345 45.82 -21.14 31.72
N ASP D 346 44.60 -21.55 31.38
CA ASP D 346 44.14 -21.62 30.01
C ASP D 346 44.22 -20.22 29.38
N PRO D 347 44.84 -20.05 28.19
CA PRO D 347 45.09 -18.78 27.53
C PRO D 347 43.83 -18.02 27.14
N ASN D 348 42.66 -18.67 27.20
CA ASN D 348 41.44 -18.00 26.84
C ASN D 348 40.78 -17.37 28.06
N ARG D 349 41.46 -17.45 29.21
CA ARG D 349 40.96 -16.88 30.47
C ARG D 349 41.75 -15.67 30.93
N GLY D 350 41.02 -14.63 31.29
CA GLY D 350 41.63 -13.42 31.80
C GLY D 350 40.61 -12.38 32.26
N ASP D 351 41.07 -11.19 32.60
CA ASP D 351 40.20 -10.14 33.13
C ASP D 351 39.33 -9.43 32.08
N GLY D 352 38.27 -8.81 32.55
CA GLY D 352 37.39 -7.96 31.77
C GLY D 352 36.75 -8.64 30.59
N HIS D 353 36.98 -8.01 29.44
CA HIS D 353 36.49 -8.41 28.14
C HIS D 353 37.67 -8.56 27.17
N ASP D 354 38.84 -8.90 27.71
CA ASP D 354 40.04 -9.05 26.88
C ASP D 354 40.26 -10.52 26.53
N ASN D 355 39.30 -11.34 26.93
CA ASN D 355 39.35 -12.77 26.81
C ASN D 355 37.94 -13.31 26.58
N ILE D 356 37.81 -14.62 26.45
CA ILE D 356 36.48 -15.19 26.26
C ILE D 356 35.93 -15.56 27.62
N LEU D 357 36.77 -16.21 28.40
CA LEU D 357 36.52 -16.72 29.72
C LEU D 357 37.25 -15.91 30.75
N THR D 358 36.91 -16.06 32.01
CA THR D 358 37.69 -15.38 33.02
C THR D 358 38.23 -16.36 34.03
N LYS D 359 38.92 -15.83 35.02
CA LYS D 359 39.58 -16.60 36.04
C LYS D 359 38.65 -17.16 37.12
N ILE D 360 39.02 -18.32 37.61
CA ILE D 360 38.33 -18.96 38.71
C ILE D 360 38.92 -18.47 40.01
N VAL D 361 38.07 -17.96 40.87
CA VAL D 361 38.52 -17.44 42.14
C VAL D 361 37.97 -18.21 43.31
N VAL D 362 38.89 -18.68 44.15
CA VAL D 362 38.50 -19.39 45.34
C VAL D 362 38.33 -18.37 46.44
N ASN D 363 37.16 -18.43 47.05
CA ASN D 363 36.72 -17.54 48.09
C ASN D 363 35.82 -18.34 49.02
N LYS D 364 35.31 -17.71 50.05
CA LYS D 364 34.45 -18.39 51.02
C LYS D 364 33.19 -18.98 50.38
N THR D 365 32.79 -18.43 49.23
CA THR D 365 31.60 -18.90 48.57
C THR D 365 31.91 -20.14 47.75
N ALA D 366 33.17 -20.35 47.36
CA ALA D 366 33.54 -21.54 46.64
C ALA D 366 33.61 -22.65 47.64
N ILE D 367 34.03 -22.31 48.85
CA ILE D 367 34.17 -23.30 49.87
C ILE D 367 32.79 -23.76 50.27
N ASP D 368 31.85 -22.84 50.43
CA ASP D 368 30.49 -23.20 50.81
C ASP D 368 29.84 -24.09 49.73
N VAL D 369 30.04 -23.76 48.45
CA VAL D 369 29.47 -24.57 47.38
C VAL D 369 30.09 -25.96 47.39
N MET D 370 31.41 -26.07 47.56
CA MET D 370 32.05 -27.38 47.61
C MET D 370 31.63 -28.22 48.82
N GLU D 371 31.41 -27.59 49.98
CA GLU D 371 31.02 -28.36 51.16
C GLU D 371 29.71 -29.10 50.94
N ARG D 372 28.76 -28.49 50.25
CA ARG D 372 27.47 -29.12 49.99
C ARG D 372 27.56 -30.35 49.09
N GLN D 373 28.67 -30.47 48.36
CA GLN D 373 28.92 -31.54 47.42
C GLN D 373 29.78 -32.62 48.08
N GLY D 374 30.23 -32.39 49.32
CA GLY D 374 31.12 -33.32 50.00
C GLY D 374 32.61 -33.17 49.67
N TYR D 375 33.04 -32.01 49.17
CA TYR D 375 34.44 -31.81 48.79
C TYR D 375 35.08 -30.57 49.37
N ASN D 376 36.40 -30.55 49.40
CA ASN D 376 37.16 -29.37 49.78
C ASN D 376 38.43 -29.29 48.92
N LEU D 377 39.25 -28.27 49.11
CA LEU D 377 40.42 -28.05 48.25
C LEU D 377 41.45 -29.16 48.19
N ASP D 378 41.64 -29.93 49.26
CA ASP D 378 42.65 -30.98 49.19
C ASP D 378 42.07 -32.33 48.79
N SER D 379 40.78 -32.37 48.47
CA SER D 379 40.14 -33.61 48.08
C SER D 379 40.60 -34.03 46.70
N VAL D 380 40.73 -35.34 46.49
CA VAL D 380 41.07 -35.89 45.18
C VAL D 380 39.82 -36.37 44.51
N LEU D 381 39.63 -35.96 43.26
CA LEU D 381 38.39 -36.39 42.61
C LEU D 381 38.56 -37.72 41.87
N PRO D 382 37.52 -38.57 41.84
CA PRO D 382 37.40 -39.76 41.03
C PRO D 382 37.45 -39.34 39.58
N LYS D 383 37.97 -40.20 38.71
CA LYS D 383 38.03 -39.81 37.32
C LYS D 383 36.67 -39.40 36.77
N ASP D 384 36.69 -38.24 36.11
CA ASP D 384 35.57 -37.55 35.44
C ASP D 384 34.45 -37.04 36.36
N GLU D 385 34.70 -36.98 37.66
CA GLU D 385 33.80 -36.37 38.63
C GLU D 385 33.82 -34.87 38.42
N VAL D 386 32.67 -34.21 38.51
CA VAL D 386 32.68 -32.75 38.38
C VAL D 386 32.26 -32.06 39.65
N VAL D 387 33.03 -31.05 40.02
CA VAL D 387 32.78 -30.24 41.18
C VAL D 387 32.56 -28.80 40.79
N TYR D 388 31.46 -28.24 41.27
CA TYR D 388 31.12 -26.88 40.94
C TYR D 388 31.67 -25.95 41.99
N LEU D 389 32.16 -24.80 41.55
CA LEU D 389 32.71 -23.82 42.45
C LEU D 389 31.78 -22.63 42.69
N ARG D 390 30.66 -22.61 41.97
CA ARG D 390 29.64 -21.56 42.03
C ARG D 390 28.24 -22.13 41.90
N ALA D 391 27.30 -21.47 42.57
CA ALA D 391 25.90 -21.87 42.52
C ALA D 391 25.20 -21.62 41.17
N THR D 392 25.57 -20.54 40.48
CA THR D 392 24.89 -20.20 39.23
C THR D 392 25.89 -19.92 38.12
N ALA D 393 25.43 -20.02 36.87
CA ALA D 393 26.29 -19.76 35.74
C ALA D 393 26.43 -18.31 35.42
N ASN D 394 27.64 -17.93 35.01
CA ASN D 394 27.91 -16.60 34.56
C ASN D 394 29.30 -16.56 33.94
N LEU D 395 29.43 -16.02 32.74
CA LEU D 395 30.75 -15.95 32.11
C LEU D 395 31.70 -15.08 32.91
N SER D 396 31.19 -14.06 33.57
CA SER D 396 32.01 -13.13 34.35
C SER D 396 32.57 -13.74 35.62
N THR D 397 32.12 -14.93 36.01
CA THR D 397 32.61 -15.57 37.22
C THR D 397 33.42 -16.80 36.86
N GLY D 398 33.69 -17.02 35.57
CA GLY D 398 34.49 -18.17 35.17
C GLY D 398 33.71 -19.35 34.59
N GLY D 399 32.43 -19.20 34.29
CA GLY D 399 31.65 -20.28 33.71
C GLY D 399 31.83 -20.31 32.21
N ILE D 400 31.04 -21.13 31.54
CA ILE D 400 31.13 -21.28 30.09
C ILE D 400 29.78 -21.11 29.41
N ALA D 401 29.81 -20.87 28.09
CA ALA D 401 28.57 -20.75 27.32
C ALA D 401 28.73 -21.47 26.00
N ILE D 402 27.79 -22.36 25.72
CA ILE D 402 27.81 -23.19 24.53
C ILE D 402 26.69 -22.86 23.56
N ASP D 403 27.01 -22.54 22.32
CA ASP D 403 25.96 -22.26 21.35
C ASP D 403 25.19 -23.50 20.99
N ARG D 404 23.86 -23.47 21.14
CA ARG D 404 22.97 -24.60 20.85
C ARG D 404 21.87 -24.12 19.93
N THR D 405 22.14 -23.11 19.12
CA THR D 405 21.09 -22.49 18.32
C THR D 405 20.47 -23.41 17.31
N ASP D 406 21.25 -24.29 16.74
CA ASP D 406 20.74 -25.14 15.69
C ASP D 406 20.17 -26.46 16.20
N ASP D 407 20.16 -26.67 17.52
CA ASP D 407 19.67 -27.92 18.10
C ASP D 407 18.30 -27.81 18.75
N ILE D 408 17.64 -26.68 18.60
CA ILE D 408 16.35 -26.46 19.28
C ILE D 408 15.18 -26.96 18.43
N HIS D 409 14.33 -27.75 19.08
CA HIS D 409 13.16 -28.36 18.47
C HIS D 409 12.12 -27.31 17.99
N PRO D 410 11.49 -27.45 16.81
CA PRO D 410 10.47 -26.56 16.26
C PRO D 410 9.31 -26.22 17.20
N GLU D 411 8.94 -27.12 18.09
CA GLU D 411 7.86 -26.79 18.99
C GLU D 411 8.35 -25.86 20.07
N ASN D 412 9.62 -26.01 20.47
CA ASN D 412 10.16 -25.18 21.50
C ASN D 412 10.38 -23.79 20.91
N ILE D 413 10.66 -23.72 19.61
CA ILE D 413 10.84 -22.42 19.01
C ILE D 413 9.53 -21.66 19.06
N TRP D 414 8.44 -22.36 18.71
CA TRP D 414 7.12 -21.77 18.74
C TRP D 414 6.74 -21.27 20.11
N LEU D 415 6.99 -22.07 21.14
CA LEU D 415 6.65 -21.65 22.47
C LEU D 415 7.43 -20.43 22.92
N MET D 416 8.72 -20.36 22.64
CA MET D 416 9.52 -19.21 23.10
C MET D 416 9.05 -17.92 22.46
N GLU D 417 8.68 -17.97 21.19
CA GLU D 417 8.21 -16.77 20.53
C GLU D 417 6.88 -16.33 21.13
N ARG D 418 6.01 -17.28 21.46
CA ARG D 418 4.72 -16.98 22.06
C ARG D 418 4.91 -16.31 23.42
N VAL D 419 5.91 -16.74 24.21
CA VAL D 419 6.17 -16.13 25.53
C VAL D 419 6.52 -14.66 25.41
N ALA D 420 7.39 -14.30 24.48
CA ALA D 420 7.76 -12.90 24.33
C ALA D 420 6.58 -12.03 23.97
N LYS D 421 5.68 -12.55 23.12
CA LYS D 421 4.49 -11.82 22.68
C LYS D 421 3.46 -11.64 23.80
N VAL D 422 3.29 -12.66 24.64
CA VAL D 422 2.37 -12.59 25.77
C VAL D 422 2.80 -11.53 26.79
N ILE D 423 4.09 -11.46 27.10
CA ILE D 423 4.59 -10.43 28.01
C ILE D 423 4.90 -9.09 27.37
N GLY D 424 4.64 -8.96 26.08
CA GLY D 424 4.88 -7.69 25.44
C GLY D 424 6.21 -7.00 25.26
N LEU D 425 7.27 -7.80 25.11
CA LEU D 425 8.64 -7.26 24.97
C LEU D 425 9.27 -7.60 23.63
N ASP D 426 9.83 -6.61 22.93
CA ASP D 426 10.56 -6.93 21.72
C ASP D 426 11.86 -7.68 21.87
N ILE D 427 12.80 -7.13 22.61
CA ILE D 427 14.05 -7.83 22.81
C ILE D 427 14.01 -8.44 24.18
N ALA D 428 14.05 -9.77 24.21
CA ALA D 428 13.90 -10.50 25.44
C ALA D 428 14.80 -11.69 25.59
N GLY D 429 15.22 -11.92 26.83
CA GLY D 429 15.98 -13.10 27.17
C GLY D 429 15.11 -14.03 27.98
N ILE D 430 14.97 -15.26 27.57
CA ILE D 430 14.13 -16.18 28.29
C ILE D 430 14.98 -17.28 28.92
N ASP D 431 14.85 -17.46 30.22
CA ASP D 431 15.59 -18.47 30.97
C ASP D 431 14.78 -19.75 31.10
N VAL D 432 15.30 -20.81 30.52
CA VAL D 432 14.66 -22.11 30.44
C VAL D 432 15.46 -23.21 31.14
N VAL D 433 14.80 -24.02 31.95
CA VAL D 433 15.47 -25.14 32.59
C VAL D 433 14.98 -26.43 31.98
N THR D 434 15.92 -27.15 31.38
CA THR D 434 15.59 -28.40 30.70
C THR D 434 16.77 -29.30 30.58
N SER D 435 16.51 -30.59 30.56
CA SER D 435 17.56 -31.56 30.36
C SER D 435 17.93 -31.74 28.89
N ASP D 436 17.03 -31.38 27.98
CA ASP D 436 17.29 -31.58 26.55
C ASP D 436 16.54 -30.58 25.67
N ILE D 437 17.24 -29.61 25.13
CA ILE D 437 16.63 -28.54 24.32
C ILE D 437 16.12 -29.04 22.96
N SER D 438 16.52 -30.26 22.59
CA SER D 438 16.15 -30.86 21.31
C SER D 438 14.85 -31.64 21.39
N LYS D 439 14.25 -31.71 22.57
CA LYS D 439 12.99 -32.39 22.76
C LYS D 439 11.99 -31.36 23.27
N PRO D 440 10.68 -31.50 23.07
CA PRO D 440 9.67 -30.61 23.59
C PRO D 440 9.74 -30.47 25.11
N LEU D 441 9.51 -29.27 25.62
CA LEU D 441 9.57 -29.08 27.07
C LEU D 441 8.55 -29.91 27.81
N ARG D 442 7.41 -30.22 27.19
CA ARG D 442 6.41 -31.00 27.91
C ARG D 442 6.84 -32.45 28.12
N GLU D 443 7.81 -32.94 27.34
CA GLU D 443 8.21 -34.33 27.42
C GLU D 443 9.38 -34.52 28.36
N THR D 444 10.19 -33.48 28.48
CA THR D 444 11.37 -33.51 29.34
C THR D 444 11.07 -32.95 30.72
N ASN D 445 9.83 -32.51 30.91
CA ASN D 445 9.35 -31.83 32.10
C ASN D 445 10.14 -30.57 32.42
N GLY D 446 10.40 -29.75 31.41
CA GLY D 446 11.13 -28.52 31.60
C GLY D 446 10.21 -27.36 31.93
N VAL D 447 10.79 -26.28 32.42
CA VAL D 447 10.03 -25.07 32.76
C VAL D 447 10.65 -23.78 32.29
N ILE D 448 9.82 -22.75 32.21
CA ILE D 448 10.33 -21.42 31.92
C ILE D 448 10.40 -20.70 33.23
N VAL D 449 11.59 -20.28 33.59
CA VAL D 449 11.85 -19.70 34.89
C VAL D 449 11.75 -18.19 34.93
N GLU D 450 12.31 -17.52 33.93
CA GLU D 450 12.32 -16.07 33.98
C GLU D 450 12.29 -15.41 32.61
N VAL D 451 11.63 -14.25 32.52
CA VAL D 451 11.68 -13.48 31.29
C VAL D 451 12.36 -12.15 31.59
N ASN D 452 13.47 -11.87 30.91
CA ASN D 452 14.26 -10.68 31.15
C ASN D 452 14.23 -9.63 30.06
N ALA D 453 13.76 -8.45 30.39
CA ALA D 453 13.74 -7.40 29.42
C ALA D 453 15.15 -6.89 29.25
N ALA D 454 15.52 -6.48 28.05
CA ALA D 454 16.82 -5.86 27.80
C ALA D 454 18.06 -6.68 28.23
N PRO D 455 18.24 -7.92 27.73
CA PRO D 455 19.30 -8.87 28.05
C PRO D 455 20.64 -8.44 27.49
N GLY D 456 21.74 -8.95 28.02
CA GLY D 456 23.05 -8.65 27.43
C GLY D 456 23.39 -9.61 26.28
N PHE D 457 24.51 -9.36 25.59
CA PHE D 457 24.89 -10.19 24.44
C PHE D 457 26.20 -10.99 24.43
N ARG D 458 27.12 -10.76 25.37
CA ARG D 458 28.46 -11.43 25.34
C ARG D 458 28.35 -12.94 25.08
N MET D 459 27.38 -13.63 25.69
CA MET D 459 27.27 -15.06 25.60
C MET D 459 26.86 -15.56 24.22
N HIS D 460 26.33 -14.66 23.38
CA HIS D 460 25.89 -15.04 22.05
C HIS D 460 26.85 -14.55 20.98
N VAL D 461 27.59 -13.47 21.27
CA VAL D 461 28.53 -12.96 20.27
C VAL D 461 29.96 -13.40 20.55
N ALA D 462 30.22 -13.92 21.75
CA ALA D 462 31.52 -14.44 22.12
C ALA D 462 31.38 -15.66 23.04
N PRO D 463 30.80 -16.77 22.55
CA PRO D 463 30.58 -18.01 23.26
C PRO D 463 31.90 -18.70 23.45
N SER D 464 32.01 -19.58 24.42
CA SER D 464 33.27 -20.32 24.56
C SER D 464 33.31 -21.56 23.70
N GLN D 465 32.15 -22.08 23.34
CA GLN D 465 32.09 -23.20 22.42
C GLN D 465 31.02 -22.91 21.39
N GLY D 466 31.24 -23.34 20.17
CA GLY D 466 30.27 -23.12 19.13
C GLY D 466 30.62 -21.86 18.34
N LEU D 467 29.74 -21.49 17.41
CA LEU D 467 30.05 -20.38 16.52
C LEU D 467 29.38 -19.08 17.01
N PRO D 468 30.04 -17.90 16.97
CA PRO D 468 29.50 -16.57 17.27
C PRO D 468 28.34 -16.14 16.38
N ARG D 469 27.36 -15.43 16.93
CA ARG D 469 26.22 -14.98 16.12
C ARG D 469 26.11 -13.47 15.97
N ASN D 470 25.69 -13.01 14.80
CA ASN D 470 25.52 -11.58 14.64
C ASN D 470 24.17 -11.17 15.13
N VAL D 471 24.14 -10.85 16.40
CA VAL D 471 22.95 -10.46 17.15
C VAL D 471 22.41 -9.10 16.75
N ALA D 472 23.30 -8.14 16.47
CA ALA D 472 22.88 -6.80 16.09
C ALA D 472 22.10 -6.73 14.79
N ALA D 473 22.43 -7.56 13.82
CA ALA D 473 21.75 -7.43 12.55
C ALA D 473 20.22 -7.53 12.66
N PRO D 474 19.60 -8.50 13.38
CA PRO D 474 18.17 -8.56 13.64
C PRO D 474 17.60 -7.38 14.40
N VAL D 475 18.43 -6.59 15.08
CA VAL D 475 17.93 -5.47 15.82
C VAL D 475 17.81 -4.31 14.86
N LEU D 476 18.84 -4.09 14.07
CA LEU D 476 18.78 -2.99 13.12
C LEU D 476 17.73 -3.21 12.06
N ASP D 477 17.46 -4.47 11.74
CA ASP D 477 16.40 -4.78 10.78
C ASP D 477 15.00 -4.44 11.32
N MET D 478 14.79 -4.34 12.64
CA MET D 478 13.44 -3.99 13.07
C MET D 478 13.35 -2.48 13.15
N LEU D 479 14.46 -1.82 13.50
CA LEU D 479 14.48 -0.37 13.65
C LEU D 479 14.44 0.33 12.32
N PHE D 480 15.14 -0.23 11.33
CA PHE D 480 15.23 0.30 9.99
C PHE D 480 14.92 -0.79 8.99
N PRO D 481 13.65 -1.15 8.78
CA PRO D 481 13.21 -2.26 7.99
C PRO D 481 13.79 -2.18 6.59
N PRO D 482 13.99 -3.29 5.89
CA PRO D 482 14.53 -3.34 4.57
C PRO D 482 13.73 -2.47 3.65
N GLY D 483 14.42 -1.72 2.81
CA GLY D 483 13.76 -0.85 1.85
C GLY D 483 13.45 0.55 2.39
N THR D 484 13.70 0.81 3.68
CA THR D 484 13.37 2.14 4.17
C THR D 484 14.66 2.94 4.36
N PRO D 485 14.62 4.28 4.25
CA PRO D 485 15.70 5.20 4.49
C PRO D 485 15.98 5.42 5.96
N SER D 486 17.23 5.79 6.26
CA SER D 486 17.66 6.20 7.58
C SER D 486 18.11 7.66 7.59
N ARG D 487 18.06 8.29 6.42
CA ARG D 487 18.49 9.66 6.19
C ARG D 487 17.47 10.49 5.46
N ILE D 488 17.56 11.79 5.65
CA ILE D 488 16.74 12.74 4.93
C ILE D 488 17.66 13.43 3.95
N PRO D 489 17.20 13.99 2.83
CA PRO D 489 18.00 14.72 1.90
C PRO D 489 18.71 15.91 2.50
N ILE D 490 19.97 16.07 2.14
CA ILE D 490 20.76 17.21 2.58
C ILE D 490 21.30 17.97 1.39
N LEU D 491 21.00 19.27 1.37
CA LEU D 491 21.47 20.15 0.32
C LEU D 491 22.36 21.19 0.96
N ALA D 492 23.65 21.11 0.67
CA ALA D 492 24.63 21.99 1.30
C ALA D 492 25.11 23.05 0.33
N VAL D 493 25.03 24.32 0.75
CA VAL D 493 25.39 25.43 -0.11
C VAL D 493 26.58 26.23 0.37
N THR D 494 27.62 26.35 -0.46
CA THR D 494 28.75 27.15 -0.04
C THR D 494 29.26 28.08 -1.16
N GLY D 495 30.29 28.86 -0.86
CA GLY D 495 30.89 29.81 -1.79
C GLY D 495 31.11 31.13 -1.11
N THR D 496 31.93 32.00 -1.67
CA THR D 496 32.21 33.27 -1.01
C THR D 496 31.01 34.21 -0.93
N ASN D 497 30.28 34.39 -2.03
CA ASN D 497 29.12 35.29 -2.03
C ASN D 497 27.84 34.62 -2.55
N GLY D 498 26.69 34.98 -1.97
CA GLY D 498 25.39 34.52 -2.46
C GLY D 498 24.73 33.36 -1.71
N LYS D 499 25.42 32.78 -0.72
CA LYS D 499 24.88 31.66 0.03
C LYS D 499 23.52 31.87 0.68
N THR D 500 23.33 32.94 1.44
CA THR D 500 22.07 33.14 2.14
C THR D 500 20.91 33.29 1.18
N THR D 501 21.09 34.03 0.10
CA THR D 501 20.04 34.24 -0.87
C THR D 501 19.64 32.94 -1.55
N THR D 502 20.63 32.14 -1.94
CA THR D 502 20.42 30.86 -2.61
C THR D 502 19.72 29.89 -1.68
N THR D 503 20.11 29.88 -0.41
CA THR D 503 19.58 29.01 0.62
C THR D 503 18.10 29.28 0.88
N ARG D 504 17.71 30.56 0.99
CA ARG D 504 16.31 30.87 1.21
C ARG D 504 15.44 30.52 0.02
N LEU D 505 15.93 30.72 -1.20
CA LEU D 505 15.17 30.36 -2.38
C LEU D 505 15.01 28.87 -2.52
N LEU D 506 16.06 28.11 -2.28
CA LEU D 506 15.99 26.69 -2.44
C LEU D 506 15.05 26.09 -1.41
N ALA D 507 15.09 26.57 -0.17
CA ALA D 507 14.18 26.08 0.84
C ALA D 507 12.73 26.40 0.47
N HIS D 508 12.48 27.57 -0.11
CA HIS D 508 11.16 28.01 -0.56
C HIS D 508 10.60 27.09 -1.64
N ILE D 509 11.45 26.65 -2.57
CA ILE D 509 11.02 25.76 -3.64
C ILE D 509 10.60 24.41 -3.07
N TYR D 510 11.39 23.82 -2.16
CA TYR D 510 11.04 22.51 -1.62
C TYR D 510 9.77 22.55 -0.82
N ARG D 511 9.54 23.66 -0.16
CA ARG D 511 8.39 23.89 0.66
C ARG D 511 7.08 23.83 -0.14
N GLN D 512 7.13 23.99 -1.47
CA GLN D 512 5.93 24.03 -2.28
C GLN D 512 5.40 22.62 -2.50
N THR D 513 6.16 21.63 -2.04
CA THR D 513 5.75 20.24 -2.16
C THR D 513 5.01 19.79 -0.91
N GLY D 514 4.90 20.66 0.11
CA GLY D 514 4.18 20.34 1.33
C GLY D 514 4.99 19.64 2.43
N LYS D 515 6.29 19.52 2.25
CA LYS D 515 7.17 18.88 3.21
C LYS D 515 7.66 19.82 4.28
N THR D 516 8.11 19.26 5.40
CA THR D 516 8.73 20.11 6.41
C THR D 516 10.16 20.34 6.07
N VAL D 517 10.49 21.61 5.92
CA VAL D 517 11.81 21.99 5.49
C VAL D 517 12.49 22.80 6.55
N GLY D 518 13.66 22.35 6.95
CA GLY D 518 14.41 23.07 7.93
C GLY D 518 15.64 23.66 7.28
N TYR D 519 16.07 24.82 7.74
CA TYR D 519 17.27 25.39 7.18
C TYR D 519 18.00 26.31 8.12
N THR D 520 19.27 26.49 7.84
CA THR D 520 20.07 27.38 8.65
C THR D 520 20.71 28.43 7.80
N SER D 521 20.78 29.64 8.35
CA SER D 521 21.39 30.76 7.70
C SER D 521 22.13 31.62 8.69
N THR D 522 22.72 32.68 8.21
CA THR D 522 23.37 33.64 9.09
C THR D 522 22.40 34.53 9.84
N ASP D 523 21.11 34.46 9.55
CA ASP D 523 20.18 35.29 10.30
C ASP D 523 19.49 34.52 11.42
N ALA D 524 19.12 33.25 11.14
CA ALA D 524 18.35 32.41 12.05
C ALA D 524 18.25 30.94 11.60
N ILE D 525 17.73 30.10 12.47
CA ILE D 525 17.37 28.71 12.16
C ILE D 525 15.88 28.64 12.05
N TYR D 526 15.36 28.15 10.92
CA TYR D 526 13.93 28.04 10.69
C TYR D 526 13.42 26.67 10.36
N ILE D 527 12.19 26.40 10.77
CA ILE D 527 11.46 25.22 10.32
C ILE D 527 10.09 25.63 9.81
N ASN D 528 9.81 25.45 8.52
CA ASN D 528 8.52 25.84 7.95
C ASN D 528 8.07 27.24 8.30
N GLU D 529 8.96 28.19 8.19
CA GLU D 529 8.72 29.61 8.50
C GLU D 529 8.57 29.98 9.98
N TYR D 530 8.84 29.08 10.89
CA TYR D 530 8.86 29.44 12.30
C TYR D 530 10.30 29.57 12.70
N CYS D 531 10.62 30.56 13.49
CA CYS D 531 12.01 30.73 13.87
C CYS D 531 12.33 29.97 15.15
N VAL D 532 13.33 29.11 15.08
CA VAL D 532 13.75 28.31 16.21
C VAL D 532 14.78 29.07 17.04
N GLU D 533 15.80 29.60 16.37
CA GLU D 533 16.86 30.38 17.03
C GLU D 533 17.26 31.55 16.18
N LYS D 534 17.72 32.66 16.78
CA LYS D 534 18.21 33.80 16.01
C LYS D 534 19.71 34.01 16.18
N GLY D 535 20.34 34.67 15.20
CA GLY D 535 21.76 34.96 15.25
C GLY D 535 22.50 34.20 14.16
N ASP D 536 23.82 34.27 14.15
CA ASP D 536 24.56 33.59 13.10
C ASP D 536 24.52 32.14 13.39
N ASN D 537 23.78 31.40 12.60
CA ASN D 537 23.57 30.02 12.82
C ASN D 537 24.21 29.15 11.80
N THR D 538 25.26 29.62 11.19
CA THR D 538 25.97 28.75 10.29
C THR D 538 26.93 27.91 11.13
N GLY D 539 27.47 26.85 10.57
CA GLY D 539 28.41 26.01 11.30
C GLY D 539 27.76 24.72 11.80
N PRO D 540 28.58 23.75 12.22
CA PRO D 540 28.20 22.41 12.62
C PRO D 540 27.33 22.29 13.85
N GLN D 541 27.32 23.28 14.72
CA GLN D 541 26.48 23.16 15.89
C GLN D 541 25.04 23.45 15.54
N SER D 542 24.81 24.21 14.48
CA SER D 542 23.47 24.56 14.09
C SER D 542 22.92 23.51 13.16
N ALA D 543 23.79 22.94 12.35
CA ALA D 543 23.37 21.89 11.43
C ALA D 543 22.82 20.73 12.25
N GLY D 544 23.43 20.50 13.40
CA GLY D 544 23.00 19.47 14.33
C GLY D 544 21.60 19.69 14.88
N VAL D 545 21.13 20.93 15.02
CA VAL D 545 19.80 21.19 15.55
C VAL D 545 18.79 20.70 14.57
N ILE D 546 19.01 20.98 13.29
CA ILE D 546 18.10 20.52 12.27
C ILE D 546 18.15 19.01 12.08
N LEU D 547 19.32 18.41 12.04
CA LEU D 547 19.41 16.98 11.81
C LEU D 547 18.83 16.16 12.95
N ARG D 548 18.89 16.64 14.18
CA ARG D 548 18.32 15.94 15.32
C ARG D 548 16.81 16.13 15.46
N ASP D 549 16.22 17.04 14.70
CA ASP D 549 14.82 17.41 14.84
C ASP D 549 13.89 16.35 14.23
N PRO D 550 12.99 15.73 15.02
CA PRO D 550 12.11 14.63 14.65
C PRO D 550 11.05 14.96 13.61
N THR D 551 10.87 16.23 13.27
CA THR D 551 9.86 16.59 12.31
C THR D 551 10.40 16.91 10.91
N VAL D 552 11.72 17.08 10.76
CA VAL D 552 12.27 17.56 9.50
C VAL D 552 12.42 16.50 8.41
N GLU D 553 11.92 16.83 7.21
CA GLU D 553 11.97 15.95 6.06
C GLU D 553 13.05 16.32 5.05
N VAL D 554 13.37 17.62 4.93
CA VAL D 554 14.41 18.13 4.02
C VAL D 554 15.33 19.11 4.76
N ALA D 555 16.65 18.98 4.63
CA ALA D 555 17.55 19.96 5.27
C ALA D 555 18.35 20.77 4.25
N VAL D 556 18.25 22.09 4.33
CA VAL D 556 19.02 22.97 3.43
C VAL D 556 19.98 23.81 4.31
N LEU D 557 21.27 23.65 4.12
CA LEU D 557 22.22 24.28 5.06
C LEU D 557 23.25 25.24 4.45
N GLU D 558 23.27 26.55 4.83
CA GLU D 558 24.36 27.34 4.23
C GLU D 558 25.61 26.99 5.01
N THR D 559 26.74 26.79 4.33
CA THR D 559 27.99 26.42 5.00
C THR D 559 29.11 27.42 4.79
N ALA D 560 29.63 27.88 5.91
CA ALA D 560 30.69 28.87 5.98
C ALA D 560 32.04 28.26 6.29
N ARG D 561 33.09 28.96 5.87
CA ARG D 561 34.48 28.49 6.10
C ARG D 561 34.86 28.59 7.58
N GLY D 562 34.17 29.42 8.40
CA GLY D 562 34.51 29.48 9.81
C GLY D 562 34.25 28.15 10.44
N GLY D 563 33.06 27.60 10.16
CA GLY D 563 32.70 26.33 10.72
C GLY D 563 33.59 25.22 10.21
N ILE D 564 33.95 25.22 8.93
CA ILE D 564 34.76 24.13 8.42
C ILE D 564 36.13 24.13 9.05
N LEU D 565 36.77 25.29 9.10
CA LEU D 565 38.10 25.40 9.63
C LEU D 565 38.20 25.19 11.12
N ARG D 566 37.16 25.56 11.86
CA ARG D 566 37.16 25.41 13.29
C ARG D 566 36.77 24.02 13.77
N ALA D 567 35.79 23.36 13.14
CA ALA D 567 35.39 22.05 13.65
C ALA D 567 34.97 20.98 12.63
N GLY D 568 35.14 21.17 11.31
CA GLY D 568 34.70 20.17 10.32
C GLY D 568 33.20 20.26 9.98
N LEU D 569 32.74 19.44 9.04
CA LEU D 569 31.31 19.42 8.68
C LEU D 569 30.51 18.53 9.63
N ALA D 570 29.26 18.87 9.92
CA ALA D 570 28.41 18.07 10.81
C ALA D 570 27.75 16.84 10.24
N PHE D 571 27.72 16.69 8.93
CA PHE D 571 26.96 15.61 8.33
C PHE D 571 27.66 14.47 7.59
N ASP D 572 28.96 14.49 7.43
CA ASP D 572 29.72 13.46 6.69
C ASP D 572 29.48 13.36 5.18
N SER D 573 28.24 13.22 4.75
CA SER D 573 27.94 13.19 3.32
C SER D 573 26.59 13.81 3.01
N CYS D 574 26.42 14.21 1.76
CA CYS D 574 25.17 14.84 1.33
C CYS D 574 24.77 14.50 -0.09
N ASP D 575 23.56 14.92 -0.48
CA ASP D 575 23.02 14.61 -1.79
C ASP D 575 23.35 15.63 -2.84
N VAL D 576 23.32 16.89 -2.46
CA VAL D 576 23.65 17.95 -3.38
C VAL D 576 24.65 18.87 -2.74
N GLY D 577 25.71 19.17 -3.45
CA GLY D 577 26.70 20.11 -2.97
C GLY D 577 26.82 21.24 -3.95
N VAL D 578 26.48 22.45 -3.53
CA VAL D 578 26.51 23.60 -4.43
C VAL D 578 27.65 24.53 -4.12
N VAL D 579 28.51 24.82 -5.10
CA VAL D 579 29.60 25.77 -4.89
C VAL D 579 29.36 26.95 -5.80
N LEU D 580 29.13 28.12 -5.24
CA LEU D 580 28.74 29.26 -6.03
C LEU D 580 29.86 30.10 -6.63
N ASN D 581 30.97 30.27 -5.91
CA ASN D 581 32.09 31.10 -6.36
C ASN D 581 33.24 31.09 -5.37
N VAL D 582 34.44 31.35 -5.85
CA VAL D 582 35.57 31.54 -4.94
C VAL D 582 36.13 32.95 -5.12
N ALA D 583 36.25 33.70 -4.05
CA ALA D 583 36.74 35.08 -4.15
C ALA D 583 37.59 35.42 -2.97
N ALA D 584 38.40 36.46 -3.11
CA ALA D 584 39.38 36.82 -2.09
C ALA D 584 38.83 37.57 -0.89
N ASP D 585 38.02 36.87 -0.14
CA ASP D 585 37.46 37.37 1.11
C ASP D 585 38.08 36.53 2.21
N HIS D 586 38.15 37.07 3.41
CA HIS D 586 38.66 36.35 4.57
C HIS D 586 40.07 35.79 4.37
N LEU D 587 40.91 36.49 3.62
CA LEU D 587 42.25 35.97 3.48
C LEU D 587 43.05 36.50 4.63
N GLY D 588 43.95 35.68 5.09
CA GLY D 588 44.82 35.98 6.20
C GLY D 588 44.26 35.39 7.49
N LEU D 589 43.00 34.94 7.46
CA LEU D 589 42.40 34.38 8.64
C LEU D 589 42.45 32.88 8.59
N GLY D 590 42.65 32.23 9.73
CA GLY D 590 42.58 30.77 9.77
C GLY D 590 43.75 30.14 9.03
N ASP D 591 44.85 30.85 8.94
CA ASP D 591 46.05 30.41 8.23
C ASP D 591 45.87 30.25 6.72
N ILE D 592 44.84 30.86 6.13
CA ILE D 592 44.69 30.84 4.68
C ILE D 592 44.99 32.17 4.07
N ASP D 593 46.10 32.23 3.37
CA ASP D 593 46.60 33.46 2.78
C ASP D 593 46.31 33.64 1.31
N THR D 594 46.16 32.54 0.57
CA THR D 594 46.00 32.67 -0.87
C THR D 594 44.64 32.20 -1.35
N ILE D 595 44.32 32.54 -2.60
CA ILE D 595 43.07 32.13 -3.18
C ILE D 595 43.06 30.65 -3.50
N GLU D 596 44.23 30.10 -3.86
CA GLU D 596 44.34 28.69 -4.16
C GLU D 596 44.05 27.88 -2.92
N GLN D 597 44.44 28.38 -1.74
CA GLN D 597 44.13 27.71 -0.49
C GLN D 597 42.65 27.86 -0.15
N MET D 598 42.06 29.03 -0.42
CA MET D 598 40.67 29.22 -0.09
C MET D 598 39.81 28.26 -0.88
N ALA D 599 40.20 27.98 -2.10
CA ALA D 599 39.51 27.04 -2.95
C ALA D 599 39.52 25.63 -2.36
N LYS D 600 40.54 25.27 -1.55
CA LYS D 600 40.64 23.93 -0.97
C LYS D 600 39.67 23.79 0.18
N VAL D 601 39.30 24.90 0.78
CA VAL D 601 38.32 24.87 1.84
C VAL D 601 36.95 24.70 1.19
N LYS D 602 36.68 25.45 0.13
CA LYS D 602 35.36 25.39 -0.46
C LYS D 602 35.10 24.04 -1.13
N SER D 603 36.13 23.40 -1.64
CA SER D 603 36.01 22.12 -2.32
C SER D 603 35.61 21.01 -1.37
N VAL D 604 35.65 21.23 -0.06
CA VAL D 604 35.28 20.21 0.90
C VAL D 604 33.84 19.81 0.64
N ILE D 605 32.96 20.75 0.28
CA ILE D 605 31.58 20.36 0.05
C ILE D 605 31.45 19.47 -1.17
N ALA D 606 32.10 19.81 -2.26
CA ALA D 606 32.00 19.02 -3.48
C ALA D 606 32.52 17.60 -3.27
N GLU D 607 33.56 17.46 -2.45
CA GLU D 607 34.18 16.16 -2.21
C GLU D 607 33.45 15.25 -1.22
N VAL D 608 32.36 15.73 -0.60
CA VAL D 608 31.64 14.88 0.32
C VAL D 608 30.28 14.50 -0.24
N VAL D 609 30.05 14.80 -1.51
CA VAL D 609 28.78 14.43 -2.07
C VAL D 609 28.81 12.94 -2.39
N ASP D 610 27.78 12.24 -1.98
CA ASP D 610 27.62 10.81 -2.19
C ASP D 610 27.72 10.51 -3.69
N PRO D 611 28.37 9.43 -4.16
CA PRO D 611 28.52 9.09 -5.57
C PRO D 611 27.20 9.06 -6.35
N SER D 612 26.07 8.81 -5.68
CA SER D 612 24.79 8.77 -6.37
C SER D 612 24.18 10.17 -6.55
N GLY D 613 24.79 11.18 -5.90
CA GLY D 613 24.32 12.55 -5.90
C GLY D 613 25.05 13.42 -6.90
N TYR D 614 24.89 14.74 -6.72
CA TYR D 614 25.44 15.76 -7.61
C TYR D 614 26.18 16.89 -6.98
N ALA D 615 27.18 17.37 -7.71
CA ALA D 615 27.85 18.58 -7.37
C ALA D 615 27.40 19.62 -8.37
N VAL D 616 27.09 20.81 -7.92
CA VAL D 616 26.66 21.88 -8.80
C VAL D 616 27.74 22.94 -8.84
N LEU D 617 28.38 23.08 -10.00
CA LEU D 617 29.50 23.99 -10.14
C LEU D 617 29.22 25.15 -11.07
N ASN D 618 29.88 26.25 -10.80
CA ASN D 618 29.79 27.46 -11.61
C ASN D 618 30.81 27.41 -12.75
N ALA D 619 30.35 27.27 -13.99
CA ALA D 619 31.25 27.07 -15.13
C ALA D 619 31.92 28.38 -15.54
N ASP D 620 31.47 29.50 -15.00
CA ASP D 620 32.03 30.80 -15.34
C ASP D 620 33.14 31.19 -14.35
N ASP D 621 33.44 30.29 -13.41
CA ASP D 621 34.44 30.51 -12.38
C ASP D 621 35.57 29.47 -12.51
N PRO D 622 36.79 29.84 -12.93
CA PRO D 622 37.89 28.94 -13.22
C PRO D 622 38.41 28.14 -12.02
N LEU D 623 38.15 28.59 -10.79
CA LEU D 623 38.64 27.81 -9.66
C LEU D 623 37.59 26.78 -9.30
N VAL D 624 36.33 27.15 -9.51
CA VAL D 624 35.23 26.26 -9.18
C VAL D 624 35.04 25.17 -10.22
N ALA D 625 35.10 25.50 -11.50
CA ALA D 625 34.92 24.49 -12.53
C ALA D 625 35.97 23.38 -12.41
N ALA D 626 37.16 23.74 -11.98
CA ALA D 626 38.30 22.85 -11.80
C ALA D 626 38.08 21.82 -10.69
N MET D 627 37.09 22.02 -9.84
CA MET D 627 36.82 21.11 -8.73
C MET D 627 36.19 19.84 -9.27
N ALA D 628 35.76 19.89 -10.52
CA ALA D 628 35.09 18.78 -11.16
C ALA D 628 35.98 17.56 -11.25
N ASP D 629 37.30 17.75 -11.16
CA ASP D 629 38.21 16.64 -11.28
C ASP D 629 38.51 15.93 -9.96
N LYS D 630 37.93 16.44 -8.87
CA LYS D 630 38.09 15.86 -7.55
C LYS D 630 36.80 15.16 -7.12
N VAL D 631 35.69 15.60 -7.68
CA VAL D 631 34.38 15.09 -7.35
C VAL D 631 34.14 13.66 -7.84
N LYS D 632 33.65 12.81 -6.92
CA LYS D 632 33.31 11.40 -7.18
C LYS D 632 31.85 11.23 -7.60
N ALA D 633 31.11 12.31 -7.41
CA ALA D 633 29.69 12.47 -7.66
C ALA D 633 29.48 12.92 -9.08
N LYS D 634 28.24 13.02 -9.51
CA LYS D 634 27.95 13.49 -10.84
C LYS D 634 28.11 14.99 -10.84
N VAL D 635 28.42 15.59 -11.98
CA VAL D 635 28.55 17.04 -12.01
C VAL D 635 27.58 17.72 -12.92
N ALA D 636 26.93 18.75 -12.41
CA ALA D 636 26.01 19.60 -13.15
C ALA D 636 26.62 20.99 -13.17
N TYR D 637 26.39 21.76 -14.23
CA TYR D 637 26.95 23.12 -14.29
C TYR D 637 25.97 24.22 -14.54
N PHE D 638 26.27 25.40 -14.07
CA PHE D 638 25.44 26.52 -14.45
C PHE D 638 26.29 27.66 -14.98
N SER D 639 25.68 28.50 -15.83
CA SER D 639 26.39 29.66 -16.37
C SER D 639 25.48 30.78 -16.86
N MET D 640 26.06 31.96 -17.04
CA MET D 640 25.35 33.13 -17.58
C MET D 640 25.63 33.34 -19.05
N ASN D 641 26.32 32.39 -19.64
CA ASN D 641 26.73 32.44 -21.02
C ASN D 641 26.57 31.06 -21.66
N PRO D 642 25.54 30.83 -22.48
CA PRO D 642 25.21 29.57 -23.12
C PRO D 642 26.31 29.00 -24.00
N ASP D 643 27.26 29.84 -24.42
CA ASP D 643 28.33 29.39 -25.28
C ASP D 643 29.59 29.01 -24.53
N ASN D 644 29.54 29.02 -23.21
CA ASN D 644 30.69 28.63 -22.43
C ASN D 644 31.09 27.23 -22.87
N PRO D 645 32.31 27.01 -23.40
CA PRO D 645 32.81 25.76 -23.91
C PRO D 645 32.64 24.58 -22.97
N ILE D 646 32.62 24.84 -21.65
CA ILE D 646 32.46 23.77 -20.68
C ILE D 646 31.09 23.19 -20.79
N ILE D 647 30.11 24.08 -20.93
CA ILE D 647 28.73 23.71 -20.97
C ILE D 647 28.47 22.96 -22.23
N GLN D 648 29.05 23.43 -23.33
CA GLN D 648 28.80 22.76 -24.59
C GLN D 648 29.40 21.36 -24.60
N ALA D 649 30.61 21.20 -24.10
CA ALA D 649 31.21 19.89 -24.08
C ALA D 649 30.42 18.92 -23.21
N HIS D 650 29.89 19.44 -22.12
CA HIS D 650 29.13 18.69 -21.14
C HIS D 650 27.78 18.22 -21.66
N VAL D 651 27.00 19.10 -22.29
CA VAL D 651 25.68 18.67 -22.75
C VAL D 651 25.82 17.70 -23.92
N ARG D 652 26.91 17.78 -24.68
CA ARG D 652 27.15 16.86 -25.80
C ARG D 652 27.43 15.42 -25.32
N ARG D 653 27.66 15.24 -24.02
CA ARG D 653 27.89 13.95 -23.41
C ARG D 653 26.68 13.60 -22.52
N ASN D 654 25.57 14.29 -22.80
CA ASN D 654 24.30 14.22 -22.12
C ASN D 654 24.28 14.59 -20.65
N GLY D 655 25.04 15.60 -20.28
CA GLY D 655 24.99 16.09 -18.93
C GLY D 655 23.87 17.11 -18.81
N ILE D 656 23.79 17.73 -17.64
CA ILE D 656 22.77 18.69 -17.30
C ILE D 656 23.39 20.03 -16.98
N ALA D 657 22.81 21.09 -17.52
CA ALA D 657 23.30 22.41 -17.23
C ALA D 657 22.19 23.42 -17.17
N ALA D 658 22.39 24.49 -16.43
CA ALA D 658 21.40 25.55 -16.41
C ALA D 658 22.00 26.80 -16.94
N VAL D 659 21.35 27.40 -17.92
CA VAL D 659 21.90 28.61 -18.50
C VAL D 659 20.89 29.71 -18.61
N TYR D 660 21.39 30.91 -18.69
CA TYR D 660 20.52 32.04 -18.99
C TYR D 660 20.59 32.36 -20.47
N GLU D 661 19.45 32.28 -21.15
CA GLU D 661 19.41 32.52 -22.59
C GLU D 661 18.08 33.14 -23.04
N SER D 662 18.14 34.06 -23.98
CA SER D 662 16.96 34.69 -24.57
C SER D 662 15.97 35.24 -23.55
N GLY D 663 16.45 35.73 -22.42
CA GLY D 663 15.58 36.28 -21.39
C GLY D 663 15.03 35.22 -20.44
N TYR D 664 15.33 33.96 -20.69
CA TYR D 664 14.83 32.85 -19.89
C TYR D 664 15.86 32.10 -19.09
N LEU D 665 15.40 31.57 -17.99
CA LEU D 665 16.22 30.69 -17.22
C LEU D 665 15.79 29.33 -17.67
N SER D 666 16.73 28.54 -18.22
CA SER D 666 16.39 27.25 -18.78
C SER D 666 17.38 26.16 -18.44
N ILE D 667 16.88 24.94 -18.49
CA ILE D 667 17.68 23.76 -18.21
C ILE D 667 17.93 22.95 -19.46
N LEU D 668 19.19 22.66 -19.68
CA LEU D 668 19.62 21.91 -20.82
C LEU D 668 19.84 20.50 -20.38
N GLU D 669 19.05 19.59 -20.89
CA GLU D 669 19.18 18.19 -20.50
C GLU D 669 19.46 17.40 -21.75
N GLY D 670 20.72 17.10 -21.98
CA GLY D 670 21.05 16.48 -23.25
C GLY D 670 20.69 17.45 -24.37
N SER D 671 19.95 16.98 -25.37
CA SER D 671 19.55 17.80 -26.51
C SER D 671 18.29 18.65 -26.29
N TRP D 672 17.59 18.43 -25.20
CA TRP D 672 16.34 19.11 -24.96
C TRP D 672 16.47 20.33 -24.08
N THR D 673 15.71 21.38 -24.37
CA THR D 673 15.73 22.57 -23.55
C THR D 673 14.43 22.74 -22.81
N LEU D 674 14.51 22.95 -21.52
CA LEU D 674 13.34 23.17 -20.68
C LEU D 674 13.32 24.59 -20.16
N ARG D 675 12.37 25.40 -20.58
CA ARG D 675 12.37 26.76 -20.08
C ARG D 675 11.59 26.83 -18.79
N VAL D 676 12.15 27.46 -17.76
CA VAL D 676 11.45 27.54 -16.50
C VAL D 676 10.66 28.82 -16.46
N GLU D 677 11.33 29.96 -16.56
CA GLU D 677 10.63 31.25 -16.52
C GLU D 677 11.48 32.38 -17.11
N GLN D 678 10.93 33.58 -17.21
CA GLN D 678 11.67 34.75 -17.67
C GLN D 678 12.31 35.47 -16.53
N ALA D 679 13.52 35.98 -16.73
CA ALA D 679 14.19 36.65 -15.62
C ALA D 679 13.41 37.84 -15.10
N LYS D 680 12.74 38.57 -15.97
CA LYS D 680 12.02 39.76 -15.57
C LYS D 680 10.75 39.46 -14.79
N LEU D 681 10.30 38.22 -14.80
CA LEU D 681 9.09 37.88 -14.09
C LEU D 681 9.36 37.19 -12.77
N ILE D 682 10.63 37.14 -12.36
CA ILE D 682 10.96 36.51 -11.09
C ILE D 682 11.35 37.64 -10.14
N PRO D 683 10.52 38.00 -9.14
CA PRO D 683 10.65 39.15 -8.27
C PRO D 683 11.99 39.37 -7.55
N MET D 684 12.76 38.33 -7.28
CA MET D 684 14.04 38.52 -6.58
C MET D 684 15.04 39.21 -7.49
N THR D 685 14.82 39.13 -8.79
CA THR D 685 15.72 39.71 -9.74
C THR D 685 15.11 41.05 -10.06
N MET D 686 15.88 42.11 -9.94
CA MET D 686 15.30 43.44 -10.15
C MET D 686 14.98 43.76 -11.61
N GLY D 687 13.96 43.12 -12.15
CA GLY D 687 13.52 43.34 -13.52
C GLY D 687 14.46 42.74 -14.54
N GLY D 688 15.31 41.84 -14.10
CA GLY D 688 16.32 41.24 -14.96
C GLY D 688 17.61 42.05 -14.99
N MET D 689 17.71 43.13 -14.19
CA MET D 689 18.86 44.03 -14.16
C MET D 689 19.99 43.69 -13.18
N ALA D 690 19.86 42.59 -12.45
CA ALA D 690 20.83 42.19 -11.44
C ALA D 690 21.38 40.80 -11.71
N PRO D 691 22.43 40.64 -12.55
CA PRO D 691 23.01 39.39 -13.03
C PRO D 691 23.43 38.45 -11.93
N PHE D 692 23.73 38.99 -10.77
CA PHE D 692 24.14 38.18 -9.66
C PHE D 692 22.95 37.52 -8.99
N MET D 693 21.76 38.09 -9.17
CA MET D 693 20.57 37.49 -8.60
C MET D 693 20.13 36.40 -9.55
N ILE D 694 20.41 36.60 -10.84
CA ILE D 694 20.05 35.60 -11.82
C ILE D 694 20.90 34.37 -11.61
N ALA D 695 22.20 34.57 -11.41
CA ALA D 695 23.08 33.44 -11.17
C ALA D 695 22.68 32.67 -9.92
N ASN D 696 22.24 33.37 -8.87
CA ASN D 696 21.85 32.68 -7.65
C ASN D 696 20.57 31.85 -7.92
N ALA D 697 19.65 32.40 -8.73
CA ALA D 697 18.44 31.69 -9.11
C ALA D 697 18.72 30.47 -9.97
N LEU D 698 19.72 30.55 -10.86
CA LEU D 698 20.04 29.37 -11.67
C LEU D 698 20.54 28.25 -10.80
N ALA D 699 21.38 28.57 -9.82
CA ALA D 699 21.90 27.54 -8.95
C ALA D 699 20.82 26.85 -8.14
N ALA D 700 19.84 27.61 -7.64
CA ALA D 700 18.75 27.03 -6.87
C ALA D 700 17.86 26.15 -7.72
N CYS D 701 17.59 26.58 -8.96
CA CYS D 701 16.74 25.82 -9.86
C CYS D 701 17.40 24.53 -10.27
N LEU D 702 18.68 24.58 -10.55
CA LEU D 702 19.39 23.39 -10.98
C LEU D 702 19.49 22.40 -9.84
N ALA D 703 19.76 22.85 -8.61
CA ALA D 703 19.84 21.91 -7.50
C ALA D 703 18.51 21.22 -7.27
N ALA D 704 17.40 21.96 -7.37
CA ALA D 704 16.08 21.38 -7.19
C ALA D 704 15.76 20.36 -8.26
N PHE D 705 16.18 20.65 -9.49
CA PHE D 705 15.95 19.77 -10.63
C PHE D 705 16.72 18.48 -10.55
N VAL D 706 18.02 18.55 -10.26
CA VAL D 706 18.83 17.33 -10.25
C VAL D 706 18.45 16.43 -9.09
N ASN D 707 17.85 16.99 -8.04
CA ASN D 707 17.41 16.18 -6.93
C ASN D 707 15.97 15.69 -7.08
N GLY D 708 15.39 15.80 -8.28
CA GLY D 708 14.07 15.24 -8.55
C GLY D 708 12.82 16.11 -8.51
N LEU D 709 12.89 17.42 -8.33
CA LEU D 709 11.62 18.13 -8.35
C LEU D 709 11.19 18.42 -9.76
N ASP D 710 9.89 18.49 -9.98
CA ASP D 710 9.33 18.81 -11.28
C ASP D 710 9.49 20.27 -11.60
N VAL D 711 9.46 20.59 -12.88
CA VAL D 711 9.62 21.95 -13.35
C VAL D 711 8.48 22.83 -12.91
N GLU D 712 7.27 22.31 -12.88
CA GLU D 712 6.16 23.16 -12.48
C GLU D 712 6.32 23.63 -11.04
N VAL D 713 6.86 22.76 -10.18
CA VAL D 713 7.08 23.12 -8.79
C VAL D 713 8.12 24.21 -8.72
N ILE D 714 9.18 24.07 -9.53
CA ILE D 714 10.24 25.05 -9.55
C ILE D 714 9.69 26.40 -10.00
N ARG D 715 8.84 26.41 -11.05
CA ARG D 715 8.24 27.68 -11.52
C ARG D 715 7.42 28.36 -10.47
N GLN D 716 6.61 27.60 -9.75
CA GLN D 716 5.79 28.18 -8.72
C GLN D 716 6.66 28.79 -7.64
N GLY D 717 7.72 28.09 -7.25
CA GLY D 717 8.63 28.56 -6.23
C GLY D 717 9.37 29.83 -6.61
N VAL D 718 9.84 29.97 -7.85
CA VAL D 718 10.57 31.19 -8.15
C VAL D 718 9.62 32.39 -8.24
N ARG D 719 8.41 32.20 -8.78
CA ARG D 719 7.46 33.29 -8.93
C ARG D 719 6.96 33.90 -7.63
N THR D 720 6.82 33.11 -6.58
CA THR D 720 6.27 33.63 -5.34
C THR D 720 7.31 34.00 -4.29
N PHE D 721 8.58 33.89 -4.62
CA PHE D 721 9.63 34.18 -3.65
C PHE D 721 9.91 35.65 -3.54
N THR D 722 10.03 36.16 -2.31
CA THR D 722 10.35 37.58 -2.14
C THR D 722 11.53 37.79 -1.22
N THR D 723 12.20 38.93 -1.44
CA THR D 723 13.33 39.41 -0.65
C THR D 723 13.10 40.87 -0.29
N SER D 724 11.99 41.12 0.39
CA SER D 724 11.62 42.53 0.66
C SER D 724 12.36 43.05 1.90
N ALA D 725 12.07 44.29 2.28
CA ALA D 725 12.68 44.82 3.50
C ALA D 725 12.17 44.04 4.71
N GLU D 726 13.01 43.84 5.73
CA GLU D 726 12.66 43.21 7.00
C GLU D 726 12.52 41.68 6.89
N GLN D 727 12.79 41.12 5.71
CA GLN D 727 12.86 39.68 5.53
C GLN D 727 14.31 39.41 5.21
N THR D 728 14.85 40.25 4.33
CA THR D 728 16.24 40.20 3.93
C THR D 728 16.82 41.62 4.00
N PRO D 729 16.89 42.25 5.18
CA PRO D 729 17.32 43.61 5.32
C PRO D 729 18.77 43.70 4.93
N GLY D 730 19.12 44.74 4.22
CA GLY D 730 20.50 44.98 3.83
C GLY D 730 20.90 44.24 2.56
N ARG D 731 19.96 43.52 1.96
CA ARG D 731 20.28 42.77 0.76
C ARG D 731 19.39 43.24 -0.39
N MET D 732 19.87 44.18 -1.19
CA MET D 732 19.09 44.81 -2.25
C MET D 732 17.72 45.35 -1.83
N ASN D 733 17.66 46.24 -0.85
CA ASN D 733 16.36 46.78 -0.47
C ASN D 733 16.12 48.05 -1.26
N LEU D 734 15.25 48.00 -2.26
CA LEU D 734 15.03 49.18 -3.10
C LEU D 734 13.77 49.90 -2.62
N PHE D 735 13.92 51.15 -2.26
CA PHE D 735 12.84 51.97 -1.73
C PHE D 735 12.36 52.99 -2.75
N ASN D 736 11.05 53.04 -2.92
CA ASN D 736 10.32 53.93 -3.84
C ASN D 736 9.81 55.21 -3.14
N LEU D 737 10.36 56.37 -3.46
CA LEU D 737 9.97 57.59 -2.77
C LEU D 737 9.50 58.65 -3.77
N GLY D 738 8.29 58.49 -4.28
CA GLY D 738 7.79 59.36 -5.35
C GLY D 738 8.66 59.12 -6.58
N GLN D 739 9.06 60.17 -7.29
CA GLN D 739 9.92 59.94 -8.46
C GLN D 739 11.36 59.92 -8.02
N HIS D 740 11.71 58.94 -7.23
CA HIS D 740 13.03 58.82 -6.63
C HIS D 740 13.26 57.44 -6.03
N HIS D 741 14.46 56.90 -6.18
CA HIS D 741 14.71 55.64 -5.51
C HIS D 741 15.98 55.62 -4.71
N ALA D 742 15.96 54.80 -3.67
CA ALA D 742 17.15 54.60 -2.86
C ALA D 742 17.36 53.12 -2.61
N LEU D 743 18.60 52.69 -2.67
CA LEU D 743 18.94 51.30 -2.52
C LEU D 743 19.86 51.05 -1.34
N VAL D 744 19.44 50.18 -0.44
CA VAL D 744 20.30 49.86 0.69
C VAL D 744 20.87 48.46 0.52
N ASP D 745 22.19 48.36 0.61
CA ASP D 745 22.84 47.06 0.45
C ASP D 745 24.00 46.95 1.42
N TYR D 746 24.72 45.84 1.40
CA TYR D 746 25.75 45.67 2.40
C TYR D 746 26.90 44.79 1.91
N ALA D 747 27.64 45.27 0.93
CA ALA D 747 28.77 44.58 0.29
C ALA D 747 29.90 44.42 1.29
N HIS D 748 30.91 43.57 1.01
CA HIS D 748 32.02 43.36 1.93
C HIS D 748 33.27 43.30 1.10
N ASN D 749 33.44 42.17 0.47
CA ASN D 749 34.53 42.02 -0.44
C ASN D 749 34.09 42.74 -1.69
N PRO D 750 35.03 43.13 -2.58
CA PRO D 750 34.84 43.79 -3.85
C PRO D 750 33.84 43.15 -4.77
N ALA D 751 33.62 41.83 -4.73
CA ALA D 751 32.68 41.28 -5.68
C ALA D 751 31.29 41.83 -5.43
N GLY D 752 30.98 42.18 -4.19
CA GLY D 752 29.65 42.67 -3.89
C GLY D 752 29.50 44.12 -4.32
N TYR D 753 30.60 44.80 -4.57
CA TYR D 753 30.51 46.18 -4.98
C TYR D 753 30.33 46.18 -6.47
N ARG D 754 30.96 45.23 -7.14
CA ARG D 754 30.79 45.14 -8.57
C ARG D 754 29.38 44.63 -8.88
N ALA D 755 28.88 43.65 -8.13
CA ALA D 755 27.54 43.15 -8.39
C ALA D 755 26.50 44.25 -8.24
N VAL D 756 26.63 45.09 -7.22
CA VAL D 756 25.70 46.19 -7.07
C VAL D 756 25.91 47.19 -8.18
N GLY D 757 27.17 47.49 -8.51
CA GLY D 757 27.44 48.46 -9.55
C GLY D 757 26.77 48.08 -10.86
N ASP D 758 26.71 46.79 -11.21
CA ASP D 758 26.04 46.42 -12.45
C ASP D 758 24.54 46.71 -12.38
N PHE D 759 23.91 46.50 -11.23
CA PHE D 759 22.50 46.86 -11.11
C PHE D 759 22.33 48.35 -11.39
N VAL D 760 23.21 49.15 -10.80
CA VAL D 760 23.15 50.60 -10.96
C VAL D 760 23.34 51.02 -12.42
N LYS D 761 24.28 50.40 -13.12
CA LYS D 761 24.53 50.72 -14.53
C LYS D 761 23.28 50.55 -15.39
N ASN D 762 22.44 49.58 -15.05
CA ASN D 762 21.23 49.32 -15.81
C ASN D 762 20.08 50.26 -15.46
N TRP D 763 20.27 51.13 -14.48
CA TRP D 763 19.21 51.99 -14.04
C TRP D 763 18.98 53.12 -15.02
N GLN D 764 18.05 52.92 -15.93
CA GLN D 764 17.80 53.95 -16.94
C GLN D 764 16.88 55.03 -16.39
N GLY D 765 17.44 55.81 -15.49
CA GLY D 765 16.82 56.90 -14.76
C GLY D 765 17.71 58.12 -14.93
N GLN D 766 17.93 58.86 -13.85
CA GLN D 766 18.76 60.06 -13.96
C GLN D 766 20.14 59.93 -13.33
N ARG D 767 20.44 60.65 -12.24
CA ARG D 767 21.79 60.55 -11.69
C ARG D 767 22.00 59.29 -10.89
N PHE D 768 23.23 58.81 -10.88
CA PHE D 768 23.62 57.66 -10.08
C PHE D 768 24.46 58.19 -8.94
N GLY D 769 23.91 58.19 -7.74
CA GLY D 769 24.69 58.71 -6.64
C GLY D 769 25.03 57.64 -5.66
N VAL D 770 26.18 57.79 -5.05
CA VAL D 770 26.61 56.88 -4.02
C VAL D 770 27.00 57.69 -2.82
N VAL D 771 26.60 57.21 -1.68
CA VAL D 771 26.88 57.90 -0.45
C VAL D 771 27.77 57.16 0.51
N GLY D 772 28.79 56.44 0.01
CA GLY D 772 29.66 55.74 0.94
C GLY D 772 30.74 54.87 0.36
N GLY D 773 31.40 54.17 1.29
CA GLY D 773 32.51 53.27 1.06
C GLY D 773 32.74 52.43 2.33
N PRO D 774 33.89 51.72 2.43
CA PRO D 774 34.34 50.77 3.44
C PRO D 774 34.57 51.33 4.84
N GLY D 775 34.53 50.43 5.83
CA GLY D 775 34.83 50.79 7.21
C GLY D 775 36.33 50.70 7.45
N ASP D 776 36.75 50.75 8.71
CA ASP D 776 38.19 50.78 9.02
C ASP D 776 38.86 49.44 9.24
N ARG D 777 38.12 48.35 9.08
CA ARG D 777 38.69 47.03 9.37
C ARG D 777 39.08 46.25 8.13
N ARG D 778 39.05 46.91 6.98
CA ARG D 778 39.45 46.30 5.72
C ARG D 778 40.95 46.45 5.54
N ASP D 779 41.51 45.63 4.67
CA ASP D 779 42.93 45.69 4.37
C ASP D 779 43.13 46.76 3.29
N SER D 780 44.21 46.72 2.53
CA SER D 780 44.46 47.80 1.57
C SER D 780 43.68 47.61 0.25
N ASP D 781 42.35 47.68 0.36
CA ASP D 781 41.44 47.51 -0.76
C ASP D 781 40.53 48.73 -0.86
N LEU D 782 40.93 49.80 -0.19
CA LEU D 782 40.16 51.03 -0.21
C LEU D 782 40.29 51.66 -1.57
N ILE D 783 41.46 51.51 -2.18
CA ILE D 783 41.65 52.07 -3.49
C ILE D 783 40.79 51.32 -4.47
N GLU D 784 40.75 49.99 -4.37
CA GLU D 784 39.94 49.20 -5.30
C GLU D 784 38.48 49.65 -5.21
N LEU D 785 37.99 49.92 -4.00
CA LEU D 785 36.61 50.36 -3.93
C LEU D 785 36.50 51.68 -4.64
N GLY D 786 37.42 52.60 -4.38
CA GLY D 786 37.29 53.89 -5.03
C GLY D 786 37.29 53.75 -6.55
N GLN D 787 38.09 52.82 -7.07
CA GLN D 787 38.14 52.59 -8.50
C GLN D 787 36.82 52.05 -9.04
N ILE D 788 36.10 51.25 -8.24
CA ILE D 788 34.80 50.71 -8.64
C ILE D 788 33.76 51.83 -8.66
N ALA D 789 33.72 52.65 -7.62
CA ALA D 789 32.71 53.71 -7.61
C ALA D 789 32.93 54.70 -8.76
N ALA D 790 34.18 55.01 -9.06
CA ALA D 790 34.51 55.99 -10.10
C ALA D 790 33.93 55.90 -11.50
N GLN D 791 33.70 54.67 -11.93
CA GLN D 791 33.10 54.29 -13.19
C GLN D 791 31.67 53.87 -13.18
N VAL D 792 31.07 53.90 -12.00
CA VAL D 792 29.67 53.53 -11.85
C VAL D 792 28.74 54.66 -11.45
N PHE D 793 29.27 55.67 -10.77
CA PHE D 793 28.45 56.73 -10.22
C PHE D 793 28.93 58.09 -10.75
N ASP D 794 28.00 59.05 -10.93
CA ASP D 794 28.36 60.41 -11.33
C ASP D 794 28.23 61.43 -10.18
N ARG D 795 27.79 60.96 -9.04
CA ARG D 795 27.71 61.74 -7.79
C ARG D 795 28.37 60.95 -6.68
N ILE D 796 29.64 61.20 -6.39
CA ILE D 796 30.30 60.39 -5.38
C ILE D 796 30.65 61.15 -4.12
N ILE D 797 29.96 60.86 -3.01
CA ILE D 797 30.23 61.60 -1.79
C ILE D 797 30.73 60.64 -0.73
N VAL D 798 31.84 60.99 -0.09
CA VAL D 798 32.48 60.15 0.91
C VAL D 798 32.09 60.46 2.38
N LYS D 799 31.70 59.42 3.13
CA LYS D 799 31.28 59.46 4.54
C LYS D 799 32.12 58.55 5.42
N GLU D 800 33.29 58.18 4.99
CA GLU D 800 34.05 57.18 5.72
C GLU D 800 34.81 57.71 6.94
N ASP D 801 34.00 57.96 7.96
CA ASP D 801 34.36 58.42 9.29
C ASP D 801 33.22 57.91 10.17
N ASP D 802 33.17 56.60 10.35
CA ASP D 802 32.00 55.98 10.98
C ASP D 802 32.09 56.10 12.49
N ASP D 803 31.15 55.50 13.21
CA ASP D 803 31.16 55.67 14.66
C ASP D 803 32.10 54.71 15.35
N LYS D 804 32.33 53.54 14.75
CA LYS D 804 33.20 52.56 15.36
C LYS D 804 34.64 53.06 15.41
N ARG D 805 35.08 53.73 14.34
CA ARG D 805 36.43 54.31 14.29
C ARG D 805 37.50 53.34 14.70
N GLY D 806 37.50 52.18 14.06
CA GLY D 806 38.46 51.13 14.34
C GLY D 806 39.88 51.65 14.20
N ARG D 807 40.12 52.58 13.26
CA ARG D 807 41.45 53.15 13.12
C ARG D 807 41.42 54.66 12.98
N SER D 808 42.02 55.35 13.94
CA SER D 808 42.10 56.80 13.94
C SER D 808 40.77 57.54 13.69
N GLU D 809 40.72 58.39 12.65
CA GLU D 809 39.53 59.17 12.34
C GLU D 809 39.07 59.04 10.87
N GLY D 810 39.42 60.04 10.04
CA GLY D 810 38.96 60.14 8.65
C GLY D 810 39.92 59.58 7.60
N GLU D 811 40.98 58.89 8.00
CA GLU D 811 41.93 58.38 7.03
C GLU D 811 41.28 57.44 6.01
N THR D 812 40.26 56.69 6.40
CA THR D 812 39.62 55.80 5.43
C THR D 812 38.99 56.67 4.34
N ALA D 813 38.28 57.74 4.71
CA ALA D 813 37.72 58.65 3.72
C ALA D 813 38.79 59.26 2.84
N ASP D 814 39.95 59.56 3.40
CA ASP D 814 41.00 60.15 2.59
C ASP D 814 41.52 59.17 1.54
N LEU D 815 41.56 57.88 1.87
CA LEU D 815 42.02 56.89 0.92
C LEU D 815 40.97 56.65 -0.14
N ILE D 816 39.71 56.73 0.23
CA ILE D 816 38.68 56.55 -0.77
C ILE D 816 38.73 57.71 -1.74
N VAL D 817 38.91 58.94 -1.24
CA VAL D 817 39.00 60.08 -2.12
C VAL D 817 40.18 59.90 -3.07
N LYS D 818 41.34 59.46 -2.55
CA LYS D 818 42.47 59.21 -3.43
C LYS D 818 42.10 58.24 -4.56
N GLY D 819 41.43 57.14 -4.22
CA GLY D 819 41.05 56.13 -5.21
C GLY D 819 40.05 56.64 -6.25
N ILE D 820 39.00 57.33 -5.83
CA ILE D 820 37.96 57.75 -6.77
C ILE D 820 38.47 58.82 -7.75
N LEU D 821 39.38 59.69 -7.30
CA LEU D 821 39.92 60.74 -8.14
C LEU D 821 41.00 60.21 -9.07
N GLN D 822 41.35 58.94 -8.92
CA GLN D 822 42.37 58.32 -9.71
C GLN D 822 41.81 57.91 -11.04
N GLU D 823 40.51 57.58 -11.09
CA GLU D 823 39.96 57.08 -12.33
C GLU D 823 39.08 58.11 -13.03
N ASN D 824 38.32 58.90 -12.27
CA ASN D 824 37.41 59.83 -12.93
C ASN D 824 37.12 61.06 -12.10
N PRO D 825 38.03 62.04 -12.02
CA PRO D 825 37.94 63.20 -11.14
C PRO D 825 36.97 64.29 -11.66
N GLY D 826 35.71 63.91 -11.92
CA GLY D 826 34.65 64.79 -12.37
C GLY D 826 33.25 64.42 -11.84
N ALA D 827 33.13 63.99 -10.59
CA ALA D 827 31.84 63.57 -10.00
C ALA D 827 31.52 64.26 -8.69
N SER D 828 31.77 65.58 -8.60
CA SER D 828 31.45 66.35 -7.40
C SER D 828 31.98 65.68 -6.14
N TYR D 829 33.27 65.43 -6.10
CA TYR D 829 33.87 64.64 -5.05
C TYR D 829 34.03 65.29 -3.69
N GLU D 830 32.89 65.44 -3.06
CA GLU D 830 32.72 65.97 -1.73
C GLU D 830 33.02 64.90 -0.71
N VAL D 831 33.64 65.30 0.38
CA VAL D 831 33.79 64.41 1.51
C VAL D 831 33.07 65.13 2.63
N ILE D 832 32.16 64.43 3.27
CA ILE D 832 31.35 65.01 4.32
C ILE D 832 31.63 64.36 5.65
N LEU D 833 32.11 63.12 5.59
CA LEU D 833 32.49 62.29 6.74
C LEU D 833 31.27 61.78 7.54
N ASP D 834 30.38 62.66 7.99
CA ASP D 834 29.20 62.17 8.74
C ASP D 834 28.27 61.29 7.90
N GLU D 835 27.75 60.24 8.57
CA GLU D 835 26.89 59.21 7.91
C GLU D 835 25.72 58.80 8.80
N THR D 836 25.13 59.71 9.58
CA THR D 836 24.05 59.41 10.56
C THR D 836 22.82 59.98 9.85
N ILE D 837 22.72 61.31 9.77
CA ILE D 837 21.56 61.98 9.09
C ILE D 837 22.18 63.03 8.17
N ALA D 838 23.50 63.03 8.02
CA ALA D 838 24.17 64.01 7.14
C ALA D 838 24.24 63.62 5.67
N LEU D 839 24.96 62.53 5.34
CA LEU D 839 24.99 62.11 3.98
C LEU D 839 23.84 61.18 3.60
N ASN D 840 23.33 60.41 4.55
CA ASN D 840 22.24 59.50 4.19
C ASN D 840 20.87 60.18 4.24
N LYS D 841 20.86 61.48 4.54
CA LYS D 841 19.63 62.24 4.56
C LYS D 841 19.60 63.15 3.33
N ALA D 842 20.79 63.48 2.81
CA ALA D 842 20.91 64.40 1.68
C ALA D 842 20.58 63.69 0.35
N LEU D 843 19.28 63.41 0.18
CA LEU D 843 18.71 62.74 -0.98
C LEU D 843 18.05 63.73 -1.93
N ASP D 844 17.90 64.97 -1.48
CA ASP D 844 17.17 65.98 -2.24
C ASP D 844 18.09 66.73 -3.18
N GLN D 845 19.32 66.25 -3.23
CA GLN D 845 20.37 66.75 -4.10
C GLN D 845 20.38 65.94 -5.41
N VAL D 846 19.48 64.96 -5.50
CA VAL D 846 19.34 64.08 -6.65
C VAL D 846 17.95 64.28 -7.29
N GLU D 847 17.95 64.46 -8.60
CA GLU D 847 16.73 64.73 -9.36
C GLU D 847 15.80 63.53 -9.53
N GLU D 848 14.68 63.80 -10.21
CA GLU D 848 13.67 62.79 -10.40
C GLU D 848 14.19 61.59 -11.13
N LYS D 849 13.82 60.44 -10.63
CA LYS D 849 14.18 59.13 -11.15
C LYS D 849 15.67 58.83 -11.01
N GLY D 850 16.39 59.58 -10.18
CA GLY D 850 17.78 59.24 -9.95
C GLY D 850 17.77 58.14 -8.91
N LEU D 851 18.93 57.56 -8.66
CA LEU D 851 19.08 56.49 -7.69
C LEU D 851 20.18 56.75 -6.68
N VAL D 852 19.85 56.63 -5.40
CA VAL D 852 20.84 56.79 -4.33
C VAL D 852 21.24 55.46 -3.73
N VAL D 853 22.53 55.12 -3.82
CA VAL D 853 23.03 53.85 -3.32
C VAL D 853 23.75 54.02 -1.98
N VAL D 854 23.24 53.31 -0.98
CA VAL D 854 23.71 53.44 0.37
C VAL D 854 24.43 52.18 0.84
N PHE D 855 25.63 52.41 1.37
CA PHE D 855 26.48 51.37 1.94
C PHE D 855 26.79 51.80 3.37
N PRO D 856 25.86 51.59 4.32
CA PRO D 856 25.89 52.05 5.69
C PRO D 856 26.79 51.17 6.49
N GLU D 857 27.30 51.64 7.63
CA GLU D 857 27.92 50.66 8.52
C GLU D 857 26.82 49.81 9.14
N SER D 858 25.70 50.45 9.44
CA SER D 858 24.56 49.79 10.05
C SER D 858 23.30 49.89 9.23
N VAL D 859 22.86 48.74 8.77
CA VAL D 859 21.68 48.62 7.92
C VAL D 859 20.46 49.08 8.67
N THR D 860 20.39 48.72 9.95
CA THR D 860 19.26 49.07 10.78
C THR D 860 19.03 50.57 10.74
N ARG D 861 20.10 51.37 10.78
CA ARG D 861 19.88 52.80 10.72
C ARG D 861 19.48 53.23 9.32
N ALA D 862 20.13 52.68 8.29
CA ALA D 862 19.83 53.11 6.93
C ALA D 862 18.38 52.90 6.55
N ILE D 863 17.81 51.79 7.00
CA ILE D 863 16.44 51.50 6.62
C ILE D 863 15.44 52.13 7.56
N ASP D 864 15.93 52.80 8.61
CA ASP D 864 15.06 53.51 9.53
C ASP D 864 14.93 54.93 9.00
N LEU D 865 16.08 55.51 8.63
CA LEU D 865 16.09 56.89 8.15
C LEU D 865 15.33 57.03 6.85
N ILE D 866 15.44 56.06 5.96
CA ILE D 866 14.74 56.13 4.70
C ILE D 866 13.21 56.13 4.89
N LYS D 867 12.72 55.67 6.05
CA LYS D 867 11.29 55.61 6.30
C LYS D 867 10.74 56.92 6.81
N VAL D 868 11.64 57.84 7.15
CA VAL D 868 11.27 59.14 7.72
C VAL D 868 10.78 60.02 6.59
N ARG D 869 11.10 59.59 5.37
CA ARG D 869 10.74 60.28 4.16
C ARG D 869 9.44 59.74 3.57
N ASN D 870 8.76 58.84 4.31
CA ASN D 870 7.47 58.27 3.88
C ASN D 870 7.48 57.58 2.51
N PRO D 871 8.23 56.48 2.33
CA PRO D 871 8.35 55.71 1.11
C PRO D 871 7.05 54.97 0.83
N ILE D 872 6.85 54.63 -0.43
CA ILE D 872 5.70 53.91 -0.93
C ILE D 872 5.74 52.44 -0.59
CA 7ID E 5 -18.74 -8.86 -35.51
N 7ID E 5 -18.28 -7.59 -35.06
CB 7ID E 5 -17.57 -9.72 -36.01
C 7ID E 5 -19.45 -9.58 -34.35
O 7ID E 5 -20.44 -10.18 -34.63
H2 7ID E 5 -18.93 -7.18 -34.62
HA 7ID E 5 -19.37 -8.73 -36.24
H 7ID E 5 -18.02 -7.10 -35.75
HB2 7ID E 5 -17.63 -10.59 -35.57
HB3 7ID E 5 -16.76 -9.30 -35.70
CA 7ID E 6 -19.43 -10.11 -31.72
N 7ID E 6 -18.87 -9.51 -32.95
CB 7ID E 6 -20.84 -9.60 -31.31
CG 7ID E 6 -21.49 -8.19 -31.45
N2 7ID E 6 -21.12 -7.08 -30.48
CA2 7ID E 6 -21.67 -5.69 -30.42
CO2 7ID E 6 -22.81 -5.66 -29.42
O2 7ID E 6 -23.73 -6.52 -29.40
OX2 7ID E 6 -22.86 -4.74 -28.58
CB2 7ID E 6 -22.20 -5.07 -31.74
CG2 7ID E 6 -22.11 -3.50 -31.67
CD2 7ID E 6 -23.05 -2.60 -32.53
NE2 7ID E 6 -22.34 -1.39 -33.03
CZ2 7ID E 6 -22.99 -0.08 -33.31
NH1 7ID E 6 -22.17 1.01 -33.83
NH2 7ID E 6 -24.21 0.18 -33.12
OD1 7ID E 6 -22.30 -8.06 -32.29
C 7ID E 6 -19.70 -11.62 -31.70
O 7ID E 6 -20.01 -12.23 -32.66
HA 7ID E 6 -18.81 -9.89 -31.01
H 7ID E 6 -18.16 -9.06 -32.83
HB2 7ID E 6 -20.91 -9.80 -30.36
H22 7ID E 6 -20.54 -7.28 -29.88
HA2 7ID E 6 -20.96 -5.14 -30.08
HE 7ID E 6 -21.50 -1.46 -33.21
HH11 7ID E 6 -22.53 1.77 -33.98
HH21 7ID E 6 -24.80 -0.41 -32.81
HB3 7ID E 6 -21.47 -10.19 -31.74
HBB 7ID E 6 -21.65 -5.36 -32.49
HBC 7ID E 6 -23.12 -5.32 -31.89
HG2 7ID E 6 -22.30 -3.23 -30.78
HG3 7ID E 6 -21.19 -3.29 -31.89
HD2 7ID E 6 -23.40 -3.11 -33.27
HD3 7ID E 6 -23.79 -2.34 -31.95
CA 7ID E 7 -19.91 -13.66 -30.06
N 7ID E 7 -19.64 -12.25 -30.37
CB 7ID E 7 -21.43 -13.81 -30.05
CG 7ID E 7 -22.16 -12.64 -29.35
N2 7ID E 7 -23.12 -11.84 -30.10
CA2 7ID E 7 -23.86 -10.68 -29.55
CO2 7ID E 7 -24.55 -11.07 -28.25
O2 7ID E 7 -25.28 -12.09 -28.24
OX2 7ID E 7 -24.39 -10.36 -27.22
CB2 7ID E 7 -24.84 -10.17 -30.62
CG2 7ID E 7 -26.05 -9.30 -30.20
CD2 7ID E 7 -27.36 -10.06 -30.42
NE2 7ID E 7 -28.52 -9.33 -29.93
CZ2 7ID E 7 -29.86 -9.91 -29.83
NH1 7ID E 7 -30.97 -9.11 -29.33
NH2 7ID E 7 -30.16 -11.08 -30.16
OD1 7ID E 7 -21.90 -12.39 -28.22
C 7ID E 7 -19.17 -14.58 -31.00
O 7ID E 7 -19.73 -15.35 -31.66
HA 7ID E 7 -19.58 -13.82 -29.17
H 7ID E 7 -19.44 -11.75 -29.69
HB2 7ID E 7 -21.65 -14.62 -29.59
H22 7ID E 7 -23.24 -12.06 -30.93
HA2 7ID E 7 -23.22 -9.97 -29.37
HE 7ID E 7 -28.40 -8.51 -29.69
HH11 7ID E 7 -31.75 -9.45 -29.27
HH21 7ID E 7 -29.56 -11.66 -30.47
HB3 7ID E 7 -21.76 -13.87 -30.97
HBB 7ID E 7 -25.21 -10.93 -31.10
HBC 7ID E 7 -24.33 -9.66 -31.26
HG2 7ID E 7 -25.97 -9.01 -29.28
HG3 7ID E 7 -26.05 -8.51 -30.78
HD2 7ID E 7 -27.31 -10.90 -29.93
HD3 7ID E 7 -27.49 -10.24 -31.36
CA 7ID E 8 -16.88 -15.30 -31.89
N 7ID E 8 -17.70 -14.47 -31.02
CB 7ID E 8 -15.55 -14.56 -32.13
CG 7ID E 8 -15.74 -13.22 -32.86
N2 7ID E 8 -14.90 -12.05 -32.62
CA2 7ID E 8 -15.18 -10.79 -33.35
CO2 7ID E 8 -14.35 -10.58 -34.58
O2 7ID E 8 -13.97 -11.56 -35.28
OX2 7ID E 8 -14.05 -9.41 -34.93
CB2 7ID E 8 -15.04 -9.63 -32.36
CG2 7ID E 8 -13.61 -9.32 -31.84
CD2 7ID E 8 -13.49 -7.82 -31.60
NE2 7ID E 8 -13.03 -7.11 -32.80
CZ2 7ID E 8 -13.47 -5.79 -33.22
NH1 7ID E 8 -12.89 -5.21 -34.40
NH2 7ID E 8 -14.34 -5.11 -32.64
OD1 7ID E 8 -16.61 -13.16 -33.64
C 7ID E 8 -16.69 -16.69 -31.33
O 7ID E 8 -16.96 -16.95 -30.22
HA 7ID E 8 -17.33 -15.42 -32.74
H 7ID E 8 -17.34 -13.89 -30.50
HB2 7ID E 8 -15.10 -14.40 -31.28
H22 7ID E 8 -14.27 -12.08 -32.04
HA2 7ID E 8 -16.11 -10.74 -33.61
HE 7ID E 8 -12.42 -7.49 -33.26
HH11 7ID E 8 -13.16 -4.44 -34.66
HH21 7ID E 8 -14.77 -5.34 -31.90
HB3 7ID E 8 -14.97 -15.11 -32.67
HBB 7ID E 8 -15.58 -9.85 -31.59
HBC 7ID E 8 -15.43 -8.84 -32.78
HG2 7ID E 8 -12.92 -9.64 -32.42
HG3 7ID E 8 -13.50 -9.76 -30.98
HD2 7ID E 8 -14.33 -7.49 -31.27
HD3 7ID E 8 -12.83 -7.68 -30.90
N ASN E 9 -16.23 -17.75 -32.20
CA 7ID F 5 -3.79 3.91 -40.76
N 7ID F 5 -3.89 2.72 -39.98
CB 7ID F 5 -5.08 4.74 -40.64
C 7ID F 5 -2.59 4.74 -40.26
O 7ID F 5 -1.93 5.27 -41.11
HA 7ID F 5 -3.66 3.67 -41.69
H 7ID F 5 -3.09 2.33 -39.93
HB2 7ID F 5 -5.58 4.39 -39.90
CA 7ID F 6 -1.21 5.57 -38.12
N 7ID F 6 -2.31 4.86 -38.78
CB 7ID F 6 0.21 5.08 -38.49
CG 7ID F 6 0.73 3.62 -38.78
N2 7ID F 6 1.00 2.66 -37.65
CA2 7ID F 6 1.54 1.27 -37.74
CO2 7ID F 6 3.04 1.32 -37.52
O2 7ID F 6 3.57 0.50 -36.73
OX2 7ID F 6 3.78 2.14 -38.10
CB2 7ID F 6 1.29 0.47 -39.05
CG2 7ID F 6 1.30 -1.07 -38.76
CD2 7ID F 6 1.67 -2.10 -39.87
NE2 7ID F 6 0.85 -3.33 -39.76
CZ2 7ID F 6 1.28 -4.70 -40.19
NH1 7ID F 6 0.35 -5.81 -40.05
NH2 7ID F 6 2.42 -4.98 -40.66
OD1 7ID F 6 0.97 3.37 -39.91
C 7ID F 6 -1.03 7.06 -38.43
O 7ID F 6 -1.30 7.55 -39.47
HA 7ID F 6 -1.34 5.47 -37.17
H 7ID F 6 -2.85 4.43 -38.24
HB2 7ID F 6 0.77 5.37 -37.76
H22 7ID F 6 0.82 2.94 -36.86
HA2 7ID F 6 1.15 0.78 -36.99
HE 7ID F 6 0.03 -3.26 -39.46
HH11 7ID F 6 0.59 -6.60 -40.28
HH21 7ID F 6 3.06 -4.38 -40.79
HB3 7ID F 6 0.48 5.58 -39.26
HBB 7ID F 6 0.42 0.70 -39.41
HBC 7ID F 6 1.97 0.68 -39.70
HG2 7ID F 6 1.96 -1.23 -38.08
HG3 7ID F 6 0.42 -1.28 -38.41
HD2 7ID F 6 1.53 -1.69 -40.74
HD3 7ID F 6 2.61 -2.31 -39.75
CA 7ID F 7 -0.04 9.28 -37.44
N 7ID F 7 -0.38 7.85 -37.37
CB 7ID F 7 1.24 9.37 -38.26
CG 7ID F 7 2.27 8.28 -37.93
N2 7ID F 7 2.70 7.35 -38.99
CA2 7ID F 7 3.66 6.25 -38.79
CO2 7ID F 7 4.94 6.76 -38.13
O2 7ID F 7 5.38 6.19 -37.09
OX2 7ID F 7 5.52 7.75 -38.63
CB2 7ID F 7 3.93 5.58 -40.16
CG2 7ID F 7 5.19 4.73 -40.36
CD2 7ID F 7 6.16 5.42 -41.33
NE2 7ID F 7 7.43 4.70 -41.47
CZ2 7ID F 7 8.58 5.24 -42.18
NH1 7ID F 7 9.81 4.47 -42.26
NH2 7ID F 7 8.61 6.36 -42.75
OD1 7ID F 7 2.67 8.17 -36.83
C 7ID F 7 -1.21 10.11 -37.91
O 7ID F 7 -1.11 10.77 -38.86
HA 7ID F 7 0.17 9.56 -36.53
H 7ID F 7 -0.17 7.45 -36.64
HB2 7ID F 7 1.65 10.23 -38.09
H22 7ID F 7 2.35 7.47 -39.76
HA2 7ID F 7 3.26 5.59 -38.20
HE 7ID F 7 7.49 3.93 -41.10
HH11 7ID F 7 10.49 4.80 -42.68
HH21 7ID F 7 7.93 6.92 -42.76
HB3 7ID F 7 1.02 9.31 -39.20
HBB 7ID F 7 3.96 6.26 -40.85
HBC 7ID F 7 3.17 5.02 -40.34
HG2 7ID F 7 5.64 4.54 -39.52
HG3 7ID F 7 4.93 3.89 -40.74
HD2 7ID F 7 6.35 6.31 -40.99
HD3 7ID F 7 5.75 5.48 -42.20
CA 7ID F 8 -3.63 10.80 -37.51
N 7ID F 8 -2.44 10.04 -37.13
CB 7ID F 8 -4.85 10.07 -36.89
CG 7ID F 8 -5.04 8.65 -37.45
N2 7ID F 8 -5.57 7.54 -36.66
CA2 7ID F 8 -5.68 6.20 -37.27
CO2 7ID F 8 -7.04 5.87 -37.81
O2 7ID F 8 -7.44 4.68 -37.81
OX2 7ID F 8 -7.78 6.77 -38.31
CB2 7ID F 8 -5.23 5.17 -36.23
CG2 7ID F 8 -6.14 4.98 -34.98
CD2 7ID F 8 -6.06 3.52 -34.54
NE2 7ID F 8 -7.07 2.69 -35.21
CZ2 7ID F 8 -6.86 1.31 -35.63
NH1 7ID F 8 -7.97 0.62 -36.24
NH2 7ID F 8 -5.80 0.67 -35.55
OD1 7ID F 8 -4.72 8.46 -38.56
C 7ID F 8 -3.54 12.24 -37.11
O 7ID F 8 -2.72 12.62 -36.36
HA 7ID F 8 -3.72 10.79 -38.47
H 7ID F 8 -2.45 9.54 -36.44
HB2 7ID F 8 -4.77 10.03 -35.92
H22 7ID F 8 -5.79 7.67 -35.84
HA2 7ID F 8 -5.05 6.09 -37.98
HE 7ID F 8 -7.85 3.03 -35.31
HH11 7ID F 8 -7.87 -0.19 -36.51
HH21 7ID F 8 -5.06 0.97 -35.18
HB3 7ID F 8 -5.65 10.59 -37.11
HBB 7ID F 8 -4.36 5.46 -35.91
HBC 7ID F 8 -5.10 4.32 -36.69
HG2 7ID F 8 -7.05 5.24 -35.13
HG3 7ID F 8 -5.78 5.52 -34.26
HD2 7ID F 8 -5.16 3.19 -34.68
HD3 7ID F 8 -6.22 3.48 -33.58
N ASN F 9 -4.44 13.20 -37.70
CA 7ID G 5 2.41 6.92 40.48
N 7ID G 5 2.80 5.75 39.77
CB 7ID G 5 3.45 8.03 40.32
C 7ID G 5 1.05 7.39 39.95
O 7ID G 5 0.27 7.78 40.76
HA 7ID G 5 2.32 6.70 41.43
H 7ID G 5 2.13 5.17 39.73
HB2 7ID G 5 4.02 7.77 39.58
CA 7ID G 6 -0.49 7.75 37.78
N 7ID G 6 0.76 7.36 38.46
CB 7ID G 6 -1.74 6.92 38.17
CG 7ID G 6 -1.90 5.40 38.56
N2 7ID G 6 -1.90 4.34 37.48
CA2 7ID G 6 -2.08 2.87 37.64
CO2 7ID G 6 -3.54 2.53 37.42
O2 7ID G 6 -4.47 3.17 37.97
OX2 7ID G 6 -3.85 1.56 36.69
CB2 7ID G 6 -1.64 2.23 38.99
CG2 7ID G 6 -1.28 0.73 38.78
CD2 7ID G 6 -1.38 -0.30 39.95
NE2 7ID G 6 -0.28 -1.29 39.90
CZ2 7ID G 6 -0.36 -2.70 40.41
NH1 7ID G 6 0.82 -3.55 40.32
NH2 7ID G 6 -1.40 -3.23 40.90
OD1 7ID G 6 -2.06 5.16 39.70
C 7ID G 6 -1.03 9.15 38.01
O 7ID G 6 -0.89 9.75 39.01
HA 7ID G 6 -0.34 7.62 36.83
H 7ID G 6 1.38 7.06 37.94
HB2 7ID G 6 -2.36 7.04 37.43
H22 7ID G 6 -1.79 4.63 36.66
HA2 7ID G 6 -1.57 2.45 36.93
HE 7ID G 6 0.49 -1.04 39.60
HH11 7ID G 6 0.78 -4.37 40.59
HH21 7ID G 6 -2.17 -2.79 41.00
HB3 7ID G 6 -2.15 7.39 38.92
HBB 7ID G 6 -0.86 2.69 39.33
HBC 7ID G 6 -2.36 2.30 39.63
HG2 7ID G 6 -1.87 0.36 38.11
HG3 7ID G 6 -0.37 0.73 38.45
HD2 7ID G 6 -1.36 0.17 40.80
HD3 7ID G 6 -2.24 -0.75 39.85
CA 7ID G 7 -2.54 10.99 36.89
N 7ID G 7 -1.85 9.70 36.91
CB 7ID G 7 -3.81 10.80 37.73
CG 7ID G 7 -4.53 9.48 37.46
N2 7ID G 7 -4.72 8.53 38.56
CA2 7ID G 7 -5.38 7.22 38.43
CO2 7ID G 7 -6.73 7.36 37.76
O2 7ID G 7 -7.55 8.20 38.22
OX2 7ID G 7 -7.02 6.64 36.75
CB2 7ID G 7 -5.49 6.58 39.83
CG2 7ID G 7 -6.50 5.45 40.09
CD2 7ID G 7 -7.61 5.93 41.03
NE2 7ID G 7 -8.66 4.92 41.21
CZ2 7ID G 7 -9.92 5.20 41.90
NH1 7ID G 7 -10.92 4.16 42.04
NH2 7ID G 7 -10.22 6.30 42.41
OD1 7ID G 7 -4.88 9.21 36.36
C 7ID G 7 -1.62 12.11 37.31
O 7ID G 7 -1.88 12.79 38.22
HA 7ID G 7 -2.80 11.17 35.97
H 7ID G 7 -1.96 9.21 36.20
HB2 7ID G 7 -4.42 11.53 37.52
H22 7ID G 7 -4.42 8.77 39.32
HA2 7ID G 7 -4.83 6.65 37.88
HE 7ID G 7 -8.53 4.14 40.89
HH11 7ID G 7 -11.66 4.33 42.44
HH21 7ID G 7 -9.71 7.02 42.39
HB3 7ID G 7 -3.58 10.86 38.66
HBB 7ID G 7 -5.69 7.27 40.49
HBC 7ID G 7 -4.61 6.23 40.05
HG2 7ID G 7 -6.88 5.11 39.26
HG3 7ID G 7 -6.03 4.72 40.51
HD2 7ID G 7 -8.01 6.72 40.64
HD3 7ID G 7 -7.24 6.14 41.90
CA 7ID G 8 0.56 13.36 36.86
N 7ID G 8 -0.41 12.32 36.53
CB 7ID G 8 1.93 12.93 36.28
CG 7ID G 8 2.45 11.62 36.91
N2 7ID G 8 3.26 10.65 36.18
CA2 7ID G 8 3.69 9.42 36.87
CO2 7ID G 8 5.08 9.47 37.41
O2 7ID G 8 5.57 10.54 37.86
OX2 7ID G 8 5.77 8.41 37.47
CB2 7ID G 8 3.52 8.25 35.88
CG2 7ID G 8 4.45 8.21 34.64
CD2 7ID G 8 4.74 6.76 34.28
NE2 7ID G 8 5.92 6.25 34.98
CZ2 7ID G 8 6.07 4.89 35.49
NH1 7ID G 8 7.31 4.52 36.11
NH2 7ID G 8 5.20 4.00 35.44
OD1 7ID G 8 2.19 11.44 38.04
C 7ID G 8 0.11 14.72 36.38
O 7ID G 8 -0.77 14.84 35.62
HA 7ID G 8 0.63 13.43 37.82
H 7ID G 8 -0.26 11.80 35.87
HB2 7ID G 8 1.86 12.81 35.31
H22 7ID G 8 3.45 10.79 35.35
HA2 7ID G 8 3.09 9.19 37.59
HE 7ID G 8 6.60 6.77 35.06
HH11 7ID G 8 7.41 3.74 36.44
HH21 7ID G 8 4.40 4.09 35.07
HB3 7ID G 8 2.57 13.63 36.45
HBB 7ID G 8 2.61 8.29 35.56
HBC 7ID G 8 3.60 7.43 36.39
HG2 7ID G 8 5.27 8.71 34.77
HG3 7ID G 8 3.98 8.61 33.90
HD2 7ID G 8 3.95 6.24 34.45
HD3 7ID G 8 4.92 6.71 33.32
N ASN G 9 0.74 15.89 36.92
CA 7ID H 5 20.12 -1.97 35.82
N 7ID H 5 19.36 -0.88 35.29
CB 7ID H 5 19.20 -3.06 36.37
C 7ID H 5 20.99 -2.55 34.69
O 7ID H 5 22.10 -2.87 35.00
HA 7ID H 5 20.70 -1.64 36.53
H 7ID H 5 19.89 -0.34 34.84
HB2 7ID H 5 18.31 -2.86 36.05
CA 7ID H 6 21.13 -3.21 32.09
N 7ID H 6 20.43 -2.70 33.29
CB 7ID H 6 22.37 -2.39 31.65
CG 7ID H 6 22.64 -0.85 31.70
N2 7ID H 6 22.02 0.08 30.67
CA2 7ID H 6 22.21 1.54 30.54
CO2 7ID H 6 23.31 1.81 29.53
O2 7ID H 6 23.14 2.66 28.64
OX2 7ID H 6 24.41 1.21 29.55
CB2 7ID H 6 22.55 2.36 31.82
CG2 7ID H 6 22.08 3.84 31.68
CD2 7ID H 6 22.76 5.00 32.47
NE2 7ID H 6 21.77 6.02 32.90
CZ2 7ID H 6 22.07 7.46 33.11
NH1 7ID H 6 21.00 8.34 33.57
NH2 7ID H 6 23.19 8.02 32.90
OD1 7ID H 6 23.39 -0.48 32.53
C 7ID H 6 21.76 -4.60 32.16
O 7ID H 6 22.21 -5.06 33.15
HA 7ID H 6 20.47 -3.19 31.38
H 7ID H 6 19.62 -2.45 33.17
HB2 7ID H 6 22.49 -2.61 30.71
H22 7ID H 6 21.51 -0.29 30.10
HA2 7ID H 6 21.38 1.89 30.17
HE 7ID H 6 20.98 5.75 33.09
HH11 7ID H 6 21.16 9.18 33.68
HH21 7ID H 6 23.90 7.57 32.61
HB3 7ID H 6 23.12 -2.78 32.11
HBB 7ID H 6 22.09 1.98 32.59
HBC 7ID H 6 23.52 2.34 31.98
HG2 7ID H 6 22.20 4.10 30.76
HG3 7ID H 6 21.14 3.83 31.88
HD2 7ID H 6 23.22 4.64 33.23
HD3 7ID H 6 23.42 5.40 31.87
CA 7ID H 7 22.48 -6.61 30.64
N 7ID H 7 21.87 -5.30 30.86
CB 7ID H 7 23.99 -6.38 30.63
CG 7ID H 7 24.40 -5.11 29.86
N2 7ID H 7 25.13 -4.05 30.56
CA2 7ID H 7 25.56 -2.78 29.94
CO2 7ID H 7 26.34 -3.06 28.65
O2 7ID H 7 26.01 -2.48 27.58
OX2 7ID H 7 27.30 -3.87 28.70
CB2 7ID H 7 26.39 -1.99 30.97
CG2 7ID H 7 27.34 -0.87 30.49
CD2 7ID H 7 28.80 -1.27 30.73
NE2 7ID H 7 29.74 -0.29 30.19
CZ2 7ID H 7 31.19 -0.52 30.12
NH1 7ID H 7 32.07 0.49 29.57
NH2 7ID H 7 31.76 -1.58 30.52
OD1 7ID H 7 24.11 -5.00 28.72
C 7ID H 7 21.98 -7.64 31.62
O 7ID H 7 22.71 -8.21 32.32
HA 7ID H 7 22.22 -6.90 29.75
H 7ID H 7 21.55 -4.91 30.17
HB2 7ID H 7 24.41 -7.14 30.20
H22 7ID H 7 25.29 -4.19 31.38
HA2 7ID H 7 24.78 -2.26 29.71
HE 7ID H 7 29.43 0.45 29.90
HH11 7ID H 7 32.91 0.34 29.53
HH21 7ID H 7 31.34 -2.27 30.86
HB3 7ID H 7 24.31 -6.30 31.53
HBB 7ID H 7 26.94 -2.60 31.48
HBC 7ID H 7 25.76 -1.58 31.58
HG2 7ID H 7 27.19 -0.65 29.56
HG3 7ID H 7 27.15 -0.08 31.02
HD2 7ID H 7 28.96 -2.12 30.29
HD3 7ID H 7 28.96 -1.37 31.68
CA 7ID H 8 19.95 -8.85 32.57
N 7ID H 8 20.54 -7.90 31.65
CB 7ID H 8 18.46 -8.45 32.77
CG 7ID H 8 18.32 -7.07 33.43
N2 7ID H 8 17.20 -6.15 33.14
CA2 7ID H 8 17.17 -4.83 33.79
CO2 7ID H 8 16.31 -4.77 35.02
O2 7ID H 8 15.72 -3.70 35.31
OX2 7ID H 8 16.17 -5.76 35.77
CB2 7ID H 8 16.74 -3.80 32.75
CG2 7ID H 8 15.29 -3.88 32.21
CD2 7ID H 8 14.79 -2.46 31.90
NE2 7ID H 8 14.18 -1.83 33.06
CZ2 7ID H 8 14.27 -0.42 33.39
NH1 7ID H 8 13.56 0.06 34.56
NH2 7ID H 8 14.94 0.42 32.79
OD1 7ID H 8 19.14 -6.75 34.20
C 7ID H 8 20.11 -10.28 32.09
O 7ID H 8 20.43 -10.52 31.00
HA 7ID H 8 20.40 -8.81 33.42
H 7ID H 8 20.04 -7.45 31.11
HB2 7ID H 8 17.99 -8.46 31.93
H22 7ID H 8 16.61 -6.38 32.57
HA2 7ID H 8 18.06 -4.54 34.05
HE 7ID H 8 13.66 -2.32 33.55
HH11 7ID H 8 13.62 0.88 34.78
HH21 7ID H 8 15.42 0.26 32.05
HB3 7ID H 8 18.05 -9.10 33.35
HBB 7ID H 8 17.34 -3.92 31.98
HBC 7ID H 8 16.92 -2.92 33.12
HG2 7ID H 8 14.69 -4.33 32.83
HG3 7ID H 8 15.30 -4.38 31.38
HD2 7ID H 8 15.54 -1.96 31.54
HD3 7ID H 8 14.14 -2.54 31.20
N ASN H 9 19.91 -11.36 33.02
CA 7ID I 6 20.41 -26.09 -34.25
N 7ID I 6 19.11 -26.71 -34.41
CB 7ID I 6 20.29 -24.60 -33.96
CG 7ID I 6 21.12 -23.70 -34.87
N2 7ID I 6 20.40 -22.82 -35.79
CA2 7ID I 6 20.91 -21.85 -36.75
CO2 7ID I 6 22.28 -22.15 -37.35
O2 7ID I 6 22.34 -22.55 -38.55
OX2 7ID I 6 23.36 -22.00 -36.72
CB2 7ID I 6 20.80 -20.54 -35.99
CG2 7ID I 6 21.43 -19.26 -36.57
CD2 7ID I 6 20.82 -18.75 -37.86
NE2 7ID I 6 20.31 -17.41 -37.63
CZ2 7ID I 6 18.98 -17.09 -37.12
NH1 7ID I 6 18.62 -15.71 -36.95
NH2 7ID I 6 18.10 -17.93 -36.82
OD1 7ID I 6 22.29 -23.77 -34.78
C 7ID I 6 21.09 -26.79 -33.07
O 7ID I 6 20.47 -27.49 -32.34
HA 7ID I 6 20.93 -26.22 -35.05
H2 7ID I 6 18.68 -26.38 -35.12
H 7ID I 6 18.62 -26.63 -33.67
HB2 7ID I 6 20.58 -24.44 -33.05
H22 7ID I 6 19.54 -22.85 -35.76
HA2 7ID I 6 20.28 -21.80 -37.48
HE 7ID I 6 20.85 -16.76 -37.81
HH11 7ID I 6 19.17 -15.07 -37.13
HH21 7ID I 6 18.21 -18.80 -36.89
HB3 7ID I 6 19.37 -24.31 -34.03
HBB 7ID I 6 21.16 -20.69 -35.10
HBC 7ID I 6 19.86 -20.35 -35.89
HG2 7ID I 6 22.38 -19.39 -36.71
HG3 7ID I 6 21.32 -18.56 -35.91
HD2 7ID I 6 21.52 -18.71 -38.53
HD3 7ID I 6 20.13 -19.34 -38.19
CA 7ID I 7 23.27 -27.18 -31.80
N 7ID I 7 22.50 -26.58 -32.86
CB 7ID I 7 24.31 -28.22 -32.24
CG 7ID I 7 24.68 -28.41 -33.72
N2 7ID I 7 25.33 -29.60 -34.24
CA2 7ID I 7 25.75 -30.74 -33.45
CO2 7ID I 7 26.87 -31.33 -34.31
O2 7ID I 7 26.80 -31.29 -35.57
OX2 7ID I 7 27.89 -31.84 -33.79
CB2 7ID I 7 24.68 -31.80 -33.16
CG2 7ID I 7 23.25 -31.58 -33.66
CD2 7ID I 7 23.05 -31.78 -35.16
NE2 7ID I 7 22.60 -30.54 -35.79
CZ2 7ID I 7 21.26 -29.96 -35.65
NH1 7ID I 7 20.98 -28.71 -36.36
NH2 7ID I 7 20.33 -30.44 -34.96
OD1 7ID I 7 24.45 -27.60 -34.53
C 7ID I 7 24.04 -26.01 -31.26
O 7ID I 7 24.59 -25.31 -32.03
HA 7ID I 7 22.71 -27.55 -31.11
H 7ID I 7 22.91 -26.06 -33.41
HB2 7ID I 7 25.12 -28.03 -31.76
H22 7ID I 7 25.50 -29.61 -35.07
HA2 7ID I 7 26.14 -30.43 -32.62
HE 7ID I 7 23.17 -30.13 -36.27
HH11 7ID I 7 20.20 -28.35 -36.29
HH21 7ID I 7 20.41 -31.20 -34.50
HB3 7ID I 7 23.97 -29.06 -31.91
HBB 7ID I 7 24.99 -32.64 -33.50
HBC 7ID I 7 24.63 -31.87 -32.19
HG2 7ID I 7 22.94 -30.70 -33.41
HG3 7ID I 7 22.68 -32.22 -33.20
HD2 7ID I 7 23.89 -32.02 -35.57
HD3 7ID I 7 22.41 -32.48 -35.31
CA 7ID I 8 24.73 -24.68 -29.21
N 7ID I 8 24.04 -25.78 -29.84
CB 7ID I 8 23.67 -23.81 -28.61
CG 7ID I 8 22.51 -23.35 -29.45
N2 7ID I 8 21.21 -24.00 -29.35
CA2 7ID I 8 20.01 -23.58 -30.08
CO2 7ID I 8 19.70 -22.10 -30.06
O2 7ID I 8 19.01 -21.65 -29.14
OX2 7ID I 8 20.16 -21.32 -30.93
CB2 7ID I 8 18.84 -24.58 -30.18
CG2 7ID I 8 17.75 -24.49 -31.25
CD2 7ID I 8 16.73 -23.37 -31.17
NE2 7ID I 8 15.98 -23.28 -29.93
CZ2 7ID I 8 15.03 -22.19 -29.76
NH1 7ID I 8 14.29 -22.10 -28.52
NH2 7ID I 8 14.86 -21.35 -30.67
OD1 7ID I 8 22.72 -22.42 -30.12
C 7ID I 8 25.56 -25.37 -28.16
O 7ID I 8 25.08 -25.71 -27.17
HA 7ID I 8 25.30 -24.18 -29.82
H 7ID I 8 23.62 -26.32 -29.33
HB2 7ID I 8 24.10 -23.02 -28.24
H22 7ID I 8 21.12 -24.66 -28.80
HA2 7ID I 8 19.65 -23.52 -29.19
HE 7ID I 8 16.10 -23.86 -29.30
HH11 7ID I 8 14.41 -22.68 -27.90
HH21 7ID I 8 14.29 -20.68 -30.58
HB3 7ID I 8 23.23 -24.27 -27.88
HBB 7ID I 8 18.39 -24.55 -29.33
HBC 7ID I 8 19.24 -25.46 -30.31
HG2 7ID I 8 18.19 -24.40 -32.09
HG3 7ID I 8 17.27 -25.33 -31.25
HD2 7ID I 8 17.20 -22.54 -31.30
HD3 7ID I 8 16.11 -23.49 -31.90
N ASN I 9 26.91 -25.72 -28.26
CA ASN I 9 27.55 -26.41 -27.16
C ASN I 9 28.96 -25.94 -27.38
CA 7ID J 6 -36.57 22.55 -20.56
N 7ID J 6 -35.59 23.10 -21.47
CB 7ID J 6 -36.27 21.10 -20.20
CG 7ID J 6 -37.42 20.13 -20.41
N2 7ID J 6 -37.28 19.12 -21.47
CA2 7ID J 6 -38.20 18.06 -21.87
CO2 7ID J 6 -39.70 18.34 -21.66
O2 7ID J 6 -40.25 18.31 -20.54
OX2 7ID J 6 -40.40 18.59 -22.67
CB2 7ID J 6 -37.66 16.85 -21.14
CG2 7ID J 6 -38.46 15.53 -21.13
CD2 7ID J 6 -38.63 14.85 -22.47
NE2 7ID J 6 -38.03 13.54 -22.40
CZ2 7ID J 6 -36.63 13.22 -22.66
NH1 7ID J 6 -36.17 11.86 -22.55
NH2 7ID J 6 -35.75 14.06 -22.98
OD1 7ID J 6 -38.36 20.25 -19.71
C 7ID J 6 -36.53 23.41 -19.29
O 7ID J 6 -35.63 24.16 -19.11
H2 7ID J 6 -34.78 23.09 -21.11
HA 7ID J 6 -37.45 22.60 -20.95
H 7ID J 6 -35.60 22.67 -22.25
HB2 7ID J 6 -36.01 21.06 -19.27
H22 7ID J 6 -36.55 19.12 -21.90
HA2 7ID J 6 -38.06 17.91 -22.82
HE 7ID J 6 -38.55 12.88 -22.18
HH11 7ID J 6 -36.72 11.22 -22.32
HH21 7ID J 6 -35.92 14.92 -23.08
HB3 7ID J 6 -35.52 20.78 -20.73
HBB 7ID J 6 -37.48 17.11 -20.22
HBC 7ID J 6 -36.81 16.64 -21.54
HG2 7ID J 6 -39.33 15.68 -20.74
HG3 7ID J 6 -37.98 14.91 -20.56
HD2 7ID J 6 -39.58 14.76 -22.65
HD3 7ID J 6 -38.24 15.37 -23.19
CA 7ID J 7 -37.69 24.02 -17.11
N 7ID J 7 -37.59 23.27 -18.33
CB 7ID J 7 -38.83 25.04 -17.04
CG 7ID J 7 -39.95 25.07 -18.09
N2 7ID J 7 -40.82 26.20 -18.31
CA2 7ID J 7 -40.80 27.45 -17.56
CO2 7ID J 7 -42.22 27.98 -17.74
O2 7ID J 7 -42.81 28.57 -16.81
OX2 7ID J 7 -42.83 27.79 -18.82
CB2 7ID J 7 -39.77 28.49 -18.02
CG2 7ID J 7 -38.83 28.16 -19.18
CD2 7ID J 7 -39.48 28.18 -20.57
NE2 7ID J 7 -39.40 26.87 -21.19
CZ2 7ID J 7 -38.18 26.25 -21.73
NH1 7ID J 7 -38.28 24.92 -22.31
NH2 7ID J 7 -37.04 26.78 -21.72
OD1 7ID J 7 -40.17 24.15 -18.79
C 7ID J 7 -38.00 22.95 -16.10
O 7ID J 7 -38.86 22.19 -16.36
HA 7ID J 7 -36.86 24.45 -16.88
H 7ID J 7 -38.22 22.70 -18.51
HB2 7ID J 7 -39.25 24.94 -16.18
H22 7ID J 7 -41.42 26.12 -18.91
HA2 7ID J 7 -40.65 27.26 -16.62
HE 7ID J 7 -40.13 26.42 -21.24
HH11 7ID J 7 -37.59 24.55 -22.64
HH21 7ID J 7 -36.88 27.58 -21.38
HB3 7ID J 7 -38.40 25.90 -17.04
HBB 7ID J 7 -40.24 29.31 -18.23
HBC 7ID J 7 -39.20 28.68 -17.26
HG2 7ID J 7 -38.40 27.31 -19.05
HG3 7ID J 7 -38.13 28.84 -19.19
HD2 7ID J 7 -40.42 28.41 -20.48
HD3 7ID J 7 -39.05 28.83 -21.13
CA 7ID J 8 -37.44 21.91 -13.86
N 7ID J 8 -37.22 22.89 -14.90
CB 7ID J 8 -36.18 21.07 -13.83
CG 7ID J 8 -35.65 20.47 -15.11
N2 7ID J 8 -34.52 21.09 -15.81
CA2 7ID J 8 -33.90 20.54 -17.01
CO2 7ID J 8 -33.57 19.05 -16.98
O2 7ID J 8 -34.40 18.20 -17.37
OX2 7ID J 8 -32.47 18.71 -16.53
CB2 7ID J 8 -33.01 21.48 -17.85
CG2 7ID J 8 -32.66 21.22 -19.31
CD2 7ID J 8 -31.73 20.08 -19.66
NE2 7ID J 8 -30.43 20.11 -19.02
CZ2 7ID J 8 -29.49 19.02 -19.26
NH1 7ID J 8 -28.19 19.05 -18.62
NH2 7ID J 8 -29.81 18.07 -20.01
OD1 7ID J 8 -36.16 19.49 -15.44
C 7ID J 8 -37.58 22.75 -12.62
O 7ID J 8 -36.65 23.18 -12.10
HA 7ID J 8 -38.22 21.36 -14.00
H 7ID J 8 -36.61 23.49 -14.76
HB2 7ID J 8 -36.32 20.35 -13.20
H22 7ID J 8 -34.18 21.81 -15.48
HA2 7ID J 8 -33.11 20.57 -16.44
HE 7ID J 8 -30.20 20.76 -18.52
HH11 7ID J 8 -27.98 19.71 -18.11
HH21 7ID J 8 -29.27 17.39 -20.18
HB3 7ID J 8 -35.43 21.60 -13.52
HBB 7ID J 8 -32.17 21.53 -17.38
HBC 7ID J 8 -33.43 22.35 -17.83
HG2 7ID J 8 -33.49 21.05 -19.77
HG3 7ID J 8 -32.29 22.04 -19.66
HD2 7ID J 8 -32.16 19.26 -19.43
HD3 7ID J 8 -31.61 20.09 -20.63
N ASN J 9 -38.79 23.12 -12.02
CA ASN J 9 -38.75 23.96 -10.84
C ASN J 9 -40.04 23.53 -10.20
CA 7ID K 6 -13.52 -28.47 35.75
N 7ID K 6 -12.11 -28.74 35.95
CB 7ID K 6 -13.78 -27.01 35.39
CG 7ID K 6 -14.81 -26.30 36.26
N2 7ID K 6 -14.33 -25.22 37.11
CA2 7ID K 6 -15.08 -24.36 38.02
CO2 7ID K 6 -16.34 -24.96 38.65
O2 7ID K 6 -17.42 -25.12 38.02
OX2 7ID K 6 -16.30 -25.29 39.87
CB2 7ID K 6 -15.30 -23.10 37.19
CG2 7ID K 6 -16.23 -21.99 37.71
CD2 7ID K 6 -15.78 -21.28 38.97
NE2 7ID K 6 -15.61 -19.87 38.66
CZ2 7ID K 6 -14.40 -19.25 38.13
NH1 7ID K 6 -14.39 -17.83 37.88
NH2 7ID K 6 -13.34 -19.86 37.87
OD1 7ID K 6 -15.93 -26.67 36.18
C 7ID K 6 -14.00 -29.38 34.61
O 7ID K 6 -13.21 -29.94 33.93
H2 7ID K 6 -11.65 -28.57 35.19
HA 7ID K 6 -14.00 -28.69 36.56
H 7ID K 6 -11.78 -28.27 36.62
HB2 7ID K 6 -14.09 -26.98 34.46
H22 7ID K 6 -13.50 -25.04 37.09
HA2 7ID K 6 -14.49 -24.11 38.75
HE 7ID K 6 -16.29 -19.36 38.81
HH11 7ID K 6 -15.08 -17.35 38.04
HH21 7ID K 6 -13.23 -20.73 37.98
HB3 7ID K 6 -12.96 -26.51 35.44
HBB 7ID K 6 -15.61 -23.38 36.32
HBC 7ID K 6 -14.44 -22.69 37.08
HG2 7ID K 6 -17.12 -22.34 37.86
HG3 7ID K 6 -16.29 -21.32 37.01
HD2 7ID K 6 -16.48 -21.38 39.64
HD3 7ID K 6 -14.96 -21.67 39.32
CA 7ID K 7 -16.01 -30.36 33.39
N 7ID K 7 -15.42 -29.53 34.40
CB 7ID K 7 -16.75 -31.60 33.89
CG 7ID K 7 -17.08 -31.80 35.38
N2 7ID K 7 -17.42 -33.08 35.97
CA2 7ID K 7 -17.54 -34.34 35.25
CO2 7ID K 7 -18.49 -35.15 36.15
O2 7ID K 7 -19.34 -35.91 35.65
OX2 7ID K 7 -18.42 -35.02 37.39
CB2 7ID K 7 -16.23 -35.11 35.00
CG2 7ID K 7 -14.91 -34.52 35.47
CD2 7ID K 7 -14.68 -34.57 36.99
NE2 7ID K 7 -14.56 -33.24 37.54
CZ2 7ID K 7 -13.40 -32.34 37.37
NH1 7ID K 7 -13.45 -31.03 38.00
NH2 7ID K 7 -12.37 -32.62 36.70
OD1 7ID K 7 -17.06 -30.91 36.14
C 7ID K 7 -17.03 -29.45 32.79
O 7ID K 7 -17.75 -28.87 33.53
HA 7ID K 7 -15.36 -30.62 32.71
H 7ID K 7 -15.95 -29.11 34.93
HB2 7ID K 7 -17.59 -31.65 33.41
H22 7ID K 7 -17.60 -33.09 36.80
HA2 7ID K 7 -17.98 -34.18 34.40
HE 7ID K 7 -15.22 -32.95 38.01
HH11 7ID K 7 -12.78 -30.50 37.91
HH21 7ID K 7 -12.26 -33.40 36.29
HB3 7ID K 7 -16.21 -32.35 33.60
HBB 7ID K 7 -16.33 -35.99 35.38
HBC 7ID K 7 -16.15 -35.21 34.04
HG2 7ID K 7 -14.82 -33.60 35.18
HG3 7ID K 7 -14.19 -35.02 35.07
HD2 7ID K 7 -15.43 -35.01 37.42
HD3 7ID K 7 -13.87 -35.08 37.17
CA 7ID K 8 -18.02 -28.46 30.67
N 7ID K 8 -17.08 -29.30 31.36
CB 7ID K 8 -17.20 -27.38 30.02
CG 7ID K 8 -16.20 -26.60 30.83
N2 7ID K 8 -14.77 -26.91 30.76
CA2 7ID K 8 -13.73 -26.16 31.45
CO2 7ID K 8 -13.81 -24.66 31.35
O2 7ID K 8 -14.44 -23.97 32.18
OX2 7ID K 8 -13.23 -24.10 30.40
CB2 7ID K 8 -12.35 -26.84 31.61
CG2 7ID K 8 -11.33 -26.42 32.65
CD2 7ID K 8 -10.62 -25.09 32.51
NE2 7ID K 8 -9.91 -24.88 31.26
CZ2 7ID K 8 -9.26 -23.61 31.02
NH1 7ID K 8 -8.55 -23.40 29.77
NH2 7ID K 8 -9.30 -22.70 31.88
OD1 7ID K 8 -16.65 -25.73 31.45
C 7ID K 8 -18.64 -29.39 29.66
O 7ID K 8 -18.08 -29.65 28.69
HA 7ID K 8 -18.70 -28.08 31.26
H 7ID K 8 -16.54 -29.76 30.87
HB2 7ID K 8 -17.81 -26.74 29.61
H22 7ID K 8 -14.52 -27.56 30.25
HA2 7ID K 8 -13.39 -26.07 30.55
HE 7ID K 8 -9.87 -25.51 30.68
HH11 7ID K 8 -8.52 -24.03 29.19
HH21 7ID K 8 -8.92 -21.91 31.77
HB3 7ID K 8 -16.67 -27.75 29.32
HBB 7ID K 8 -11.93 -26.74 30.75
HBC 7ID K 8 -12.52 -27.78 31.77
HG2 7ID K 8 -11.77 -26.40 33.50
HG3 7ID K 8 -10.66 -27.11 32.69
HD2 7ID K 8 -11.28 -24.40 32.60
HD3 7ID K 8 -9.99 -25.01 33.25
N ASN K 9 -19.88 -30.05 29.80
CA ASN K 9 -20.30 -30.93 28.74
C ASN K 9 -21.79 -30.82 28.94
CA 7ID L 6 29.70 32.02 19.03
N 7ID L 6 28.60 32.36 19.93
CB 7ID L 6 29.76 30.51 18.76
CG 7ID L 6 31.12 29.89 19.02
N2 7ID L 6 31.24 28.92 20.12
CA2 7ID L 6 32.38 28.15 20.58
CO2 7ID L 6 33.76 28.78 20.35
O2 7ID L 6 34.37 29.26 21.34
OX2 7ID L 6 34.32 28.82 19.22
CB2 7ID L 6 32.17 26.80 19.91
CG2 7ID L 6 33.26 25.74 19.97
CD2 7ID L 6 33.59 25.19 21.35
NE2 7ID L 6 33.33 23.76 21.35
CZ2 7ID L 6 32.06 23.13 21.65
NH1 7ID L 6 31.95 21.68 21.61
NH2 7ID L 6 30.99 23.74 21.92
OD1 7ID L 6 32.00 30.20 18.30
C 7ID L 6 29.44 32.76 17.72
O 7ID L 6 28.40 33.27 17.50
H2 7ID L 6 27.82 32.13 19.57
HA 7ID L 6 30.53 32.31 19.42
H 7ID L 6 28.71 31.99 20.72
HB2 7ID L 6 29.53 30.37 17.84
H22 7ID L 6 30.51 28.77 20.57
HA2 7ID L 6 32.28 28.02 21.53
HE 7ID L 6 34.00 23.25 21.17
HH11 7ID L 6 32.65 21.20 21.42
HH21 7ID L 6 30.94 24.62 21.97
HB3 7ID L 6 29.12 30.05 19.31
HBB 7ID L 6 31.93 26.96 18.99
HBC 7ID L 6 31.39 26.42 20.34
HG2 7ID L 6 34.08 26.07 19.57
HG3 7ID L 6 32.96 24.99 19.44
HD2 7ID L 6 34.53 25.34 21.52
HD3 7ID L 6 33.08 25.64 22.04
CA 7ID L 7 30.45 33.52 15.49
N 7ID L 7 30.52 32.84 16.77
CB 7ID L 7 31.30 34.79 15.37
CG 7ID L 7 32.37 35.16 16.40
N2 7ID L 7 32.92 36.48 16.55
CA2 7ID L 7 32.59 37.63 15.75
CO2 7ID L 7 33.84 38.51 15.88
O2 7ID L 7 34.48 38.54 16.96
OX2 7ID L 7 34.27 39.18 14.91
CB2 7ID L 7 31.34 38.43 16.15
CG2 7ID L 7 30.50 37.94 17.34
CD2 7ID L 7 31.12 38.19 18.71
NE2 7ID L 7 31.37 36.93 19.41
CZ2 7ID L 7 30.33 36.05 19.98
NH1 7ID L 7 30.76 34.84 20.64
NH2 7ID L 7 29.10 36.29 19.96
OD1 7ID L 7 32.80 34.37 17.14
C 7ID L 7 31.02 32.51 14.55
O 7ID L 7 32.03 32.00 14.85
HA 7ID L 7 29.53 33.73 15.25
H 7ID L 7 31.27 32.47 16.97
HB2 7ID L 7 31.74 34.75 14.50
H22 7ID L 7 33.52 36.59 17.15
HA2 7ID L 7 32.51 37.37 14.82
HE 7ID L 7 32.19 36.68 19.48
HH11 7ID L 7 30.17 34.32 21.00
HH21 7ID L 7 28.75 37.01 19.58
HB3 7ID L 7 30.67 35.51 15.33
HBB 7ID L 7 31.60 39.34 16.32
HBC 7ID L 7 30.75 38.42 15.38
HG2 7ID L 7 30.30 36.99 17.24
HG3 7ID L 7 29.66 38.42 17.32
HD2 7ID L 7 31.98 38.63 18.61
HD3 7ID L 7 30.54 38.74 19.24
CA 7ID L 8 30.74 31.25 12.38
N 7ID L 8 30.29 32.20 13.35
CB 7ID L 8 29.73 30.12 12.40
CG 7ID L 8 29.35 29.48 13.71
N2 7ID L 8 28.11 29.83 14.39
CA2 7ID L 8 27.63 29.22 15.62
CO2 7ID L 8 27.69 27.70 15.68
O2 7ID L 8 26.71 27.06 15.26
OX2 7ID L 8 28.70 27.09 16.10
CB2 7ID L 8 26.53 29.95 16.41
CG2 7ID L 8 26.26 29.69 17.89
CD2 7ID L 8 25.63 28.38 18.31
NE2 7ID L 8 24.36 28.05 17.69
CZ2 7ID L 8 23.72 26.77 17.99
NH1 7ID L 8 22.47 26.45 17.36
NH2 7ID L 8 24.27 25.98 18.79
OD1 7ID L 8 30.09 28.67 14.10
C 7ID L 8 30.67 32.02 11.08
O 7ID L 8 29.67 32.18 10.55
HA 7ID L 8 31.63 30.91 12.53
H 7ID L 8 29.55 32.61 13.19
HB2 7ID L 8 30.05 29.42 11.81
H22 7ID L 8 27.60 30.42 14.02
HA2 7ID L 8 26.86 29.02 15.06
HE 7ID L 8 23.99 28.60 17.14
HH11 7ID L 8 22.06 25.71 17.52
HH21 7ID L 8 23.91 25.19 18.99
HB3 7ID L 8 28.88 30.43 12.07
HBB 7ID L 8 25.71 29.76 15.95
HBC 7ID L 8 26.72 30.89 16.35
HG2 7ID L 8 27.09 29.76 18.35
HG3 7ID L 8 25.68 30.42 18.21
HD2 7ID L 8 26.26 27.68 18.11
HD3 7ID L 8 25.50 28.42 19.27
N ASN L 9 31.76 32.65 10.46
CA ASN L 9 31.52 33.39 9.24
C ASN L 9 32.87 33.25 8.62
PG ATP M . -36.26 27.60 -6.20
O1G ATP M . -35.77 28.52 -7.22
O2G ATP M . -37.51 28.05 -5.61
O3G ATP M . -36.30 26.21 -6.65
PB ATP M . -34.71 27.47 -3.60
O1B ATP M . -33.41 26.85 -3.56
O2B ATP M . -35.81 26.83 -2.91
O3B ATP M . -35.07 27.70 -5.14
PA ATP M . -33.20 29.90 -2.94
O1A ATP M . -32.59 30.11 -4.27
O2A ATP M . -32.27 29.44 -1.88
O3A ATP M . -34.47 28.95 -3.07
O5' ATP M . -33.89 31.26 -2.48
C5' ATP M . -35.29 31.32 -2.13
C4' ATP M . -35.53 32.51 -1.23
O4' ATP M . -36.32 32.08 -0.10
C3' ATP M . -34.29 33.14 -0.60
O3' ATP M . -33.71 34.18 -1.39
C2' ATP M . -34.83 33.70 0.70
O2' ATP M . -35.51 34.91 0.52
C1' ATP M . -35.84 32.63 1.10
N9 ATP M . -35.30 31.57 1.92
C8 ATP M . -34.06 31.04 1.89
N7 ATP M . -33.90 30.08 2.76
C5 ATP M . -35.13 29.98 3.40
C6 ATP M . -35.62 29.14 4.41
N6 ATP M . -34.90 28.20 5.01
N1 ATP M . -36.90 29.31 4.80
C2 ATP M . -37.62 30.26 4.20
N3 ATP M . -37.28 31.11 3.24
C4 ATP M . -36.00 30.89 2.88
PG ATP N . -15.86 -21.13 -37.98
O1G ATP N . -15.17 -21.63 -36.75
O2G ATP N . -16.61 -22.21 -38.71
O3G ATP N . -16.69 -19.91 -37.74
PB ATP N . -13.40 -19.79 -38.67
O1B ATP N . -13.73 -18.80 -37.61
O2B ATP N . -12.87 -19.30 -39.97
O3B ATP N . -14.70 -20.67 -38.98
PA ATP N . -11.80 -22.28 -38.54
O1A ATP N . -10.69 -22.64 -37.61
O2A ATP N . -11.48 -22.17 -39.99
O3A ATP N . -12.44 -20.90 -38.05
O5' ATP N . -12.98 -23.33 -38.36
C5' ATP N . -12.88 -24.56 -39.08
C4' ATP N . -13.34 -25.73 -38.23
O4' ATP N . -12.49 -26.87 -38.47
C3' ATP N . -13.32 -25.55 -36.72
O3' ATP N . -14.32 -26.38 -36.14
C2' ATP N . -11.94 -26.07 -36.32
O2' ATP N . -11.99 -26.65 -35.03
C1' ATP N . -11.65 -27.13 -37.38
N9 ATP N . -10.27 -27.11 -37.85
C8 ATP N . -9.57 -26.05 -38.33
N7 ATP N . -8.34 -26.35 -38.66
C5 ATP N . -8.22 -27.70 -38.36
C6 ATP N . -7.15 -28.59 -38.49
N6 ATP N . -5.96 -28.26 -38.95
N1 ATP N . -7.38 -29.87 -38.10
C2 ATP N . -8.59 -30.19 -37.63
N3 ATP N . -9.66 -29.44 -37.48
C4 ATP N . -9.40 -28.18 -37.87
MG MG O . -32.70 26.39 -6.45
MG MG P . -39.36 25.80 -6.23
PG ATP Q . 28.09 -29.38 -21.52
O1G ATP Q . 27.17 -30.40 -22.00
O2G ATP Q . 29.48 -29.80 -21.65
O3G ATP Q . 27.84 -28.06 -22.09
PB ATP Q . 28.20 -28.89 -18.53
O1B ATP Q . 27.11 -28.23 -17.87
O2B ATP Q . 29.47 -28.21 -18.64
O3B ATP Q . 27.68 -29.31 -19.98
PA ATP Q . 27.38 -31.18 -16.88
O1A ATP Q . 26.15 -31.52 -17.63
O2A ATP Q . 27.15 -30.57 -15.55
O3A ATP Q . 28.34 -30.29 -17.78
O5' ATP Q . 28.25 -32.49 -16.72
C5' ATP Q . 29.62 -32.56 -17.18
C4' ATP Q . 30.35 -33.63 -16.42
O4' ATP Q . 31.62 -33.10 -15.95
C3' ATP Q . 29.67 -34.15 -15.14
O3' ATP Q . 28.80 -35.25 -15.36
C2' ATP Q . 30.86 -34.56 -14.28
O2' ATP Q . 31.38 -35.82 -14.66
C1' ATP Q . 31.88 -33.49 -14.62
N9 ATP Q . 31.83 -32.33 -13.77
C8 ATP Q . 30.75 -31.76 -13.19
N7 ATP Q . 31.06 -30.69 -12.49
C5 ATP Q . 32.43 -30.57 -12.64
C6 ATP Q . 33.36 -29.63 -12.16
N6 ATP Q . 33.04 -28.60 -11.38
N1 ATP Q . 34.65 -29.80 -12.51
C2 ATP Q . 34.97 -30.84 -13.29
N3 ATP Q . 34.19 -31.77 -13.80
C4 ATP Q . 32.91 -31.56 -13.44
PG ATP R . -7.99 15.89 -42.71
O1G ATP R . -7.93 16.55 -41.37
O2G ATP R . -7.80 16.84 -43.86
O3G ATP R . -7.11 14.67 -42.81
PB ATP R . -10.39 14.56 -41.80
O1B ATP R . -9.49 13.69 -40.98
O2B ATP R . -11.52 13.93 -42.54
O3B ATP R . -9.50 15.36 -42.85
PA ATP R . -11.75 17.11 -41.12
O1A ATP R . -12.19 17.61 -39.78
O2A ATP R . -12.80 16.83 -42.14
O3A ATP R . -10.90 15.77 -40.89
O5' ATP R . -10.69 18.12 -41.73
C5' ATP R . -11.22 19.26 -42.43
C4' ATP R . -10.41 20.50 -42.10
O4' ATP R . -11.30 21.64 -41.98
C3' ATP R . -9.60 20.51 -40.80
O3' ATP R . -8.49 21.36 -40.96
C2' ATP R . -10.57 21.12 -39.79
O2' ATP R . -9.84 21.84 -38.82
C1' ATP R . -11.42 22.06 -40.65
N9 ATP R . -12.84 22.03 -40.29
C8 ATP R . -13.64 20.95 -40.19
N7 ATP R . -14.86 21.24 -39.83
C5 ATP R . -14.86 22.61 -39.68
C6 ATP R . -15.85 23.54 -39.31
N6 ATP R . -17.09 23.20 -39.00
N1 ATP R . -15.50 24.83 -39.25
C2 ATP R . -14.24 25.17 -39.57
N3 ATP R . -13.23 24.39 -39.93
C4 ATP R . -13.61 23.11 -39.97
MG MG S . 24.93 -28.08 -19.95
MG MG T . 30.62 -27.71 -23.44
PG ATP U . -20.06 -34.25 23.27
O1G ATP U . -18.91 -34.98 23.79
O2G ATP U . -21.30 -35.00 23.44
O3G ATP U . -20.14 -32.87 23.77
PB ATP U . -20.26 -33.96 20.26
O1B ATP U . -19.37 -33.08 19.55
O2B ATP U . -21.66 -33.61 20.34
O3B ATP U . -19.66 -34.16 21.73
PA ATP U . -18.88 -36.06 18.73
O1A ATP U . -17.62 -36.04 19.49
O2A ATP U . -18.81 -35.48 17.36
O3A ATP U . -20.04 -35.39 19.59
O5' ATP U . -19.40 -37.55 18.63
C5' ATP U . -20.72 -37.94 19.11
C4' ATP U . -21.14 -39.20 18.42
O4' ATP U . -22.50 -39.03 17.93
C3' ATP U . -20.34 -39.59 17.17
O3' ATP U . -19.23 -40.44 17.44
C2' ATP U . -21.39 -40.33 16.34
O2' ATP U . -21.58 -41.66 16.79
C1' ATP U . -22.65 -39.54 16.63
N9 ATP U . -22.89 -38.44 15.72
C8 ATP U . -21.98 -37.66 15.10
N7 ATP U . -22.54 -36.74 14.35
C5 ATP U . -23.89 -36.94 14.50
C6 ATP U . -25.02 -36.30 13.97
N6 ATP U . -24.97 -35.27 13.14
N1 ATP U . -26.23 -36.77 14.34
C2 ATP U . -26.30 -37.81 15.18
N3 ATP U . -25.30 -38.49 15.74
C4 ATP U . -24.12 -38.00 15.35
PG ATP V . 3.48 19.65 41.76
O1G ATP V . 3.26 20.20 40.39
O2G ATP V . 3.05 20.58 42.85
O3G ATP V . 2.93 18.25 41.93
PB ATP V . 6.14 18.90 40.91
O1B ATP V . 5.49 17.80 40.14
O2B ATP V . 7.38 18.63 41.66
O3B ATP V . 5.07 19.51 41.91
PA ATP V . 6.83 21.67 40.07
O1A ATP V . 7.14 22.20 38.71
O2A ATP V . 7.91 21.72 41.10
O3A ATP V . 6.34 20.15 39.92
O5' ATP V . 5.55 22.42 40.63
C5' ATP V . 5.77 23.71 41.27
C4' ATP V . 4.68 24.68 40.88
O4' ATP V . 5.26 25.99 40.70
C3' ATP V . 3.90 24.41 39.59
O3' ATP V . 2.61 24.97 39.71
C2' ATP V . 4.69 25.19 38.54
O2' ATP V . 3.82 25.66 37.54
C1' ATP V . 5.28 26.35 39.34
N9 ATP V . 6.66 26.67 38.97
C8 ATP V . 7.71 25.80 38.93
N7 ATP V . 8.82 26.38 38.54
C5 ATP V . 8.47 27.70 38.32
C6 ATP V . 9.21 28.81 37.89
N6 ATP V . 10.51 28.77 37.61
N1 ATP V . 8.55 29.98 37.77
C2 ATP V . 7.25 30.01 38.07
N3 ATP V . 6.46 29.03 38.48
C4 ATP V . 7.14 27.88 38.59
MG MG W . -17.30 -32.29 21.62
MG MG X . -22.93 -33.16 25.12
PG ATP Y . 28.23 36.04 4.42
O1G ATP Y . 27.53 36.86 5.39
O2G ATP Y . 29.34 36.75 3.80
O3G ATP Y . 28.62 34.73 4.95
PB ATP Y . 26.78 35.39 1.84
O1B ATP Y . 25.68 34.46 1.85
O2B ATP Y . 28.02 35.00 1.19
O3B ATP Y . 27.07 35.77 3.36
PA ATP Y . 24.72 37.32 1.06
O1A ATP Y . 24.07 37.45 2.38
O2A ATP Y . 23.95 36.59 0.04
O3A ATP Y . 26.19 36.72 1.23
O5' ATP Y . 25.06 38.78 0.53
C5' ATP Y . 26.41 39.17 0.17
C4' ATP Y . 26.34 40.33 -0.80
O4' ATP Y . 27.23 40.05 -1.92
C3' ATP Y . 24.99 40.60 -1.45
O3' ATP Y . 24.17 41.50 -0.72
C2' ATP Y . 25.38 41.20 -2.80
O2' ATP Y . 25.74 42.55 -2.69
C1' ATP Y . 26.62 40.40 -3.14
N9 ATP Y . 26.38 39.19 -3.89
C8 ATP Y . 25.30 38.37 -3.83
N7 ATP Y . 25.40 37.35 -4.65
C5 ATP Y . 26.62 37.53 -5.28
C6 ATP Y . 27.30 36.78 -6.25
N6 ATP Y . 26.84 35.66 -6.78
N1 ATP Y . 28.51 37.25 -6.66
C2 ATP Y . 28.97 38.38 -6.12
N3 ATP Y . 28.41 39.16 -5.20
C4 ATP Y . 27.23 38.66 -4.82
PG ATP Z . 20.36 -14.41 38.98
O1G ATP Z . 19.82 -15.13 37.78
O2G ATP Z . 21.35 -15.22 39.77
O3G ATP Z . 20.87 -13.03 38.66
PB ATP Z . 17.64 -13.68 39.61
O1B ATP Z . 17.73 -12.70 38.50
O2B ATP Z . 16.99 -13.27 40.90
O3B ATP Z . 19.10 -14.20 39.95
PA ATP Z . 16.70 -16.51 39.63
O1A ATP Z . 15.73 -17.17 38.72
O2A ATP Z . 16.36 -16.39 41.07
O3A ATP Z . 16.98 -15.03 39.06
O5' ATP Z . 18.11 -17.22 39.49
C5' ATP Z . 18.32 -18.42 40.29
C4' ATP Z . 19.05 -19.46 39.51
O4' ATP Z . 18.51 -20.76 39.81
C3' ATP Z . 19.00 -19.38 37.98
O3' ATP Z . 20.17 -19.96 37.43
C2' ATP Z . 17.80 -20.25 37.62
O2' ATP Z . 18.00 -20.86 36.37
C1' ATP Z . 17.77 -21.29 38.74
N9 ATP Z . 16.43 -21.60 39.22
C8 ATP Z . 15.49 -20.71 39.65
N7 ATP Z . 14.37 -21.28 40.00
C5 ATP Z . 14.59 -22.63 39.78
C6 ATP Z . 13.78 -23.76 39.96
N6 ATP Z . 12.53 -23.71 40.41
N1 ATP Z . 14.30 -24.96 39.64
C2 ATP Z . 15.56 -25.00 39.18
N3 ATP Z . 16.42 -24.00 38.98
C4 ATP Z . 15.86 -22.84 39.30
MG MG AA . 25.08 33.98 4.77
MG MG BA . 31.68 35.07 4.54
#